data_9W75
#
_entry.id   9W75
#
_cell.length_a   1.00
_cell.length_b   1.00
_cell.length_c   1.00
_cell.angle_alpha   90.00
_cell.angle_beta   90.00
_cell.angle_gamma   90.00
#
_symmetry.space_group_name_H-M   'P 1'
#
loop_
_entity.id
_entity.type
_entity.pdbx_description
1 polymer 'Spike protein'
2 branched 2-acetamido-2-deoxy-beta-D-glucopyranose-(1-4)-2-acetamido-2-deoxy-beta-D-glucopyranose
3 branched alpha-D-mannopyranose-(1-2)-alpha-D-mannopyranose-(1-3)-beta-D-mannopyranose-(1-4)-2-acetamido-2-deoxy-beta-D-glucopyranose-(1-4)-2-acetamido-2-deoxy-beta-D-glucopyranose
4 branched alpha-D-mannopyranose-(1-3)-alpha-D-mannopyranose-(1-6)-beta-D-mannopyranose-(1-4)-2-acetamido-2-deoxy-beta-D-glucopyranose-(1-4)-2-acetamido-2-deoxy-beta-D-glucopyranose
5 branched alpha-D-mannopyranose-(1-3)-beta-D-mannopyranose-(1-4)-2-acetamido-2-deoxy-beta-D-glucopyranose-(1-4)-2-acetamido-2-deoxy-beta-D-glucopyranose
6 non-polymer 'BILIVERDINE IX ALPHA'
7 non-polymer 2-acetamido-2-deoxy-beta-D-glucopyranose
8 non-polymer 'LINOLEIC ACID'
#
_entity_poly.entity_id   1
_entity_poly.type   'polypeptide(L)'
_entity_poly.pdbx_seq_one_letter_code
;MFILVLLNVLSVYGCVNITYGSHHLYVSSRTRGVYYPDDAFRSSTNVLHEGFFLPFDSNVTWYSFWNQKYSVATSPFGDG
VYFSTIDKSNVVRGWVFGTTLDNDTQSVLLYNDGTHVRVEVCTFHFCPTPVFSASSPHLYSSAFNCTLNYTLASVRADFT
EVDGSFKTIREFVFKLQDGSLNVYYASTSYVLAIGATSQLPSGVTPLVPLWKIPIGLNITNFKTLVYLRSDNTPLQAAYV
VGHLKRRTMMFKYDENGTIVDAIDCALDPLSETKCTLRSFIVEKGIYQTSNFRVQPQDTVVRFPNITNLCPFSEVFNATT
FASVYAWNRKRISNCVADYSVLYNSTSFSTFQCYGVSSTKLNDLCFTNVYADSFVVRGDEVRQIAPGQTGVIADYNYKLP
DDFTGCVLAWNSRNQDASTSGNFNYYYRIWRSEKLRPFERDIAHYDYQVGTQFKSSLKNYGFYSSAGDSHQPYRVVVLSF
ELLNAPATVCGPKQSTELIKNKCVNFNFNGLTGTGVLTDSNKKFQSFQQFGRDVSDFTDSVKDPKTLEVLDITPCSYGGV
SVITPGTNASTQVAVLYQDVNCTDVPTAIHAEQLTPSWRVYSTGTNMFQTQAGCLIGAEHVNNSYDCDIPIGAGICATYH
TPSMLRSANNNKRIVAYVMSLGAENSVAYSNNTIAIPTNFTISVTTEVMPVSMTKTSVDCTMYICGDSVECSTLLLQYGS
FCTQLNRALTGIAVEQDKNTQEVFAQVKQIYKTPDIKDFGGFNFSQILPDPSKPSKRSFIEDLLFNKVTLADAGFVKQYG
DCLGDIQARDLICAQKFNGLTVLPPLLTDEMIAAYTAALISGTATAGWTFGAGAALQIPFAMQMAYRFNGIGVTQNVLYE
NQKLIANQFNSAIGKIQESLTSTASALGKLQDVVNQNAQALNTLVKQLSSNFGAISSVLNDIISRLDKVEAEVQIDRLIT
GRLQSLQTYVTQQLIRAAEIRASANLAATKMSECVLGQSKRVDFCGKGYHLMSFPQAAPHGVVFLHVTYIPSQERNFTTA
PAICHEGKAHFPREGVFVSNGTHWFITQRNFYEPQIITTDNTFVSGTCDVVIGIVNNTVYDPLQPELESFKDELDKYFKN
HTSPDIDLGDISGINASVVDIQKEIDILKDVAKNLNESLINLQELGKYEQYIKWPGSGYIPEAPRDGQAYVRKDGEWVLL
STFLLEVLFQGPGHHHHHHHHSAWSHPQFEKGGGSGGGGSGGSAWSHPQFEKSA
;
_entity_poly.pdbx_strand_id   A,B,C
#
loop_
_chem_comp.id
_chem_comp.type
_chem_comp.name
_chem_comp.formula
BLA non-polymer 'BILIVERDINE IX ALPHA' 'C33 H34 N4 O6'
BMA D-saccharide, beta linking beta-D-mannopyranose 'C6 H12 O6'
EIC non-polymer 'LINOLEIC ACID' 'C18 H32 O2'
MAN D-saccharide, alpha linking alpha-D-mannopyranose 'C6 H12 O6'
NAG D-saccharide, beta linking 2-acetamido-2-deoxy-beta-D-glucopyranose 'C8 H15 N O6'
#
# COMPACT_ATOMS: atom_id res chain seq x y z
N ASN A 17 -38.77 -25.62 55.12
CA ASN A 17 -37.83 -26.70 54.84
C ASN A 17 -36.46 -26.42 55.45
N ILE A 18 -35.91 -25.25 55.14
CA ILE A 18 -34.59 -24.84 55.61
C ILE A 18 -34.73 -23.50 56.32
N THR A 19 -34.26 -23.44 57.56
CA THR A 19 -34.25 -22.21 58.37
C THR A 19 -32.82 -21.99 58.86
N TYR A 20 -32.01 -21.34 58.03
CA TYR A 20 -30.63 -21.03 58.38
C TYR A 20 -30.25 -19.69 57.79
N GLY A 21 -29.19 -19.10 58.35
CA GLY A 21 -28.68 -17.84 57.83
C GLY A 21 -27.77 -18.05 56.64
N SER A 22 -27.37 -16.93 56.03
CA SER A 22 -26.50 -16.94 54.87
C SER A 22 -25.25 -16.13 55.18
N HIS A 23 -24.09 -16.71 54.92
CA HIS A 23 -22.80 -16.05 55.10
C HIS A 23 -22.17 -15.88 53.72
N HIS A 24 -22.16 -14.64 53.22
CA HIS A 24 -21.56 -14.33 51.94
C HIS A 24 -20.33 -13.45 52.13
N LEU A 25 -19.32 -13.67 51.29
CA LEU A 25 -18.03 -13.01 51.41
C LEU A 25 -17.59 -12.50 50.06
N TYR A 26 -16.69 -11.52 50.07
CA TYR A 26 -16.17 -10.91 48.84
C TYR A 26 -14.67 -11.17 48.77
N VAL A 27 -14.24 -11.86 47.71
CA VAL A 27 -12.84 -12.20 47.50
C VAL A 27 -12.45 -11.83 46.08
N SER A 28 -11.16 -11.94 45.79
CA SER A 28 -10.62 -11.65 44.47
C SER A 28 -10.59 -12.92 43.63
N SER A 29 -10.76 -12.75 42.32
CA SER A 29 -10.77 -13.91 41.42
C SER A 29 -9.37 -14.52 41.30
N ARG A 30 -8.33 -13.68 41.27
CA ARG A 30 -6.92 -14.08 41.29
C ARG A 30 -6.56 -15.01 40.12
N THR A 31 -6.73 -14.48 38.90
CA THR A 31 -6.26 -15.10 37.67
C THR A 31 -6.90 -16.49 37.48
N ARG A 32 -8.22 -16.55 37.68
CA ARG A 32 -8.97 -17.80 37.56
C ARG A 32 -10.10 -17.61 36.56
N GLY A 33 -10.62 -18.74 36.07
CA GLY A 33 -11.65 -18.72 35.05
C GLY A 33 -11.14 -18.75 33.63
N VAL A 34 -9.84 -19.00 33.43
CA VAL A 34 -9.29 -19.11 32.09
C VAL A 34 -9.78 -20.43 31.47
N TYR A 35 -10.31 -20.35 30.25
CA TYR A 35 -10.75 -21.52 29.53
C TYR A 35 -10.19 -21.50 28.12
N TYR A 36 -10.26 -22.64 27.45
CA TYR A 36 -9.82 -22.72 26.06
C TYR A 36 -10.80 -21.96 25.18
N PRO A 37 -10.35 -20.94 24.44
CA PRO A 37 -11.29 -20.12 23.68
C PRO A 37 -11.75 -20.74 22.37
N ASP A 38 -11.04 -21.75 21.87
CA ASP A 38 -11.45 -22.42 20.65
C ASP A 38 -10.93 -23.86 20.68
N ASP A 39 -11.32 -24.64 19.68
CA ASP A 39 -11.01 -26.06 19.63
C ASP A 39 -9.75 -26.37 18.83
N ALA A 40 -8.95 -25.37 18.51
CA ALA A 40 -7.73 -25.57 17.72
C ALA A 40 -6.56 -25.84 18.65
N PHE A 41 -5.68 -26.75 18.23
CA PHE A 41 -4.47 -27.07 18.97
C PHE A 41 -3.38 -26.07 18.63
N ARG A 42 -2.75 -25.52 19.66
CA ARG A 42 -1.64 -24.59 19.50
C ARG A 42 -0.53 -24.96 20.48
N SER A 43 0.71 -24.75 20.07
CA SER A 43 1.86 -25.04 20.90
C SER A 43 2.90 -23.94 20.79
N SER A 44 3.49 -23.59 21.93
CA SER A 44 4.62 -22.65 22.02
C SER A 44 4.28 -21.29 21.42
N THR A 45 3.09 -20.78 21.72
CA THR A 45 2.62 -19.54 21.11
C THR A 45 1.87 -18.71 22.13
N ASN A 46 1.77 -17.40 21.84
CA ASN A 46 0.90 -16.48 22.54
C ASN A 46 -0.11 -15.93 21.56
N VAL A 47 -1.39 -16.06 21.88
CA VAL A 47 -2.47 -15.67 20.97
C VAL A 47 -3.43 -14.73 21.69
N LEU A 48 -4.08 -13.87 20.91
CA LEU A 48 -5.10 -12.95 21.41
C LEU A 48 -6.47 -13.48 20.99
N HIS A 49 -7.33 -13.72 21.98
CA HIS A 49 -8.56 -14.47 21.77
C HIS A 49 -9.73 -13.81 22.48
N GLU A 50 -9.96 -12.53 22.18
CA GLU A 50 -11.00 -11.71 22.82
C GLU A 50 -12.38 -12.36 22.79
N GLY A 51 -13.03 -12.38 23.95
CA GLY A 51 -14.33 -12.99 24.14
C GLY A 51 -14.87 -12.65 25.52
N PHE A 52 -15.76 -13.48 26.05
CA PHE A 52 -16.34 -13.25 27.37
C PHE A 52 -15.51 -14.02 28.41
N PHE A 53 -14.79 -13.28 29.26
CA PHE A 53 -13.90 -13.86 30.24
C PHE A 53 -14.14 -13.23 31.60
N LEU A 54 -13.80 -13.97 32.64
CA LEU A 54 -13.80 -13.42 33.99
C LEU A 54 -12.61 -12.48 34.13
N PRO A 55 -12.82 -11.21 34.45
CA PRO A 55 -11.69 -10.28 34.60
C PRO A 55 -10.82 -10.63 35.79
N PHE A 56 -9.54 -10.31 35.69
CA PHE A 56 -8.61 -10.61 36.76
C PHE A 56 -8.86 -9.69 37.95
N ASP A 57 -8.76 -10.25 39.16
CA ASP A 57 -8.94 -9.54 40.42
C ASP A 57 -10.31 -8.87 40.52
N SER A 58 -11.33 -9.54 39.99
CA SER A 58 -12.70 -9.09 40.19
C SER A 58 -13.18 -9.48 41.58
N ASN A 59 -14.05 -8.66 42.16
CA ASN A 59 -14.59 -9.00 43.48
C ASN A 59 -15.73 -9.99 43.27
N VAL A 60 -15.40 -11.26 43.41
CA VAL A 60 -16.36 -12.34 43.26
C VAL A 60 -16.90 -12.71 44.64
N THR A 61 -18.09 -13.31 44.65
CA THR A 61 -18.82 -13.55 45.89
C THR A 61 -18.57 -14.98 46.36
N TRP A 62 -18.24 -15.13 47.64
CA TRP A 62 -17.97 -16.42 48.27
C TRP A 62 -19.15 -16.77 49.17
N TYR A 63 -19.69 -17.98 49.01
CA TYR A 63 -20.77 -18.48 49.85
C TYR A 63 -20.29 -19.76 50.52
N SER A 64 -20.66 -19.94 51.79
CA SER A 64 -20.12 -21.03 52.60
C SER A 64 -21.23 -21.75 53.35
N PHE A 65 -20.96 -23.03 53.66
CA PHE A 65 -21.85 -23.87 54.45
C PHE A 65 -21.01 -24.59 55.50
N TRP A 66 -21.42 -24.51 56.77
CA TRP A 66 -20.74 -25.23 57.84
C TRP A 66 -21.74 -25.81 58.84
N ASN A 67 -22.82 -26.43 58.32
CA ASN A 67 -23.94 -27.03 59.04
C ASN A 67 -24.68 -26.07 59.97
N GLN A 68 -24.44 -24.76 59.83
CA GLN A 68 -25.20 -23.75 60.54
C GLN A 68 -25.62 -22.59 59.66
N LYS A 69 -25.04 -22.45 58.47
CA LYS A 69 -25.41 -21.40 57.53
C LYS A 69 -25.71 -22.02 56.17
N TYR A 70 -26.76 -21.51 55.53
CA TYR A 70 -27.20 -22.01 54.23
C TYR A 70 -27.43 -20.82 53.30
N SER A 71 -26.72 -20.81 52.18
CA SER A 71 -26.80 -19.73 51.19
C SER A 71 -27.28 -20.31 49.87
N VAL A 72 -28.58 -20.24 49.61
CA VAL A 72 -29.10 -20.70 48.33
C VAL A 72 -28.68 -19.75 47.21
N ALA A 73 -28.75 -18.43 47.46
CA ALA A 73 -28.07 -17.38 46.70
C ALA A 73 -28.43 -17.40 45.21
N THR A 74 -29.69 -17.07 44.95
CA THR A 74 -30.09 -16.79 43.57
C THR A 74 -29.33 -15.58 43.04
N SER A 75 -28.69 -15.75 41.89
CA SER A 75 -27.72 -14.78 41.39
C SER A 75 -28.03 -14.46 39.93
N PRO A 76 -27.70 -13.26 39.47
CA PRO A 76 -27.91 -12.94 38.06
C PRO A 76 -26.96 -13.70 37.15
N PHE A 77 -27.44 -13.98 35.95
CA PHE A 77 -26.66 -14.61 34.88
C PHE A 77 -26.43 -13.53 33.82
N GLY A 78 -25.39 -12.74 34.00
CA GLY A 78 -25.12 -11.64 33.10
C GLY A 78 -23.96 -11.91 32.17
N ASP A 79 -24.26 -12.22 30.91
CA ASP A 79 -23.28 -12.45 29.84
C ASP A 79 -22.32 -13.58 30.18
N GLY A 80 -22.77 -14.55 30.95
CA GLY A 80 -21.92 -15.64 31.35
C GLY A 80 -21.56 -15.57 32.82
N VAL A 81 -21.27 -16.73 33.40
CA VAL A 81 -21.02 -16.85 34.82
C VAL A 81 -19.82 -17.77 35.04
N TYR A 82 -18.87 -17.34 35.86
CA TYR A 82 -17.83 -18.21 36.39
C TYR A 82 -18.33 -18.84 37.69
N PHE A 83 -18.17 -20.15 37.82
CA PHE A 83 -18.59 -20.86 39.02
C PHE A 83 -17.45 -21.77 39.45
N SER A 84 -17.21 -21.81 40.76
CA SER A 84 -16.22 -22.73 41.30
C SER A 84 -16.66 -23.15 42.69
N THR A 85 -16.61 -24.45 42.96
CA THR A 85 -16.96 -24.99 44.27
C THR A 85 -15.72 -25.61 44.91
N ILE A 86 -15.49 -25.27 46.17
CA ILE A 86 -14.39 -25.81 46.95
C ILE A 86 -15.01 -26.72 48.01
N ASP A 87 -14.77 -28.02 47.89
CA ASP A 87 -15.41 -28.97 48.79
C ASP A 87 -14.56 -30.23 48.90
N LYS A 88 -14.77 -30.95 50.00
CA LYS A 88 -14.16 -32.26 50.20
C LYS A 88 -15.06 -33.38 49.71
N SER A 89 -16.35 -33.31 50.02
CA SER A 89 -17.34 -34.22 49.50
C SER A 89 -18.12 -33.55 48.37
N ASN A 90 -18.86 -34.38 47.62
CA ASN A 90 -19.59 -33.91 46.45
C ASN A 90 -20.88 -33.21 46.90
N VAL A 91 -20.72 -31.99 47.40
CA VAL A 91 -21.82 -31.28 48.02
C VAL A 91 -22.67 -30.57 46.97
N VAL A 92 -22.05 -29.73 46.15
CA VAL A 92 -22.78 -29.05 45.09
C VAL A 92 -23.09 -30.06 43.99
N ARG A 93 -24.37 -30.37 43.82
CA ARG A 93 -24.80 -31.38 42.87
C ARG A 93 -25.12 -30.83 41.49
N GLY A 94 -25.54 -29.57 41.42
CA GLY A 94 -25.88 -28.99 40.13
C GLY A 94 -26.46 -27.61 40.31
N TRP A 95 -27.09 -27.12 39.25
CA TRP A 95 -27.56 -25.75 39.19
C TRP A 95 -28.94 -25.70 38.55
N VAL A 96 -29.63 -24.60 38.80
CA VAL A 96 -30.91 -24.30 38.17
C VAL A 96 -30.75 -23.01 37.39
N PHE A 97 -30.95 -23.08 36.08
CA PHE A 97 -30.86 -21.93 35.20
C PHE A 97 -32.25 -21.56 34.71
N GLY A 98 -32.58 -20.28 34.78
CA GLY A 98 -33.88 -19.84 34.33
C GLY A 98 -33.98 -18.33 34.31
N THR A 99 -35.21 -17.85 34.27
CA THR A 99 -35.49 -16.42 34.27
C THR A 99 -36.40 -15.96 35.39
N THR A 100 -37.30 -16.82 35.87
CA THR A 100 -38.11 -16.53 37.05
C THR A 100 -38.12 -17.66 38.06
N LEU A 101 -37.73 -18.87 37.67
CA LEU A 101 -37.67 -20.06 38.54
C LEU A 101 -39.03 -20.41 39.12
N ASP A 102 -40.09 -20.09 38.38
CA ASP A 102 -41.46 -20.42 38.74
C ASP A 102 -42.06 -21.30 37.64
N ASN A 103 -43.36 -21.55 37.72
CA ASN A 103 -44.03 -22.37 36.74
C ASN A 103 -44.64 -21.56 35.59
N ASP A 104 -44.44 -20.25 35.57
CA ASP A 104 -44.89 -19.47 34.41
C ASP A 104 -43.96 -19.67 33.22
N THR A 105 -42.66 -19.74 33.46
CA THR A 105 -41.67 -20.01 32.43
C THR A 105 -40.97 -21.34 32.74
N GLN A 106 -40.23 -21.83 31.76
CA GLN A 106 -39.48 -23.06 31.95
C GLN A 106 -38.03 -22.76 32.33
N SER A 107 -37.38 -23.75 32.93
CA SER A 107 -36.04 -23.58 33.47
C SER A 107 -35.19 -24.77 33.09
N VAL A 108 -33.88 -24.65 33.35
CA VAL A 108 -32.92 -25.71 33.10
C VAL A 108 -32.53 -26.34 34.43
N LEU A 109 -32.62 -27.66 34.51
CA LEU A 109 -32.24 -28.40 35.70
C LEU A 109 -31.05 -29.28 35.34
N LEU A 110 -29.85 -28.77 35.59
CA LEU A 110 -28.60 -29.47 35.30
C LEU A 110 -27.98 -29.92 36.61
N TYR A 111 -27.86 -31.22 36.81
CA TYR A 111 -27.45 -31.74 38.11
C TYR A 111 -26.91 -33.15 37.95
N ASN A 112 -26.21 -33.60 39.00
CA ASN A 112 -25.73 -34.98 39.11
C ASN A 112 -26.61 -35.70 40.12
N ASP A 113 -27.20 -36.82 39.71
CA ASP A 113 -28.03 -37.61 40.61
C ASP A 113 -27.23 -38.62 41.42
N GLY A 114 -25.97 -38.84 41.09
CA GLY A 114 -25.17 -39.85 41.76
C GLY A 114 -24.47 -40.78 40.80
N THR A 115 -25.10 -41.07 39.67
CA THR A 115 -24.54 -41.96 38.66
C THR A 115 -24.19 -41.26 37.36
N HIS A 116 -25.00 -40.29 36.93
CA HIS A 116 -24.69 -39.51 35.74
C HIS A 116 -25.31 -38.13 35.89
N VAL A 117 -24.77 -37.18 35.13
CA VAL A 117 -25.27 -35.81 35.13
C VAL A 117 -26.34 -35.69 34.06
N ARG A 118 -27.51 -35.21 34.46
CA ARG A 118 -28.64 -35.03 33.55
C ARG A 118 -28.96 -33.54 33.42
N VAL A 119 -29.53 -33.19 32.27
CA VAL A 119 -30.06 -31.85 32.02
C VAL A 119 -31.52 -32.00 31.63
N GLU A 120 -32.38 -31.17 32.23
CA GLU A 120 -33.82 -31.21 31.98
C GLU A 120 -34.31 -29.78 31.76
N VAL A 121 -34.76 -29.51 30.55
CA VAL A 121 -35.47 -28.26 30.26
C VAL A 121 -36.96 -28.56 30.30
N CYS A 122 -37.65 -27.89 31.22
CA CYS A 122 -38.96 -28.33 31.70
C CYS A 122 -39.59 -27.14 32.41
N THR A 123 -40.91 -27.11 32.44
CA THR A 123 -41.62 -26.10 33.21
C THR A 123 -41.81 -26.63 34.63
N PHE A 124 -40.99 -26.14 35.55
CA PHE A 124 -40.90 -26.68 36.90
C PHE A 124 -41.75 -25.86 37.87
N HIS A 125 -42.45 -26.56 38.76
CA HIS A 125 -42.97 -25.95 39.98
C HIS A 125 -41.95 -26.23 41.07
N PHE A 126 -40.96 -25.34 41.17
CA PHE A 126 -39.83 -25.57 42.06
C PHE A 126 -40.24 -25.44 43.52
N CYS A 127 -39.73 -26.35 44.34
CA CYS A 127 -39.85 -26.21 45.77
C CYS A 127 -38.99 -25.02 46.23
N PRO A 128 -39.42 -24.30 47.27
CA PRO A 128 -38.55 -23.26 47.85
C PRO A 128 -37.33 -23.89 48.48
N THR A 129 -36.15 -23.33 48.14
CA THR A 129 -34.83 -23.86 48.47
C THR A 129 -34.71 -25.33 48.06
N PRO A 130 -34.56 -25.61 46.76
CA PRO A 130 -34.50 -27.01 46.31
C PRO A 130 -33.21 -27.68 46.75
N VAL A 131 -33.35 -28.84 47.40
CA VAL A 131 -32.21 -29.57 47.93
C VAL A 131 -32.35 -31.04 47.58
N PHE A 132 -31.43 -31.87 48.09
CA PHE A 132 -31.37 -33.28 47.71
C PHE A 132 -31.58 -34.25 48.86
N SER A 133 -31.14 -33.90 50.08
CA SER A 133 -31.24 -34.73 51.29
C SER A 133 -30.57 -36.10 51.14
N ALA A 134 -29.65 -36.23 50.17
CA ALA A 134 -28.73 -37.34 49.98
C ALA A 134 -29.39 -38.66 49.58
N SER A 135 -30.72 -38.74 49.59
CA SER A 135 -31.39 -39.99 49.21
C SER A 135 -32.60 -39.82 48.31
N SER A 136 -33.18 -38.63 48.19
CA SER A 136 -34.37 -38.44 47.38
C SER A 136 -34.48 -36.98 46.96
N PRO A 137 -34.38 -36.68 45.67
CA PRO A 137 -34.37 -35.28 45.22
C PRO A 137 -35.68 -34.57 45.53
N HIS A 138 -35.55 -33.33 46.03
CA HIS A 138 -36.68 -32.49 46.41
C HIS A 138 -36.66 -31.20 45.64
N LEU A 139 -36.28 -31.28 44.36
CA LEU A 139 -36.13 -30.07 43.55
C LEU A 139 -37.47 -29.47 43.14
N TYR A 140 -38.43 -30.31 42.76
CA TYR A 140 -39.69 -29.80 42.22
C TYR A 140 -40.82 -30.71 42.63
N SER A 141 -42.03 -30.15 42.63
CA SER A 141 -43.24 -30.92 42.89
C SER A 141 -43.91 -31.42 41.61
N SER A 142 -43.74 -30.69 40.50
CA SER A 142 -44.30 -31.12 39.23
C SER A 142 -43.44 -30.57 38.10
N ALA A 143 -43.51 -31.23 36.94
CA ALA A 143 -42.74 -30.83 35.78
C ALA A 143 -43.50 -31.23 34.53
N PHE A 144 -43.81 -30.27 33.67
CA PHE A 144 -44.58 -30.49 32.46
C PHE A 144 -43.98 -29.67 31.32
N ASN A 145 -44.42 -29.98 30.09
CA ASN A 145 -44.03 -29.27 28.87
C ASN A 145 -42.51 -29.25 28.71
N CYS A 146 -41.95 -30.44 28.56
CA CYS A 146 -40.55 -30.67 28.88
C CYS A 146 -39.81 -30.89 27.57
N THR A 147 -39.12 -29.83 27.10
CA THR A 147 -38.55 -29.87 25.76
C THR A 147 -37.28 -30.69 25.67
N LEU A 148 -36.48 -30.74 26.73
CA LEU A 148 -35.21 -31.44 26.71
C LEU A 148 -35.06 -32.28 27.96
N ASN A 149 -34.70 -33.55 27.79
CA ASN A 149 -34.46 -34.45 28.92
C ASN A 149 -33.54 -35.57 28.43
N TYR A 150 -32.25 -35.45 28.75
CA TYR A 150 -31.29 -36.49 28.43
C TYR A 150 -30.11 -36.39 29.38
N THR A 151 -29.31 -37.45 29.41
CA THR A 151 -28.18 -37.55 30.32
C THR A 151 -26.88 -37.24 29.59
N LEU A 152 -25.98 -36.55 30.28
CA LEU A 152 -24.61 -36.33 29.82
C LEU A 152 -23.75 -37.50 30.30
N ALA A 153 -22.43 -37.33 30.26
CA ALA A 153 -21.50 -38.43 30.56
C ALA A 153 -21.68 -38.96 31.97
N SER A 154 -21.47 -40.27 32.12
CA SER A 154 -21.71 -40.94 33.39
C SER A 154 -20.61 -40.59 34.40
N VAL A 155 -21.00 -39.93 35.48
CA VAL A 155 -20.07 -39.51 36.53
C VAL A 155 -20.57 -40.07 37.85
N ARG A 156 -19.78 -40.94 38.47
CA ARG A 156 -20.15 -41.58 39.73
C ARG A 156 -19.75 -40.64 40.88
N ALA A 157 -20.74 -39.94 41.43
CA ALA A 157 -20.51 -38.99 42.52
C ALA A 157 -21.39 -39.38 43.70
N ASP A 158 -20.77 -39.95 44.73
CA ASP A 158 -21.52 -40.42 45.88
C ASP A 158 -21.96 -39.25 46.77
N PHE A 159 -22.93 -39.52 47.63
CA PHE A 159 -23.44 -38.55 48.58
C PHE A 159 -22.85 -38.75 49.97
N THR A 160 -21.81 -39.56 50.11
CA THR A 160 -21.23 -39.84 51.42
C THR A 160 -20.39 -38.66 51.90
N GLU A 161 -20.34 -38.51 53.22
CA GLU A 161 -19.52 -37.48 53.85
C GLU A 161 -18.08 -37.95 53.96
N VAL A 162 -17.15 -36.98 53.86
CA VAL A 162 -15.76 -37.20 54.17
C VAL A 162 -15.32 -36.10 55.14
N ASP A 163 -14.35 -36.44 55.98
CA ASP A 163 -13.91 -35.57 57.05
C ASP A 163 -12.50 -35.05 56.78
N GLY A 164 -12.25 -33.82 57.21
CA GLY A 164 -10.95 -33.21 57.02
C GLY A 164 -11.01 -31.88 56.29
N SER A 165 -9.91 -31.48 55.69
CA SER A 165 -9.85 -30.24 54.94
C SER A 165 -10.48 -30.42 53.56
N PHE A 166 -10.73 -29.29 52.89
CA PHE A 166 -11.17 -29.33 51.51
C PHE A 166 -10.07 -29.89 50.62
N LYS A 167 -10.46 -30.63 49.59
CA LYS A 167 -9.51 -31.36 48.76
C LYS A 167 -9.37 -30.80 47.36
N THR A 168 -10.47 -30.64 46.63
CA THR A 168 -10.44 -30.22 45.24
C THR A 168 -11.27 -28.97 45.03
N ILE A 169 -10.94 -28.22 43.99
CA ILE A 169 -11.77 -27.12 43.49
C ILE A 169 -12.23 -27.49 42.09
N ARG A 170 -13.53 -27.40 41.86
CA ARG A 170 -14.12 -27.70 40.55
C ARG A 170 -14.63 -26.39 39.97
N GLU A 171 -14.02 -25.94 38.89
CA GLU A 171 -14.31 -24.64 38.30
C GLU A 171 -15.16 -24.80 37.04
N PHE A 172 -16.12 -23.92 36.88
CA PHE A 172 -17.06 -23.97 35.75
C PHE A 172 -17.17 -22.59 35.12
N VAL A 173 -17.38 -22.58 33.81
CA VAL A 173 -17.78 -21.37 33.09
C VAL A 173 -19.04 -21.71 32.32
N PHE A 174 -20.14 -21.03 32.65
CA PHE A 174 -21.40 -21.19 31.96
C PHE A 174 -21.64 -19.94 31.13
N LYS A 175 -21.86 -20.13 29.83
CA LYS A 175 -22.15 -19.01 28.94
C LYS A 175 -23.18 -19.43 27.91
N LEU A 176 -23.98 -18.47 27.48
CA LEU A 176 -25.00 -18.68 26.47
C LEU A 176 -24.48 -18.20 25.13
N GLN A 177 -24.57 -19.07 24.12
CA GLN A 177 -24.14 -18.74 22.76
C GLN A 177 -25.17 -19.33 21.80
N ASP A 178 -25.99 -18.45 21.22
CA ASP A 178 -27.03 -18.82 20.25
C ASP A 178 -27.99 -19.86 20.81
N GLY A 179 -28.52 -19.58 22.00
CA GLY A 179 -29.49 -20.47 22.62
C GLY A 179 -28.93 -21.75 23.17
N SER A 180 -27.61 -21.85 23.29
CA SER A 180 -26.95 -23.05 23.77
C SER A 180 -26.11 -22.72 25.00
N LEU A 181 -26.18 -23.60 26.01
CA LEU A 181 -25.41 -23.44 27.23
C LEU A 181 -24.07 -24.15 27.06
N ASN A 182 -23.01 -23.36 26.88
CA ASN A 182 -21.66 -23.90 26.78
C ASN A 182 -21.07 -24.03 28.18
N VAL A 183 -20.57 -25.23 28.50
CA VAL A 183 -20.03 -25.52 29.81
C VAL A 183 -18.55 -25.84 29.68
N TYR A 184 -17.73 -25.12 30.43
CA TYR A 184 -16.30 -25.36 30.50
C TYR A 184 -15.96 -25.83 31.90
N TYR A 185 -15.09 -26.83 32.02
CA TYR A 185 -14.88 -27.49 33.30
C TYR A 185 -13.42 -27.85 33.50
N ALA A 186 -12.95 -27.67 34.73
CA ALA A 186 -11.62 -28.13 35.13
C ALA A 186 -11.63 -28.33 36.63
N SER A 187 -10.97 -29.40 37.09
CA SER A 187 -10.86 -29.71 38.50
C SER A 187 -9.41 -29.95 38.87
N THR A 188 -8.94 -29.30 39.93
CA THR A 188 -7.58 -29.45 40.39
C THR A 188 -7.56 -29.66 41.91
N SER A 189 -6.51 -30.32 42.38
CA SER A 189 -6.34 -30.52 43.81
C SER A 189 -5.99 -29.19 44.49
N TYR A 190 -6.68 -28.89 45.59
CA TYR A 190 -6.50 -27.63 46.28
C TYR A 190 -6.86 -27.85 47.75
N VAL A 191 -5.84 -28.01 48.59
CA VAL A 191 -6.06 -28.24 50.01
C VAL A 191 -6.34 -26.90 50.69
N LEU A 192 -7.52 -26.78 51.28
CA LEU A 192 -7.94 -25.54 51.94
C LEU A 192 -8.36 -25.85 53.36
N ALA A 193 -7.86 -25.07 54.31
CA ALA A 193 -8.19 -25.28 55.71
C ALA A 193 -9.64 -24.86 55.99
N ILE A 194 -10.17 -25.37 57.10
CA ILE A 194 -11.57 -25.13 57.44
C ILE A 194 -11.79 -23.68 57.85
N GLY A 195 -10.92 -23.14 58.69
CA GLY A 195 -11.12 -21.82 59.28
C GLY A 195 -10.07 -20.81 58.83
N ALA A 196 -10.50 -19.55 58.74
CA ALA A 196 -9.63 -18.38 58.52
C ALA A 196 -8.88 -18.46 57.18
N THR A 197 -9.44 -19.17 56.21
CA THR A 197 -8.80 -19.34 54.90
C THR A 197 -9.90 -19.50 53.87
N SER A 198 -10.21 -18.43 53.15
CA SER A 198 -11.31 -18.41 52.18
C SER A 198 -10.88 -17.71 50.90
N GLN A 199 -9.74 -18.10 50.34
CA GLN A 199 -9.22 -17.48 49.13
C GLN A 199 -9.13 -18.50 48.00
N LEU A 200 -9.15 -17.98 46.78
CA LEU A 200 -9.04 -18.79 45.58
C LEU A 200 -7.57 -19.16 45.32
N PRO A 201 -7.33 -20.27 44.62
CA PRO A 201 -5.94 -20.66 44.34
C PRO A 201 -5.25 -19.72 43.37
N SER A 202 -3.93 -19.77 43.39
CA SER A 202 -3.10 -19.00 42.48
C SER A 202 -2.79 -19.82 41.23
N GLY A 203 -2.23 -19.15 40.22
CA GLY A 203 -1.87 -19.81 38.99
C GLY A 203 -3.03 -19.86 37.99
N VAL A 204 -2.78 -20.56 36.89
CA VAL A 204 -3.73 -20.69 35.80
C VAL A 204 -4.07 -22.16 35.62
N THR A 205 -5.35 -22.49 35.70
CA THR A 205 -5.84 -23.80 35.27
C THR A 205 -6.82 -23.59 34.13
N PRO A 206 -6.49 -24.02 32.91
CA PRO A 206 -7.42 -23.83 31.80
C PRO A 206 -8.61 -24.78 31.90
N LEU A 207 -9.79 -24.26 31.59
CA LEU A 207 -11.02 -25.04 31.63
C LEU A 207 -11.29 -25.56 30.21
N VAL A 208 -11.42 -26.88 30.09
CA VAL A 208 -11.63 -27.49 28.77
C VAL A 208 -13.10 -27.39 28.40
N PRO A 209 -13.43 -27.32 27.11
CA PRO A 209 -14.85 -27.31 26.69
C PRO A 209 -15.48 -28.69 26.93
N LEU A 210 -16.56 -28.71 27.71
CA LEU A 210 -17.19 -29.97 28.08
C LEU A 210 -18.44 -30.25 27.26
N TRP A 211 -19.44 -29.37 27.32
CA TRP A 211 -20.74 -29.64 26.72
C TRP A 211 -21.25 -28.40 26.02
N LYS A 212 -22.13 -28.62 25.04
CA LYS A 212 -22.93 -27.58 24.39
C LYS A 212 -24.37 -28.07 24.46
N ILE A 213 -25.09 -27.65 25.50
CA ILE A 213 -26.43 -28.13 25.75
C ILE A 213 -27.41 -27.21 25.01
N PRO A 214 -28.18 -27.72 24.05
CA PRO A 214 -29.17 -26.87 23.38
C PRO A 214 -30.42 -26.69 24.24
N ILE A 215 -30.54 -25.54 24.87
CA ILE A 215 -31.64 -25.27 25.78
C ILE A 215 -32.67 -24.34 25.15
N GLY A 216 -32.21 -23.37 24.36
CA GLY A 216 -33.10 -22.51 23.60
C GLY A 216 -34.03 -21.65 24.43
N LEU A 217 -33.54 -21.06 25.51
CA LEU A 217 -34.40 -20.22 26.34
C LEU A 217 -33.60 -19.05 26.90
N ASN A 218 -34.31 -18.14 27.53
CA ASN A 218 -33.77 -16.88 28.00
C ASN A 218 -33.39 -17.01 29.47
N ILE A 219 -32.10 -16.86 29.76
CA ILE A 219 -31.56 -17.06 31.10
C ILE A 219 -31.11 -15.71 31.65
N THR A 220 -31.68 -15.32 32.78
CA THR A 220 -31.23 -14.15 33.52
C THR A 220 -30.85 -14.44 34.96
N ASN A 221 -31.33 -15.54 35.54
CA ASN A 221 -31.07 -15.89 36.92
C ASN A 221 -30.35 -17.22 37.00
N PHE A 222 -29.99 -17.61 38.22
CA PHE A 222 -29.04 -18.69 38.44
C PHE A 222 -29.18 -19.12 39.89
N LYS A 223 -29.41 -20.40 40.12
CA LYS A 223 -29.54 -20.95 41.47
C LYS A 223 -28.71 -22.21 41.59
N THR A 224 -28.17 -22.46 42.78
CA THR A 224 -27.29 -23.59 43.04
C THR A 224 -27.99 -24.64 43.88
N LEU A 225 -27.72 -25.91 43.57
CA LEU A 225 -28.30 -27.05 44.28
C LEU A 225 -27.23 -27.76 45.08
N VAL A 226 -27.52 -27.99 46.37
CA VAL A 226 -26.63 -28.73 47.26
C VAL A 226 -27.43 -29.84 47.93
N TYR A 227 -26.72 -30.77 48.56
CA TYR A 227 -27.34 -31.87 49.28
C TYR A 227 -27.08 -31.72 50.77
N LEU A 228 -28.05 -32.14 51.58
CA LEU A 228 -27.98 -32.02 53.03
C LEU A 228 -27.68 -33.37 53.67
N ARG A 229 -27.52 -33.35 54.98
CA ARG A 229 -27.04 -34.50 55.75
C ARG A 229 -28.16 -35.44 56.17
N SER A 230 -29.26 -35.49 55.41
CA SER A 230 -30.45 -36.32 55.61
C SER A 230 -31.21 -35.96 56.89
N ASP A 231 -30.85 -34.88 57.57
CA ASP A 231 -31.60 -34.35 58.69
C ASP A 231 -31.76 -32.84 58.56
N ASN A 232 -31.78 -32.36 57.30
CA ASN A 232 -31.97 -30.95 56.96
C ASN A 232 -30.91 -30.05 57.58
N THR A 233 -29.67 -30.53 57.59
CA THR A 233 -28.53 -29.73 57.99
C THR A 233 -27.53 -29.64 56.84
N PRO A 234 -26.95 -28.46 56.62
CA PRO A 234 -26.02 -28.30 55.49
C PRO A 234 -24.73 -29.06 55.72
N LEU A 235 -23.99 -29.25 54.63
CA LEU A 235 -22.70 -29.92 54.67
C LEU A 235 -21.60 -28.88 54.85
N GLN A 236 -20.35 -29.30 54.69
CA GLN A 236 -19.18 -28.42 54.80
C GLN A 236 -18.61 -28.21 53.40
N ALA A 237 -18.93 -27.08 52.79
CA ALA A 237 -18.48 -26.77 51.44
C ALA A 237 -18.57 -25.27 51.21
N ALA A 238 -18.10 -24.83 50.05
CA ALA A 238 -18.19 -23.45 49.65
C ALA A 238 -18.25 -23.37 48.13
N TYR A 239 -18.82 -22.28 47.62
CA TYR A 239 -18.79 -22.06 46.18
C TYR A 239 -18.67 -20.57 45.90
N VAL A 240 -18.11 -20.25 44.73
CA VAL A 240 -17.82 -18.89 44.31
C VAL A 240 -18.56 -18.62 43.00
N VAL A 241 -19.09 -17.42 42.87
CA VAL A 241 -19.82 -17.01 41.66
C VAL A 241 -19.16 -15.74 41.12
N GLY A 242 -18.74 -15.79 39.86
CA GLY A 242 -18.21 -14.63 39.19
C GLY A 242 -18.93 -14.41 37.87
N HIS A 243 -18.75 -13.20 37.33
CA HIS A 243 -19.44 -12.79 36.12
C HIS A 243 -18.45 -12.43 35.03
N LEU A 244 -18.70 -12.94 33.83
CA LEU A 244 -17.80 -12.72 32.70
C LEU A 244 -18.08 -11.37 32.05
N LYS A 245 -17.04 -10.79 31.46
CA LYS A 245 -17.13 -9.55 30.72
C LYS A 245 -16.36 -9.70 29.41
N ARG A 246 -16.73 -8.88 28.43
CA ARG A 246 -16.11 -8.94 27.10
C ARG A 246 -14.75 -8.26 27.20
N ARG A 247 -13.68 -9.06 27.20
CA ARG A 247 -12.32 -8.55 27.28
C ARG A 247 -11.44 -9.30 26.28
N THR A 248 -10.28 -8.72 26.00
CA THR A 248 -9.23 -9.37 25.25
C THR A 248 -8.22 -9.95 26.23
N MET A 249 -7.83 -11.20 25.99
CA MET A 249 -6.88 -11.87 26.87
C MET A 249 -5.84 -12.58 26.03
N MET A 250 -4.63 -12.71 26.57
CA MET A 250 -3.54 -13.39 25.90
C MET A 250 -3.27 -14.72 26.59
N PHE A 251 -3.25 -15.80 25.82
CA PHE A 251 -3.04 -17.15 26.32
C PHE A 251 -1.69 -17.66 25.87
N LYS A 252 -0.94 -18.26 26.78
CA LYS A 252 0.33 -18.88 26.45
C LYS A 252 0.14 -20.40 26.43
N TYR A 253 0.45 -21.01 25.29
CA TYR A 253 0.46 -22.46 25.16
C TYR A 253 1.87 -22.97 25.31
N ASP A 254 2.04 -24.04 26.09
CA ASP A 254 3.36 -24.61 26.29
C ASP A 254 3.72 -25.52 25.11
N GLU A 255 4.79 -26.30 25.26
CA GLU A 255 5.20 -27.20 24.19
C GLU A 255 4.21 -28.34 24.02
N ASN A 256 3.48 -28.70 25.06
CA ASN A 256 2.52 -29.79 25.00
C ASN A 256 1.13 -29.35 24.58
N GLY A 257 0.88 -28.05 24.45
CA GLY A 257 -0.41 -27.55 24.02
C GLY A 257 -1.35 -27.08 25.10
N THR A 258 -0.95 -27.16 26.37
CA THR A 258 -1.81 -26.73 27.46
C THR A 258 -1.62 -25.24 27.74
N ILE A 259 -2.70 -24.58 28.12
CA ILE A 259 -2.66 -23.15 28.42
C ILE A 259 -2.08 -22.97 29.82
N VAL A 260 -1.01 -22.18 29.92
CA VAL A 260 -0.42 -21.82 31.20
C VAL A 260 -0.14 -20.32 31.18
N ASP A 261 -0.40 -19.66 32.31
CA ASP A 261 0.00 -18.26 32.56
C ASP A 261 -0.61 -17.31 31.53
N ALA A 262 -1.92 -17.18 31.59
CA ALA A 262 -2.59 -16.14 30.81
C ALA A 262 -2.55 -14.81 31.55
N ILE A 263 -2.67 -13.72 30.79
CA ILE A 263 -2.82 -12.38 31.34
C ILE A 263 -4.04 -11.71 30.73
N ASP A 264 -4.64 -10.79 31.51
CA ASP A 264 -5.84 -10.08 31.10
C ASP A 264 -5.44 -8.70 30.58
N CYS A 265 -5.52 -8.52 29.26
CA CYS A 265 -5.26 -7.22 28.67
C CYS A 265 -6.36 -6.24 29.08
N ALA A 266 -6.01 -4.95 29.07
CA ALA A 266 -6.86 -3.86 29.56
C ALA A 266 -7.29 -4.07 31.00
N LEU A 267 -6.39 -4.60 31.83
CA LEU A 267 -6.52 -4.60 33.28
C LEU A 267 -5.68 -3.51 33.92
N ASP A 268 -4.41 -3.45 33.58
CA ASP A 268 -3.52 -2.34 33.87
C ASP A 268 -2.68 -2.12 32.61
N PRO A 269 -2.10 -0.92 32.45
CA PRO A 269 -1.31 -0.66 31.22
C PRO A 269 -0.11 -1.59 31.03
N LEU A 270 0.43 -2.17 32.10
CA LEU A 270 1.49 -3.17 31.95
C LEU A 270 0.96 -4.42 31.25
N SER A 271 -0.24 -4.87 31.60
CA SER A 271 -0.85 -5.97 30.87
C SER A 271 -1.19 -5.59 29.44
N GLU A 272 -1.51 -4.31 29.21
CA GLU A 272 -1.81 -3.87 27.85
C GLU A 272 -0.56 -3.91 26.97
N THR A 273 0.59 -3.43 27.49
CA THR A 273 1.80 -3.52 26.69
C THR A 273 2.36 -4.93 26.62
N LYS A 274 2.01 -5.79 27.59
CA LYS A 274 2.27 -7.22 27.41
C LYS A 274 1.44 -7.78 26.26
N CYS A 275 0.17 -7.37 26.17
CA CYS A 275 -0.72 -7.82 25.11
C CYS A 275 -0.24 -7.37 23.73
N THR A 276 0.17 -6.10 23.62
CA THR A 276 0.59 -5.59 22.31
C THR A 276 1.98 -6.07 21.90
N LEU A 277 2.76 -6.62 22.83
CA LEU A 277 4.06 -7.17 22.50
C LEU A 277 4.02 -8.66 22.18
N ARG A 278 2.87 -9.31 22.38
CA ARG A 278 2.68 -10.75 22.19
C ARG A 278 3.67 -11.56 23.03
N SER A 279 3.99 -11.04 24.21
CA SER A 279 4.99 -11.68 25.07
C SER A 279 4.65 -11.38 26.52
N PHE A 280 5.21 -12.21 27.40
CA PHE A 280 5.01 -12.08 28.83
C PHE A 280 6.23 -11.51 29.53
N ILE A 281 7.32 -11.29 28.81
CA ILE A 281 8.51 -10.63 29.32
C ILE A 281 8.57 -9.26 28.66
N VAL A 282 8.65 -8.21 29.46
CA VAL A 282 8.73 -6.84 28.97
C VAL A 282 10.07 -6.28 29.41
N GLU A 283 10.88 -5.85 28.44
CA GLU A 283 12.17 -5.27 28.74
C GLU A 283 12.01 -3.85 29.28
N LYS A 284 13.09 -3.35 29.86
CA LYS A 284 13.11 -2.01 30.42
C LYS A 284 12.95 -0.97 29.32
N GLY A 285 12.10 0.03 29.56
CA GLY A 285 11.95 1.13 28.64
C GLY A 285 10.57 1.76 28.74
N ILE A 286 10.34 2.68 27.80
CA ILE A 286 9.08 3.41 27.68
C ILE A 286 8.24 2.75 26.59
N TYR A 287 6.95 2.57 26.85
CA TYR A 287 6.06 1.90 25.91
C TYR A 287 4.77 2.70 25.77
N GLN A 288 4.41 3.01 24.52
CA GLN A 288 3.14 3.67 24.25
C GLN A 288 2.02 2.64 24.28
N THR A 289 0.94 2.96 24.96
CA THR A 289 -0.29 2.17 24.94
C THR A 289 -1.36 2.98 24.23
N SER A 290 -2.59 2.46 24.24
CA SER A 290 -3.69 3.15 23.60
C SER A 290 -4.06 4.41 24.37
N ASN A 291 -4.78 5.30 23.70
CA ASN A 291 -5.20 6.54 24.32
C ASN A 291 -6.22 6.26 25.42
N PHE A 292 -6.37 7.23 26.32
CA PHE A 292 -7.21 7.07 27.50
C PHE A 292 -8.66 6.97 27.08
N ARG A 293 -9.25 5.79 27.29
CA ARG A 293 -10.63 5.53 26.91
C ARG A 293 -11.57 5.80 28.08
N VAL A 294 -12.73 6.37 27.77
CA VAL A 294 -13.80 6.56 28.73
C VAL A 294 -15.03 5.82 28.20
N GLN A 295 -15.54 4.89 29.00
CA GLN A 295 -16.70 4.11 28.58
C GLN A 295 -17.98 4.90 28.87
N PRO A 296 -18.98 4.82 27.99
CA PRO A 296 -20.26 5.47 28.26
C PRO A 296 -21.02 4.75 29.37
N GLN A 297 -21.76 5.55 30.14
CA GLN A 297 -22.55 5.03 31.25
C GLN A 297 -24.05 5.19 31.06
N ASP A 298 -24.50 6.28 30.44
CA ASP A 298 -25.91 6.53 30.21
C ASP A 298 -26.23 6.40 28.73
N THR A 299 -27.52 6.35 28.43
CA THR A 299 -28.02 6.26 27.07
C THR A 299 -28.99 7.40 26.82
N VAL A 300 -28.80 8.12 25.72
CA VAL A 300 -29.64 9.26 25.35
C VAL A 300 -30.33 8.91 24.04
N VAL A 301 -31.66 8.98 24.04
CA VAL A 301 -32.45 8.78 22.83
C VAL A 301 -33.30 10.02 22.62
N ARG A 302 -33.12 10.69 21.49
CA ARG A 302 -33.82 11.94 21.20
C ARG A 302 -34.51 11.79 19.84
N PHE A 303 -35.83 11.64 19.88
CA PHE A 303 -36.69 11.59 18.71
C PHE A 303 -37.62 12.79 18.73
N PRO A 304 -38.12 13.23 17.58
CA PRO A 304 -39.05 14.36 17.58
C PRO A 304 -40.38 14.02 18.23
N ASN A 305 -41.14 15.06 18.55
CA ASN A 305 -42.44 14.92 19.20
C ASN A 305 -43.42 14.35 18.19
N ILE A 306 -43.67 13.04 18.28
CA ILE A 306 -44.59 12.36 17.38
C ILE A 306 -45.67 11.69 18.21
N THR A 307 -46.93 11.88 17.82
CA THR A 307 -48.06 11.34 18.54
C THR A 307 -48.82 10.28 17.75
N ASN A 308 -49.19 10.57 16.52
CA ASN A 308 -50.05 9.69 15.73
C ASN A 308 -49.28 8.48 15.23
N LEU A 309 -50.04 7.41 14.96
CA LEU A 309 -49.52 6.24 14.27
C LEU A 309 -49.63 6.45 12.76
N CYS A 310 -48.75 5.79 12.02
CA CYS A 310 -48.75 5.93 10.58
C CYS A 310 -49.99 5.26 9.98
N PRO A 311 -50.52 5.81 8.88
CA PRO A 311 -51.75 5.25 8.30
C PRO A 311 -51.51 3.90 7.63
N PHE A 312 -51.24 2.88 8.43
CA PHE A 312 -51.07 1.54 7.89
C PHE A 312 -52.39 1.01 7.33
N SER A 313 -53.50 1.31 8.00
CA SER A 313 -54.80 0.88 7.51
C SER A 313 -55.21 1.64 6.25
N GLU A 314 -54.78 2.90 6.11
CA GLU A 314 -55.17 3.67 4.93
C GLU A 314 -54.41 3.26 3.68
N VAL A 315 -53.17 2.79 3.81
CA VAL A 315 -52.37 2.44 2.65
C VAL A 315 -52.26 0.93 2.41
N PHE A 316 -52.56 0.10 3.42
CA PHE A 316 -52.52 -1.34 3.26
C PHE A 316 -53.89 -1.98 3.19
N ASN A 317 -54.90 -1.35 3.81
CA ASN A 317 -56.27 -1.86 3.82
C ASN A 317 -57.20 -0.95 3.04
N ALA A 318 -56.68 -0.24 2.05
CA ALA A 318 -57.53 0.60 1.21
C ALA A 318 -58.46 -0.27 0.37
N THR A 319 -59.69 0.21 0.18
CA THR A 319 -60.68 -0.56 -0.57
C THR A 319 -60.35 -0.63 -2.05
N THR A 320 -59.74 0.41 -2.60
CA THR A 320 -59.37 0.45 -4.00
C THR A 320 -57.88 0.77 -4.13
N PHE A 321 -57.23 0.11 -5.08
CA PHE A 321 -55.83 0.37 -5.42
C PHE A 321 -55.76 0.89 -6.85
N ALA A 322 -54.74 1.70 -7.11
CA ALA A 322 -54.57 2.29 -8.43
C ALA A 322 -53.98 1.27 -9.40
N SER A 323 -54.18 1.53 -10.69
CA SER A 323 -53.48 0.77 -11.71
C SER A 323 -52.00 1.13 -11.70
N VAL A 324 -51.18 0.21 -12.21
CA VAL A 324 -49.73 0.37 -12.12
C VAL A 324 -49.25 1.51 -13.02
N TYR A 325 -49.93 1.76 -14.14
CA TYR A 325 -49.55 2.89 -14.99
C TYR A 325 -49.93 4.22 -14.37
N ALA A 326 -50.92 4.23 -13.48
CA ALA A 326 -51.37 5.44 -12.80
C ALA A 326 -51.18 5.29 -11.31
N TRP A 327 -49.99 4.84 -10.90
CA TRP A 327 -49.72 4.48 -9.52
C TRP A 327 -49.85 5.68 -8.58
N ASN A 328 -50.55 5.47 -7.48
CA ASN A 328 -50.76 6.53 -6.50
C ASN A 328 -49.53 6.70 -5.62
N ARG A 329 -49.23 7.94 -5.27
CA ARG A 329 -48.18 8.27 -4.32
C ARG A 329 -48.78 9.06 -3.17
N LYS A 330 -48.53 8.59 -1.95
CA LYS A 330 -49.07 9.21 -0.74
C LYS A 330 -47.93 9.74 0.11
N ARG A 331 -48.07 10.98 0.56
CA ARG A 331 -47.07 11.58 1.44
C ARG A 331 -47.29 11.10 2.87
N ILE A 332 -46.21 10.70 3.53
CA ILE A 332 -46.25 10.17 4.88
C ILE A 332 -45.40 11.07 5.76
N SER A 333 -46.02 11.65 6.79
CA SER A 333 -45.31 12.57 7.68
C SER A 333 -45.98 12.60 9.04
N ASN A 334 -45.19 12.94 10.06
CA ASN A 334 -45.65 13.17 11.43
C ASN A 334 -46.37 11.96 12.02
N CYS A 335 -45.71 10.80 11.97
CA CYS A 335 -46.35 9.57 12.42
C CYS A 335 -45.29 8.57 12.87
N VAL A 336 -45.73 7.61 13.68
CA VAL A 336 -44.86 6.60 14.27
C VAL A 336 -44.94 5.34 13.42
N ALA A 337 -43.79 4.91 12.89
CA ALA A 337 -43.72 3.72 12.05
C ALA A 337 -43.54 2.48 12.92
N ASP A 338 -44.64 2.09 13.57
CA ASP A 338 -44.60 0.95 14.48
C ASP A 338 -44.51 -0.37 13.71
N TYR A 339 -45.42 -0.57 12.76
CA TYR A 339 -45.50 -1.69 11.82
C TYR A 339 -45.69 -3.05 12.49
N SER A 340 -45.73 -3.10 13.82
CA SER A 340 -46.08 -4.30 14.55
C SER A 340 -47.58 -4.45 14.71
N VAL A 341 -48.36 -3.41 14.40
CA VAL A 341 -49.81 -3.50 14.40
C VAL A 341 -50.35 -4.26 13.21
N LEU A 342 -49.52 -4.56 12.23
CA LEU A 342 -49.90 -5.38 11.08
C LEU A 342 -49.64 -6.85 11.30
N TYR A 343 -49.04 -7.23 12.43
CA TYR A 343 -48.69 -8.63 12.68
C TYR A 343 -49.94 -9.48 12.85
N ASN A 344 -50.97 -8.96 13.52
CA ASN A 344 -52.22 -9.67 13.72
C ASN A 344 -53.21 -9.41 12.58
N SER A 345 -52.71 -9.09 11.40
CA SER A 345 -53.53 -8.74 10.25
C SER A 345 -52.90 -9.41 9.04
N THR A 346 -53.25 -8.94 7.85
CA THR A 346 -52.76 -9.52 6.61
C THR A 346 -51.25 -9.44 6.50
N SER A 347 -50.62 -10.54 6.08
CA SER A 347 -49.18 -10.65 5.97
C SER A 347 -48.72 -10.31 4.56
N PHE A 348 -47.41 -10.38 4.34
CA PHE A 348 -46.81 -10.00 3.08
C PHE A 348 -45.95 -11.14 2.54
N SER A 349 -46.05 -11.38 1.23
CA SER A 349 -45.21 -12.37 0.58
C SER A 349 -43.91 -11.80 0.05
N THR A 350 -43.73 -10.48 0.10
CA THR A 350 -42.51 -9.82 -0.35
C THR A 350 -42.22 -8.65 0.58
N PHE A 351 -41.06 -8.68 1.24
CA PHE A 351 -40.64 -7.58 2.10
C PHE A 351 -39.15 -7.27 1.87
N GLN A 352 -38.77 -7.09 0.61
CA GLN A 352 -37.41 -6.67 0.32
C GLN A 352 -37.21 -5.21 0.70
N CYS A 353 -36.09 -4.94 1.39
CA CYS A 353 -35.72 -3.59 1.77
C CYS A 353 -34.38 -3.25 1.15
N TYR A 354 -34.21 -1.99 0.76
CA TYR A 354 -33.03 -1.54 0.04
C TYR A 354 -32.40 -0.36 0.76
N GLY A 355 -31.08 -0.43 0.96
CA GLY A 355 -30.36 0.63 1.63
C GLY A 355 -30.49 0.66 3.13
N VAL A 356 -31.20 -0.32 3.72
CA VAL A 356 -31.45 -0.35 5.15
C VAL A 356 -31.82 -1.78 5.52
N SER A 357 -31.30 -2.25 6.65
CA SER A 357 -31.70 -3.54 7.16
C SER A 357 -33.11 -3.46 7.75
N SER A 358 -33.89 -4.52 7.55
CA SER A 358 -35.25 -4.53 8.07
C SER A 358 -35.29 -4.60 9.59
N THR A 359 -34.26 -5.17 10.22
CA THR A 359 -34.19 -5.22 11.67
C THR A 359 -33.82 -3.89 12.28
N LYS A 360 -33.34 -2.92 11.50
CA LYS A 360 -32.96 -1.61 11.98
C LYS A 360 -34.05 -0.57 11.81
N LEU A 361 -35.21 -0.95 11.26
CA LEU A 361 -36.26 0.02 10.97
C LEU A 361 -36.89 0.59 12.24
N ASN A 362 -36.89 -0.18 13.33
CA ASN A 362 -37.52 0.28 14.56
C ASN A 362 -36.70 1.34 15.30
N ASP A 363 -35.41 1.48 14.97
CA ASP A 363 -34.53 2.41 15.66
C ASP A 363 -34.14 3.61 14.81
N LEU A 364 -34.88 3.87 13.74
CA LEU A 364 -34.51 4.90 12.78
C LEU A 364 -35.61 5.92 12.60
N CYS A 365 -35.23 7.06 12.04
CA CYS A 365 -36.17 8.09 11.60
C CYS A 365 -36.00 8.32 10.11
N PHE A 366 -37.11 8.61 9.44
CA PHE A 366 -37.17 8.62 7.99
C PHE A 366 -37.58 10.01 7.50
N THR A 367 -36.90 10.50 6.47
CA THR A 367 -36.97 11.91 6.12
C THR A 367 -38.11 12.24 5.15
N ASN A 368 -38.08 11.67 3.95
CA ASN A 368 -39.06 11.99 2.91
C ASN A 368 -39.80 10.71 2.55
N VAL A 369 -40.85 10.41 3.30
CA VAL A 369 -41.52 9.12 3.22
C VAL A 369 -42.66 9.21 2.22
N TYR A 370 -42.62 8.35 1.21
CA TYR A 370 -43.70 8.22 0.24
C TYR A 370 -44.15 6.77 0.21
N ALA A 371 -45.45 6.57 -0.03
CA ALA A 371 -46.03 5.24 -0.14
C ALA A 371 -46.66 5.12 -1.52
N ASP A 372 -46.05 4.32 -2.39
CA ASP A 372 -46.55 4.10 -3.75
C ASP A 372 -47.34 2.81 -3.78
N SER A 373 -48.59 2.89 -4.23
CA SER A 373 -49.51 1.75 -4.21
C SER A 373 -50.04 1.50 -5.61
N PHE A 374 -50.06 0.23 -6.01
CA PHE A 374 -50.61 -0.18 -7.29
C PHE A 374 -50.91 -1.67 -7.26
N VAL A 375 -51.59 -2.14 -8.31
CA VAL A 375 -51.92 -3.54 -8.48
C VAL A 375 -51.17 -4.07 -9.69
N VAL A 376 -50.47 -5.19 -9.51
CA VAL A 376 -49.69 -5.79 -10.58
C VAL A 376 -49.93 -7.30 -10.55
N ARG A 377 -49.58 -7.96 -11.65
CA ARG A 377 -49.76 -9.40 -11.75
C ARG A 377 -48.74 -10.13 -10.86
N GLY A 378 -49.02 -11.40 -10.59
CA GLY A 378 -48.21 -12.16 -9.66
C GLY A 378 -46.78 -12.35 -10.13
N ASP A 379 -46.58 -12.59 -11.42
CA ASP A 379 -45.24 -12.79 -11.95
C ASP A 379 -44.52 -11.48 -12.25
N GLU A 380 -45.16 -10.34 -12.07
CA GLU A 380 -44.54 -9.04 -12.26
C GLU A 380 -44.15 -8.37 -10.96
N VAL A 381 -44.31 -9.05 -9.82
CA VAL A 381 -43.86 -8.50 -8.55
C VAL A 381 -42.35 -8.40 -8.51
N ARG A 382 -41.66 -9.37 -9.12
CA ARG A 382 -40.21 -9.36 -9.19
C ARG A 382 -39.66 -8.17 -9.98
N GLN A 383 -40.47 -7.58 -10.87
CA GLN A 383 -40.05 -6.38 -11.59
C GLN A 383 -40.04 -5.13 -10.71
N ILE A 384 -40.65 -5.18 -9.54
CA ILE A 384 -40.64 -4.03 -8.62
C ILE A 384 -39.37 -4.17 -7.79
N ALA A 385 -38.26 -3.74 -8.36
CA ALA A 385 -36.93 -3.83 -7.79
C ALA A 385 -35.99 -2.96 -8.62
N PRO A 386 -34.92 -2.41 -8.03
CA PRO A 386 -33.95 -1.65 -8.83
C PRO A 386 -33.24 -2.53 -9.85
N GLY A 387 -32.95 -1.93 -11.00
CA GLY A 387 -32.25 -2.63 -12.07
C GLY A 387 -33.01 -3.77 -12.71
N GLN A 388 -34.32 -3.61 -12.90
CA GLN A 388 -35.15 -4.63 -13.50
C GLN A 388 -35.64 -4.18 -14.87
N THR A 389 -35.98 -5.16 -15.70
CA THR A 389 -36.58 -4.92 -17.00
C THR A 389 -37.85 -5.75 -17.13
N GLY A 390 -38.63 -5.45 -18.15
CA GLY A 390 -39.98 -5.97 -18.29
C GLY A 390 -40.96 -4.84 -18.54
N VAL A 391 -42.21 -5.24 -18.78
CA VAL A 391 -43.23 -4.29 -19.18
C VAL A 391 -43.52 -3.30 -18.05
N ILE A 392 -43.57 -3.78 -16.81
CA ILE A 392 -43.85 -2.90 -15.67
C ILE A 392 -42.66 -1.98 -15.39
N ALA A 393 -41.44 -2.53 -15.43
CA ALA A 393 -40.26 -1.73 -15.11
C ALA A 393 -39.93 -0.74 -16.22
N ASP A 394 -40.25 -1.07 -17.47
CA ASP A 394 -39.95 -0.15 -18.56
C ASP A 394 -41.02 0.91 -18.73
N TYR A 395 -42.30 0.52 -18.70
CA TYR A 395 -43.36 1.41 -19.13
C TYR A 395 -44.34 1.81 -18.06
N ASN A 396 -44.31 1.20 -16.87
CA ASN A 396 -45.31 1.48 -15.85
C ASN A 396 -44.74 2.09 -14.58
N TYR A 397 -43.74 1.44 -13.97
CA TYR A 397 -43.22 1.90 -12.69
C TYR A 397 -41.78 1.45 -12.56
N LYS A 398 -40.86 2.40 -12.37
CA LYS A 398 -39.44 2.10 -12.25
C LYS A 398 -38.90 2.66 -10.95
N LEU A 399 -38.09 1.86 -10.28
CA LEU A 399 -37.35 2.25 -9.09
C LEU A 399 -35.96 2.76 -9.49
N PRO A 400 -35.40 3.70 -8.73
CA PRO A 400 -34.03 4.16 -9.01
C PRO A 400 -33.00 3.08 -8.71
N ASP A 401 -31.83 3.23 -9.34
CA ASP A 401 -30.74 2.30 -9.10
C ASP A 401 -30.21 2.41 -7.67
N ASP A 402 -30.20 3.62 -7.12
CA ASP A 402 -29.77 3.87 -5.75
C ASP A 402 -30.96 3.97 -4.80
N PHE A 403 -31.98 3.14 -5.03
CA PHE A 403 -33.22 3.20 -4.27
C PHE A 403 -32.99 2.89 -2.80
N THR A 404 -33.55 3.74 -1.93
CA THR A 404 -33.54 3.53 -0.49
C THR A 404 -34.98 3.39 -0.03
N GLY A 405 -35.31 2.25 0.54
CA GLY A 405 -36.65 2.00 1.03
C GLY A 405 -36.94 0.52 1.04
N CYS A 406 -38.24 0.21 1.10
CA CYS A 406 -38.71 -1.16 1.17
C CYS A 406 -39.85 -1.38 0.20
N VAL A 407 -39.94 -2.59 -0.33
CA VAL A 407 -40.99 -2.98 -1.26
C VAL A 407 -41.84 -4.05 -0.60
N LEU A 408 -43.14 -3.81 -0.52
CA LEU A 408 -44.08 -4.74 0.09
C LEU A 408 -45.11 -5.20 -0.93
N ALA A 409 -45.46 -6.48 -0.88
CA ALA A 409 -46.43 -7.04 -1.80
C ALA A 409 -47.13 -8.21 -1.13
N TRP A 410 -48.41 -8.39 -1.48
CA TRP A 410 -49.19 -9.50 -0.98
C TRP A 410 -50.23 -9.87 -2.01
N ASN A 411 -50.72 -11.11 -1.93
CA ASN A 411 -51.69 -11.61 -2.88
C ASN A 411 -53.02 -10.90 -2.69
N SER A 412 -53.57 -10.38 -3.79
CA SER A 412 -54.73 -9.50 -3.75
C SER A 412 -56.00 -10.18 -4.24
N ARG A 413 -56.01 -11.51 -4.30
CA ARG A 413 -57.24 -12.23 -4.58
C ARG A 413 -58.19 -12.11 -3.38
N ASN A 414 -59.47 -12.39 -3.65
CA ASN A 414 -60.65 -12.21 -2.80
C ASN A 414 -61.04 -10.75 -2.65
N GLN A 415 -60.24 -9.81 -3.16
CA GLN A 415 -60.63 -8.42 -3.30
C GLN A 415 -60.74 -8.02 -4.77
N ASP A 416 -59.73 -8.33 -5.56
CA ASP A 416 -59.83 -8.34 -7.01
C ASP A 416 -60.07 -9.78 -7.46
N ALA A 417 -59.98 -10.02 -8.77
CA ALA A 417 -60.11 -11.34 -9.40
C ALA A 417 -61.46 -11.98 -9.07
N SER A 418 -62.51 -11.36 -9.62
CA SER A 418 -63.84 -11.93 -9.53
C SER A 418 -63.92 -13.20 -10.39
N THR A 419 -64.98 -13.99 -10.14
CA THR A 419 -65.15 -15.25 -10.86
C THR A 419 -65.44 -15.04 -12.34
N SER A 420 -66.16 -13.97 -12.68
CA SER A 420 -66.42 -13.64 -14.08
C SER A 420 -65.30 -12.81 -14.70
N GLY A 421 -64.34 -12.36 -13.90
CA GLY A 421 -63.24 -11.58 -14.42
C GLY A 421 -63.29 -10.12 -14.02
N ASN A 422 -62.23 -9.63 -13.39
CA ASN A 422 -62.12 -8.24 -12.99
C ASN A 422 -61.26 -7.51 -14.02
N PHE A 423 -61.82 -6.49 -14.65
CA PHE A 423 -61.15 -5.77 -15.72
C PHE A 423 -60.97 -4.29 -15.40
N ASN A 424 -60.83 -3.98 -14.11
CA ASN A 424 -60.71 -2.59 -13.66
C ASN A 424 -59.27 -2.12 -13.58
N TYR A 425 -58.29 -2.99 -13.83
CA TYR A 425 -56.88 -2.64 -13.69
C TYR A 425 -56.21 -2.66 -15.06
N TYR A 426 -55.34 -1.68 -15.29
CA TYR A 426 -54.67 -1.51 -16.57
C TYR A 426 -53.17 -1.44 -16.36
N TYR A 427 -52.44 -1.72 -17.43
CA TYR A 427 -51.00 -1.53 -17.46
C TYR A 427 -50.62 -1.08 -18.87
N ARG A 428 -49.61 -0.22 -18.96
CA ARG A 428 -49.16 0.28 -20.25
C ARG A 428 -48.27 -0.76 -20.92
N ILE A 429 -48.54 -1.01 -22.20
CA ILE A 429 -47.80 -2.02 -22.95
C ILE A 429 -46.67 -1.41 -23.78
N TRP A 430 -46.69 -0.11 -24.04
CA TRP A 430 -45.71 0.50 -24.93
C TRP A 430 -45.53 1.96 -24.57
N ARG A 431 -44.28 2.42 -24.67
CA ARG A 431 -43.96 3.84 -24.63
C ARG A 431 -42.89 4.11 -25.66
N SER A 432 -42.68 5.39 -25.97
CA SER A 432 -41.62 5.77 -26.89
C SER A 432 -40.24 5.46 -26.31
N GLU A 433 -40.04 5.77 -25.03
CA GLU A 433 -38.83 5.41 -24.31
C GLU A 433 -39.22 4.77 -22.98
N LYS A 434 -38.24 4.17 -22.32
CA LYS A 434 -38.46 3.61 -21.00
C LYS A 434 -38.66 4.73 -19.98
N LEU A 435 -39.44 4.45 -18.96
CA LEU A 435 -39.71 5.44 -17.92
C LEU A 435 -38.46 5.69 -17.07
N ARG A 436 -38.27 6.94 -16.67
CA ARG A 436 -37.27 7.28 -15.68
C ARG A 436 -37.78 6.88 -14.31
N PRO A 437 -36.88 6.76 -13.31
CA PRO A 437 -37.33 6.37 -11.97
C PRO A 437 -38.35 7.32 -11.36
N PHE A 438 -39.37 6.73 -10.74
CA PHE A 438 -40.47 7.44 -10.08
C PHE A 438 -41.21 8.38 -11.03
N GLU A 439 -41.29 8.02 -12.31
CA GLU A 439 -42.05 8.77 -13.28
C GLU A 439 -43.41 8.11 -13.52
N ARG A 440 -44.39 8.91 -13.90
CA ARG A 440 -45.74 8.43 -14.13
C ARG A 440 -46.23 8.96 -15.47
N ASP A 441 -46.85 8.08 -16.26
CA ASP A 441 -47.42 8.44 -17.55
C ASP A 441 -48.85 7.95 -17.59
N ILE A 442 -49.80 8.87 -17.45
CA ILE A 442 -51.23 8.53 -17.42
C ILE A 442 -51.93 8.99 -18.69
N ALA A 443 -51.19 9.42 -19.70
CA ALA A 443 -51.78 9.87 -20.94
C ALA A 443 -52.37 8.70 -21.73
N HIS A 444 -53.45 8.97 -22.44
CA HIS A 444 -54.11 7.98 -23.28
C HIS A 444 -53.70 8.22 -24.73
N TYR A 445 -53.02 7.24 -25.32
CA TYR A 445 -52.61 7.34 -26.71
C TYR A 445 -52.50 5.95 -27.30
N ASP A 446 -52.56 5.90 -28.63
CA ASP A 446 -52.42 4.66 -29.37
C ASP A 446 -50.99 4.52 -29.89
N TYR A 447 -50.66 3.31 -30.33
CA TYR A 447 -49.36 3.04 -30.92
C TYR A 447 -49.53 2.09 -32.09
N GLN A 448 -48.63 2.22 -33.06
CA GLN A 448 -48.74 1.48 -34.32
C GLN A 448 -48.08 0.11 -34.16
N VAL A 449 -48.89 -0.93 -34.27
CA VAL A 449 -48.41 -2.32 -34.32
C VAL A 449 -48.85 -2.89 -35.65
N GLY A 450 -47.88 -3.34 -36.45
CA GLY A 450 -48.16 -3.74 -37.81
C GLY A 450 -48.56 -2.56 -38.67
N THR A 451 -49.82 -2.54 -39.11
CA THR A 451 -50.36 -1.41 -39.84
C THR A 451 -51.54 -0.74 -39.14
N GLN A 452 -52.03 -1.31 -38.04
CA GLN A 452 -53.16 -0.75 -37.32
C GLN A 452 -52.67 0.02 -36.10
N PHE A 453 -53.61 0.67 -35.40
CA PHE A 453 -53.32 1.45 -34.21
C PHE A 453 -54.17 0.90 -33.07
N LYS A 454 -53.51 0.30 -32.08
CA LYS A 454 -54.17 -0.19 -30.89
C LYS A 454 -53.76 0.67 -29.69
N SER A 455 -54.55 0.59 -28.63
CA SER A 455 -54.29 1.35 -27.42
C SER A 455 -53.02 0.84 -26.73
N SER A 456 -52.24 1.78 -26.20
CA SER A 456 -51.04 1.43 -25.45
C SER A 456 -51.35 0.93 -24.03
N LEU A 457 -52.60 1.03 -23.60
CA LEU A 457 -53.03 0.53 -22.30
C LEU A 457 -53.76 -0.78 -22.49
N LYS A 458 -53.32 -1.81 -21.78
CA LYS A 458 -53.95 -3.12 -21.81
C LYS A 458 -54.52 -3.42 -20.44
N ASN A 459 -55.72 -3.98 -20.40
CA ASN A 459 -56.35 -4.30 -19.12
C ASN A 459 -55.88 -5.66 -18.61
N TYR A 460 -55.88 -5.78 -17.28
CA TYR A 460 -55.60 -7.05 -16.64
C TYR A 460 -56.85 -7.91 -16.62
N GLY A 461 -56.72 -9.16 -17.02
CA GLY A 461 -57.81 -10.10 -16.86
C GLY A 461 -57.60 -10.91 -15.60
N PHE A 462 -58.26 -10.52 -14.52
CA PHE A 462 -58.08 -11.15 -13.21
C PHE A 462 -59.27 -12.07 -12.95
N TYR A 463 -59.02 -13.37 -12.99
CA TYR A 463 -60.04 -14.38 -12.74
C TYR A 463 -59.73 -15.11 -11.46
N SER A 464 -60.77 -15.48 -10.72
CA SER A 464 -60.59 -16.36 -9.58
C SER A 464 -60.17 -17.74 -10.05
N SER A 465 -59.23 -18.33 -9.31
CA SER A 465 -58.61 -19.62 -9.65
C SER A 465 -58.01 -19.61 -11.06
N ALA A 466 -57.03 -18.72 -11.24
CA ALA A 466 -56.34 -18.57 -12.51
C ALA A 466 -54.85 -18.87 -12.40
N GLY A 467 -54.40 -19.41 -11.28
CA GLY A 467 -52.97 -19.61 -11.07
C GLY A 467 -52.37 -18.44 -10.32
N ASP A 468 -51.38 -18.71 -9.47
CA ASP A 468 -50.81 -17.67 -8.62
C ASP A 468 -50.01 -16.66 -9.43
N SER A 469 -49.39 -17.08 -10.52
CA SER A 469 -48.62 -16.16 -11.35
C SER A 469 -49.50 -15.18 -12.10
N HIS A 470 -50.76 -15.50 -12.32
CA HIS A 470 -51.71 -14.63 -13.00
C HIS A 470 -52.70 -13.99 -12.05
N GLN A 471 -52.52 -14.17 -10.74
CA GLN A 471 -53.42 -13.58 -9.76
C GLN A 471 -52.99 -12.15 -9.43
N PRO A 472 -53.93 -11.28 -9.07
CA PRO A 472 -53.56 -9.89 -8.73
C PRO A 472 -52.77 -9.81 -7.44
N TYR A 473 -51.82 -8.88 -7.41
CA TYR A 473 -51.01 -8.61 -6.24
C TYR A 473 -51.01 -7.13 -5.96
N ARG A 474 -51.25 -6.75 -4.71
CA ARG A 474 -51.17 -5.36 -4.30
C ARG A 474 -49.77 -5.06 -3.80
N VAL A 475 -49.17 -4.00 -4.33
CA VAL A 475 -47.78 -3.65 -4.05
C VAL A 475 -47.75 -2.29 -3.38
N VAL A 476 -47.04 -2.20 -2.25
CA VAL A 476 -46.79 -0.93 -1.57
C VAL A 476 -45.29 -0.72 -1.54
N VAL A 477 -44.83 0.38 -2.13
CA VAL A 477 -43.42 0.74 -2.17
C VAL A 477 -43.21 1.93 -1.26
N LEU A 478 -42.39 1.76 -0.23
CA LEU A 478 -42.01 2.83 0.68
C LEU A 478 -40.62 3.33 0.33
N SER A 479 -40.47 4.64 0.18
CA SER A 479 -39.19 5.26 -0.14
C SER A 479 -38.94 6.39 0.84
N PHE A 480 -37.68 6.53 1.27
CA PHE A 480 -37.33 7.55 2.25
C PHE A 480 -35.83 7.82 2.16
N GLU A 481 -35.40 8.84 2.90
CA GLU A 481 -34.00 9.16 3.11
C GLU A 481 -33.63 8.91 4.57
N LEU A 482 -32.34 8.69 4.82
CA LEU A 482 -31.88 8.23 6.11
C LEU A 482 -30.71 9.08 6.60
N LEU A 483 -30.85 9.65 7.80
CA LEU A 483 -29.75 10.20 8.59
C LEU A 483 -29.00 11.32 7.87
N ASN A 484 -29.73 12.16 7.13
CA ASN A 484 -29.11 13.28 6.45
C ASN A 484 -29.90 14.58 6.55
N ALA A 485 -31.10 14.57 7.08
CA ALA A 485 -32.00 15.72 7.03
C ALA A 485 -33.00 15.59 8.17
N PRO A 486 -33.70 16.69 8.53
CA PRO A 486 -34.77 16.57 9.52
C PRO A 486 -35.86 15.58 9.09
N ALA A 487 -36.37 14.85 10.06
CA ALA A 487 -37.32 13.77 9.82
C ALA A 487 -38.52 13.90 10.74
N THR A 488 -39.68 13.47 10.23
CA THR A 488 -40.92 13.49 11.01
C THR A 488 -41.56 12.11 11.16
N VAL A 489 -41.01 11.08 10.52
CA VAL A 489 -41.50 9.72 10.67
C VAL A 489 -40.41 8.92 11.37
N CYS A 490 -40.76 8.33 12.51
CA CYS A 490 -39.79 7.63 13.33
C CYS A 490 -40.39 6.32 13.83
N GLY A 491 -39.51 5.36 14.11
CA GLY A 491 -39.91 4.15 14.77
C GLY A 491 -40.12 4.39 16.26
N PRO A 492 -40.92 3.54 16.90
CA PRO A 492 -41.16 3.73 18.34
C PRO A 492 -40.05 3.11 19.16
N LYS A 493 -39.19 3.96 19.72
CA LYS A 493 -38.12 3.46 20.60
C LYS A 493 -38.29 3.97 22.03
N GLN A 494 -38.10 5.27 22.27
CA GLN A 494 -38.16 5.93 23.57
C GLN A 494 -37.83 7.41 23.39
N SER A 495 -37.88 8.17 24.48
CA SER A 495 -37.32 9.53 24.47
C SER A 495 -36.84 9.83 25.88
N THR A 496 -35.54 9.68 26.09
CA THR A 496 -34.93 9.96 27.38
C THR A 496 -34.59 11.44 27.48
N GLU A 497 -34.09 11.86 28.65
CA GLU A 497 -33.66 13.23 28.84
C GLU A 497 -32.24 13.43 28.29
N LEU A 498 -31.89 14.68 28.06
CA LEU A 498 -30.56 15.02 27.59
C LEU A 498 -29.56 14.94 28.74
N ILE A 499 -28.46 14.21 28.51
CA ILE A 499 -27.36 14.13 29.46
C ILE A 499 -26.17 14.85 28.84
N LYS A 500 -25.75 15.95 29.46
CA LYS A 500 -24.69 16.79 28.93
C LYS A 500 -23.43 16.64 29.77
N ASN A 501 -22.30 16.97 29.14
CA ASN A 501 -20.97 16.95 29.75
C ASN A 501 -20.63 15.57 30.31
N LYS A 502 -20.99 14.53 29.57
CA LYS A 502 -20.77 13.16 30.00
C LYS A 502 -20.74 12.26 28.77
N CYS A 503 -19.85 11.26 28.78
CA CYS A 503 -19.79 10.32 27.67
C CYS A 503 -20.97 9.36 27.75
N VAL A 504 -21.84 9.43 26.74
CA VAL A 504 -23.08 8.66 26.71
C VAL A 504 -23.22 8.01 25.34
N ASN A 505 -24.07 7.00 25.28
CA ASN A 505 -24.51 6.43 24.00
C ASN A 505 -25.71 7.23 23.52
N PHE A 506 -25.55 7.97 22.44
CA PHE A 506 -26.63 8.82 21.96
C PHE A 506 -27.36 8.17 20.79
N ASN A 507 -28.57 8.65 20.55
CA ASN A 507 -29.36 8.21 19.40
C ASN A 507 -30.23 9.39 19.00
N PHE A 508 -29.77 10.14 18.00
CA PHE A 508 -30.45 11.34 17.53
C PHE A 508 -31.05 11.06 16.16
N ASN A 509 -32.38 10.91 16.12
CA ASN A 509 -33.15 10.69 14.89
C ASN A 509 -32.66 9.44 14.15
N GLY A 510 -32.29 8.42 14.90
CA GLY A 510 -31.81 7.18 14.33
C GLY A 510 -30.31 7.07 14.20
N LEU A 511 -29.58 8.16 14.37
CA LEU A 511 -28.12 8.15 14.26
C LEU A 511 -27.53 7.84 15.63
N THR A 512 -26.93 6.66 15.76
CA THR A 512 -26.37 6.22 17.04
C THR A 512 -24.89 6.54 17.11
N GLY A 513 -24.34 6.40 18.31
CA GLY A 513 -22.94 6.66 18.55
C GLY A 513 -22.69 6.95 20.01
N THR A 514 -21.40 7.11 20.32
CA THR A 514 -20.96 7.44 21.67
C THR A 514 -20.20 8.75 21.65
N GLY A 515 -20.41 9.58 22.66
CA GLY A 515 -19.71 10.84 22.74
C GLY A 515 -20.22 11.67 23.90
N VAL A 516 -19.67 12.88 23.98
CA VAL A 516 -20.04 13.86 25.00
C VAL A 516 -20.83 14.97 24.33
N LEU A 517 -22.02 15.25 24.86
CA LEU A 517 -22.89 16.30 24.33
C LEU A 517 -22.70 17.57 25.14
N THR A 518 -22.46 18.68 24.44
CA THR A 518 -22.29 19.98 25.07
C THR A 518 -23.07 21.02 24.27
N ASP A 519 -23.40 22.12 24.94
CA ASP A 519 -24.09 23.22 24.26
C ASP A 519 -23.17 23.86 23.22
N SER A 520 -23.73 24.21 22.08
CA SER A 520 -22.96 24.63 20.92
C SER A 520 -23.32 26.06 20.53
N ASN A 521 -22.32 26.81 20.08
CA ASN A 521 -22.54 28.12 19.47
C ASN A 521 -22.64 28.00 17.96
N LYS A 522 -23.47 27.07 17.49
CA LYS A 522 -23.72 26.85 16.08
C LYS A 522 -25.18 27.11 15.78
N LYS A 523 -25.45 27.74 14.65
CA LYS A 523 -26.80 28.06 14.23
C LYS A 523 -27.14 27.25 12.99
N PHE A 524 -27.99 26.24 13.16
CA PHE A 524 -28.41 25.42 12.04
C PHE A 524 -29.50 26.15 11.26
N GLN A 525 -29.54 25.90 9.95
CA GLN A 525 -30.35 26.69 9.02
C GLN A 525 -31.72 26.07 8.74
N SER A 526 -32.24 25.26 9.66
CA SER A 526 -33.61 24.71 9.67
C SER A 526 -33.88 23.70 8.58
N PHE A 527 -32.94 23.47 7.66
CA PHE A 527 -32.94 22.30 6.81
C PHE A 527 -31.81 21.35 7.16
N GLN A 528 -31.08 21.66 8.22
CA GLN A 528 -29.91 20.89 8.63
C GLN A 528 -30.19 20.24 9.98
N GLN A 529 -29.88 18.95 10.07
CA GLN A 529 -30.03 18.20 11.32
C GLN A 529 -28.69 17.81 11.94
N PHE A 530 -27.67 17.58 11.11
CA PHE A 530 -26.37 17.13 11.59
C PHE A 530 -25.28 18.01 11.02
N GLY A 531 -24.18 18.12 11.76
CA GLY A 531 -23.03 18.88 11.31
C GLY A 531 -21.81 18.00 11.10
N ARG A 532 -20.88 18.45 10.25
CA ARG A 532 -19.69 17.67 9.90
C ARG A 532 -18.43 18.49 10.16
N ASP A 533 -17.37 17.79 10.53
CA ASP A 533 -16.05 18.38 10.74
C ASP A 533 -15.27 18.34 9.42
N VAL A 534 -13.95 18.49 9.47
CA VAL A 534 -13.16 18.37 8.25
C VAL A 534 -13.16 16.94 7.71
N SER A 535 -13.41 15.95 8.56
CA SER A 535 -13.75 14.60 8.11
C SER A 535 -15.26 14.54 7.94
N ASP A 536 -15.84 13.34 7.84
CA ASP A 536 -17.29 13.22 7.78
C ASP A 536 -17.89 12.88 9.13
N PHE A 537 -17.10 12.96 10.21
CA PHE A 537 -17.59 12.67 11.55
C PHE A 537 -18.67 13.67 11.96
N THR A 538 -19.76 13.16 12.53
CA THR A 538 -20.86 14.00 12.97
C THR A 538 -20.46 14.66 14.27
N ASP A 539 -20.00 15.90 14.19
CA ASP A 539 -19.50 16.62 15.35
C ASP A 539 -20.56 17.50 16.01
N SER A 540 -21.74 17.63 15.42
CA SER A 540 -22.81 18.40 16.02
C SER A 540 -24.16 17.86 15.54
N VAL A 541 -25.19 18.16 16.30
CA VAL A 541 -26.53 17.66 16.02
C VAL A 541 -27.55 18.67 16.55
N LYS A 542 -28.69 18.75 15.86
CA LYS A 542 -29.81 19.57 16.29
C LYS A 542 -30.79 18.66 17.04
N ASP A 543 -31.06 19.00 18.29
CA ASP A 543 -31.96 18.19 19.10
C ASP A 543 -33.38 18.31 18.58
N PRO A 544 -34.08 17.19 18.35
CA PRO A 544 -35.39 17.27 17.69
C PRO A 544 -36.51 17.78 18.57
N LYS A 545 -36.35 17.78 19.89
CA LYS A 545 -37.40 18.28 20.77
C LYS A 545 -37.24 19.77 21.06
N THR A 546 -36.12 20.15 21.65
CA THR A 546 -35.75 21.54 21.81
C THR A 546 -34.71 21.85 20.75
N LEU A 547 -35.08 22.69 19.78
CA LEU A 547 -34.27 22.85 18.57
C LEU A 547 -33.00 23.66 18.83
N GLU A 548 -32.13 23.14 19.68
CA GLU A 548 -30.83 23.73 19.97
C GLU A 548 -29.74 22.77 19.53
N VAL A 549 -28.63 23.34 19.08
CA VAL A 549 -27.54 22.54 18.53
C VAL A 549 -26.64 22.06 19.67
N LEU A 550 -26.32 20.77 19.65
CA LEU A 550 -25.42 20.17 20.63
C LEU A 550 -24.16 19.70 19.92
N ASP A 551 -23.00 20.02 20.49
CA ASP A 551 -21.74 19.53 19.97
C ASP A 551 -21.51 18.09 20.41
N ILE A 552 -20.92 17.28 19.54
CA ILE A 552 -20.58 15.90 19.84
C ILE A 552 -19.07 15.76 19.75
N THR A 553 -18.45 15.38 20.86
CA THR A 553 -17.01 15.14 20.93
C THR A 553 -16.76 13.74 21.46
N PRO A 554 -15.70 13.07 21.00
CA PRO A 554 -15.35 11.77 21.58
C PRO A 554 -14.92 11.90 23.03
N CYS A 555 -15.27 10.89 23.82
CA CYS A 555 -14.92 10.86 25.22
C CYS A 555 -13.58 10.20 25.48
N SER A 556 -12.93 9.66 24.46
CA SER A 556 -11.63 9.02 24.59
C SER A 556 -10.56 9.91 23.97
N TYR A 557 -9.53 10.24 24.75
CA TYR A 557 -8.58 11.28 24.39
C TYR A 557 -7.39 11.21 25.34
N GLY A 558 -6.21 11.53 24.81
CA GLY A 558 -5.02 11.68 25.62
C GLY A 558 -4.04 10.53 25.53
N GLY A 559 -2.77 10.84 25.27
CA GLY A 559 -1.75 9.80 25.15
C GLY A 559 -1.34 9.26 26.51
N VAL A 560 -1.10 7.94 26.55
CA VAL A 560 -0.73 7.22 27.76
C VAL A 560 0.51 6.39 27.47
N SER A 561 1.51 6.49 28.34
CA SER A 561 2.75 5.72 28.22
C SER A 561 3.03 4.99 29.52
N VAL A 562 3.70 3.85 29.41
CA VAL A 562 4.05 3.01 30.55
C VAL A 562 5.56 3.02 30.73
N ILE A 563 6.00 3.32 31.94
CA ILE A 563 7.41 3.26 32.31
C ILE A 563 7.61 2.05 33.20
N THR A 564 8.44 1.12 32.77
CA THR A 564 8.71 -0.07 33.53
C THR A 564 10.20 -0.40 33.48
N PRO A 565 10.74 -0.98 34.53
CA PRO A 565 11.97 -1.76 34.41
C PRO A 565 11.64 -3.11 33.79
N GLY A 566 12.65 -3.96 33.70
CA GLY A 566 12.43 -5.26 33.08
C GLY A 566 11.51 -6.14 33.91
N THR A 567 10.78 -7.00 33.20
CA THR A 567 10.16 -8.15 33.86
C THR A 567 11.27 -9.05 34.37
N ASN A 568 11.07 -9.63 35.57
CA ASN A 568 12.06 -10.29 36.42
C ASN A 568 13.08 -9.30 36.97
N ALA A 569 12.77 -8.01 36.94
CA ALA A 569 13.42 -7.01 37.78
C ALA A 569 12.45 -6.35 38.74
N SER A 570 11.24 -6.03 38.27
CA SER A 570 10.18 -5.50 39.12
C SER A 570 8.85 -5.70 38.41
N THR A 571 7.77 -5.56 39.19
CA THR A 571 6.42 -5.58 38.65
C THR A 571 5.73 -4.22 38.72
N GLN A 572 6.26 -3.28 39.49
CA GLN A 572 5.67 -1.95 39.57
C GLN A 572 6.04 -1.14 38.34
N VAL A 573 5.12 -0.25 37.94
CA VAL A 573 5.28 0.56 36.75
C VAL A 573 4.97 2.01 37.09
N ALA A 574 5.36 2.90 36.20
CA ALA A 574 4.98 4.31 36.25
C ALA A 574 4.25 4.65 34.96
N VAL A 575 3.15 5.40 35.08
CA VAL A 575 2.30 5.72 33.93
C VAL A 575 2.42 7.22 33.66
N LEU A 576 2.67 7.56 32.40
CA LEU A 576 2.78 8.95 31.96
C LEU A 576 1.54 9.29 31.14
N TYR A 577 0.74 10.22 31.64
CA TYR A 577 -0.44 10.71 30.94
C TYR A 577 -0.06 12.04 30.30
N GLN A 578 0.14 12.02 28.97
CA GLN A 578 0.71 13.16 28.28
C GLN A 578 -0.20 14.39 28.32
N ASP A 579 -1.51 14.18 28.37
CA ASP A 579 -2.47 15.27 28.27
C ASP A 579 -3.27 15.45 29.56
N VAL A 580 -2.60 15.28 30.70
CA VAL A 580 -3.21 15.51 32.01
C VAL A 580 -2.31 16.49 32.76
N ASN A 581 -2.91 17.58 33.24
CA ASN A 581 -2.19 18.55 34.07
C ASN A 581 -2.57 18.28 35.52
N CYS A 582 -1.71 17.56 36.23
CA CYS A 582 -1.96 17.16 37.61
C CYS A 582 -1.12 17.97 38.60
N THR A 583 -0.86 19.24 38.29
CA THR A 583 -0.08 20.08 39.20
C THR A 583 -0.87 20.53 40.42
N ASP A 584 -2.19 20.37 40.40
CA ASP A 584 -3.16 20.77 41.45
C ASP A 584 -2.84 22.06 42.22
N TRP A 598 -9.09 13.26 37.93
CA TRP A 598 -8.34 13.38 36.68
C TRP A 598 -8.72 12.27 35.70
N ARG A 599 -8.22 12.38 34.48
CA ARG A 599 -8.41 11.32 33.48
C ARG A 599 -7.23 10.36 33.54
N VAL A 600 -7.13 9.66 34.67
CA VAL A 600 -6.06 8.72 34.92
C VAL A 600 -6.66 7.38 35.34
N TYR A 601 -5.87 6.32 35.16
CA TYR A 601 -6.32 4.99 35.58
C TYR A 601 -6.28 4.85 37.10
N SER A 602 -5.21 5.32 37.73
CA SER A 602 -5.06 5.23 39.17
C SER A 602 -4.41 6.51 39.68
N THR A 603 -4.84 6.96 40.86
CA THR A 603 -4.32 8.20 41.42
C THR A 603 -2.95 8.03 42.07
N GLY A 604 -2.57 6.81 42.43
CA GLY A 604 -1.25 6.52 42.98
C GLY A 604 -0.97 7.28 44.26
N THR A 605 0.33 7.51 44.50
CA THR A 605 0.79 8.36 45.59
C THR A 605 1.78 9.43 45.16
N ASN A 606 2.50 9.23 44.05
CA ASN A 606 3.44 10.21 43.52
C ASN A 606 2.82 10.85 42.29
N MET A 607 2.67 12.17 42.32
CA MET A 607 2.18 12.92 41.17
C MET A 607 3.02 14.19 41.04
N PHE A 608 3.54 14.43 39.84
CA PHE A 608 4.15 15.71 39.51
C PHE A 608 4.14 15.88 38.01
N GLN A 609 4.03 17.12 37.56
CA GLN A 609 4.01 17.44 36.14
C GLN A 609 5.43 17.54 35.61
N THR A 610 5.64 17.00 34.41
CA THR A 610 6.97 16.84 33.84
C THR A 610 7.21 17.64 32.57
N GLN A 611 6.21 18.38 32.08
CA GLN A 611 6.12 19.06 30.78
C GLN A 611 6.01 18.07 29.62
N ALA A 612 6.12 16.77 29.86
CA ALA A 612 5.73 15.74 28.92
C ALA A 612 4.43 15.07 29.33
N GLY A 613 3.80 15.56 30.39
CA GLY A 613 2.56 15.03 30.90
C GLY A 613 2.66 14.73 32.38
N CYS A 614 1.54 14.24 32.92
CA CYS A 614 1.48 13.87 34.32
C CYS A 614 2.12 12.51 34.53
N LEU A 615 3.03 12.43 35.49
CA LEU A 615 3.74 11.20 35.81
C LEU A 615 3.23 10.67 37.14
N ILE A 616 2.75 9.43 37.13
CA ILE A 616 2.20 8.76 38.31
C ILE A 616 2.96 7.46 38.52
N GLY A 617 3.49 7.27 39.72
CA GLY A 617 4.20 6.07 40.08
C GLY A 617 5.70 6.21 40.18
N ALA A 618 6.24 7.40 39.95
CA ALA A 618 7.67 7.65 40.08
C ALA A 618 7.87 8.88 40.94
N GLU A 619 8.74 8.79 41.94
CA GLU A 619 9.00 9.90 42.84
C GLU A 619 10.13 10.76 42.31
N HIS A 620 9.97 12.08 42.42
CA HIS A 620 10.96 13.01 41.94
C HIS A 620 12.17 13.04 42.87
N VAL A 621 13.36 13.02 42.27
CA VAL A 621 14.61 13.15 43.02
C VAL A 621 15.38 14.34 42.45
N ASN A 622 16.13 15.01 43.33
CA ASN A 622 16.88 16.19 42.94
C ASN A 622 18.21 15.86 42.26
N ASN A 623 18.63 14.60 42.30
CA ASN A 623 19.87 14.22 41.63
C ASN A 623 19.68 14.24 40.11
N SER A 624 20.81 14.33 39.41
CA SER A 624 20.81 14.33 37.95
C SER A 624 21.81 13.28 37.47
N TYR A 625 21.32 12.11 37.10
CA TYR A 625 22.13 11.05 36.54
C TYR A 625 22.07 11.11 35.02
N ASP A 626 22.75 10.16 34.38
CA ASP A 626 22.57 9.94 32.97
C ASP A 626 21.20 9.30 32.72
N CYS A 627 20.73 9.42 31.47
CA CYS A 627 19.41 8.91 31.13
C CYS A 627 19.43 7.39 31.08
N ASP A 628 18.43 6.77 31.72
CA ASP A 628 18.22 5.33 31.66
C ASP A 628 16.97 4.98 30.88
N ILE A 629 15.82 5.53 31.28
CA ILE A 629 14.59 5.41 30.52
C ILE A 629 14.15 6.81 30.13
N PRO A 630 14.18 7.18 28.85
CA PRO A 630 13.80 8.53 28.45
C PRO A 630 12.29 8.74 28.56
N ILE A 631 11.90 9.74 29.34
CA ILE A 631 10.49 10.12 29.44
C ILE A 631 10.14 11.19 28.41
N GLY A 632 11.02 12.18 28.25
CA GLY A 632 10.76 13.31 27.37
C GLY A 632 10.84 14.62 28.12
N ALA A 633 11.13 15.70 27.40
CA ALA A 633 11.23 17.05 27.93
C ALA A 633 12.26 17.14 29.06
N GLY A 634 13.39 16.46 28.90
CA GLY A 634 14.47 16.54 29.86
C GLY A 634 14.36 15.62 31.05
N ILE A 635 13.31 14.81 31.13
CA ILE A 635 13.06 13.94 32.27
C ILE A 635 13.42 12.51 31.87
N CYS A 636 14.14 11.81 32.75
CA CYS A 636 14.43 10.41 32.59
C CYS A 636 14.03 9.66 33.85
N ALA A 637 13.98 8.33 33.75
CA ALA A 637 13.61 7.48 34.87
C ALA A 637 14.56 6.30 34.96
N THR A 638 14.67 5.75 36.17
CA THR A 638 15.50 4.58 36.40
C THR A 638 14.97 3.83 37.62
N TYR A 639 15.39 2.58 37.74
CA TYR A 639 15.06 1.75 38.90
C TYR A 639 16.23 1.84 39.87
N HIS A 640 16.02 2.58 40.95
CA HIS A 640 17.12 2.97 41.83
C HIS A 640 16.70 2.79 43.29
N THR A 641 17.69 2.47 44.13
CA THR A 641 17.46 2.27 45.56
C THR A 641 17.17 3.59 46.26
N ASN A 651 15.51 0.11 49.51
CA ASN A 651 14.46 -0.58 48.77
C ASN A 651 14.23 0.04 47.39
N LYS A 652 14.18 -0.81 46.38
CA LYS A 652 14.15 -0.37 45.00
C LYS A 652 12.81 0.25 44.64
N ARG A 653 12.86 1.29 43.80
CA ARG A 653 11.68 2.03 43.37
C ARG A 653 12.00 2.74 42.07
N ILE A 654 10.96 3.18 41.37
CA ILE A 654 11.11 3.97 40.16
C ILE A 654 11.21 5.44 40.56
N VAL A 655 12.28 6.10 40.13
CA VAL A 655 12.52 7.50 40.41
C VAL A 655 12.61 8.25 39.10
N ALA A 656 12.13 9.50 39.10
CA ALA A 656 12.20 10.36 37.93
C ALA A 656 13.09 11.56 38.25
N TYR A 657 13.89 11.97 37.27
CA TYR A 657 14.90 12.98 37.50
C TYR A 657 15.13 13.77 36.22
N VAL A 658 15.70 14.96 36.38
CA VAL A 658 16.17 15.74 35.24
C VAL A 658 17.48 15.14 34.76
N MET A 659 17.59 14.90 33.45
CA MET A 659 18.80 14.32 32.88
C MET A 659 19.97 15.29 33.00
N SER A 660 21.17 14.73 33.15
CA SER A 660 22.37 15.54 33.26
C SER A 660 23.04 15.62 31.89
N LEU A 661 23.39 16.85 31.47
CA LEU A 661 23.99 17.04 30.17
C LEU A 661 25.46 16.63 30.14
N GLY A 662 26.11 16.55 31.28
CA GLY A 662 27.50 16.16 31.32
C GLY A 662 28.17 16.71 32.56
N ALA A 663 29.47 16.50 32.63
CA ALA A 663 30.25 16.95 33.79
C ALA A 663 30.41 18.46 33.75
N GLU A 664 30.21 19.10 34.90
CA GLU A 664 30.41 20.54 35.00
C GLU A 664 31.90 20.85 34.94
N ASN A 665 32.28 21.81 34.11
CA ASN A 665 33.67 22.14 33.89
C ASN A 665 33.82 23.64 33.70
N SER A 666 35.05 24.12 33.84
CA SER A 666 35.35 25.53 33.63
C SER A 666 36.80 25.65 33.18
N VAL A 667 37.04 26.58 32.26
CA VAL A 667 38.38 26.84 31.74
C VAL A 667 38.82 28.20 32.28
N ALA A 668 39.97 28.22 32.96
CA ALA A 668 40.51 29.46 33.52
C ALA A 668 41.14 30.24 32.37
N TYR A 669 40.33 31.07 31.71
CA TYR A 669 40.80 31.86 30.60
C TYR A 669 41.68 33.00 31.08
N SER A 670 42.83 33.17 30.43
CA SER A 670 43.72 34.29 30.70
C SER A 670 44.29 34.77 29.38
N ASN A 671 44.62 36.07 29.33
CA ASN A 671 45.16 36.66 28.12
C ASN A 671 46.67 36.53 28.03
N ASN A 672 47.33 35.93 29.02
CA ASN A 672 48.77 35.74 28.96
C ASN A 672 49.20 34.37 29.49
N THR A 673 48.28 33.41 29.58
CA THR A 673 48.60 32.08 30.07
C THR A 673 48.15 31.04 29.05
N ILE A 674 48.99 30.03 28.83
CA ILE A 674 48.70 28.94 27.92
C ILE A 674 48.95 27.63 28.65
N ALA A 675 48.29 26.58 28.18
CA ALA A 675 48.46 25.23 28.71
C ALA A 675 49.11 24.37 27.63
N ILE A 676 50.26 23.78 27.98
CA ILE A 676 51.01 22.94 27.06
C ILE A 676 51.07 21.54 27.65
N PRO A 677 50.67 20.51 26.90
CA PRO A 677 50.79 19.14 27.43
C PRO A 677 52.24 18.72 27.58
N THR A 678 52.49 17.91 28.61
CA THR A 678 53.81 17.36 28.86
C THR A 678 53.89 15.86 28.63
N ASN A 679 52.76 15.19 28.40
CA ASN A 679 52.72 13.76 28.17
C ASN A 679 51.65 13.49 27.11
N PHE A 680 51.38 12.21 26.87
CA PHE A 680 50.38 11.83 25.89
C PHE A 680 49.86 10.43 26.20
N THR A 681 48.73 10.10 25.58
CA THR A 681 48.14 8.77 25.69
C THR A 681 47.87 8.26 24.29
N ILE A 682 48.32 7.05 24.00
CA ILE A 682 48.00 6.36 22.76
C ILE A 682 46.69 5.61 22.98
N SER A 683 45.63 6.06 22.34
CA SER A 683 44.29 5.53 22.56
C SER A 683 43.83 4.76 21.33
N VAL A 684 43.32 3.55 21.56
CA VAL A 684 42.71 2.74 20.51
C VAL A 684 41.25 2.55 20.87
N THR A 685 40.35 2.99 19.99
CA THR A 685 38.92 2.90 20.21
C THR A 685 38.26 2.22 19.03
N THR A 686 37.13 1.58 19.29
CA THR A 686 36.41 0.85 18.26
C THR A 686 35.32 1.72 17.65
N GLU A 687 35.02 1.46 16.38
CA GLU A 687 33.89 2.08 15.70
C GLU A 687 33.20 1.02 14.87
N VAL A 688 31.95 0.72 15.20
CA VAL A 688 31.19 -0.36 14.58
C VAL A 688 30.29 0.24 13.52
N MET A 689 30.45 -0.20 12.28
CA MET A 689 29.70 0.32 11.14
C MET A 689 29.03 -0.86 10.43
N PRO A 690 27.70 -0.85 10.29
CA PRO A 690 27.06 -1.85 9.42
C PRO A 690 27.42 -1.60 7.96
N VAL A 691 27.59 -2.69 7.22
CA VAL A 691 27.99 -2.64 5.82
C VAL A 691 26.93 -3.25 4.91
N SER A 692 26.45 -4.45 5.26
CA SER A 692 25.45 -5.13 4.47
C SER A 692 24.40 -5.74 5.39
N MET A 693 23.22 -5.97 4.85
CA MET A 693 22.16 -6.70 5.54
C MET A 693 21.87 -7.97 4.76
N THR A 694 20.95 -8.78 5.29
CA THR A 694 20.67 -10.08 4.71
C THR A 694 19.95 -9.94 3.37
N LYS A 695 20.40 -10.70 2.39
CA LYS A 695 19.75 -10.73 1.09
C LYS A 695 18.60 -11.72 1.12
N THR A 696 17.43 -11.26 0.70
CA THR A 696 16.22 -12.08 0.77
C THR A 696 15.56 -12.17 -0.61
N SER A 697 14.88 -13.27 -0.84
CA SER A 697 14.08 -13.48 -2.03
C SER A 697 12.73 -14.04 -1.62
N VAL A 698 11.69 -13.69 -2.36
CA VAL A 698 10.32 -14.05 -2.02
C VAL A 698 9.70 -14.79 -3.20
N ASP A 699 9.18 -15.98 -2.94
CA ASP A 699 8.34 -16.69 -3.89
C ASP A 699 6.90 -16.25 -3.64
N CYS A 700 6.36 -15.45 -4.55
CA CYS A 700 5.01 -14.89 -4.39
C CYS A 700 3.95 -15.97 -4.37
N THR A 701 4.03 -16.93 -5.30
CA THR A 701 3.05 -17.99 -5.38
C THR A 701 3.10 -18.91 -4.17
N MET A 702 4.24 -18.96 -3.48
CA MET A 702 4.35 -19.75 -2.26
C MET A 702 3.81 -19.00 -1.04
N TYR A 703 3.96 -17.68 -1.01
CA TYR A 703 3.49 -16.91 0.13
C TYR A 703 1.99 -16.68 0.07
N ILE A 704 1.50 -16.20 -1.08
CA ILE A 704 0.09 -15.85 -1.20
C ILE A 704 -0.79 -17.08 -1.20
N CYS A 705 -0.37 -18.13 -1.91
CA CYS A 705 -1.09 -19.40 -1.95
C CYS A 705 -0.22 -20.48 -1.32
N GLY A 706 -0.82 -21.37 -0.55
CA GLY A 706 -0.03 -22.45 0.03
C GLY A 706 0.40 -23.45 -1.02
N ASP A 707 -0.56 -24.24 -1.51
CA ASP A 707 -0.31 -25.07 -2.68
C ASP A 707 -1.53 -25.13 -3.60
N SER A 708 -2.50 -24.25 -3.41
CA SER A 708 -3.75 -24.32 -4.16
C SER A 708 -3.54 -23.89 -5.60
N VAL A 709 -4.02 -24.71 -6.54
CA VAL A 709 -3.96 -24.33 -7.94
C VAL A 709 -5.05 -23.34 -8.31
N GLU A 710 -6.11 -23.24 -7.52
CA GLU A 710 -7.15 -22.24 -7.76
C GLU A 710 -6.69 -20.85 -7.33
N CYS A 711 -5.94 -20.76 -6.24
CA CYS A 711 -5.35 -19.48 -5.86
C CYS A 711 -4.27 -19.05 -6.84
N SER A 712 -3.48 -20.01 -7.32
CA SER A 712 -2.43 -19.70 -8.30
C SER A 712 -3.00 -19.23 -9.62
N THR A 713 -4.14 -19.80 -10.04
CA THR A 713 -4.81 -19.33 -11.24
C THR A 713 -5.31 -17.90 -11.08
N LEU A 714 -5.88 -17.59 -9.91
CA LEU A 714 -6.37 -16.24 -9.65
C LEU A 714 -5.23 -15.24 -9.44
N LEU A 715 -4.03 -15.72 -9.12
CA LEU A 715 -2.89 -14.84 -8.91
C LEU A 715 -2.26 -14.36 -10.21
N LEU A 716 -2.68 -14.90 -11.36
CA LEU A 716 -2.05 -14.57 -12.62
C LEU A 716 -2.33 -13.14 -13.08
N GLN A 717 -3.35 -12.49 -12.52
CA GLN A 717 -3.58 -11.08 -12.81
C GLN A 717 -2.72 -10.15 -11.95
N TYR A 718 -1.95 -10.71 -11.00
CA TYR A 718 -1.10 -9.92 -10.12
C TYR A 718 0.38 -10.21 -10.34
N GLY A 719 0.74 -10.80 -11.48
CA GLY A 719 2.12 -11.21 -11.69
C GLY A 719 3.09 -10.07 -11.89
N SER A 720 2.61 -8.95 -12.45
CA SER A 720 3.47 -7.80 -12.65
C SER A 720 3.93 -7.20 -11.32
N PHE A 721 3.04 -7.17 -10.34
CA PHE A 721 3.39 -6.66 -9.01
C PHE A 721 4.44 -7.54 -8.35
N CYS A 722 4.34 -8.86 -8.52
CA CYS A 722 5.31 -9.75 -7.92
C CYS A 722 6.65 -9.70 -8.64
N THR A 723 6.63 -9.50 -9.96
CA THR A 723 7.87 -9.24 -10.68
C THR A 723 8.53 -7.95 -10.20
N GLN A 724 7.71 -6.93 -9.91
CA GLN A 724 8.22 -5.68 -9.35
C GLN A 724 8.85 -5.90 -7.98
N LEU A 725 8.19 -6.67 -7.12
CA LEU A 725 8.70 -6.94 -5.77
C LEU A 725 10.03 -7.69 -5.83
N ASN A 726 10.10 -8.72 -6.67
CA ASN A 726 11.33 -9.48 -6.80
C ASN A 726 12.44 -8.67 -7.46
N ARG A 727 12.09 -7.76 -8.37
CA ARG A 727 13.08 -6.86 -8.95
C ARG A 727 13.69 -5.95 -7.88
N ALA A 728 12.85 -5.39 -7.01
CA ALA A 728 13.35 -4.55 -5.92
C ALA A 728 14.23 -5.34 -4.96
N LEU A 729 13.81 -6.57 -4.62
CA LEU A 729 14.60 -7.38 -3.70
C LEU A 729 15.94 -7.80 -4.31
N THR A 730 15.94 -8.10 -5.62
CA THR A 730 17.18 -8.44 -6.31
C THR A 730 18.12 -7.24 -6.36
N GLY A 731 17.58 -6.05 -6.59
CA GLY A 731 18.40 -4.84 -6.52
C GLY A 731 19.01 -4.63 -5.15
N ILE A 732 18.22 -4.91 -4.10
CA ILE A 732 18.72 -4.80 -2.73
C ILE A 732 19.87 -5.79 -2.49
N ALA A 733 19.72 -7.04 -2.96
CA ALA A 733 20.76 -8.05 -2.75
C ALA A 733 22.04 -7.70 -3.49
N VAL A 734 21.92 -7.25 -4.75
CA VAL A 734 23.08 -6.83 -5.53
C VAL A 734 23.75 -5.64 -4.88
N GLU A 735 22.96 -4.72 -4.31
CA GLU A 735 23.52 -3.59 -3.59
C GLU A 735 24.25 -4.03 -2.32
N GLN A 736 23.78 -5.06 -1.64
CA GLN A 736 24.48 -5.56 -0.46
C GLN A 736 25.86 -6.12 -0.83
N ASP A 737 25.91 -6.91 -1.91
CA ASP A 737 27.20 -7.42 -2.38
C ASP A 737 28.11 -6.28 -2.83
N LYS A 738 27.56 -5.27 -3.48
CA LYS A 738 28.34 -4.10 -3.90
C LYS A 738 28.85 -3.32 -2.70
N ASN A 739 28.05 -3.24 -1.63
CA ASN A 739 28.49 -2.56 -0.40
C ASN A 739 29.68 -3.26 0.22
N THR A 740 29.61 -4.60 0.30
CA THR A 740 30.75 -5.35 0.85
C THR A 740 31.99 -5.19 -0.03
N GLN A 741 31.81 -5.22 -1.35
CA GLN A 741 32.94 -5.03 -2.26
C GLN A 741 33.54 -3.64 -2.14
N GLU A 742 32.70 -2.62 -2.00
CA GLU A 742 33.21 -1.24 -1.92
C GLU A 742 33.89 -0.97 -0.58
N VAL A 743 33.46 -1.62 0.49
CA VAL A 743 34.11 -1.41 1.78
C VAL A 743 35.44 -2.17 1.83
N PHE A 744 35.42 -3.47 1.53
CA PHE A 744 36.58 -4.30 1.83
C PHE A 744 37.53 -4.51 0.68
N ALA A 745 37.06 -4.55 -0.56
CA ALA A 745 37.94 -4.81 -1.70
C ALA A 745 38.44 -3.51 -2.34
N GLN A 746 39.00 -2.62 -1.51
CA GLN A 746 39.52 -1.36 -2.03
C GLN A 746 40.85 -1.56 -2.74
N VAL A 747 41.74 -2.38 -2.18
CA VAL A 747 43.02 -2.71 -2.80
C VAL A 747 42.95 -4.16 -3.28
N LYS A 748 43.44 -4.39 -4.50
CA LYS A 748 43.39 -5.71 -5.12
C LYS A 748 44.72 -6.42 -5.06
N GLN A 749 45.66 -5.94 -4.25
CA GLN A 749 46.92 -6.63 -3.99
C GLN A 749 46.80 -7.27 -2.62
N ILE A 750 46.74 -8.60 -2.60
CA ILE A 750 46.62 -9.33 -1.34
C ILE A 750 48.02 -9.51 -0.76
N TYR A 751 48.42 -8.57 0.09
CA TYR A 751 49.75 -8.63 0.70
C TYR A 751 49.80 -9.75 1.73
N LYS A 752 50.85 -10.56 1.65
CA LYS A 752 51.00 -11.70 2.55
C LYS A 752 51.28 -11.25 3.97
N THR A 753 50.72 -11.96 4.93
CA THR A 753 50.98 -11.68 6.33
C THR A 753 52.41 -12.06 6.67
N PRO A 754 53.20 -11.16 7.25
CA PRO A 754 54.58 -11.49 7.60
C PRO A 754 54.63 -12.47 8.77
N ASP A 755 55.76 -13.18 8.85
CA ASP A 755 55.94 -14.18 9.90
C ASP A 755 56.04 -13.54 11.28
N ILE A 756 56.70 -12.40 11.37
CA ILE A 756 56.86 -11.69 12.64
C ILE A 756 55.79 -10.63 12.76
N LYS A 757 55.09 -10.63 13.90
CA LYS A 757 54.05 -9.66 14.19
C LYS A 757 54.57 -8.45 14.97
N ASP A 758 55.87 -8.39 15.23
CA ASP A 758 56.48 -7.28 15.94
C ASP A 758 57.15 -6.35 14.95
N PHE A 759 56.84 -5.06 15.05
CA PHE A 759 57.31 -4.05 14.10
C PHE A 759 57.99 -2.91 14.84
N GLY A 760 58.92 -3.25 15.72
CA GLY A 760 59.61 -2.25 16.51
C GLY A 760 58.96 -2.05 17.86
N GLY A 761 58.52 -3.16 18.46
CA GLY A 761 57.80 -3.13 19.72
C GLY A 761 56.30 -3.06 19.57
N PHE A 762 55.79 -2.74 18.39
CA PHE A 762 54.35 -2.68 18.15
C PHE A 762 53.87 -4.08 17.81
N ASN A 763 53.03 -4.64 18.67
CA ASN A 763 52.58 -6.03 18.54
C ASN A 763 51.30 -6.07 17.72
N PHE A 764 51.38 -6.67 16.53
CA PHE A 764 50.26 -6.75 15.61
C PHE A 764 49.59 -8.11 15.62
N SER A 765 49.91 -8.97 16.59
CA SER A 765 49.45 -10.36 16.54
C SER A 765 47.95 -10.48 16.80
N GLN A 766 47.37 -9.55 17.56
CA GLN A 766 45.96 -9.65 17.88
C GLN A 766 45.06 -9.25 16.73
N ILE A 767 45.55 -8.39 15.83
CA ILE A 767 44.76 -7.92 14.70
C ILE A 767 45.15 -8.60 13.40
N LEU A 768 46.11 -9.52 13.45
CA LEU A 768 46.52 -10.31 12.29
C LEU A 768 46.23 -11.78 12.56
N PRO A 769 45.99 -12.57 11.51
CA PRO A 769 45.71 -14.00 11.72
C PRO A 769 46.91 -14.74 12.28
N ASP A 770 46.62 -15.74 13.11
CA ASP A 770 47.64 -16.58 13.71
C ASP A 770 47.83 -17.83 12.86
N PRO A 771 49.03 -18.06 12.29
CA PRO A 771 49.22 -19.26 11.45
C PRO A 771 49.15 -20.56 12.22
N SER A 772 49.27 -20.55 13.54
CA SER A 772 49.23 -21.76 14.34
C SER A 772 47.81 -22.12 14.81
N LYS A 773 46.80 -21.39 14.36
CA LYS A 773 45.43 -21.67 14.75
C LYS A 773 44.61 -22.11 13.53
N PRO A 774 43.59 -22.97 13.74
CA PRO A 774 42.75 -23.39 12.61
C PRO A 774 41.95 -22.26 11.99
N SER A 775 41.68 -21.19 12.72
CA SER A 775 40.90 -20.08 12.19
C SER A 775 41.79 -19.15 11.38
N LYS A 776 41.29 -18.74 10.21
CA LYS A 776 41.99 -17.82 9.34
C LYS A 776 41.79 -16.36 9.74
N ARG A 777 40.97 -16.09 10.76
CA ARG A 777 40.73 -14.76 11.25
C ARG A 777 41.70 -14.42 12.37
N SER A 778 41.70 -13.14 12.76
CA SER A 778 42.48 -12.72 13.92
C SER A 778 41.72 -13.01 15.20
N PHE A 779 42.40 -12.79 16.33
CA PHE A 779 41.78 -13.01 17.63
C PHE A 779 40.62 -12.05 17.87
N ILE A 780 40.82 -10.77 17.53
CA ILE A 780 39.77 -9.77 17.70
C ILE A 780 38.62 -10.04 16.74
N GLU A 781 38.93 -10.48 15.52
CA GLU A 781 37.88 -10.84 14.57
C GLU A 781 37.09 -12.05 15.05
N ASP A 782 37.76 -13.02 15.67
CA ASP A 782 37.05 -14.15 16.26
C ASP A 782 36.13 -13.72 17.39
N LEU A 783 36.60 -12.79 18.23
CA LEU A 783 35.75 -12.25 19.29
C LEU A 783 34.53 -11.52 18.73
N LEU A 784 34.74 -10.72 17.68
CA LEU A 784 33.64 -10.01 17.05
C LEU A 784 32.63 -10.95 16.42
N PHE A 785 33.11 -12.02 15.79
CA PHE A 785 32.19 -12.97 15.18
C PHE A 785 31.46 -13.81 16.22
N ASN A 786 32.08 -14.03 17.39
CA ASN A 786 31.38 -14.70 18.48
C ASN A 786 30.40 -13.77 19.19
N LYS A 787 30.58 -12.45 19.08
CA LYS A 787 29.73 -11.53 19.82
C LYS A 787 28.40 -11.23 19.13
N VAL A 788 28.18 -11.71 17.91
CA VAL A 788 26.92 -11.51 17.20
C VAL A 788 26.30 -12.87 16.92
N THR A 789 25.07 -13.07 17.40
CA THR A 789 24.36 -14.33 17.23
C THR A 789 23.50 -14.25 15.97
N LEU A 790 23.91 -14.97 14.93
CA LEU A 790 23.16 -15.01 13.69
C LEU A 790 21.95 -15.93 13.82
N ALA A 791 21.01 -15.80 12.88
CA ALA A 791 19.80 -16.61 12.91
C ALA A 791 20.09 -18.06 12.57
N ASP A 792 20.97 -18.30 11.59
CA ASP A 792 21.31 -19.65 11.19
C ASP A 792 22.76 -19.74 10.72
N VAL A 796 21.95 -23.48 3.64
CA VAL A 796 21.51 -24.77 3.13
C VAL A 796 20.80 -25.56 4.22
N LYS A 797 19.47 -25.58 4.17
CA LYS A 797 18.65 -26.33 5.12
C LYS A 797 17.80 -27.32 4.32
N GLN A 798 18.09 -28.60 4.48
CA GLN A 798 17.44 -29.64 3.67
C GLN A 798 15.97 -29.79 4.04
N TYR A 799 15.21 -30.38 3.10
CA TYR A 799 13.80 -30.64 3.34
C TYR A 799 13.60 -31.64 4.46
N GLY A 800 14.45 -32.66 4.53
CA GLY A 800 14.36 -33.63 5.60
C GLY A 800 14.68 -33.08 6.97
N ASP A 801 15.48 -32.00 7.04
CA ASP A 801 15.75 -31.36 8.32
C ASP A 801 14.51 -30.68 8.88
N CYS A 802 13.75 -29.98 8.03
CA CYS A 802 12.51 -29.38 8.47
C CYS A 802 11.43 -30.42 8.68
N LEU A 803 11.44 -31.50 7.88
CA LEU A 803 10.43 -32.54 8.01
C LEU A 803 10.67 -33.41 9.25
N GLY A 804 11.93 -33.60 9.64
CA GLY A 804 12.26 -34.40 10.79
C GLY A 804 12.31 -33.66 12.11
N ASP A 805 12.09 -32.35 12.11
CA ASP A 805 12.16 -31.53 13.31
C ASP A 805 10.96 -30.60 13.40
N ILE A 806 9.77 -31.16 13.20
CA ILE A 806 8.54 -30.37 13.25
C ILE A 806 8.26 -29.88 14.66
N GLN A 807 8.57 -30.70 15.68
CA GLN A 807 8.32 -30.34 17.06
C GLN A 807 9.18 -29.18 17.54
N ALA A 808 10.29 -28.90 16.86
CA ALA A 808 11.13 -27.77 17.25
C ALA A 808 10.48 -26.44 16.91
N ARG A 809 9.62 -26.41 15.89
CA ARG A 809 8.95 -25.20 15.39
C ARG A 809 9.97 -24.13 15.01
N ASP A 810 10.91 -24.52 14.16
CA ASP A 810 11.97 -23.62 13.73
C ASP A 810 11.41 -22.48 12.89
N LEU A 811 11.90 -21.26 13.16
CA LEU A 811 11.41 -20.09 12.45
C LEU A 811 11.86 -20.07 10.99
N ILE A 812 13.06 -20.59 10.72
CA ILE A 812 13.57 -20.62 9.35
C ILE A 812 12.75 -21.57 8.49
N CYS A 813 12.33 -22.71 9.07
CA CYS A 813 11.45 -23.63 8.34
C CYS A 813 10.12 -22.98 8.01
N ALA A 814 9.56 -22.21 8.95
CA ALA A 814 8.30 -21.52 8.70
C ALA A 814 8.46 -20.42 7.66
N GLN A 815 9.62 -19.75 7.65
CA GLN A 815 9.88 -18.75 6.61
C GLN A 815 10.00 -19.40 5.24
N LYS A 816 10.70 -20.53 5.16
CA LYS A 816 10.97 -21.15 3.86
C LYS A 816 9.80 -21.95 3.32
N PHE A 817 8.91 -22.43 4.19
CA PHE A 817 7.68 -23.07 3.70
C PHE A 817 6.70 -22.07 3.14
N ASN A 818 6.88 -20.78 3.42
CA ASN A 818 6.04 -19.72 2.88
C ASN A 818 6.78 -18.89 1.83
N GLY A 819 7.87 -19.41 1.29
CA GLY A 819 8.55 -18.79 0.15
C GLY A 819 9.50 -17.67 0.49
N LEU A 820 9.92 -17.53 1.75
CA LEU A 820 10.87 -16.50 2.14
C LEU A 820 12.23 -17.14 2.35
N THR A 821 13.14 -16.90 1.42
CA THR A 821 14.47 -17.48 1.46
C THR A 821 15.52 -16.39 1.67
N VAL A 822 16.63 -16.77 2.31
CA VAL A 822 17.75 -15.87 2.57
C VAL A 822 18.91 -16.32 1.70
N LEU A 823 19.37 -15.41 0.83
CA LEU A 823 20.47 -15.69 -0.09
C LEU A 823 21.81 -15.44 0.59
N PRO A 824 22.80 -16.30 0.34
CA PRO A 824 24.11 -16.11 0.98
C PRO A 824 24.85 -14.93 0.35
N PRO A 825 25.71 -14.27 1.11
CA PRO A 825 26.55 -13.22 0.51
C PRO A 825 27.56 -13.79 -0.46
N LEU A 826 27.93 -12.96 -1.44
CA LEU A 826 28.91 -13.39 -2.44
C LEU A 826 30.29 -13.60 -1.82
N LEU A 827 30.72 -12.69 -0.95
CA LEU A 827 31.99 -12.83 -0.27
C LEU A 827 31.78 -13.53 1.07
N THR A 828 32.52 -14.62 1.28
CA THR A 828 32.44 -15.32 2.55
C THR A 828 33.17 -14.52 3.63
N ASP A 829 32.96 -14.93 4.88
CA ASP A 829 33.64 -14.31 6.00
C ASP A 829 35.14 -14.53 5.94
N GLU A 830 35.57 -15.68 5.40
CA GLU A 830 36.99 -15.94 5.21
C GLU A 830 37.61 -14.97 4.20
N MET A 831 36.89 -14.67 3.11
CA MET A 831 37.40 -13.73 2.13
C MET A 831 37.48 -12.31 2.68
N ILE A 832 36.49 -11.90 3.48
CA ILE A 832 36.52 -10.59 4.11
C ILE A 832 37.65 -10.50 5.13
N ALA A 833 37.86 -11.59 5.88
CA ALA A 833 38.98 -11.64 6.82
C ALA A 833 40.32 -11.57 6.09
N ALA A 834 40.42 -12.21 4.94
CA ALA A 834 41.64 -12.12 4.13
C ALA A 834 41.85 -10.71 3.60
N TYR A 835 40.77 -10.03 3.21
CA TYR A 835 40.87 -8.65 2.78
C TYR A 835 41.36 -7.74 3.91
N THR A 836 40.84 -7.95 5.12
CA THR A 836 41.29 -7.14 6.26
C THR A 836 42.73 -7.48 6.64
N ALA A 837 43.12 -8.75 6.51
CA ALA A 837 44.50 -9.15 6.79
C ALA A 837 45.46 -8.69 5.71
N ALA A 838 44.96 -8.35 4.52
CA ALA A 838 45.78 -7.72 3.50
C ALA A 838 45.84 -6.21 3.66
N LEU A 839 44.78 -5.59 4.18
CA LEU A 839 44.81 -4.15 4.45
C LEU A 839 45.78 -3.83 5.59
N ILE A 840 45.67 -4.56 6.70
CA ILE A 840 46.75 -4.60 7.67
C ILE A 840 47.92 -5.36 7.05
N SER A 841 49.13 -5.08 7.53
CA SER A 841 50.40 -5.63 7.06
C SER A 841 50.78 -5.14 5.67
N GLY A 842 49.90 -4.38 5.02
CA GLY A 842 50.29 -3.50 3.94
C GLY A 842 50.50 -2.13 4.56
N THR A 843 49.75 -1.88 5.63
CA THR A 843 49.95 -0.71 6.47
C THR A 843 51.14 -0.89 7.41
N ALA A 844 51.30 -2.09 7.98
CA ALA A 844 52.42 -2.33 8.89
C ALA A 844 53.75 -2.39 8.17
N THR A 845 53.76 -2.68 6.87
CA THR A 845 54.99 -2.82 6.11
C THR A 845 55.24 -1.69 5.13
N ALA A 846 54.20 -1.09 4.56
CA ALA A 846 54.36 0.00 3.61
C ALA A 846 53.65 1.29 4.02
N GLY A 847 52.79 1.26 5.02
CA GLY A 847 52.18 2.48 5.51
C GLY A 847 51.09 2.98 4.60
N TRP A 848 51.13 4.27 4.31
CA TRP A 848 50.12 4.96 3.51
C TRP A 848 50.37 4.87 2.02
N THR A 849 51.50 4.31 1.61
CA THR A 849 51.94 4.40 0.22
C THR A 849 51.19 3.45 -0.71
N PHE A 850 50.78 2.29 -0.23
CA PHE A 850 50.16 1.31 -1.11
C PHE A 850 48.73 1.68 -1.50
N GLY A 851 48.12 2.65 -0.83
CA GLY A 851 46.82 3.13 -1.25
C GLY A 851 46.88 4.07 -2.44
N ALA A 852 47.99 4.78 -2.60
CA ALA A 852 48.18 5.72 -3.70
C ALA A 852 48.96 5.13 -4.86
N GLY A 853 49.32 3.85 -4.81
CA GLY A 853 50.07 3.22 -5.87
C GLY A 853 50.77 1.96 -5.43
N ALA A 854 52.01 1.79 -5.85
CA ALA A 854 52.80 0.62 -5.45
C ALA A 854 53.20 0.73 -3.99
N ALA A 855 53.31 -0.43 -3.33
CA ALA A 855 53.68 -0.47 -1.93
C ALA A 855 55.16 -0.14 -1.76
N LEU A 856 55.44 0.92 -1.02
CA LEU A 856 56.81 1.34 -0.73
C LEU A 856 57.13 0.95 0.71
N GLN A 857 58.05 0.01 0.87
CA GLN A 857 58.40 -0.48 2.21
C GLN A 857 59.10 0.60 3.02
N ILE A 858 58.91 0.53 4.34
CA ILE A 858 59.45 1.52 5.26
C ILE A 858 59.50 0.86 6.64
N PRO A 859 60.54 1.11 7.44
CA PRO A 859 60.50 0.67 8.85
C PRO A 859 59.35 1.31 9.59
N PHE A 860 58.74 0.54 10.49
CA PHE A 860 57.50 0.98 11.13
C PHE A 860 57.74 2.15 12.10
N ALA A 861 58.95 2.23 12.67
CA ALA A 861 59.29 3.38 13.51
C ALA A 861 59.30 4.67 12.70
N MET A 862 59.88 4.63 11.49
CA MET A 862 59.88 5.82 10.65
C MET A 862 58.49 6.15 10.14
N GLN A 863 57.66 5.13 9.91
CA GLN A 863 56.26 5.37 9.56
C GLN A 863 55.52 6.08 10.69
N MET A 864 55.72 5.61 11.93
CA MET A 864 55.10 6.27 13.07
C MET A 864 55.66 7.68 13.28
N ALA A 865 56.93 7.90 12.91
CA ALA A 865 57.49 9.24 12.94
C ALA A 865 56.78 10.15 11.94
N TYR A 866 56.47 9.62 10.76
CA TYR A 866 55.69 10.39 9.79
C TYR A 866 54.29 10.69 10.31
N ARG A 867 53.65 9.73 10.99
CA ARG A 867 52.33 9.99 11.56
C ARG A 867 52.40 11.07 12.64
N PHE A 868 53.42 11.00 13.50
CA PHE A 868 53.60 12.01 14.54
C PHE A 868 53.86 13.38 13.95
N ASN A 869 54.65 13.44 12.87
CA ASN A 869 54.84 14.70 12.16
C ASN A 869 53.53 15.18 11.52
N GLY A 870 52.69 14.24 11.10
CA GLY A 870 51.39 14.60 10.56
C GLY A 870 50.46 15.22 11.58
N ILE A 871 50.50 14.75 12.82
CA ILE A 871 49.64 15.33 13.86
C ILE A 871 50.25 16.58 14.50
N GLY A 872 51.45 16.98 14.08
CA GLY A 872 52.06 18.19 14.59
C GLY A 872 53.08 18.01 15.69
N VAL A 873 53.52 16.78 15.95
CA VAL A 873 54.54 16.50 16.95
C VAL A 873 55.83 16.12 16.25
N THR A 874 56.95 16.68 16.72
CA THR A 874 58.23 16.38 16.10
C THR A 874 58.60 14.92 16.30
N GLN A 875 59.30 14.36 15.31
CA GLN A 875 59.56 12.92 15.27
C GLN A 875 60.52 12.46 16.36
N ASN A 876 61.33 13.38 16.91
CA ASN A 876 62.22 13.01 18.00
C ASN A 876 61.47 12.61 19.26
N VAL A 877 60.23 13.09 19.43
CA VAL A 877 59.41 12.65 20.56
C VAL A 877 59.13 11.15 20.48
N LEU A 878 58.71 10.68 19.30
CA LEU A 878 58.51 9.25 19.11
C LEU A 878 59.83 8.49 19.21
N TYR A 879 60.90 9.02 18.60
CA TYR A 879 62.17 8.31 18.63
C TYR A 879 62.77 8.24 20.03
N GLU A 880 62.39 9.14 20.92
CA GLU A 880 62.83 9.08 22.31
C GLU A 880 61.89 8.24 23.20
N ASN A 881 60.60 8.19 22.88
CA ASN A 881 59.64 7.45 23.69
C ASN A 881 59.04 6.28 22.93
N GLN A 882 59.82 5.66 22.04
CA GLN A 882 59.34 4.56 21.20
C GLN A 882 58.87 3.37 22.04
N LYS A 883 59.63 2.99 23.05
CA LYS A 883 59.25 1.86 23.89
C LYS A 883 57.96 2.15 24.66
N LEU A 884 57.83 3.37 25.18
CA LEU A 884 56.61 3.76 25.90
C LEU A 884 55.41 3.79 24.97
N ILE A 885 55.59 4.30 23.74
CA ILE A 885 54.50 4.37 22.78
C ILE A 885 54.07 2.98 22.34
N ALA A 886 55.03 2.09 22.09
CA ALA A 886 54.70 0.71 21.72
C ALA A 886 53.99 -0.02 22.86
N ASN A 887 54.44 0.20 24.11
CA ASN A 887 53.77 -0.41 25.25
C ASN A 887 52.35 0.12 25.41
N GLN A 888 52.15 1.42 25.21
CA GLN A 888 50.81 2.00 25.28
C GLN A 888 49.91 1.44 24.19
N PHE A 889 50.45 1.27 22.98
CA PHE A 889 49.67 0.71 21.88
C PHE A 889 49.26 -0.73 22.17
N ASN A 890 50.19 -1.55 22.69
CA ASN A 890 49.88 -2.93 23.04
C ASN A 890 48.87 -3.00 24.19
N SER A 891 49.01 -2.12 25.18
CA SER A 891 48.05 -2.08 26.28
C SER A 891 46.67 -1.67 25.80
N ALA A 892 46.60 -0.74 24.84
CA ALA A 892 45.31 -0.33 24.30
C ALA A 892 44.66 -1.45 23.50
N ILE A 893 45.47 -2.22 22.76
CA ILE A 893 44.94 -3.38 22.04
C ILE A 893 44.41 -4.43 23.02
N GLY A 894 45.16 -4.67 24.11
CA GLY A 894 44.67 -5.57 25.15
C GLY A 894 43.42 -5.08 25.84
N LYS A 895 43.29 -3.76 26.03
CA LYS A 895 42.08 -3.21 26.60
C LYS A 895 40.89 -3.35 25.65
N ILE A 896 41.15 -3.25 24.34
CA ILE A 896 40.10 -3.53 23.36
C ILE A 896 39.66 -4.98 23.45
N GLN A 897 40.61 -5.89 23.59
CA GLN A 897 40.29 -7.31 23.81
C GLN A 897 39.43 -7.52 25.05
N GLU A 898 39.81 -6.88 26.16
CA GLU A 898 39.08 -7.05 27.41
C GLU A 898 37.68 -6.46 27.32
N SER A 899 37.53 -5.30 26.68
CA SER A 899 36.21 -4.70 26.53
C SER A 899 35.33 -5.49 25.58
N LEU A 900 35.91 -6.13 24.57
CA LEU A 900 35.12 -6.98 23.68
C LEU A 900 34.69 -8.26 24.38
N THR A 901 35.57 -8.84 25.20
CA THR A 901 35.22 -10.06 25.91
C THR A 901 34.24 -9.81 27.04
N SER A 902 34.29 -8.63 27.65
CA SER A 902 33.46 -8.36 28.83
C SER A 902 31.99 -8.18 28.46
N THR A 903 31.70 -7.31 27.49
CA THR A 903 30.33 -6.97 27.15
C THR A 903 30.07 -7.22 25.68
N ALA A 904 28.79 -7.42 25.36
CA ALA A 904 28.35 -7.68 24.00
C ALA A 904 27.57 -6.53 23.38
N SER A 905 27.38 -5.43 24.12
CA SER A 905 26.61 -4.30 23.62
C SER A 905 27.37 -3.44 22.62
N ALA A 906 28.66 -3.71 22.41
CA ALA A 906 29.43 -2.92 21.45
C ALA A 906 28.98 -3.18 20.02
N LEU A 907 28.60 -4.41 19.70
CA LEU A 907 28.16 -4.79 18.36
C LEU A 907 26.64 -4.70 18.21
N GLY A 908 26.02 -3.77 18.95
CA GLY A 908 24.57 -3.65 18.92
C GLY A 908 24.02 -3.22 17.59
N LYS A 909 24.80 -2.49 16.79
CA LYS A 909 24.33 -2.08 15.47
C LYS A 909 24.19 -3.28 14.53
N LEU A 910 25.20 -4.15 14.51
CA LEU A 910 25.12 -5.36 13.71
C LEU A 910 24.03 -6.30 14.22
N GLN A 911 23.91 -6.40 15.55
CA GLN A 911 22.85 -7.22 16.13
C GLN A 911 21.48 -6.66 15.77
N ASP A 912 21.34 -5.34 15.72
CA ASP A 912 20.08 -4.72 15.30
C ASP A 912 19.78 -4.99 13.84
N VAL A 913 20.82 -5.03 12.99
CA VAL A 913 20.60 -5.38 11.58
C VAL A 913 20.06 -6.80 11.46
N VAL A 914 20.68 -7.74 12.16
CA VAL A 914 20.24 -9.13 12.13
C VAL A 914 18.83 -9.27 12.70
N ASN A 915 18.56 -8.59 13.82
CA ASN A 915 17.25 -8.66 14.46
C ASN A 915 16.17 -8.03 13.61
N GLN A 916 16.47 -6.93 12.93
CA GLN A 916 15.50 -6.29 12.06
C GLN A 916 15.13 -7.18 10.88
N ASN A 917 16.13 -7.83 10.26
CA ASN A 917 15.82 -8.73 9.16
C ASN A 917 15.01 -9.94 9.62
N ALA A 918 15.39 -10.53 10.77
CA ALA A 918 14.65 -11.68 11.29
C ALA A 918 13.23 -11.30 11.69
N GLN A 919 13.07 -10.12 12.30
CA GLN A 919 11.75 -9.67 12.71
C GLN A 919 10.87 -9.36 11.52
N ALA A 920 11.43 -8.80 10.44
CA ALA A 920 10.66 -8.54 9.24
C ALA A 920 10.18 -9.85 8.61
N LEU A 921 11.06 -10.85 8.52
CA LEU A 921 10.64 -12.13 7.96
C LEU A 921 9.59 -12.83 8.83
N ASN A 922 9.77 -12.78 10.16
CA ASN A 922 8.82 -13.43 11.05
C ASN A 922 7.48 -12.70 11.08
N THR A 923 7.49 -11.37 10.94
CA THR A 923 6.25 -10.61 10.82
C THR A 923 5.52 -10.96 9.52
N LEU A 924 6.29 -11.14 8.43
CA LEU A 924 5.69 -11.59 7.18
C LEU A 924 5.05 -12.96 7.34
N VAL A 925 5.70 -13.86 8.08
CA VAL A 925 5.12 -15.17 8.35
C VAL A 925 3.85 -15.05 9.18
N LYS A 926 3.88 -14.22 10.24
CA LYS A 926 2.74 -14.10 11.14
C LYS A 926 1.55 -13.41 10.49
N GLN A 927 1.78 -12.56 9.49
CA GLN A 927 0.68 -11.83 8.86
C GLN A 927 -0.16 -12.69 7.93
N LEU A 928 0.22 -13.95 7.70
CA LEU A 928 -0.61 -14.86 6.92
C LEU A 928 -1.87 -15.30 7.67
N SER A 929 -1.97 -15.03 8.97
CA SER A 929 -3.14 -15.38 9.76
C SER A 929 -4.21 -14.31 9.71
N SER A 930 -4.02 -13.24 8.95
CA SER A 930 -5.02 -12.19 8.84
C SER A 930 -6.13 -12.61 7.89
N ASN A 931 -7.37 -12.34 8.29
CA ASN A 931 -8.52 -12.69 7.47
C ASN A 931 -8.70 -11.74 6.29
N PHE A 932 -8.27 -10.48 6.44
CA PHE A 932 -8.39 -9.43 5.42
C PHE A 932 -9.84 -9.22 4.98
N GLY A 933 -10.79 -9.40 5.90
CA GLY A 933 -12.19 -9.26 5.58
C GLY A 933 -12.85 -10.50 5.02
N ALA A 934 -12.09 -11.56 4.78
CA ALA A 934 -12.66 -12.80 4.29
C ALA A 934 -13.20 -13.63 5.46
N ILE A 935 -13.92 -14.71 5.12
CA ILE A 935 -14.50 -15.56 6.14
C ILE A 935 -13.45 -16.36 6.90
N SER A 936 -12.28 -16.56 6.32
CA SER A 936 -11.20 -17.28 6.98
C SER A 936 -9.87 -16.82 6.41
N SER A 937 -8.81 -17.00 7.19
CA SER A 937 -7.46 -16.73 6.74
C SER A 937 -6.82 -17.95 6.09
N VAL A 938 -7.47 -19.10 6.13
CA VAL A 938 -6.96 -20.34 5.56
C VAL A 938 -7.61 -20.55 4.20
N LEU A 939 -6.78 -20.75 3.18
CA LEU A 939 -7.30 -21.03 1.84
C LEU A 939 -8.03 -22.36 1.80
N ASN A 940 -7.52 -23.36 2.53
CA ASN A 940 -8.10 -24.69 2.51
C ASN A 940 -9.52 -24.70 3.07
N ASP A 941 -9.75 -23.92 4.14
CA ASP A 941 -11.08 -23.81 4.72
C ASP A 941 -12.08 -23.21 3.73
N ILE A 942 -11.67 -22.15 3.02
CA ILE A 942 -12.53 -21.48 2.05
C ILE A 942 -12.82 -22.42 0.88
N ILE A 943 -11.81 -23.13 0.38
CA ILE A 943 -12.00 -24.03 -0.74
C ILE A 943 -12.88 -25.21 -0.34
N SER A 944 -12.73 -25.69 0.89
CA SER A 944 -13.52 -26.84 1.34
C SER A 944 -14.97 -26.47 1.61
N ARG A 945 -15.25 -25.24 2.05
CA ARG A 945 -16.62 -24.88 2.37
C ARG A 945 -17.40 -24.31 1.19
N LEU A 946 -16.75 -23.63 0.26
CA LEU A 946 -17.44 -22.90 -0.78
C LEU A 946 -17.07 -23.42 -2.15
N ASP A 947 -17.99 -23.27 -3.10
CA ASP A 947 -17.69 -23.57 -4.50
C ASP A 947 -16.98 -22.39 -5.13
N LYS A 948 -16.65 -22.51 -6.41
CA LYS A 948 -15.67 -21.62 -7.04
C LYS A 948 -16.28 -20.30 -7.52
N VAL A 949 -17.50 -20.00 -7.06
CA VAL A 949 -18.13 -18.73 -7.39
C VAL A 949 -18.05 -17.79 -6.19
N GLU A 950 -18.16 -18.36 -4.98
CA GLU A 950 -18.08 -17.57 -3.77
C GLU A 950 -16.83 -17.82 -2.96
N ALA A 951 -16.04 -18.85 -3.28
CA ALA A 951 -14.69 -18.91 -2.77
C ALA A 951 -13.77 -17.93 -3.49
N GLU A 952 -14.13 -17.53 -4.71
CA GLU A 952 -13.28 -16.65 -5.50
C GLU A 952 -13.12 -15.27 -4.86
N VAL A 953 -14.20 -14.72 -4.29
CA VAL A 953 -14.12 -13.40 -3.68
C VAL A 953 -13.27 -13.44 -2.41
N GLN A 954 -13.43 -14.49 -1.59
CA GLN A 954 -12.61 -14.62 -0.39
C GLN A 954 -11.14 -14.83 -0.73
N ILE A 955 -10.87 -15.65 -1.75
CA ILE A 955 -9.49 -15.87 -2.18
C ILE A 955 -8.90 -14.57 -2.73
N ASP A 956 -9.71 -13.77 -3.44
CA ASP A 956 -9.23 -12.49 -3.95
C ASP A 956 -8.92 -11.52 -2.83
N ARG A 957 -9.75 -11.51 -1.78
CA ARG A 957 -9.46 -10.69 -0.61
C ARG A 957 -8.16 -11.11 0.06
N LEU A 958 -7.95 -12.42 0.20
CA LEU A 958 -6.70 -12.91 0.78
C LEU A 958 -5.50 -12.57 -0.10
N ILE A 959 -5.66 -12.66 -1.42
CA ILE A 959 -4.60 -12.33 -2.36
C ILE A 959 -4.22 -10.86 -2.24
N THR A 960 -5.22 -9.98 -2.19
CA THR A 960 -4.96 -8.54 -2.04
C THR A 960 -4.26 -8.24 -0.73
N GLY A 961 -4.71 -8.86 0.37
CA GLY A 961 -4.07 -8.62 1.65
C GLY A 961 -2.63 -9.11 1.71
N ARG A 962 -2.37 -10.32 1.19
CA ARG A 962 -1.02 -10.87 1.24
C ARG A 962 -0.08 -10.14 0.30
N LEU A 963 -0.58 -9.68 -0.85
CA LEU A 963 0.23 -8.85 -1.73
C LEU A 963 0.54 -7.51 -1.08
N GLN A 964 -0.41 -6.95 -0.33
CA GLN A 964 -0.15 -5.72 0.42
C GLN A 964 0.93 -5.94 1.48
N SER A 965 0.88 -7.09 2.17
CA SER A 965 1.91 -7.40 3.16
C SER A 965 3.29 -7.54 2.52
N LEU A 966 3.36 -8.21 1.36
CA LEU A 966 4.63 -8.34 0.66
C LEU A 966 5.15 -6.98 0.18
N GLN A 967 4.25 -6.12 -0.30
CA GLN A 967 4.65 -4.78 -0.72
C GLN A 967 5.17 -3.95 0.44
N THR A 968 4.52 -4.06 1.61
CA THR A 968 5.00 -3.36 2.80
C THR A 968 6.38 -3.85 3.21
N TYR A 969 6.59 -5.17 3.16
CA TYR A 969 7.90 -5.72 3.48
C TYR A 969 8.97 -5.22 2.52
N VAL A 970 8.66 -5.19 1.22
CA VAL A 970 9.63 -4.76 0.23
C VAL A 970 9.95 -3.27 0.36
N THR A 971 8.95 -2.46 0.68
CA THR A 971 9.17 -1.03 0.89
C THR A 971 10.06 -0.78 2.10
N GLN A 972 9.80 -1.47 3.21
CA GLN A 972 10.65 -1.31 4.39
C GLN A 972 12.06 -1.84 4.15
N GLN A 973 12.19 -2.91 3.35
CA GLN A 973 13.51 -3.39 2.97
C GLN A 973 14.25 -2.38 2.13
N LEU A 974 13.55 -1.68 1.23
CA LEU A 974 14.20 -0.65 0.43
C LEU A 974 14.69 0.51 1.29
N ILE A 975 13.88 0.92 2.28
CA ILE A 975 14.29 2.02 3.17
C ILE A 975 15.50 1.60 4.02
N ARG A 976 15.45 0.38 4.57
CA ARG A 976 16.57 -0.13 5.35
C ARG A 976 17.82 -0.32 4.48
N ALA A 977 17.64 -0.68 3.21
CA ALA A 977 18.78 -0.82 2.31
C ALA A 977 19.40 0.53 2.00
N ALA A 978 18.57 1.58 1.90
CA ALA A 978 19.11 2.93 1.72
C ALA A 978 19.93 3.35 2.93
N GLU A 979 19.43 3.07 4.14
CA GLU A 979 20.20 3.39 5.35
C GLU A 979 21.50 2.59 5.41
N ILE A 980 21.44 1.30 5.07
CA ILE A 980 22.62 0.44 5.09
C ILE A 980 23.63 0.90 4.04
N ARG A 981 23.15 1.36 2.88
CA ARG A 981 24.04 1.86 1.84
C ARG A 981 24.72 3.15 2.26
N ALA A 982 24.01 4.03 2.97
CA ALA A 982 24.65 5.23 3.52
C ALA A 982 25.73 4.86 4.53
N SER A 983 25.44 3.89 5.40
CA SER A 983 26.44 3.43 6.37
C SER A 983 27.64 2.80 5.68
N ALA A 984 27.40 2.04 4.61
CA ALA A 984 28.48 1.38 3.90
C ALA A 984 29.33 2.39 3.13
N ASN A 985 28.71 3.44 2.59
CA ASN A 985 29.48 4.50 1.95
C ASN A 985 30.35 5.23 2.96
N LEU A 986 29.81 5.49 4.15
CA LEU A 986 30.63 6.09 5.21
C LEU A 986 31.76 5.17 5.63
N ALA A 987 31.50 3.87 5.71
CA ALA A 987 32.53 2.91 6.08
C ALA A 987 33.62 2.81 5.01
N ALA A 988 33.24 2.88 3.74
CA ALA A 988 34.24 2.87 2.67
C ALA A 988 35.07 4.15 2.69
N THR A 989 34.45 5.29 2.97
CA THR A 989 35.20 6.53 3.11
C THR A 989 36.16 6.46 4.29
N LYS A 990 35.73 5.85 5.41
CA LYS A 990 36.63 5.68 6.54
C LYS A 990 37.75 4.68 6.24
N MET A 991 37.47 3.66 5.43
CA MET A 991 38.52 2.75 4.98
C MET A 991 39.55 3.47 4.14
N SER A 992 39.10 4.38 3.27
CA SER A 992 40.02 5.12 2.42
C SER A 992 40.85 6.13 3.21
N GLU A 993 40.19 6.88 4.11
CA GLU A 993 40.83 8.03 4.73
C GLU A 993 41.45 7.75 6.09
N CYS A 994 41.04 6.69 6.78
CA CYS A 994 41.59 6.36 8.09
C CYS A 994 42.56 5.20 8.07
N VAL A 995 42.34 4.21 7.21
CA VAL A 995 43.18 3.03 7.11
C VAL A 995 44.27 3.20 6.06
N LEU A 996 43.89 3.68 4.88
CA LEU A 996 44.85 3.87 3.78
C LEU A 996 45.58 5.20 3.86
N GLY A 997 45.30 6.02 4.86
CA GLY A 997 45.99 7.29 5.00
C GLY A 997 45.76 7.85 6.39
N GLN A 998 46.35 9.02 6.61
CA GLN A 998 46.21 9.75 7.86
C GLN A 998 45.26 10.92 7.65
N SER A 999 44.22 11.00 8.48
CA SER A 999 43.16 11.99 8.30
C SER A 999 43.37 13.17 9.23
N LYS A 1000 43.29 14.37 8.67
CA LYS A 1000 43.34 15.60 9.45
C LYS A 1000 41.96 16.06 9.89
N ARG A 1001 40.90 15.37 9.45
CA ARG A 1001 39.55 15.74 9.85
C ARG A 1001 39.33 15.41 11.32
N VAL A 1002 38.74 16.36 12.06
CA VAL A 1002 38.53 16.17 13.49
C VAL A 1002 37.42 15.16 13.71
N ASP A 1003 37.70 14.16 14.57
CA ASP A 1003 36.75 13.14 15.03
C ASP A 1003 36.25 12.24 13.91
N PHE A 1004 36.90 12.25 12.74
CA PHE A 1004 36.50 11.33 11.69
C PHE A 1004 36.99 9.90 11.97
N CYS A 1005 38.20 9.77 12.48
CA CYS A 1005 38.76 8.47 12.86
C CYS A 1005 39.12 8.52 14.34
N GLY A 1006 38.12 8.29 15.19
CA GLY A 1006 38.33 8.28 16.62
C GLY A 1006 38.45 9.66 17.22
N LYS A 1007 38.44 9.71 18.55
CA LYS A 1007 38.62 10.94 19.30
C LYS A 1007 40.10 11.18 19.52
N GLY A 1008 40.58 12.35 19.15
CA GLY A 1008 41.97 12.71 19.27
C GLY A 1008 42.61 12.93 17.91
N TYR A 1009 43.92 13.13 17.94
CA TYR A 1009 44.69 13.30 16.71
C TYR A 1009 44.95 11.92 16.11
N HIS A 1010 44.45 11.70 14.91
CA HIS A 1010 44.46 10.36 14.30
C HIS A 1010 45.87 9.98 13.86
N LEU A 1011 46.30 8.79 14.26
CA LEU A 1011 47.57 8.23 13.81
C LEU A 1011 47.36 7.19 12.72
N MET A 1012 46.61 6.12 13.01
CA MET A 1012 46.34 5.07 12.05
C MET A 1012 45.09 4.34 12.48
N SER A 1013 44.51 3.59 11.54
CA SER A 1013 43.32 2.80 11.81
C SER A 1013 43.51 1.40 11.24
N PHE A 1014 42.88 0.42 11.90
CA PHE A 1014 42.99 -0.98 11.50
C PHE A 1014 41.59 -1.54 11.33
N PRO A 1015 41.24 -2.06 10.15
CA PRO A 1015 39.92 -2.68 9.99
C PRO A 1015 39.88 -4.09 10.52
N GLN A 1016 38.74 -4.46 11.07
CA GLN A 1016 38.49 -5.82 11.55
C GLN A 1016 37.17 -6.31 10.97
N ALA A 1017 37.20 -7.50 10.39
CA ALA A 1017 35.99 -8.07 9.81
C ALA A 1017 34.99 -8.44 10.89
N ALA A 1018 33.74 -8.07 10.67
CA ALA A 1018 32.65 -8.34 11.59
C ALA A 1018 31.47 -8.86 10.78
N PRO A 1019 30.57 -9.63 11.40
CA PRO A 1019 29.36 -10.06 10.69
C PRO A 1019 28.48 -8.87 10.34
N HIS A 1020 28.14 -8.77 9.05
CA HIS A 1020 27.30 -7.72 8.46
C HIS A 1020 27.90 -6.33 8.62
N GLY A 1021 29.20 -6.21 8.82
CA GLY A 1021 29.76 -4.88 9.01
C GLY A 1021 31.26 -4.91 9.16
N VAL A 1022 31.80 -3.81 9.67
CA VAL A 1022 33.23 -3.63 9.86
C VAL A 1022 33.44 -2.91 11.19
N VAL A 1023 34.55 -3.24 11.86
CA VAL A 1023 34.94 -2.58 13.10
C VAL A 1023 36.30 -1.94 12.89
N PHE A 1024 36.37 -0.63 13.09
CA PHE A 1024 37.60 0.13 12.91
C PHE A 1024 38.26 0.34 14.26
N LEU A 1025 39.55 0.04 14.33
CA LEU A 1025 40.36 0.29 15.52
C LEU A 1025 41.18 1.54 15.27
N HIS A 1026 40.68 2.68 15.73
CA HIS A 1026 41.34 3.96 15.48
C HIS A 1026 42.41 4.21 16.53
N VAL A 1027 43.66 4.29 16.10
CA VAL A 1027 44.76 4.63 16.99
C VAL A 1027 44.92 6.15 16.96
N THR A 1028 44.75 6.78 18.12
CA THR A 1028 44.74 8.23 18.21
C THR A 1028 45.74 8.70 19.27
N TYR A 1029 46.13 9.96 19.13
CA TYR A 1029 47.08 10.62 20.03
C TYR A 1029 46.27 11.56 20.92
N ILE A 1030 46.26 11.29 22.21
CA ILE A 1030 45.56 12.11 23.19
C ILE A 1030 46.62 12.81 24.04
N PRO A 1031 46.85 14.11 23.86
CA PRO A 1031 47.76 14.82 24.74
C PRO A 1031 47.19 14.94 26.15
N SER A 1032 48.08 14.91 27.13
CA SER A 1032 47.68 14.87 28.53
C SER A 1032 48.77 15.48 29.39
N GLN A 1033 48.44 15.63 30.69
CA GLN A 1033 49.34 16.17 31.72
C GLN A 1033 49.84 17.57 31.35
N GLU A 1034 48.87 18.46 31.16
CA GLU A 1034 49.18 19.83 30.77
C GLU A 1034 49.75 20.61 31.96
N ARG A 1035 50.47 21.69 31.64
CA ARG A 1035 51.04 22.57 32.63
C ARG A 1035 50.79 24.02 32.24
N ASN A 1036 50.66 24.88 33.24
CA ASN A 1036 50.44 26.30 33.00
C ASN A 1036 51.77 26.97 32.64
N PHE A 1037 51.71 27.87 31.67
CA PHE A 1037 52.88 28.65 31.28
C PHE A 1037 52.46 30.07 30.94
N THR A 1038 53.26 31.04 31.40
CA THR A 1038 53.09 32.41 30.94
C THR A 1038 53.56 32.51 29.49
N THR A 1039 52.71 33.08 28.64
CA THR A 1039 52.96 33.07 27.21
C THR A 1039 52.86 34.48 26.64
N ALA A 1040 53.48 34.68 25.49
CA ALA A 1040 53.47 35.95 24.79
C ALA A 1040 53.23 35.71 23.30
N PRO A 1041 52.55 36.64 22.63
CA PRO A 1041 52.39 36.51 21.17
C PRO A 1041 53.69 36.66 20.41
N ALA A 1042 54.60 37.49 20.88
CA ALA A 1042 55.83 37.79 20.15
C ALA A 1042 56.87 38.31 21.12
N ILE A 1043 58.11 38.45 20.64
CA ILE A 1043 59.24 38.91 21.43
C ILE A 1043 59.78 40.18 20.81
N CYS A 1044 59.92 41.23 21.61
CA CYS A 1044 60.53 42.48 21.18
C CYS A 1044 61.99 42.47 21.65
N HIS A 1045 62.83 41.79 20.87
CA HIS A 1045 64.25 41.69 21.18
C HIS A 1045 64.98 43.00 20.93
N GLU A 1046 64.56 43.74 19.91
CA GLU A 1046 65.17 44.99 19.48
C GLU A 1046 64.05 45.85 18.92
N GLY A 1047 64.40 46.83 18.08
CA GLY A 1047 63.39 47.61 17.38
C GLY A 1047 62.47 46.79 16.50
N LYS A 1048 62.88 45.59 16.11
CA LYS A 1048 62.06 44.65 15.37
C LYS A 1048 61.34 43.71 16.34
N ALA A 1049 60.45 42.87 15.78
CA ALA A 1049 59.66 41.92 16.56
C ALA A 1049 59.84 40.52 16.01
N HIS A 1050 59.86 39.53 16.91
CA HIS A 1050 60.09 38.15 16.56
C HIS A 1050 58.84 37.32 16.83
N PHE A 1051 58.38 36.60 15.80
CA PHE A 1051 57.22 35.73 15.86
C PHE A 1051 57.66 34.27 15.70
N PRO A 1052 57.04 33.32 16.41
CA PRO A 1052 57.52 31.93 16.34
C PRO A 1052 57.13 31.28 15.03
N ARG A 1053 58.10 30.58 14.43
CA ARG A 1053 57.84 29.84 13.20
C ARG A 1053 56.85 28.71 13.42
N GLU A 1054 57.11 27.86 14.40
CA GLU A 1054 56.19 26.81 14.83
C GLU A 1054 56.09 26.84 16.34
N GLY A 1055 54.89 26.67 16.86
CA GLY A 1055 54.70 26.63 18.30
C GLY A 1055 54.50 28.01 18.90
N VAL A 1056 54.66 28.07 20.22
CA VAL A 1056 54.37 29.27 21.00
C VAL A 1056 55.55 29.59 21.90
N PHE A 1057 55.59 30.85 22.34
CA PHE A 1057 56.57 31.28 23.34
C PHE A 1057 56.03 30.99 24.74
N VAL A 1058 56.86 30.36 25.57
CA VAL A 1058 56.48 30.02 26.93
C VAL A 1058 57.56 30.53 27.88
N SER A 1059 57.14 30.75 29.13
CA SER A 1059 58.03 31.21 30.19
C SER A 1059 57.84 30.32 31.40
N ASN A 1060 58.95 29.84 31.96
CA ASN A 1060 58.92 29.02 33.17
C ASN A 1060 59.04 29.85 34.45
N GLY A 1061 58.79 31.16 34.35
CA GLY A 1061 58.87 32.05 35.50
C GLY A 1061 59.98 33.06 35.39
N THR A 1062 61.15 32.62 34.93
CA THR A 1062 62.30 33.49 34.76
C THR A 1062 62.74 33.62 33.31
N HIS A 1063 62.96 32.51 32.62
CA HIS A 1063 63.46 32.52 31.25
C HIS A 1063 62.33 32.24 30.26
N TRP A 1064 62.55 32.68 29.02
CA TRP A 1064 61.59 32.50 27.94
C TRP A 1064 62.10 31.43 26.98
N PHE A 1065 61.22 30.54 26.57
CA PHE A 1065 61.54 29.48 25.63
C PHE A 1065 60.47 29.42 24.55
N ILE A 1066 60.75 28.62 23.51
CA ILE A 1066 59.81 28.33 22.44
C ILE A 1066 59.64 26.82 22.38
N THR A 1067 58.40 26.35 22.38
CA THR A 1067 58.09 24.93 22.35
C THR A 1067 57.02 24.66 21.31
N GLN A 1068 56.96 23.40 20.87
CA GLN A 1068 55.87 23.00 20.00
C GLN A 1068 54.57 22.95 20.78
N ARG A 1069 53.46 22.99 20.03
CA ARG A 1069 52.16 23.25 20.64
C ARG A 1069 51.64 22.06 21.43
N ASN A 1070 51.81 20.85 20.92
CA ASN A 1070 51.18 19.67 21.49
C ASN A 1070 52.08 18.90 22.44
N PHE A 1071 53.29 19.37 22.70
CA PHE A 1071 54.20 18.68 23.59
C PHE A 1071 55.18 19.71 24.16
N TYR A 1072 55.47 19.59 25.45
CA TYR A 1072 56.36 20.56 26.09
C TYR A 1072 57.80 20.12 25.83
N GLU A 1073 58.44 20.75 24.85
CA GLU A 1073 59.85 20.55 24.54
C GLU A 1073 60.50 21.92 24.45
N PRO A 1074 60.85 22.52 25.58
CA PRO A 1074 61.35 23.90 25.54
C PRO A 1074 62.77 23.97 24.98
N GLN A 1075 63.04 25.06 24.27
CA GLN A 1075 64.36 25.36 23.76
C GLN A 1075 64.51 26.86 23.67
N ILE A 1076 65.76 27.32 23.64
CA ILE A 1076 66.05 28.75 23.65
C ILE A 1076 65.64 29.39 22.33
N ILE A 1077 65.26 30.67 22.40
CA ILE A 1077 64.76 31.37 21.23
C ILE A 1077 65.93 31.73 20.32
N THR A 1078 65.82 31.35 19.05
CA THR A 1078 66.90 31.46 18.08
C THR A 1078 66.33 32.14 16.84
N THR A 1079 67.18 32.88 16.11
CA THR A 1079 66.77 33.49 14.84
C THR A 1079 66.30 32.45 13.83
N ASP A 1080 66.79 31.21 13.93
CA ASP A 1080 66.24 30.13 13.13
C ASP A 1080 64.90 29.65 13.68
N ASN A 1081 64.69 29.77 15.00
CA ASN A 1081 63.42 29.33 15.59
C ASN A 1081 62.29 30.28 15.26
N THR A 1082 62.57 31.57 15.09
CA THR A 1082 61.57 32.61 14.90
C THR A 1082 61.76 33.27 13.54
N PHE A 1083 60.92 34.26 13.26
CA PHE A 1083 61.08 35.11 12.09
C PHE A 1083 60.74 36.54 12.47
N VAL A 1084 61.27 37.48 11.69
CA VAL A 1084 61.17 38.90 11.96
C VAL A 1084 60.14 39.51 11.02
N SER A 1085 59.23 40.30 11.57
CA SER A 1085 58.24 41.01 10.76
C SER A 1085 57.86 42.29 11.49
N GLY A 1086 58.38 43.42 11.02
CA GLY A 1086 57.94 44.71 11.51
C GLY A 1086 58.52 45.06 12.87
N THR A 1087 58.09 46.23 13.36
CA THR A 1087 58.50 46.72 14.67
C THR A 1087 57.60 46.15 15.76
N CYS A 1088 58.00 46.37 17.01
CA CYS A 1088 57.39 45.70 18.16
C CYS A 1088 56.41 46.60 18.93
N ASP A 1089 56.08 47.77 18.41
CA ASP A 1089 55.14 48.66 19.08
C ASP A 1089 53.70 48.45 18.64
N VAL A 1090 53.45 47.49 17.74
CA VAL A 1090 52.12 47.24 17.21
C VAL A 1090 51.46 46.02 17.85
N VAL A 1091 52.21 44.95 18.12
CA VAL A 1091 51.67 43.72 18.67
C VAL A 1091 51.22 43.95 20.11
N ILE A 1092 49.99 43.57 20.41
CA ILE A 1092 49.45 43.72 21.76
C ILE A 1092 49.91 42.52 22.60
N GLY A 1093 50.56 42.81 23.73
CA GLY A 1093 51.03 41.77 24.61
C GLY A 1093 52.45 41.31 24.37
N ILE A 1094 53.22 42.02 23.53
CA ILE A 1094 54.59 41.64 23.25
C ILE A 1094 55.46 41.90 24.49
N VAL A 1095 56.40 40.99 24.75
CA VAL A 1095 57.28 41.08 25.90
C VAL A 1095 58.71 41.25 25.40
N ASN A 1096 59.58 41.67 26.32
CA ASN A 1096 60.99 41.94 26.02
C ASN A 1096 61.84 40.77 26.45
N ASN A 1097 62.67 40.27 25.53
CA ASN A 1097 63.61 39.19 25.82
C ASN A 1097 64.74 39.29 24.80
N THR A 1098 65.56 38.24 24.73
CA THR A 1098 66.69 38.20 23.80
C THR A 1098 66.54 36.99 22.88
N VAL A 1099 67.05 37.14 21.66
CA VAL A 1099 67.04 36.08 20.65
C VAL A 1099 68.48 35.73 20.34
N TYR A 1100 68.81 34.44 20.48
CA TYR A 1100 70.17 33.98 20.21
C TYR A 1100 70.44 33.99 18.71
N ASP A 1101 71.62 34.46 18.33
CA ASP A 1101 72.06 34.46 16.94
C ASP A 1101 73.35 33.67 16.84
N PRO A 1102 73.36 32.50 16.17
CA PRO A 1102 74.58 31.70 16.00
C PRO A 1102 75.61 32.38 15.11
N ASN B 17 -13.13 -57.60 -40.69
CA ASN B 17 -13.21 -56.75 -41.88
C ASN B 17 -11.82 -56.31 -42.31
N ILE B 18 -11.05 -55.79 -41.36
CA ILE B 18 -9.68 -55.36 -41.60
C ILE B 18 -8.78 -56.08 -40.60
N THR B 19 -7.76 -56.78 -41.12
CA THR B 19 -6.81 -57.51 -40.28
C THR B 19 -5.39 -57.27 -40.79
N TYR B 20 -5.05 -56.01 -41.02
CA TYR B 20 -3.78 -55.65 -41.66
C TYR B 20 -2.67 -55.36 -40.67
N GLY B 21 -2.92 -55.44 -39.37
CA GLY B 21 -1.89 -55.19 -38.38
C GLY B 21 -1.73 -53.71 -38.08
N SER B 22 -1.08 -53.39 -36.96
CA SER B 22 -0.89 -51.97 -36.53
C SER B 22 0.59 -51.61 -36.34
N HIS B 23 0.92 -50.32 -36.39
CA HIS B 23 2.32 -49.83 -36.25
C HIS B 23 2.36 -48.45 -35.58
N HIS B 24 3.00 -48.38 -34.41
CA HIS B 24 3.02 -47.15 -33.56
C HIS B 24 4.43 -46.84 -33.06
N LEU B 25 4.80 -45.56 -33.04
CA LEU B 25 6.11 -45.09 -32.52
C LEU B 25 5.90 -44.11 -31.36
N TYR B 26 6.96 -43.50 -30.83
CA TYR B 26 6.86 -42.50 -29.78
C TYR B 26 7.80 -41.35 -30.14
N VAL B 27 7.30 -40.42 -30.96
CA VAL B 27 8.05 -39.23 -31.35
C VAL B 27 7.80 -38.14 -30.32
N SER B 28 8.59 -37.08 -30.36
CA SER B 28 8.40 -35.94 -29.48
C SER B 28 7.69 -34.81 -30.22
N SER B 29 6.91 -34.03 -29.47
CA SER B 29 6.21 -32.87 -30.02
C SER B 29 7.11 -31.65 -29.86
N ARG B 30 7.79 -31.28 -30.94
CA ARG B 30 8.76 -30.19 -30.91
C ARG B 30 8.02 -28.88 -31.14
N THR B 31 7.49 -28.32 -30.05
CA THR B 31 6.76 -27.04 -30.03
C THR B 31 5.57 -27.04 -30.99
N ARG B 32 4.85 -28.16 -31.05
CA ARG B 32 3.64 -28.26 -31.84
C ARG B 32 2.42 -28.17 -30.93
N GLY B 33 1.29 -27.80 -31.53
CA GLY B 33 0.05 -27.68 -30.80
C GLY B 33 -0.24 -26.31 -30.23
N VAL B 34 0.52 -25.29 -30.61
CA VAL B 34 0.26 -23.94 -30.16
C VAL B 34 -0.97 -23.41 -30.88
N TYR B 35 -1.93 -22.87 -30.11
CA TYR B 35 -3.13 -22.29 -30.68
C TYR B 35 -3.37 -20.91 -30.05
N TYR B 36 -4.24 -20.14 -30.68
CA TYR B 36 -4.61 -18.84 -30.15
C TYR B 36 -5.48 -19.03 -28.92
N PRO B 37 -5.06 -18.53 -27.74
CA PRO B 37 -5.83 -18.79 -26.53
C PRO B 37 -7.06 -17.92 -26.36
N ASP B 38 -7.22 -16.86 -27.14
CA ASP B 38 -8.39 -16.01 -27.07
C ASP B 38 -8.60 -15.33 -28.41
N ASP B 39 -9.75 -14.65 -28.54
CA ASP B 39 -10.15 -14.04 -29.80
C ASP B 39 -9.77 -12.57 -29.88
N ALA B 40 -8.82 -12.11 -29.07
CA ALA B 40 -8.41 -10.71 -29.05
C ALA B 40 -7.18 -10.53 -29.92
N PHE B 41 -7.19 -9.49 -30.75
CA PHE B 41 -6.04 -9.16 -31.57
C PHE B 41 -4.93 -8.56 -30.72
N ARG B 42 -3.71 -9.04 -30.92
CA ARG B 42 -2.54 -8.52 -30.22
C ARG B 42 -1.39 -8.47 -31.20
N SER B 43 -0.50 -7.50 -31.02
CA SER B 43 0.64 -7.35 -31.90
C SER B 43 1.83 -6.81 -31.13
N SER B 44 3.02 -7.35 -31.45
CA SER B 44 4.30 -6.89 -30.91
C SER B 44 4.37 -6.99 -29.40
N THR B 45 3.84 -8.08 -28.84
CA THR B 45 3.82 -8.28 -27.40
C THR B 45 4.09 -9.73 -27.06
N ASN B 46 4.53 -9.97 -25.82
CA ASN B 46 4.66 -11.30 -25.24
C ASN B 46 3.61 -11.43 -24.14
N VAL B 47 2.72 -12.41 -24.28
CA VAL B 47 1.54 -12.54 -23.43
C VAL B 47 1.58 -13.90 -22.73
N LEU B 48 1.36 -13.90 -21.42
CA LEU B 48 1.19 -15.12 -20.65
C LEU B 48 -0.26 -15.58 -20.70
N HIS B 49 -0.45 -16.88 -20.87
CA HIS B 49 -1.78 -17.46 -20.87
C HIS B 49 -1.74 -18.83 -20.21
N GLU B 50 -2.76 -19.12 -19.40
CA GLU B 50 -2.89 -20.41 -18.74
C GLU B 50 -4.08 -21.14 -19.33
N GLY B 51 -3.89 -22.42 -19.63
CA GLY B 51 -4.94 -23.21 -20.25
C GLY B 51 -4.45 -24.61 -20.51
N PHE B 52 -5.20 -25.34 -21.32
CA PHE B 52 -4.85 -26.71 -21.66
C PHE B 52 -4.08 -26.69 -22.96
N PHE B 53 -2.76 -26.83 -22.85
CA PHE B 53 -1.86 -26.82 -24.00
C PHE B 53 -1.07 -28.11 -24.06
N LEU B 54 -0.65 -28.48 -25.25
CA LEU B 54 0.24 -29.62 -25.40
C LEU B 54 1.63 -29.24 -24.90
N PRO B 55 2.19 -29.94 -23.92
CA PRO B 55 3.49 -29.57 -23.39
C PRO B 55 4.60 -29.77 -24.42
N PHE B 56 5.63 -28.93 -24.31
CA PHE B 56 6.74 -28.99 -25.24
C PHE B 56 7.56 -30.26 -24.99
N ASP B 57 8.00 -30.89 -26.09
CA ASP B 57 8.78 -32.13 -26.06
C ASP B 57 8.04 -33.25 -25.33
N SER B 58 6.72 -33.30 -25.50
CA SER B 58 5.92 -34.34 -24.87
C SER B 58 6.05 -35.64 -25.64
N ASN B 59 5.81 -36.75 -24.93
CA ASN B 59 5.94 -38.09 -25.49
C ASN B 59 4.63 -38.47 -26.16
N VAL B 60 4.50 -38.04 -27.42
CA VAL B 60 3.28 -38.28 -28.19
C VAL B 60 3.45 -39.54 -29.02
N THR B 61 2.32 -40.09 -29.47
CA THR B 61 2.29 -41.38 -30.13
C THR B 61 2.07 -41.20 -31.63
N TRP B 62 2.90 -41.87 -32.43
CA TRP B 62 2.81 -41.82 -33.88
C TRP B 62 2.14 -43.11 -34.37
N TYR B 63 1.11 -42.96 -35.20
CA TYR B 63 0.43 -44.09 -35.82
C TYR B 63 0.63 -44.02 -37.32
N SER B 64 1.10 -45.11 -37.91
CA SER B 64 1.49 -45.14 -39.31
C SER B 64 0.57 -46.04 -40.12
N PHE B 65 0.36 -45.67 -41.39
CA PHE B 65 -0.45 -46.44 -42.31
C PHE B 65 0.28 -46.82 -43.59
N TRP B 66 1.51 -46.35 -43.80
CA TRP B 66 2.11 -46.38 -45.12
C TRP B 66 2.48 -47.80 -45.55
N ASN B 67 2.91 -48.65 -44.63
CA ASN B 67 3.36 -49.99 -45.00
C ASN B 67 2.24 -51.02 -44.95
N GLN B 68 1.10 -50.66 -45.55
CA GLN B 68 -0.09 -51.52 -45.65
C GLN B 68 -0.50 -52.10 -44.31
N LYS B 69 -0.42 -51.27 -43.26
CA LYS B 69 -0.78 -51.68 -41.91
C LYS B 69 -1.80 -50.69 -41.37
N TYR B 70 -2.90 -51.22 -40.83
CA TYR B 70 -4.05 -50.41 -40.43
C TYR B 70 -4.01 -50.21 -38.93
N SER B 71 -3.73 -48.99 -38.50
CA SER B 71 -3.49 -48.68 -37.08
C SER B 71 -4.38 -47.52 -36.63
N VAL B 72 -5.58 -47.85 -36.16
CA VAL B 72 -6.42 -46.90 -35.41
C VAL B 72 -6.60 -47.46 -34.01
N ALA B 73 -6.61 -46.56 -33.03
CA ALA B 73 -6.75 -46.95 -31.64
C ALA B 73 -7.79 -46.08 -30.96
N THR B 74 -8.39 -46.63 -29.90
CA THR B 74 -9.34 -45.88 -29.08
C THR B 74 -8.54 -45.08 -28.06
N SER B 75 -7.94 -43.99 -28.54
CA SER B 75 -7.11 -43.16 -27.70
C SER B 75 -7.97 -42.36 -26.71
N PRO B 76 -7.46 -42.11 -25.51
CA PRO B 76 -8.25 -41.39 -24.50
C PRO B 76 -8.37 -39.91 -24.84
N PHE B 77 -9.28 -39.25 -24.13
CA PHE B 77 -9.54 -37.82 -24.31
C PHE B 77 -9.37 -37.11 -22.98
N GLY B 78 -8.26 -37.36 -22.31
CA GLY B 78 -8.02 -36.71 -21.04
C GLY B 78 -7.71 -35.23 -21.16
N ASP B 79 -8.67 -34.39 -20.75
CA ASP B 79 -8.52 -32.94 -20.67
C ASP B 79 -8.18 -32.31 -22.01
N GLY B 80 -8.65 -32.89 -23.10
CA GLY B 80 -8.34 -32.38 -24.42
C GLY B 80 -7.24 -33.17 -25.10
N VAL B 81 -7.22 -33.09 -26.43
CA VAL B 81 -6.30 -33.88 -27.23
C VAL B 81 -5.67 -33.00 -28.30
N TYR B 82 -4.51 -33.42 -28.78
CA TYR B 82 -3.85 -32.83 -29.93
C TYR B 82 -3.81 -33.86 -31.04
N PHE B 83 -4.27 -33.49 -32.23
CA PHE B 83 -4.30 -34.37 -33.37
C PHE B 83 -3.56 -33.72 -34.53
N SER B 84 -2.78 -34.52 -35.25
CA SER B 84 -2.07 -34.01 -36.41
C SER B 84 -1.84 -35.15 -37.39
N THR B 85 -2.35 -34.98 -38.60
CA THR B 85 -2.18 -35.97 -39.65
C THR B 85 -1.19 -35.46 -40.69
N ILE B 86 -0.23 -36.31 -41.05
CA ILE B 86 0.75 -36.01 -42.09
C ILE B 86 0.33 -36.80 -43.33
N ASP B 87 -0.02 -36.09 -44.39
CA ASP B 87 -0.72 -36.72 -45.49
C ASP B 87 -0.37 -36.06 -46.81
N LYS B 88 -0.49 -36.84 -47.88
CA LYS B 88 -0.43 -36.35 -49.25
C LYS B 88 -1.81 -36.33 -49.90
N SER B 89 -2.58 -37.40 -49.73
CA SER B 89 -3.98 -37.42 -50.09
C SER B 89 -4.82 -37.08 -48.85
N ASN B 90 -6.13 -37.17 -49.00
CA ASN B 90 -7.05 -36.88 -47.90
C ASN B 90 -7.49 -38.18 -47.23
N VAL B 91 -6.54 -38.82 -46.56
CA VAL B 91 -6.77 -40.15 -46.01
C VAL B 91 -7.62 -40.08 -44.75
N VAL B 92 -7.18 -39.31 -43.76
CA VAL B 92 -7.94 -39.17 -42.53
C VAL B 92 -9.17 -38.31 -42.82
N ARG B 93 -10.34 -38.91 -42.65
CA ARG B 93 -11.59 -38.22 -42.98
C ARG B 93 -12.21 -37.51 -41.78
N GLY B 94 -12.08 -38.09 -40.58
CA GLY B 94 -12.68 -37.49 -39.42
C GLY B 94 -12.47 -38.34 -38.19
N TRP B 95 -13.31 -38.11 -37.19
CA TRP B 95 -13.16 -38.77 -35.90
C TRP B 95 -14.53 -39.13 -35.36
N VAL B 96 -14.54 -40.11 -34.46
CA VAL B 96 -15.70 -40.34 -33.61
C VAL B 96 -15.30 -40.01 -32.18
N PHE B 97 -16.23 -39.44 -31.43
CA PHE B 97 -16.00 -39.07 -30.04
C PHE B 97 -17.09 -39.68 -29.18
N GLY B 98 -16.73 -40.12 -27.98
CA GLY B 98 -17.70 -40.69 -27.07
C GLY B 98 -17.02 -41.29 -25.86
N THR B 99 -17.74 -42.19 -25.19
CA THR B 99 -17.24 -42.89 -24.02
C THR B 99 -17.03 -44.37 -24.30
N THR B 100 -18.07 -45.07 -24.74
CA THR B 100 -17.99 -46.50 -25.02
C THR B 100 -18.07 -46.82 -26.50
N LEU B 101 -18.50 -45.87 -27.34
CA LEU B 101 -18.51 -45.98 -28.80
C LEU B 101 -19.38 -47.14 -29.29
N ASP B 102 -20.46 -47.43 -28.57
CA ASP B 102 -21.49 -48.35 -29.05
C ASP B 102 -22.87 -47.80 -28.74
N ASN B 103 -23.91 -48.61 -28.88
CA ASN B 103 -25.27 -48.10 -28.99
C ASN B 103 -25.98 -47.92 -27.65
N ASP B 104 -25.28 -48.01 -26.52
CA ASP B 104 -25.89 -47.68 -25.25
C ASP B 104 -25.56 -46.27 -24.78
N THR B 105 -24.76 -45.53 -25.55
CA THR B 105 -24.43 -44.14 -25.24
C THR B 105 -24.43 -43.35 -26.54
N GLN B 106 -24.54 -42.04 -26.42
CA GLN B 106 -24.46 -41.17 -27.58
C GLN B 106 -23.00 -40.95 -27.97
N SER B 107 -22.78 -40.72 -29.26
CA SER B 107 -21.45 -40.49 -29.80
C SER B 107 -21.48 -39.35 -30.78
N VAL B 108 -20.33 -38.70 -30.94
CA VAL B 108 -20.16 -37.60 -31.88
C VAL B 108 -19.49 -38.14 -33.14
N LEU B 109 -20.02 -37.80 -34.30
CA LEU B 109 -19.48 -38.24 -35.58
C LEU B 109 -19.11 -37.00 -36.40
N LEU B 110 -17.85 -36.60 -36.32
CA LEU B 110 -17.33 -35.44 -37.04
C LEU B 110 -16.41 -35.94 -38.14
N TYR B 111 -16.75 -35.63 -39.39
CA TYR B 111 -16.04 -36.20 -40.52
C TYR B 111 -16.27 -35.35 -41.76
N ASN B 112 -15.53 -35.67 -42.81
CA ASN B 112 -15.67 -35.06 -44.13
C ASN B 112 -16.18 -36.13 -45.09
N ASP B 113 -17.37 -35.90 -45.65
CA ASP B 113 -17.94 -36.85 -46.58
C ASP B 113 -17.44 -36.69 -48.01
N GLY B 114 -16.67 -35.64 -48.28
CA GLY B 114 -16.18 -35.38 -49.62
C GLY B 114 -16.45 -33.96 -50.08
N THR B 115 -17.59 -33.42 -49.69
CA THR B 115 -17.97 -32.07 -50.05
C THR B 115 -18.31 -31.19 -48.86
N HIS B 116 -18.55 -31.76 -47.68
CA HIS B 116 -18.92 -30.98 -46.52
C HIS B 116 -18.28 -31.58 -45.28
N VAL B 117 -18.18 -30.77 -44.23
CA VAL B 117 -17.78 -31.24 -42.91
C VAL B 117 -19.04 -31.34 -42.08
N ARG B 118 -19.42 -32.56 -41.72
CA ARG B 118 -20.66 -32.82 -40.99
C ARG B 118 -20.34 -33.30 -39.58
N VAL B 119 -21.17 -32.88 -38.62
CA VAL B 119 -21.10 -33.37 -37.26
C VAL B 119 -22.46 -33.98 -36.92
N GLU B 120 -22.44 -35.22 -36.41
CA GLU B 120 -23.66 -35.93 -36.04
C GLU B 120 -23.48 -36.45 -34.62
N VAL B 121 -24.33 -35.98 -33.71
CA VAL B 121 -24.36 -36.47 -32.33
C VAL B 121 -25.58 -37.36 -32.24
N CYS B 122 -25.39 -38.65 -32.50
CA CYS B 122 -26.47 -39.62 -32.50
C CYS B 122 -26.02 -40.85 -31.72
N THR B 123 -26.96 -41.78 -31.51
CA THR B 123 -26.67 -43.04 -30.83
C THR B 123 -26.36 -44.07 -31.92
N PHE B 124 -25.08 -44.22 -32.23
CA PHE B 124 -24.65 -45.03 -33.37
C PHE B 124 -24.42 -46.47 -32.94
N HIS B 125 -24.95 -47.40 -33.73
CA HIS B 125 -24.51 -48.79 -33.68
C HIS B 125 -23.32 -48.89 -34.63
N PHE B 126 -22.13 -48.60 -34.10
CA PHE B 126 -20.95 -48.48 -34.93
C PHE B 126 -20.49 -49.84 -35.43
N CYS B 127 -19.83 -49.82 -36.59
CA CYS B 127 -19.18 -51.01 -37.10
C CYS B 127 -17.99 -51.36 -36.20
N PRO B 128 -17.57 -52.63 -36.21
CA PRO B 128 -16.37 -53.00 -35.42
C PRO B 128 -15.12 -52.24 -35.85
N THR B 129 -15.01 -51.85 -37.12
CA THR B 129 -13.99 -50.92 -37.57
C THR B 129 -14.69 -49.90 -38.45
N PRO B 130 -14.90 -48.68 -37.95
CA PRO B 130 -15.53 -47.64 -38.77
C PRO B 130 -14.53 -47.02 -39.74
N VAL B 131 -14.81 -47.15 -41.03
CA VAL B 131 -13.85 -46.74 -42.06
C VAL B 131 -14.61 -46.55 -43.37
N PHE B 132 -14.19 -45.54 -44.13
CA PHE B 132 -14.71 -45.36 -45.49
C PHE B 132 -14.04 -46.35 -46.43
N SER B 133 -14.82 -46.90 -47.35
CA SER B 133 -14.30 -47.90 -48.29
C SER B 133 -14.02 -47.32 -49.67
N ALA B 134 -15.04 -46.78 -50.32
CA ALA B 134 -14.93 -46.33 -51.72
C ALA B 134 -15.58 -44.96 -51.86
N SER B 135 -15.18 -44.03 -50.98
CA SER B 135 -15.83 -42.73 -50.78
C SER B 135 -17.31 -42.89 -50.42
N SER B 136 -17.61 -43.97 -49.70
CA SER B 136 -18.95 -44.28 -49.22
C SER B 136 -18.88 -44.62 -47.74
N PRO B 137 -19.85 -44.17 -46.95
CA PRO B 137 -19.79 -44.37 -45.50
C PRO B 137 -20.07 -45.82 -45.13
N HIS B 138 -19.16 -46.42 -44.37
CA HIS B 138 -19.32 -47.73 -43.74
C HIS B 138 -19.09 -47.61 -42.25
N LEU B 139 -19.69 -46.59 -41.65
CA LEU B 139 -19.38 -46.21 -40.27
C LEU B 139 -20.31 -46.89 -39.26
N TYR B 140 -21.62 -46.78 -39.46
CA TYR B 140 -22.58 -47.25 -38.48
C TYR B 140 -23.68 -48.07 -39.17
N SER B 141 -24.22 -49.03 -38.44
CA SER B 141 -25.39 -49.77 -38.91
C SER B 141 -26.67 -48.95 -38.75
N SER B 142 -26.80 -48.22 -37.65
CA SER B 142 -28.02 -47.48 -37.37
C SER B 142 -27.70 -46.31 -36.44
N ALA B 143 -28.62 -45.35 -36.42
CA ALA B 143 -28.52 -44.18 -35.54
C ALA B 143 -29.92 -43.62 -35.34
N PHE B 144 -30.42 -43.66 -34.10
CA PHE B 144 -31.82 -43.35 -33.85
C PHE B 144 -32.03 -42.09 -33.02
N ASN B 145 -31.44 -42.00 -31.82
CA ASN B 145 -31.71 -40.89 -30.92
C ASN B 145 -30.64 -39.82 -31.15
N CYS B 146 -30.86 -39.02 -32.18
CA CYS B 146 -29.80 -38.17 -32.71
C CYS B 146 -30.19 -36.71 -32.49
N THR B 147 -29.40 -36.02 -31.67
CA THR B 147 -29.76 -34.68 -31.20
C THR B 147 -29.11 -33.56 -31.99
N LEU B 148 -28.04 -33.83 -32.73
CA LEU B 148 -27.34 -32.79 -33.48
C LEU B 148 -26.93 -33.35 -34.84
N ASN B 149 -27.29 -32.63 -35.90
CA ASN B 149 -26.95 -33.05 -37.26
C ASN B 149 -26.97 -31.82 -38.15
N TYR B 150 -25.78 -31.30 -38.47
CA TYR B 150 -25.66 -30.17 -39.39
C TYR B 150 -24.25 -30.15 -39.96
N THR B 151 -24.07 -29.35 -41.00
CA THR B 151 -22.79 -29.23 -41.68
C THR B 151 -22.05 -28.00 -41.14
N LEU B 152 -20.75 -28.17 -40.87
CA LEU B 152 -19.94 -27.10 -40.32
C LEU B 152 -19.30 -26.24 -41.39
N ALA B 153 -18.77 -26.86 -42.45
CA ALA B 153 -18.12 -26.12 -43.52
C ALA B 153 -18.26 -26.90 -44.82
N SER B 154 -18.10 -26.20 -45.93
CA SER B 154 -18.21 -26.78 -47.26
C SER B 154 -16.82 -26.73 -47.90
N VAL B 155 -16.02 -27.77 -47.65
CA VAL B 155 -14.69 -27.90 -48.25
C VAL B 155 -14.69 -29.10 -49.17
N ARG B 156 -13.92 -28.99 -50.25
CA ARG B 156 -13.90 -29.99 -51.32
C ARG B 156 -12.67 -30.87 -51.13
N ALA B 157 -12.85 -31.99 -50.42
CA ALA B 157 -11.78 -32.95 -50.18
C ALA B 157 -12.10 -34.23 -50.94
N ASP B 158 -11.29 -34.54 -51.95
CA ASP B 158 -11.53 -35.71 -52.77
C ASP B 158 -10.95 -36.96 -52.12
N PHE B 159 -11.41 -38.11 -52.59
CA PHE B 159 -10.95 -39.41 -52.13
C PHE B 159 -9.94 -40.04 -53.09
N THR B 160 -9.11 -39.22 -53.72
CA THR B 160 -8.17 -39.67 -54.74
C THR B 160 -6.79 -39.88 -54.13
N GLU B 161 -6.21 -41.05 -54.38
CA GLU B 161 -4.85 -41.33 -53.95
C GLU B 161 -3.86 -40.49 -54.75
N VAL B 162 -2.87 -39.92 -54.06
CA VAL B 162 -1.86 -39.07 -54.67
C VAL B 162 -0.51 -39.75 -54.49
N ASP B 163 0.17 -40.00 -55.60
CA ASP B 163 1.48 -40.63 -55.56
C ASP B 163 2.56 -39.62 -55.16
N GLY B 164 3.58 -40.12 -54.48
CA GLY B 164 4.69 -39.28 -54.07
C GLY B 164 4.93 -39.29 -52.57
N SER B 165 5.56 -38.24 -52.07
CA SER B 165 5.82 -38.10 -50.65
C SER B 165 4.69 -37.31 -49.98
N PHE B 166 4.74 -37.26 -48.64
CA PHE B 166 3.78 -36.48 -47.89
C PHE B 166 3.97 -34.99 -48.15
N LYS B 167 2.86 -34.27 -48.31
CA LYS B 167 2.90 -32.88 -48.72
C LYS B 167 2.57 -31.91 -47.59
N THR B 168 1.42 -32.09 -46.92
CA THR B 168 0.98 -31.17 -45.89
C THR B 168 0.80 -31.90 -44.57
N ILE B 169 0.79 -31.10 -43.50
CA ILE B 169 0.41 -31.58 -42.17
C ILE B 169 -0.80 -30.75 -41.71
N ARG B 170 -1.80 -31.43 -41.18
CA ARG B 170 -3.02 -30.79 -40.70
C ARG B 170 -3.12 -31.05 -39.20
N GLU B 171 -2.95 -30.00 -38.40
CA GLU B 171 -2.92 -30.12 -36.95
C GLU B 171 -4.25 -29.68 -36.36
N PHE B 172 -4.69 -30.40 -35.33
CA PHE B 172 -5.96 -30.15 -34.68
C PHE B 172 -5.77 -30.13 -33.17
N VAL B 173 -6.57 -29.33 -32.49
CA VAL B 173 -6.69 -29.36 -31.05
C VAL B 173 -8.16 -29.48 -30.71
N PHE B 174 -8.52 -30.57 -30.04
CA PHE B 174 -9.89 -30.82 -29.60
C PHE B 174 -9.92 -30.71 -28.08
N LYS B 175 -10.77 -29.84 -27.57
CA LYS B 175 -10.95 -29.72 -26.13
C LYS B 175 -12.43 -29.49 -25.82
N LEU B 176 -12.84 -29.96 -24.65
CA LEU B 176 -14.20 -29.79 -24.16
C LEU B 176 -14.25 -28.60 -23.21
N GLN B 177 -15.18 -27.69 -23.47
CA GLN B 177 -15.36 -26.51 -22.61
C GLN B 177 -16.85 -26.28 -22.45
N ASP B 178 -17.37 -26.61 -21.26
CA ASP B 178 -18.78 -26.44 -20.91
C ASP B 178 -19.71 -27.16 -21.89
N GLY B 179 -19.40 -28.43 -22.16
CA GLY B 179 -20.24 -29.25 -23.00
C GLY B 179 -20.09 -29.02 -24.49
N SER B 180 -19.18 -28.15 -24.91
CA SER B 180 -18.98 -27.86 -26.32
C SER B 180 -17.60 -28.31 -26.74
N LEU B 181 -17.50 -28.89 -27.94
CA LEU B 181 -16.24 -29.36 -28.48
C LEU B 181 -15.61 -28.25 -29.31
N ASN B 182 -14.53 -27.67 -28.79
CA ASN B 182 -13.83 -26.60 -29.49
C ASN B 182 -12.74 -27.19 -30.36
N VAL B 183 -12.71 -26.77 -31.62
CA VAL B 183 -11.78 -27.29 -32.62
C VAL B 183 -10.86 -26.17 -33.06
N TYR B 184 -9.56 -26.38 -32.94
CA TYR B 184 -8.54 -25.46 -33.43
C TYR B 184 -7.81 -26.14 -34.59
N TYR B 185 -7.49 -25.38 -35.62
CA TYR B 185 -7.01 -25.99 -36.86
C TYR B 185 -5.97 -25.11 -37.53
N ALA B 186 -4.94 -25.76 -38.08
CA ALA B 186 -3.97 -25.11 -38.94
C ALA B 186 -3.35 -26.15 -39.85
N SER B 187 -3.10 -25.78 -41.11
CA SER B 187 -2.49 -26.65 -42.08
C SER B 187 -1.21 -26.01 -42.61
N THR B 188 -0.13 -26.78 -42.64
CA THR B 188 1.17 -26.28 -43.04
C THR B 188 1.80 -27.22 -44.06
N SER B 189 2.58 -26.65 -44.97
CA SER B 189 3.31 -27.44 -45.95
C SER B 189 4.47 -28.16 -45.25
N TYR B 190 4.48 -29.48 -45.33
CA TYR B 190 5.49 -30.30 -44.65
C TYR B 190 5.86 -31.46 -45.58
N VAL B 191 6.93 -31.28 -46.34
CA VAL B 191 7.37 -32.29 -47.30
C VAL B 191 8.18 -33.33 -46.53
N LEU B 192 7.57 -34.49 -46.29
CA LEU B 192 8.21 -35.60 -45.61
C LEU B 192 8.23 -36.80 -46.54
N ALA B 193 9.41 -37.41 -46.70
CA ALA B 193 9.55 -38.54 -47.60
C ALA B 193 8.86 -39.78 -47.01
N ILE B 194 8.64 -40.76 -47.89
CA ILE B 194 7.90 -41.96 -47.51
C ILE B 194 8.70 -42.80 -46.52
N GLY B 195 9.98 -43.03 -46.82
CA GLY B 195 10.80 -43.86 -45.96
C GLY B 195 11.64 -43.07 -44.97
N ALA B 196 11.36 -41.78 -44.83
CA ALA B 196 12.14 -40.93 -43.96
C ALA B 196 11.80 -41.18 -42.49
N THR B 197 12.59 -40.59 -41.61
CA THR B 197 12.34 -40.70 -40.17
C THR B 197 11.08 -39.94 -39.80
N SER B 198 10.22 -40.60 -39.03
CA SER B 198 8.93 -40.01 -38.63
C SER B 198 9.16 -39.02 -37.51
N GLN B 199 8.92 -37.74 -37.80
CA GLN B 199 9.05 -36.69 -36.79
C GLN B 199 8.16 -35.52 -37.17
N LEU B 200 7.78 -34.75 -36.15
CA LEU B 200 6.97 -33.56 -36.34
C LEU B 200 7.84 -32.41 -36.85
N PRO B 201 7.24 -31.42 -37.52
CA PRO B 201 8.03 -30.28 -38.01
C PRO B 201 8.56 -29.43 -36.87
N SER B 202 9.61 -28.67 -37.18
CA SER B 202 10.17 -27.71 -36.25
C SER B 202 9.43 -26.38 -36.35
N GLY B 203 9.63 -25.54 -35.34
CA GLY B 203 9.00 -24.23 -35.32
C GLY B 203 7.63 -24.25 -34.68
N VAL B 204 6.97 -23.11 -34.75
CA VAL B 204 5.66 -22.90 -34.14
C VAL B 204 4.69 -22.50 -35.24
N THR B 205 3.59 -23.24 -35.36
CA THR B 205 2.50 -22.89 -36.24
C THR B 205 1.23 -22.70 -35.40
N PRO B 206 0.71 -21.48 -35.29
CA PRO B 206 -0.46 -21.27 -34.44
C PRO B 206 -1.72 -21.82 -35.08
N LEU B 207 -2.55 -22.45 -34.25
CA LEU B 207 -3.82 -23.01 -34.69
C LEU B 207 -4.94 -22.01 -34.39
N VAL B 208 -5.72 -21.68 -35.41
CA VAL B 208 -6.79 -20.70 -35.26
C VAL B 208 -8.04 -21.41 -34.75
N PRO B 209 -8.89 -20.76 -33.96
CA PRO B 209 -10.14 -21.39 -33.53
C PRO B 209 -11.12 -21.51 -34.69
N LEU B 210 -11.59 -22.73 -34.93
CA LEU B 210 -12.46 -23.00 -36.06
C LEU B 210 -13.93 -23.07 -35.65
N TRP B 211 -14.28 -24.01 -34.77
CA TRP B 211 -15.67 -24.31 -34.47
C TRP B 211 -15.87 -24.48 -32.98
N LYS B 212 -17.11 -24.27 -32.55
CA LYS B 212 -17.57 -24.59 -31.20
C LYS B 212 -18.84 -25.41 -31.37
N ILE B 213 -18.73 -26.73 -31.21
CA ILE B 213 -19.81 -27.66 -31.52
C ILE B 213 -20.50 -28.02 -30.21
N PRO B 214 -21.76 -27.64 -30.00
CA PRO B 214 -22.47 -27.96 -28.75
C PRO B 214 -22.93 -29.42 -28.68
N ILE B 215 -21.98 -30.31 -28.38
CA ILE B 215 -22.29 -31.73 -28.37
C ILE B 215 -23.03 -32.13 -27.09
N GLY B 216 -22.66 -31.54 -25.96
CA GLY B 216 -23.29 -31.86 -24.68
C GLY B 216 -23.08 -33.30 -24.23
N LEU B 217 -21.86 -33.82 -24.36
CA LEU B 217 -21.58 -35.22 -24.12
C LEU B 217 -20.34 -35.39 -23.27
N ASN B 218 -20.25 -36.53 -22.61
CA ASN B 218 -19.01 -36.95 -21.98
C ASN B 218 -18.11 -37.56 -23.04
N ILE B 219 -16.90 -37.03 -23.20
CA ILE B 219 -15.93 -37.55 -24.13
C ILE B 219 -14.74 -38.04 -23.32
N THR B 220 -14.54 -39.36 -23.30
CA THR B 220 -13.39 -39.97 -22.68
C THR B 220 -12.50 -40.74 -23.65
N ASN B 221 -13.02 -41.10 -24.82
CA ASN B 221 -12.26 -41.83 -25.82
C ASN B 221 -12.60 -41.28 -27.19
N PHE B 222 -11.70 -41.50 -28.15
CA PHE B 222 -11.99 -41.13 -29.52
C PHE B 222 -11.24 -42.06 -30.46
N LYS B 223 -11.75 -42.15 -31.69
CA LYS B 223 -11.20 -43.01 -32.73
C LYS B 223 -11.09 -42.20 -34.02
N THR B 224 -10.17 -42.61 -34.88
CA THR B 224 -9.90 -41.91 -36.12
C THR B 224 -10.56 -42.63 -37.29
N LEU B 225 -11.13 -41.86 -38.21
CA LEU B 225 -11.77 -42.39 -39.41
C LEU B 225 -10.88 -42.11 -40.61
N VAL B 226 -10.53 -43.17 -41.35
CA VAL B 226 -9.72 -43.02 -42.56
C VAL B 226 -10.50 -43.62 -43.73
N TYR B 227 -9.89 -43.60 -44.92
CA TYR B 227 -10.50 -44.22 -46.09
C TYR B 227 -9.46 -45.08 -46.80
N LEU B 228 -9.93 -46.17 -47.38
CA LEU B 228 -9.09 -47.14 -48.08
C LEU B 228 -9.40 -47.11 -49.57
N ARG B 229 -8.76 -48.02 -50.30
CA ARG B 229 -9.03 -48.19 -51.72
C ARG B 229 -10.30 -49.03 -51.89
N SER B 230 -10.63 -49.36 -53.15
CA SER B 230 -11.83 -50.16 -53.41
C SER B 230 -11.67 -51.59 -52.92
N ASP B 231 -10.44 -52.11 -52.84
CA ASP B 231 -10.18 -53.44 -52.34
C ASP B 231 -9.86 -53.46 -50.84
N ASN B 232 -10.24 -52.39 -50.13
CA ASN B 232 -10.06 -52.26 -48.67
C ASN B 232 -8.59 -52.39 -48.26
N THR B 233 -7.74 -51.61 -48.93
CA THR B 233 -6.32 -51.54 -48.61
C THR B 233 -5.97 -50.16 -48.08
N PRO B 234 -5.31 -50.07 -46.93
CA PRO B 234 -5.00 -48.75 -46.37
C PRO B 234 -3.99 -47.98 -47.21
N LEU B 235 -4.12 -46.66 -47.18
CA LEU B 235 -3.27 -45.78 -47.97
C LEU B 235 -2.03 -45.38 -47.17
N GLN B 236 -1.18 -44.57 -47.79
CA GLN B 236 0.04 -44.07 -47.15
C GLN B 236 -0.30 -42.80 -46.39
N ALA B 237 -0.31 -42.90 -45.06
CA ALA B 237 -0.65 -41.77 -44.21
C ALA B 237 -0.12 -42.02 -42.81
N ALA B 238 -0.21 -40.99 -41.97
CA ALA B 238 0.17 -41.09 -40.57
C ALA B 238 -0.58 -40.04 -39.79
N TYR B 239 -0.85 -40.34 -38.51
CA TYR B 239 -1.44 -39.34 -37.62
C TYR B 239 -0.80 -39.45 -36.25
N VAL B 240 -0.77 -38.32 -35.54
CA VAL B 240 -0.15 -38.20 -34.23
C VAL B 240 -1.21 -37.78 -33.22
N VAL B 241 -1.16 -38.36 -32.03
CA VAL B 241 -2.09 -38.06 -30.95
C VAL B 241 -1.30 -37.62 -29.73
N GLY B 242 -1.58 -36.41 -29.24
CA GLY B 242 -0.98 -35.94 -28.01
C GLY B 242 -2.04 -35.38 -27.08
N HIS B 243 -1.73 -35.39 -25.79
CA HIS B 243 -2.71 -35.06 -24.76
C HIS B 243 -2.36 -33.72 -24.12
N LEU B 244 -3.35 -32.84 -24.04
CA LEU B 244 -3.15 -31.52 -23.45
C LEU B 244 -3.06 -31.61 -21.94
N LYS B 245 -2.33 -30.67 -21.35
CA LYS B 245 -2.19 -30.55 -19.91
C LYS B 245 -2.35 -29.07 -19.53
N ARG B 246 -2.74 -28.84 -18.27
CA ARG B 246 -2.90 -27.48 -17.78
C ARG B 246 -1.53 -26.83 -17.63
N ARG B 247 -1.24 -25.85 -18.48
CA ARG B 247 0.08 -25.27 -18.57
C ARG B 247 -0.04 -23.75 -18.69
N THR B 248 1.06 -23.08 -18.39
CA THR B 248 1.23 -21.66 -18.66
C THR B 248 2.19 -21.50 -19.83
N MET B 249 1.81 -20.70 -20.81
CA MET B 249 2.65 -20.46 -21.98
C MET B 249 2.79 -18.97 -22.24
N MET B 250 3.93 -18.59 -22.79
CA MET B 250 4.19 -17.24 -23.26
C MET B 250 4.15 -17.24 -24.79
N PHE B 251 3.29 -16.41 -25.36
CA PHE B 251 3.09 -16.34 -26.80
C PHE B 251 3.70 -15.06 -27.34
N LYS B 252 4.42 -15.18 -28.46
CA LYS B 252 5.03 -14.03 -29.12
C LYS B 252 4.18 -13.64 -30.32
N TYR B 253 3.59 -12.44 -30.27
CA TYR B 253 2.85 -11.89 -31.39
C TYR B 253 3.77 -10.96 -32.17
N ASP B 254 3.78 -11.10 -33.49
CA ASP B 254 4.60 -10.25 -34.33
C ASP B 254 3.84 -8.95 -34.64
N GLU B 255 4.38 -8.15 -35.55
CA GLU B 255 3.73 -6.88 -35.89
C GLU B 255 2.45 -7.10 -36.70
N ASN B 256 2.39 -8.19 -37.47
CA ASN B 256 1.17 -8.49 -38.22
C ASN B 256 0.07 -9.03 -37.32
N GLY B 257 0.39 -9.47 -36.12
CA GLY B 257 -0.58 -10.01 -35.19
C GLY B 257 -0.63 -11.52 -35.09
N THR B 258 0.30 -12.23 -35.73
CA THR B 258 0.31 -13.68 -35.70
C THR B 258 1.27 -14.18 -34.63
N ILE B 259 0.96 -15.34 -34.08
CA ILE B 259 1.84 -15.97 -33.09
C ILE B 259 3.00 -16.62 -33.83
N VAL B 260 4.22 -16.20 -33.52
CA VAL B 260 5.40 -16.67 -34.23
C VAL B 260 6.33 -17.49 -33.35
N ASP B 261 6.19 -17.42 -32.02
CA ASP B 261 7.03 -18.19 -31.13
C ASP B 261 6.30 -18.42 -29.82
N ALA B 262 6.71 -19.47 -29.11
CA ALA B 262 6.07 -19.81 -27.85
C ALA B 262 7.10 -20.42 -26.91
N ILE B 263 6.93 -20.15 -25.62
CA ILE B 263 7.74 -20.76 -24.57
C ILE B 263 6.80 -21.45 -23.59
N ASP B 264 7.04 -22.74 -23.36
CA ASP B 264 6.29 -23.49 -22.37
C ASP B 264 6.90 -23.25 -21.00
N CYS B 265 6.23 -22.44 -20.18
CA CYS B 265 6.68 -22.25 -18.81
C CYS B 265 6.55 -23.55 -18.02
N ALA B 266 7.42 -23.71 -17.02
CA ALA B 266 7.53 -24.92 -16.20
C ALA B 266 7.86 -26.15 -17.04
N LEU B 267 8.59 -25.97 -18.13
CA LEU B 267 9.21 -27.07 -18.85
C LEU B 267 10.65 -27.28 -18.38
N ASP B 268 11.43 -26.22 -18.38
CA ASP B 268 12.75 -26.16 -17.77
C ASP B 268 12.84 -24.84 -17.04
N PRO B 269 13.74 -24.72 -16.06
CA PRO B 269 13.86 -23.44 -15.32
C PRO B 269 14.25 -22.25 -16.20
N LEU B 270 14.96 -22.49 -17.30
CA LEU B 270 15.26 -21.40 -18.23
C LEU B 270 13.99 -20.86 -18.88
N SER B 271 13.05 -21.75 -19.23
CA SER B 271 11.76 -21.31 -19.75
C SER B 271 10.95 -20.56 -18.70
N GLU B 272 11.06 -20.98 -17.44
CA GLU B 272 10.39 -20.25 -16.37
C GLU B 272 10.97 -18.85 -16.20
N THR B 273 12.30 -18.72 -16.34
CA THR B 273 12.92 -17.40 -16.34
C THR B 273 12.45 -16.56 -17.53
N LYS B 274 12.32 -17.19 -18.69
CA LYS B 274 11.82 -16.49 -19.88
C LYS B 274 10.40 -15.99 -19.67
N CYS B 275 9.56 -16.80 -19.04
CA CYS B 275 8.17 -16.39 -18.77
C CYS B 275 8.12 -15.30 -17.71
N THR B 276 8.99 -15.38 -16.70
CA THR B 276 9.03 -14.34 -15.68
C THR B 276 9.49 -13.01 -16.24
N LEU B 277 10.48 -13.02 -17.12
CA LEU B 277 10.98 -11.78 -17.72
C LEU B 277 10.10 -11.24 -18.82
N ARG B 278 9.07 -12.00 -19.23
CA ARG B 278 8.20 -11.67 -20.37
C ARG B 278 9.01 -11.45 -21.64
N SER B 279 10.06 -12.24 -21.82
CA SER B 279 10.99 -12.04 -22.91
C SER B 279 11.52 -13.38 -23.39
N PHE B 280 11.77 -13.47 -24.69
CA PHE B 280 12.38 -14.65 -25.28
C PHE B 280 13.90 -14.58 -25.27
N ILE B 281 14.47 -13.46 -24.84
CA ILE B 281 15.92 -13.26 -24.74
C ILE B 281 16.27 -13.05 -23.28
N VAL B 282 17.19 -13.85 -22.77
CA VAL B 282 17.64 -13.76 -21.39
C VAL B 282 19.12 -13.38 -21.40
N GLU B 283 19.48 -12.33 -20.67
CA GLU B 283 20.86 -11.91 -20.60
C GLU B 283 21.64 -12.79 -19.64
N LYS B 284 22.96 -12.62 -19.65
CA LYS B 284 23.84 -13.38 -18.77
C LYS B 284 23.61 -13.00 -17.31
N GLY B 285 23.54 -14.00 -16.45
CA GLY B 285 23.37 -13.75 -15.03
C GLY B 285 22.74 -14.96 -14.34
N ILE B 286 22.38 -14.74 -13.09
CA ILE B 286 21.75 -15.75 -12.25
C ILE B 286 20.36 -15.24 -11.87
N TYR B 287 19.35 -16.10 -12.03
CA TYR B 287 17.96 -15.71 -11.86
C TYR B 287 17.26 -16.67 -10.92
N GLN B 288 16.55 -16.10 -9.96
CA GLN B 288 15.80 -16.92 -9.00
C GLN B 288 14.54 -17.40 -9.70
N THR B 289 14.20 -18.66 -9.53
CA THR B 289 12.99 -19.18 -10.14
C THR B 289 12.06 -19.57 -9.04
N SER B 290 10.99 -20.26 -9.37
CA SER B 290 10.03 -20.72 -8.34
C SER B 290 10.72 -21.66 -7.37
N ASN B 291 10.25 -21.69 -6.14
CA ASN B 291 10.77 -22.66 -5.16
C ASN B 291 10.43 -24.04 -5.68
N PHE B 292 11.24 -25.04 -5.39
CA PHE B 292 11.07 -26.39 -5.90
C PHE B 292 9.72 -26.95 -5.50
N ARG B 293 8.95 -27.41 -6.48
CA ARG B 293 7.58 -27.84 -6.28
C ARG B 293 7.46 -29.34 -6.48
N VAL B 294 6.72 -29.99 -5.59
CA VAL B 294 6.44 -31.43 -5.67
C VAL B 294 4.94 -31.58 -5.88
N GLN B 295 4.57 -32.30 -6.94
CA GLN B 295 3.15 -32.48 -7.20
C GLN B 295 2.61 -33.72 -6.48
N PRO B 296 1.40 -33.64 -5.94
CA PRO B 296 0.81 -34.83 -5.31
C PRO B 296 0.44 -35.88 -6.34
N GLN B 297 0.58 -37.14 -5.94
CA GLN B 297 0.26 -38.27 -6.80
C GLN B 297 -0.77 -39.22 -6.21
N ASP B 298 -1.15 -39.06 -4.95
CA ASP B 298 -2.15 -39.91 -4.31
C ASP B 298 -3.18 -39.05 -3.59
N THR B 299 -4.31 -39.66 -3.27
CA THR B 299 -5.40 -38.99 -2.57
C THR B 299 -5.71 -39.77 -1.30
N VAL B 300 -5.78 -39.07 -0.18
CA VAL B 300 -6.08 -39.66 1.12
C VAL B 300 -7.37 -39.04 1.63
N VAL B 301 -8.36 -39.88 1.90
CA VAL B 301 -9.63 -39.45 2.48
C VAL B 301 -9.82 -40.18 3.79
N ARG B 302 -9.97 -39.42 4.87
CA ARG B 302 -10.15 -39.98 6.21
C ARG B 302 -11.39 -39.39 6.84
N PHE B 303 -12.43 -40.19 6.97
CA PHE B 303 -13.69 -39.84 7.60
C PHE B 303 -13.91 -40.76 8.79
N PRO B 304 -14.70 -40.34 9.78
CA PRO B 304 -14.95 -41.19 10.95
C PRO B 304 -15.76 -42.43 10.58
N ASN B 305 -15.67 -43.44 11.45
CA ASN B 305 -16.39 -44.70 11.29
C ASN B 305 -17.88 -44.44 11.48
N ILE B 306 -18.61 -44.31 10.37
CA ILE B 306 -20.04 -44.06 10.43
C ILE B 306 -20.75 -45.12 9.59
N THR B 307 -21.78 -45.74 10.17
CA THR B 307 -22.54 -46.79 9.50
C THR B 307 -23.95 -46.36 9.12
N ASN B 308 -24.67 -45.74 10.05
CA ASN B 308 -26.09 -45.46 9.84
C ASN B 308 -26.29 -44.26 8.91
N LEU B 309 -27.42 -44.28 8.20
CA LEU B 309 -27.87 -43.12 7.46
C LEU B 309 -28.55 -42.13 8.40
N CYS B 310 -28.56 -40.86 7.99
CA CYS B 310 -29.20 -39.84 8.81
C CYS B 310 -30.72 -40.00 8.74
N PRO B 311 -31.41 -39.70 9.85
CA PRO B 311 -32.87 -39.93 9.89
C PRO B 311 -33.64 -38.96 9.03
N PHE B 312 -33.53 -39.09 7.72
CA PHE B 312 -34.28 -38.24 6.80
C PHE B 312 -35.76 -38.56 6.84
N SER B 313 -36.12 -39.82 7.05
CA SER B 313 -37.51 -40.27 6.99
C SER B 313 -38.29 -39.98 8.26
N GLU B 314 -37.64 -39.55 9.34
CA GLU B 314 -38.37 -39.13 10.53
C GLU B 314 -38.22 -37.65 10.83
N VAL B 315 -37.35 -36.94 10.12
CA VAL B 315 -37.29 -35.48 10.22
C VAL B 315 -38.18 -34.83 9.16
N PHE B 316 -38.01 -35.24 7.90
CA PHE B 316 -38.78 -34.66 6.79
C PHE B 316 -40.10 -35.35 6.55
N ASN B 317 -40.31 -36.55 7.12
CA ASN B 317 -41.53 -37.30 6.91
C ASN B 317 -42.19 -37.68 8.24
N ALA B 318 -42.00 -36.85 9.27
CA ALA B 318 -42.70 -37.06 10.53
C ALA B 318 -44.19 -36.82 10.35
N THR B 319 -44.99 -37.59 11.09
CA THR B 319 -46.44 -37.48 10.96
C THR B 319 -46.96 -36.16 11.53
N THR B 320 -46.34 -35.65 12.60
CA THR B 320 -46.74 -34.39 13.20
C THR B 320 -45.55 -33.44 13.24
N PHE B 321 -45.82 -32.16 13.02
CA PHE B 321 -44.82 -31.12 13.12
C PHE B 321 -45.21 -30.15 14.23
N ALA B 322 -44.21 -29.58 14.87
CA ALA B 322 -44.44 -28.66 15.98
C ALA B 322 -44.92 -27.30 15.46
N SER B 323 -45.57 -26.56 16.35
CA SER B 323 -45.88 -25.17 16.07
C SER B 323 -44.60 -24.33 16.08
N VAL B 324 -44.65 -23.19 15.41
CA VAL B 324 -43.44 -22.38 15.25
C VAL B 324 -43.02 -21.75 16.58
N TYR B 325 -43.97 -21.40 17.44
CA TYR B 325 -43.61 -20.87 18.76
C TYR B 325 -43.02 -21.95 19.66
N ALA B 326 -43.32 -23.21 19.40
CA ALA B 326 -42.80 -24.33 20.19
C ALA B 326 -41.99 -25.25 19.30
N TRP B 327 -41.09 -24.67 18.50
CA TRP B 327 -40.37 -25.42 17.48
C TRP B 327 -39.49 -26.50 18.09
N ASN B 328 -39.52 -27.67 17.49
CA ASN B 328 -38.79 -28.84 17.99
C ASN B 328 -37.37 -28.83 17.44
N ARG B 329 -36.40 -29.08 18.31
CA ARG B 329 -35.01 -29.22 17.92
C ARG B 329 -34.56 -30.65 18.19
N LYS B 330 -34.01 -31.30 17.17
CA LYS B 330 -33.57 -32.68 17.26
C LYS B 330 -32.05 -32.73 17.10
N ARG B 331 -31.38 -33.40 18.04
CA ARG B 331 -29.94 -33.57 17.96
C ARG B 331 -29.61 -34.70 16.99
N ILE B 332 -28.63 -34.45 16.11
CA ILE B 332 -28.29 -35.37 15.03
C ILE B 332 -26.80 -35.69 15.14
N SER B 333 -26.48 -36.97 15.26
CA SER B 333 -25.09 -37.39 15.38
C SER B 333 -24.94 -38.82 14.88
N ASN B 334 -23.71 -39.16 14.49
CA ASN B 334 -23.30 -40.50 14.10
C ASN B 334 -24.12 -41.04 12.92
N CYS B 335 -24.15 -40.27 11.84
CA CYS B 335 -24.95 -40.65 10.69
C CYS B 335 -24.35 -40.06 9.43
N VAL B 336 -24.66 -40.68 8.30
CA VAL B 336 -24.14 -40.26 6.99
C VAL B 336 -25.18 -39.36 6.34
N ALA B 337 -24.78 -38.12 6.03
CA ALA B 337 -25.68 -37.13 5.43
C ALA B 337 -25.64 -37.33 3.91
N ASP B 338 -26.38 -38.35 3.45
CA ASP B 338 -26.39 -38.66 2.02
C ASP B 338 -27.26 -37.68 1.25
N TYR B 339 -28.52 -37.53 1.66
CA TYR B 339 -29.52 -36.57 1.19
C TYR B 339 -29.93 -36.79 -0.26
N SER B 340 -29.30 -37.73 -0.96
CA SER B 340 -29.73 -38.11 -2.30
C SER B 340 -30.83 -39.16 -2.26
N VAL B 341 -31.08 -39.76 -1.09
CA VAL B 341 -32.20 -40.67 -0.92
C VAL B 341 -33.52 -39.93 -0.89
N LEU B 342 -33.49 -38.60 -0.69
CA LEU B 342 -34.68 -37.78 -0.74
C LEU B 342 -35.08 -37.42 -2.16
N TYR B 343 -34.24 -37.71 -3.15
CA TYR B 343 -34.55 -37.39 -4.54
C TYR B 343 -35.74 -38.19 -5.05
N ASN B 344 -35.94 -39.40 -4.52
CA ASN B 344 -37.01 -40.27 -5.01
C ASN B 344 -38.38 -39.81 -4.55
N SER B 345 -38.48 -39.14 -3.41
CA SER B 345 -39.78 -38.93 -2.79
C SER B 345 -40.08 -37.48 -2.44
N THR B 346 -39.04 -36.70 -2.11
CA THR B 346 -39.24 -35.38 -1.53
C THR B 346 -38.69 -34.30 -2.45
N SER B 347 -39.44 -33.21 -2.58
CA SER B 347 -39.02 -32.03 -3.31
C SER B 347 -39.26 -30.81 -2.45
N PHE B 348 -38.29 -29.89 -2.44
CA PHE B 348 -38.32 -28.73 -1.57
C PHE B 348 -38.48 -27.46 -2.40
N SER B 349 -39.45 -26.64 -2.02
CA SER B 349 -39.63 -25.35 -2.69
C SER B 349 -38.60 -24.33 -2.25
N THR B 350 -38.01 -24.53 -1.07
CA THR B 350 -36.97 -23.65 -0.54
C THR B 350 -35.80 -24.48 -0.06
N PHE B 351 -34.60 -24.17 -0.54
CA PHE B 351 -33.40 -24.82 -0.04
C PHE B 351 -32.25 -23.81 -0.17
N GLN B 352 -31.96 -23.12 0.93
CA GLN B 352 -30.92 -22.09 0.95
C GLN B 352 -29.93 -22.41 2.06
N CYS B 353 -28.65 -22.46 1.72
CA CYS B 353 -27.59 -22.78 2.66
C CYS B 353 -26.79 -21.52 2.98
N TYR B 354 -26.35 -21.41 4.22
CA TYR B 354 -25.62 -20.25 4.70
C TYR B 354 -24.29 -20.68 5.28
N GLY B 355 -23.21 -20.01 4.89
CA GLY B 355 -21.89 -20.35 5.34
C GLY B 355 -21.28 -21.54 4.65
N VAL B 356 -21.97 -22.11 3.66
CA VAL B 356 -21.51 -23.32 2.97
C VAL B 356 -22.23 -23.39 1.63
N SER B 357 -21.51 -23.80 0.59
CA SER B 357 -22.12 -24.05 -0.69
C SER B 357 -22.85 -25.39 -0.66
N SER B 358 -24.00 -25.45 -1.34
CA SER B 358 -24.79 -26.67 -1.36
C SER B 358 -24.09 -27.79 -2.12
N THR B 359 -23.29 -27.45 -3.13
CA THR B 359 -22.55 -28.46 -3.88
C THR B 359 -21.38 -29.04 -3.10
N LYS B 360 -20.97 -28.40 -2.01
CA LYS B 360 -19.87 -28.89 -1.19
C LYS B 360 -20.33 -29.75 -0.02
N LEU B 361 -21.64 -29.96 0.13
CA LEU B 361 -22.16 -30.69 1.29
C LEU B 361 -21.78 -32.17 1.26
N ASN B 362 -21.55 -32.74 0.08
CA ASN B 362 -21.25 -34.16 -0.02
C ASN B 362 -19.83 -34.49 0.39
N ASP B 363 -18.93 -33.50 0.44
CA ASP B 363 -17.53 -33.73 0.75
C ASP B 363 -17.13 -33.20 2.12
N LEU B 364 -18.10 -32.95 3.01
CA LEU B 364 -17.84 -32.29 4.27
C LEU B 364 -18.32 -33.15 5.43
N CYS B 365 -17.74 -32.87 6.60
CA CYS B 365 -18.21 -33.42 7.86
C CYS B 365 -18.72 -32.27 8.73
N PHE B 366 -19.76 -32.54 9.51
CA PHE B 366 -20.53 -31.50 10.18
C PHE B 366 -20.49 -31.71 11.69
N THR B 367 -20.27 -30.61 12.41
CA THR B 367 -20.12 -30.63 13.86
C THR B 367 -21.36 -30.01 14.51
N ASN B 368 -21.90 -30.70 15.51
CA ASN B 368 -23.01 -30.22 16.34
C ASN B 368 -24.26 -29.94 15.50
N VAL B 369 -24.76 -31.00 14.88
CA VAL B 369 -25.85 -30.88 13.92
C VAL B 369 -27.19 -30.86 14.68
N TYR B 370 -28.03 -29.89 14.35
CA TYR B 370 -29.38 -29.81 14.89
C TYR B 370 -30.36 -29.66 13.74
N ALA B 371 -31.57 -30.19 13.96
CA ALA B 371 -32.66 -30.09 12.99
C ALA B 371 -33.86 -29.46 13.66
N ASP B 372 -34.17 -28.22 13.29
CA ASP B 372 -35.32 -27.51 13.82
C ASP B 372 -36.47 -27.61 12.84
N SER B 373 -37.63 -28.06 13.32
CA SER B 373 -38.78 -28.31 12.46
C SER B 373 -40.01 -27.63 13.03
N PHE B 374 -40.78 -26.98 12.17
CA PHE B 374 -42.01 -26.28 12.55
C PHE B 374 -42.85 -26.05 11.31
N VAL B 375 -44.02 -25.45 11.52
CA VAL B 375 -44.97 -25.14 10.45
C VAL B 375 -45.27 -23.65 10.50
N VAL B 376 -45.10 -22.97 9.36
CA VAL B 376 -45.46 -21.58 9.21
C VAL B 376 -46.38 -21.44 8.00
N ARG B 377 -46.84 -20.21 7.76
CA ARG B 377 -47.63 -19.91 6.58
C ARG B 377 -46.73 -19.87 5.35
N GLY B 378 -47.36 -19.81 4.17
CA GLY B 378 -46.61 -19.78 2.93
C GLY B 378 -45.79 -18.52 2.76
N ASP B 379 -46.33 -17.37 3.17
CA ASP B 379 -45.63 -16.10 3.06
C ASP B 379 -44.69 -15.82 4.22
N GLU B 380 -44.61 -16.73 5.19
CA GLU B 380 -43.69 -16.59 6.31
C GLU B 380 -42.43 -17.42 6.15
N VAL B 381 -42.29 -18.15 5.05
CA VAL B 381 -41.09 -18.93 4.81
C VAL B 381 -39.89 -18.02 4.58
N ARG B 382 -40.11 -16.88 3.92
CA ARG B 382 -39.06 -15.90 3.69
C ARG B 382 -38.50 -15.32 4.99
N GLN B 383 -39.27 -15.36 6.08
CA GLN B 383 -38.79 -14.89 7.36
C GLN B 383 -37.81 -15.85 8.03
N ILE B 384 -37.70 -17.08 7.53
CA ILE B 384 -36.74 -18.04 8.10
C ILE B 384 -35.44 -17.83 7.33
N ALA B 385 -34.69 -16.82 7.75
CA ALA B 385 -33.44 -16.39 7.15
C ALA B 385 -32.76 -15.43 8.12
N PRO B 386 -31.43 -15.31 8.09
CA PRO B 386 -30.76 -14.32 8.95
C PRO B 386 -31.12 -12.90 8.56
N GLY B 387 -31.21 -12.03 9.57
CA GLY B 387 -31.47 -10.63 9.33
C GLY B 387 -32.89 -10.30 8.89
N GLN B 388 -33.86 -11.14 9.22
CA GLN B 388 -35.24 -10.92 8.82
C GLN B 388 -36.05 -10.35 9.99
N THR B 389 -37.16 -9.70 9.64
CA THR B 389 -38.11 -9.21 10.61
C THR B 389 -39.52 -9.62 10.17
N GLY B 390 -40.44 -9.55 11.12
CA GLY B 390 -41.79 -10.05 10.91
C GLY B 390 -42.25 -10.75 12.17
N VAL B 391 -43.45 -11.31 12.17
CA VAL B 391 -43.99 -11.90 13.40
C VAL B 391 -43.20 -13.15 13.79
N ILE B 392 -42.83 -13.98 12.80
CA ILE B 392 -42.11 -15.21 13.08
C ILE B 392 -40.68 -14.91 13.52
N ALA B 393 -40.01 -14.00 12.81
CA ALA B 393 -38.61 -13.70 13.13
C ALA B 393 -38.48 -12.95 14.45
N ASP B 394 -39.48 -12.16 14.82
CA ASP B 394 -39.39 -11.41 16.07
C ASP B 394 -39.83 -12.24 17.26
N TYR B 395 -40.93 -12.97 17.15
CA TYR B 395 -41.55 -13.55 18.33
C TYR B 395 -41.62 -15.08 18.34
N ASN B 396 -41.28 -15.75 17.24
CA ASN B 396 -41.42 -17.20 17.19
C ASN B 396 -40.10 -17.92 16.98
N TYR B 397 -39.34 -17.58 15.95
CA TYR B 397 -38.12 -18.32 15.63
C TYR B 397 -37.16 -17.38 14.92
N LYS B 398 -35.98 -17.19 15.51
CA LYS B 398 -34.96 -16.28 14.97
C LYS B 398 -33.69 -17.05 14.69
N LEU B 399 -33.13 -16.86 13.49
CA LEU B 399 -31.84 -17.39 13.09
C LEU B 399 -30.72 -16.41 13.51
N PRO B 400 -29.52 -16.91 13.78
CA PRO B 400 -28.41 -16.01 14.07
C PRO B 400 -27.98 -15.22 12.84
N ASP B 401 -27.34 -14.07 13.10
CA ASP B 401 -26.81 -13.25 12.02
C ASP B 401 -25.66 -13.96 11.30
N ASP B 402 -24.84 -14.70 12.04
CA ASP B 402 -23.73 -15.46 11.49
C ASP B 402 -24.10 -16.94 11.33
N PHE B 403 -25.34 -17.19 10.93
CA PHE B 403 -25.88 -18.55 10.86
C PHE B 403 -25.11 -19.39 9.83
N THR B 404 -24.71 -20.59 10.27
CA THR B 404 -24.12 -21.58 9.39
C THR B 404 -25.06 -22.78 9.33
N GLY B 405 -25.52 -23.09 8.13
CA GLY B 405 -26.43 -24.20 7.95
C GLY B 405 -27.31 -23.97 6.74
N CYS B 406 -28.37 -24.78 6.66
CA CYS B 406 -29.28 -24.76 5.52
C CYS B 406 -30.71 -24.71 6.00
N VAL B 407 -31.56 -24.05 5.23
CA VAL B 407 -32.98 -23.90 5.53
C VAL B 407 -33.77 -24.60 4.43
N LEU B 408 -34.63 -25.53 4.82
CA LEU B 408 -35.44 -26.29 3.88
C LEU B 408 -36.92 -26.05 4.18
N ALA B 409 -37.73 -25.97 3.13
CA ALA B 409 -39.16 -25.81 3.29
C ALA B 409 -39.87 -26.45 2.12
N TRP B 410 -41.10 -26.91 2.36
CA TRP B 410 -41.94 -27.45 1.31
C TRP B 410 -43.40 -27.23 1.68
N ASN B 411 -44.26 -27.27 0.68
CA ASN B 411 -45.69 -27.04 0.89
C ASN B 411 -46.30 -28.21 1.64
N SER B 412 -47.03 -27.89 2.71
CA SER B 412 -47.55 -28.91 3.62
C SER B 412 -49.06 -29.08 3.50
N ARG B 413 -49.66 -28.65 2.39
CA ARG B 413 -51.05 -28.97 2.13
C ARG B 413 -51.20 -30.46 1.87
N ASN B 414 -52.43 -30.95 2.05
CA ASN B 414 -52.86 -32.35 2.09
C ASN B 414 -52.37 -33.08 3.33
N GLN B 415 -51.61 -32.43 4.22
CA GLN B 415 -51.21 -33.02 5.48
C GLN B 415 -51.59 -32.09 6.64
N ASP B 416 -51.47 -30.79 6.41
CA ASP B 416 -51.70 -29.79 7.46
C ASP B 416 -52.83 -28.84 7.13
N ALA B 417 -53.60 -29.12 6.09
CA ALA B 417 -54.77 -28.30 5.74
C ALA B 417 -55.96 -29.21 5.48
N SER B 418 -57.15 -28.70 5.79
CA SER B 418 -58.38 -29.46 5.61
C SER B 418 -59.46 -28.54 5.07
N THR B 419 -60.54 -29.15 4.56
CA THR B 419 -61.64 -28.37 3.99
C THR B 419 -62.34 -27.55 5.07
N SER B 420 -62.55 -28.14 6.25
CA SER B 420 -63.17 -27.41 7.34
C SER B 420 -62.19 -26.52 8.10
N GLY B 421 -60.89 -26.71 7.89
CA GLY B 421 -59.90 -25.88 8.54
C GLY B 421 -59.09 -26.59 9.59
N ASN B 422 -57.77 -26.51 9.50
CA ASN B 422 -56.86 -27.10 10.48
C ASN B 422 -56.46 -25.99 11.46
N PHE B 423 -56.76 -26.20 12.74
CA PHE B 423 -56.51 -25.21 13.78
C PHE B 423 -55.56 -25.73 14.84
N ASN B 424 -54.70 -26.68 14.48
CA ASN B 424 -53.78 -27.29 15.43
C ASN B 424 -52.43 -26.56 15.52
N TYR B 425 -52.20 -25.55 14.70
CA TYR B 425 -50.92 -24.85 14.65
C TYR B 425 -51.09 -23.42 15.15
N TYR B 426 -50.14 -22.99 15.97
CA TYR B 426 -50.19 -21.69 16.62
C TYR B 426 -48.91 -20.91 16.33
N TYR B 427 -49.02 -19.59 16.41
CA TYR B 427 -47.85 -18.72 16.36
C TYR B 427 -48.05 -17.61 17.38
N ARG B 428 -46.95 -17.18 17.99
CA ARG B 428 -47.01 -16.10 18.96
C ARG B 428 -47.14 -14.77 18.25
N ILE B 429 -48.09 -13.95 18.70
CA ILE B 429 -48.39 -12.69 18.04
C ILE B 429 -47.68 -11.52 18.71
N TRP B 430 -47.24 -11.65 19.96
CA TRP B 430 -46.64 -10.54 20.69
C TRP B 430 -45.71 -11.10 21.76
N ARG B 431 -44.60 -10.39 21.96
CA ARG B 431 -43.74 -10.61 23.12
C ARG B 431 -43.30 -9.26 23.64
N SER B 432 -42.89 -9.23 24.91
CA SER B 432 -42.37 -8.01 25.50
C SER B 432 -41.04 -7.59 24.89
N GLU B 433 -40.30 -8.53 24.32
CA GLU B 433 -39.03 -8.24 23.66
C GLU B 433 -38.88 -9.17 22.47
N LYS B 434 -38.01 -8.77 21.54
CA LYS B 434 -37.71 -9.63 20.40
C LYS B 434 -36.91 -10.84 20.85
N LEU B 435 -37.15 -11.97 20.17
CA LEU B 435 -36.45 -13.20 20.50
C LEU B 435 -34.98 -13.13 20.10
N ARG B 436 -34.12 -13.69 20.95
CA ARG B 436 -32.73 -13.91 20.60
C ARG B 436 -32.63 -15.12 19.68
N PRO B 437 -31.54 -15.27 18.93
CA PRO B 437 -31.42 -16.41 18.01
C PRO B 437 -31.46 -17.76 18.73
N PHE B 438 -32.19 -18.70 18.11
CA PHE B 438 -32.35 -20.08 18.59
C PHE B 438 -32.92 -20.12 20.00
N GLU B 439 -33.86 -19.23 20.30
CA GLU B 439 -34.48 -19.16 21.60
C GLU B 439 -35.97 -19.47 21.47
N ARG B 440 -36.49 -20.29 22.37
CA ARG B 440 -37.88 -20.73 22.37
C ARG B 440 -38.64 -20.06 23.51
N ASP B 441 -39.91 -19.76 23.27
CA ASP B 441 -40.79 -19.22 24.30
C ASP B 441 -42.13 -19.93 24.17
N ILE B 442 -42.37 -20.91 25.04
CA ILE B 442 -43.58 -21.72 25.00
C ILE B 442 -44.53 -21.38 26.14
N ALA B 443 -44.27 -20.31 26.88
CA ALA B 443 -45.13 -19.94 27.99
C ALA B 443 -46.45 -19.37 27.49
N HIS B 444 -47.50 -19.61 28.26
CA HIS B 444 -48.84 -19.12 27.93
C HIS B 444 -49.14 -17.89 28.75
N TYR B 445 -49.37 -16.76 28.08
CA TYR B 445 -49.68 -15.52 28.78
C TYR B 445 -50.51 -14.63 27.86
N ASP B 446 -51.21 -13.69 28.46
CA ASP B 446 -52.03 -12.71 27.75
C ASP B 446 -51.26 -11.41 27.59
N TYR B 447 -51.77 -10.56 26.70
CA TYR B 447 -51.20 -9.23 26.50
C TYR B 447 -52.31 -8.23 26.25
N GLN B 448 -52.02 -6.97 26.56
CA GLN B 448 -53.01 -5.91 26.53
C GLN B 448 -53.06 -5.26 25.16
N VAL B 449 -54.20 -5.36 24.49
CA VAL B 449 -54.48 -4.64 23.26
C VAL B 449 -55.64 -3.71 23.54
N GLY B 450 -55.42 -2.41 23.37
CA GLY B 450 -56.40 -1.42 23.79
C GLY B 450 -56.57 -1.43 25.30
N THR B 451 -57.72 -1.89 25.77
CA THR B 451 -57.96 -2.09 27.19
C THR B 451 -58.35 -3.52 27.54
N GLN B 452 -58.59 -4.38 26.56
CA GLN B 452 -58.85 -5.78 26.81
C GLN B 452 -57.55 -6.56 26.93
N PHE B 453 -57.68 -7.83 27.30
CA PHE B 453 -56.55 -8.76 27.38
C PHE B 453 -56.82 -9.94 26.47
N LYS B 454 -55.91 -10.18 25.53
CA LYS B 454 -56.03 -11.28 24.58
C LYS B 454 -54.79 -12.16 24.66
N SER B 455 -54.96 -13.41 24.22
CA SER B 455 -53.86 -14.36 24.27
C SER B 455 -52.75 -13.98 23.30
N SER B 456 -51.50 -14.21 23.73
CA SER B 456 -50.35 -13.96 22.87
C SER B 456 -50.19 -15.01 21.78
N LEU B 457 -50.92 -16.11 21.85
CA LEU B 457 -50.86 -17.15 20.83
C LEU B 457 -52.09 -17.06 19.94
N LYS B 458 -51.88 -16.97 18.64
CA LYS B 458 -52.95 -16.94 17.65
C LYS B 458 -52.83 -18.20 16.80
N ASN B 459 -53.94 -18.90 16.61
CA ASN B 459 -53.93 -20.12 15.84
C ASN B 459 -53.86 -19.85 14.34
N TYR B 460 -53.30 -20.80 13.61
CA TYR B 460 -53.31 -20.74 12.16
C TYR B 460 -54.62 -21.31 11.62
N GLY B 461 -55.23 -20.59 10.70
CA GLY B 461 -56.38 -21.13 10.00
C GLY B 461 -55.95 -21.70 8.66
N PHE B 462 -55.77 -23.02 8.61
CA PHE B 462 -55.25 -23.69 7.42
C PHE B 462 -56.41 -24.36 6.71
N TYR B 463 -56.88 -23.73 5.63
CA TYR B 463 -57.97 -24.24 4.83
C TYR B 463 -57.43 -24.80 3.52
N SER B 464 -58.00 -25.90 3.06
CA SER B 464 -57.72 -26.38 1.72
C SER B 464 -58.27 -25.39 0.70
N SER B 465 -57.50 -25.17 -0.37
CA SER B 465 -57.81 -24.18 -1.41
C SER B 465 -57.98 -22.78 -0.82
N ALA B 466 -56.89 -22.29 -0.23
CA ALA B 466 -56.85 -20.97 0.37
C ALA B 466 -55.79 -20.07 -0.25
N GLY B 467 -55.11 -20.52 -1.29
CA GLY B 467 -54.01 -19.76 -1.85
C GLY B 467 -52.68 -20.16 -1.24
N ASP B 468 -51.63 -20.09 -2.07
CA ASP B 468 -50.33 -20.60 -1.67
C ASP B 468 -49.68 -19.75 -0.58
N SER B 469 -50.05 -18.47 -0.50
CA SER B 469 -49.50 -17.61 0.55
C SER B 469 -50.03 -18.00 1.92
N HIS B 470 -51.26 -18.53 1.98
CA HIS B 470 -51.89 -18.91 3.24
C HIS B 470 -51.90 -20.41 3.46
N GLN B 471 -51.26 -21.19 2.60
CA GLN B 471 -51.19 -22.63 2.79
C GLN B 471 -50.07 -22.98 3.78
N PRO B 472 -50.22 -24.07 4.53
CA PRO B 472 -49.17 -24.46 5.47
C PRO B 472 -47.91 -24.93 4.77
N TYR B 473 -46.77 -24.61 5.38
CA TYR B 473 -45.47 -25.03 4.90
C TYR B 473 -44.68 -25.64 6.05
N ARG B 474 -44.09 -26.80 5.81
CA ARG B 474 -43.22 -27.42 6.81
C ARG B 474 -41.78 -26.99 6.55
N VAL B 475 -41.13 -26.47 7.59
CA VAL B 475 -39.80 -25.89 7.50
C VAL B 475 -38.86 -26.73 8.35
N VAL B 476 -37.74 -27.14 7.77
CA VAL B 476 -36.68 -27.84 8.48
C VAL B 476 -35.42 -26.98 8.39
N VAL B 477 -34.87 -26.61 9.56
CA VAL B 477 -33.67 -25.80 9.63
C VAL B 477 -32.55 -26.68 10.17
N LEU B 478 -31.50 -26.85 9.36
CA LEU B 478 -30.32 -27.59 9.77
C LEU B 478 -29.21 -26.61 10.11
N SER B 479 -28.62 -26.77 11.29
CA SER B 479 -27.55 -25.91 11.77
C SER B 479 -26.38 -26.77 12.21
N PHE B 480 -25.17 -26.33 11.88
CA PHE B 480 -23.97 -27.11 12.18
C PHE B 480 -22.76 -26.19 12.16
N GLU B 481 -21.64 -26.71 12.64
CA GLU B 481 -20.34 -26.07 12.55
C GLU B 481 -19.47 -26.82 11.55
N LEU B 482 -18.50 -26.12 10.98
CA LEU B 482 -17.71 -26.67 9.88
C LEU B 482 -16.22 -26.51 10.12
N LEU B 483 -15.48 -27.59 9.90
CA LEU B 483 -14.02 -27.65 9.80
C LEU B 483 -13.31 -27.25 11.10
N ASN B 484 -14.03 -27.18 12.21
CA ASN B 484 -13.45 -27.10 13.54
C ASN B 484 -14.17 -28.11 14.42
N ALA B 485 -13.46 -28.63 15.43
CA ALA B 485 -13.90 -29.60 16.43
C ALA B 485 -14.17 -30.97 15.81
N PRO B 486 -14.17 -32.05 16.60
CA PRO B 486 -14.52 -33.37 16.03
C PRO B 486 -15.96 -33.41 15.55
N ALA B 487 -16.20 -34.23 14.53
CA ALA B 487 -17.50 -34.32 13.88
C ALA B 487 -17.91 -35.78 13.78
N THR B 488 -19.23 -36.01 13.82
CA THR B 488 -19.78 -37.35 13.69
C THR B 488 -20.79 -37.49 12.55
N VAL B 489 -21.15 -36.39 11.88
CA VAL B 489 -22.05 -36.42 10.73
C VAL B 489 -21.24 -36.03 9.51
N CYS B 490 -21.23 -36.89 8.50
CA CYS B 490 -20.39 -36.70 7.34
C CYS B 490 -21.18 -37.03 6.07
N GLY B 491 -20.59 -36.68 4.93
CA GLY B 491 -21.17 -37.01 3.66
C GLY B 491 -20.89 -38.45 3.26
N PRO B 492 -21.33 -38.80 2.05
CA PRO B 492 -21.18 -40.19 1.60
C PRO B 492 -19.82 -40.52 1.01
N LYS B 493 -18.82 -39.68 1.29
CA LYS B 493 -17.48 -39.89 0.76
C LYS B 493 -16.85 -41.15 1.36
N GLN B 494 -16.16 -41.91 0.51
CA GLN B 494 -15.53 -43.16 0.91
C GLN B 494 -14.10 -42.90 1.38
N SER B 495 -13.72 -43.55 2.47
CA SER B 495 -12.40 -43.34 3.06
C SER B 495 -11.37 -44.25 2.40
N THR B 496 -10.17 -43.72 2.19
CA THR B 496 -9.06 -44.47 1.64
C THR B 496 -8.08 -44.80 2.77
N GLU B 497 -6.95 -45.40 2.41
CA GLU B 497 -5.93 -45.73 3.39
C GLU B 497 -5.05 -44.52 3.69
N LEU B 498 -4.30 -44.61 4.79
CA LEU B 498 -3.41 -43.55 5.21
C LEU B 498 -2.06 -43.71 4.53
N ILE B 499 -1.66 -42.70 3.76
CA ILE B 499 -0.40 -42.70 3.04
C ILE B 499 0.50 -41.64 3.68
N LYS B 500 1.64 -42.07 4.19
CA LYS B 500 2.54 -41.21 4.95
C LYS B 500 3.84 -41.00 4.20
N ASN B 501 4.55 -39.93 4.59
CA ASN B 501 5.86 -39.55 4.06
C ASN B 501 5.83 -39.36 2.55
N LYS B 502 4.73 -38.79 2.06
CA LYS B 502 4.54 -38.60 0.63
C LYS B 502 3.59 -37.44 0.39
N CYS B 503 3.78 -36.76 -0.73
CA CYS B 503 2.93 -35.63 -1.09
C CYS B 503 1.60 -36.16 -1.61
N VAL B 504 0.52 -35.87 -0.87
CA VAL B 504 -0.80 -36.39 -1.20
C VAL B 504 -1.81 -35.24 -1.14
N ASN B 505 -2.94 -35.45 -1.79
CA ASN B 505 -4.12 -34.60 -1.64
C ASN B 505 -4.96 -35.20 -0.52
N PHE B 506 -5.01 -34.55 0.63
CA PHE B 506 -5.69 -35.13 1.76
C PHE B 506 -7.10 -34.54 1.92
N ASN B 507 -7.92 -35.23 2.69
CA ASN B 507 -9.28 -34.80 3.01
C ASN B 507 -9.57 -35.36 4.41
N PHE B 508 -9.47 -34.51 5.42
CA PHE B 508 -9.65 -34.91 6.81
C PHE B 508 -10.89 -34.24 7.35
N ASN B 509 -11.98 -35.01 7.46
CA ASN B 509 -13.27 -34.54 7.98
C ASN B 509 -13.79 -33.33 7.21
N GLY B 510 -13.59 -33.35 5.89
CA GLY B 510 -14.03 -32.28 5.03
C GLY B 510 -12.96 -31.26 4.69
N LEU B 511 -11.90 -31.19 5.48
CA LEU B 511 -10.82 -30.23 5.24
C LEU B 511 -9.87 -30.79 4.19
N THR B 512 -9.92 -30.23 2.98
CA THR B 512 -9.10 -30.68 1.88
C THR B 512 -7.83 -29.84 1.79
N GLY B 513 -6.79 -30.44 1.22
CA GLY B 513 -5.54 -29.72 1.06
C GLY B 513 -4.48 -30.62 0.47
N THR B 514 -3.27 -30.09 0.37
CA THR B 514 -2.12 -30.81 -0.14
C THR B 514 -0.98 -30.72 0.86
N GLY B 515 -0.33 -31.85 1.10
CA GLY B 515 0.79 -31.86 2.04
C GLY B 515 1.33 -33.25 2.22
N VAL B 516 2.30 -33.35 3.12
CA VAL B 516 2.94 -34.61 3.48
C VAL B 516 2.56 -34.96 4.92
N LEU B 517 2.01 -36.16 5.10
CA LEU B 517 1.56 -36.61 6.41
C LEU B 517 2.66 -37.43 7.08
N THR B 518 2.98 -37.07 8.32
CA THR B 518 3.99 -37.78 9.09
C THR B 518 3.46 -37.99 10.50
N ASP B 519 3.99 -39.02 11.17
CA ASP B 519 3.64 -39.26 12.56
C ASP B 519 4.13 -38.12 13.44
N SER B 520 3.30 -37.75 14.42
CA SER B 520 3.53 -36.54 15.21
C SER B 520 3.60 -36.87 16.69
N ASN B 521 4.31 -36.02 17.43
CA ASN B 521 4.40 -36.10 18.88
C ASN B 521 3.41 -35.19 19.57
N LYS B 522 2.56 -34.48 18.82
CA LYS B 522 1.54 -33.65 19.42
C LYS B 522 0.47 -34.51 20.06
N LYS B 523 0.03 -34.11 21.25
CA LYS B 523 -0.99 -34.83 22.00
C LYS B 523 -2.26 -33.98 22.01
N PHE B 524 -3.18 -34.28 21.11
CA PHE B 524 -4.44 -33.55 21.04
C PHE B 524 -5.35 -33.94 22.19
N GLN B 525 -6.10 -32.97 22.69
CA GLN B 525 -7.13 -33.26 23.67
C GLN B 525 -8.38 -33.77 22.97
N SER B 526 -9.37 -34.19 23.76
CA SER B 526 -10.54 -34.85 23.20
C SER B 526 -11.41 -33.89 22.39
N PHE B 527 -11.39 -32.60 22.72
CA PHE B 527 -12.17 -31.61 22.00
C PHE B 527 -11.43 -31.03 20.79
N GLN B 528 -10.21 -31.47 20.52
CA GLN B 528 -9.39 -30.89 19.48
C GLN B 528 -9.29 -31.85 18.30
N GLN B 529 -9.45 -31.30 17.09
CA GLN B 529 -9.33 -32.06 15.86
C GLN B 529 -8.21 -31.58 14.95
N PHE B 530 -7.99 -30.27 14.88
CA PHE B 530 -6.98 -29.69 14.02
C PHE B 530 -6.02 -28.84 14.84
N GLY B 531 -4.78 -28.72 14.35
CA GLY B 531 -3.78 -27.89 14.98
C GLY B 531 -3.31 -26.81 14.03
N ARG B 532 -2.96 -25.65 14.59
CA ARG B 532 -2.57 -24.48 13.81
C ARG B 532 -1.21 -23.98 14.26
N ASP B 533 -0.50 -23.33 13.35
CA ASP B 533 0.77 -22.68 13.61
C ASP B 533 0.55 -21.17 13.76
N VAL B 534 1.66 -20.41 13.75
CA VAL B 534 1.58 -18.96 13.91
C VAL B 534 0.82 -18.30 12.78
N SER B 535 0.91 -18.84 11.56
CA SER B 535 0.23 -18.30 10.41
C SER B 535 -1.17 -18.85 10.22
N ASP B 536 -1.71 -19.54 11.23
CA ASP B 536 -3.04 -20.16 11.25
C ASP B 536 -3.20 -21.23 10.16
N PHE B 537 -2.09 -21.74 9.62
CA PHE B 537 -2.13 -22.84 8.69
C PHE B 537 -2.33 -24.15 9.44
N THR B 538 -3.17 -25.02 8.89
CA THR B 538 -3.45 -26.31 9.53
C THR B 538 -2.23 -27.21 9.35
N ASP B 539 -1.42 -27.32 10.41
CA ASP B 539 -0.17 -28.05 10.34
C ASP B 539 -0.25 -29.42 11.00
N SER B 540 -1.39 -29.78 11.58
CA SER B 540 -1.57 -31.11 12.16
C SER B 540 -3.05 -31.43 12.19
N VAL B 541 -3.35 -32.72 12.30
CA VAL B 541 -4.73 -33.19 12.29
C VAL B 541 -4.81 -34.50 13.07
N LYS B 542 -5.90 -34.67 13.81
CA LYS B 542 -6.21 -35.95 14.44
C LYS B 542 -6.93 -36.84 13.42
N ASP B 543 -6.40 -38.05 13.24
CA ASP B 543 -7.02 -38.99 12.31
C ASP B 543 -8.36 -39.46 12.87
N PRO B 544 -9.45 -39.37 12.11
CA PRO B 544 -10.77 -39.71 12.67
C PRO B 544 -10.96 -41.19 12.94
N LYS B 545 -10.15 -42.07 12.36
CA LYS B 545 -10.30 -43.51 12.56
C LYS B 545 -9.34 -44.07 13.61
N THR B 546 -8.04 -43.79 13.48
CA THR B 546 -7.04 -44.32 14.39
C THR B 546 -6.80 -43.44 15.61
N LEU B 547 -7.37 -42.22 15.63
CA LEU B 547 -7.25 -41.27 16.74
C LEU B 547 -5.80 -40.88 17.03
N GLU B 548 -4.94 -40.95 16.03
CA GLU B 548 -3.55 -40.52 16.15
C GLU B 548 -3.36 -39.19 15.45
N VAL B 549 -2.37 -38.43 15.91
CA VAL B 549 -2.12 -37.10 15.38
C VAL B 549 -1.07 -37.19 14.28
N LEU B 550 -1.38 -36.62 13.11
CA LEU B 550 -0.48 -36.59 11.98
C LEU B 550 -0.07 -35.15 11.71
N ASP B 551 1.22 -34.93 11.47
CA ASP B 551 1.69 -33.62 11.09
C ASP B 551 1.48 -33.39 9.60
N ILE B 552 1.08 -32.16 9.24
CA ILE B 552 0.89 -31.77 7.86
C ILE B 552 2.02 -30.82 7.48
N THR B 553 2.79 -31.19 6.47
CA THR B 553 3.94 -30.45 6.00
C THR B 553 3.78 -30.12 4.52
N PRO B 554 4.07 -28.87 4.12
CA PRO B 554 3.93 -28.51 2.71
C PRO B 554 4.86 -29.31 1.81
N CYS B 555 4.38 -29.60 0.60
CA CYS B 555 5.14 -30.44 -0.32
C CYS B 555 6.32 -29.70 -0.92
N SER B 556 6.14 -28.41 -1.21
CA SER B 556 7.10 -27.64 -2.00
C SER B 556 7.97 -26.79 -1.08
N TYR B 557 9.28 -26.82 -1.35
CA TYR B 557 10.28 -26.25 -0.45
C TYR B 557 11.60 -26.18 -1.18
N GLY B 558 12.38 -25.14 -0.90
CA GLY B 558 13.73 -25.04 -1.41
C GLY B 558 13.93 -24.01 -2.50
N GLY B 559 14.92 -23.14 -2.34
CA GLY B 559 15.18 -22.12 -3.34
C GLY B 559 15.93 -22.70 -4.54
N VAL B 560 15.54 -22.23 -5.73
CA VAL B 560 16.10 -22.68 -6.99
C VAL B 560 16.56 -21.46 -7.78
N SER B 561 17.80 -21.49 -8.26
CA SER B 561 18.36 -20.43 -9.07
C SER B 561 18.80 -20.97 -10.42
N VAL B 562 18.71 -20.13 -11.44
CA VAL B 562 19.06 -20.50 -12.81
C VAL B 562 20.28 -19.69 -13.21
N ILE B 563 21.38 -20.37 -13.52
CA ILE B 563 22.61 -19.74 -13.96
C ILE B 563 22.76 -19.98 -15.45
N THR B 564 22.83 -18.89 -16.22
CA THR B 564 22.91 -19.00 -17.66
C THR B 564 23.82 -17.90 -18.19
N PRO B 565 24.49 -18.14 -19.32
CA PRO B 565 24.94 -17.02 -20.15
C PRO B 565 23.76 -16.42 -20.90
N GLY B 566 24.02 -15.50 -21.81
CA GLY B 566 22.94 -14.96 -22.61
C GLY B 566 22.31 -16.01 -23.51
N THR B 567 21.07 -15.76 -23.93
CA THR B 567 20.46 -16.60 -24.95
C THR B 567 20.80 -16.06 -26.33
N ASN B 568 22.08 -15.74 -26.51
CA ASN B 568 22.71 -15.40 -27.78
C ASN B 568 24.03 -16.12 -27.91
N ALA B 569 24.56 -16.69 -26.82
CA ALA B 569 25.79 -17.45 -26.81
C ALA B 569 25.57 -18.94 -26.59
N SER B 570 24.59 -19.32 -25.77
CA SER B 570 24.37 -20.73 -25.47
C SER B 570 22.94 -20.94 -25.01
N THR B 571 22.48 -22.18 -25.13
CA THR B 571 21.23 -22.63 -24.53
C THR B 571 21.45 -23.47 -23.29
N GLN B 572 22.70 -23.76 -22.94
CA GLN B 572 23.00 -24.51 -21.73
C GLN B 572 22.77 -23.64 -20.50
N VAL B 573 22.29 -24.27 -19.43
CA VAL B 573 22.05 -23.60 -18.16
C VAL B 573 22.64 -24.43 -17.04
N ALA B 574 22.87 -23.78 -15.91
CA ALA B 574 23.24 -24.44 -14.67
C ALA B 574 22.22 -24.06 -13.61
N VAL B 575 21.79 -25.03 -12.81
CA VAL B 575 20.74 -24.83 -11.83
C VAL B 575 21.33 -25.00 -10.44
N LEU B 576 21.09 -24.01 -9.58
CA LEU B 576 21.56 -24.03 -8.20
C LEU B 576 20.36 -24.31 -7.31
N TYR B 577 20.38 -25.46 -6.64
CA TYR B 577 19.36 -25.83 -5.66
C TYR B 577 19.92 -25.49 -4.29
N GLN B 578 19.41 -24.39 -3.71
CA GLN B 578 20.00 -23.81 -2.51
C GLN B 578 19.89 -24.76 -1.32
N ASP B 579 18.78 -25.48 -1.21
CA ASP B 579 18.50 -26.32 -0.06
C ASP B 579 18.62 -27.81 -0.37
N VAL B 580 19.56 -28.18 -1.23
CA VAL B 580 19.84 -29.57 -1.57
C VAL B 580 21.31 -29.84 -1.30
N ASN B 581 21.59 -30.89 -0.54
CA ASN B 581 22.96 -31.28 -0.20
C ASN B 581 23.29 -32.52 -1.04
N CYS B 582 23.92 -32.31 -2.18
CA CYS B 582 24.33 -33.41 -3.06
C CYS B 582 25.78 -33.83 -2.79
N THR B 583 26.08 -34.11 -1.53
CA THR B 583 27.39 -34.59 -1.14
C THR B 583 27.29 -36.08 -0.80
N ASP B 584 28.07 -36.89 -1.50
CA ASP B 584 28.03 -38.34 -1.31
C ASP B 584 29.26 -38.82 -0.53
N TRP B 598 18.47 -34.88 -5.96
CA TRP B 598 17.46 -35.75 -5.37
C TRP B 598 16.12 -35.04 -5.39
N ARG B 599 16.05 -33.89 -4.72
CA ARG B 599 14.93 -32.96 -4.89
C ARG B 599 15.27 -31.93 -5.97
N VAL B 600 15.63 -32.45 -7.14
CA VAL B 600 16.13 -31.65 -8.25
C VAL B 600 15.30 -31.96 -9.49
N TYR B 601 15.32 -31.03 -10.45
CA TYR B 601 14.63 -31.26 -11.71
C TYR B 601 15.37 -32.29 -12.56
N SER B 602 16.69 -32.16 -12.67
CA SER B 602 17.52 -33.11 -13.40
C SER B 602 18.78 -33.36 -12.61
N THR B 603 19.32 -34.58 -12.73
CA THR B 603 20.47 -34.96 -11.91
C THR B 603 21.81 -34.60 -12.54
N GLY B 604 21.87 -34.45 -13.87
CA GLY B 604 23.08 -33.99 -14.54
C GLY B 604 24.30 -34.89 -14.42
N THR B 605 25.40 -34.47 -15.03
CA THR B 605 26.68 -35.16 -14.87
C THR B 605 27.67 -34.41 -13.99
N ASN B 606 27.48 -33.10 -13.82
CA ASN B 606 28.32 -32.29 -12.95
C ASN B 606 27.50 -31.92 -11.71
N MET B 607 27.99 -32.32 -10.54
CA MET B 607 27.26 -32.15 -9.28
C MET B 607 28.26 -31.99 -8.16
N PHE B 608 28.21 -30.83 -7.49
CA PHE B 608 29.07 -30.61 -6.33
C PHE B 608 28.45 -29.53 -5.46
N GLN B 609 28.73 -29.61 -4.16
CA GLN B 609 28.18 -28.67 -3.19
C GLN B 609 29.03 -27.41 -3.15
N THR B 610 28.37 -26.26 -3.06
CA THR B 610 29.03 -24.96 -3.17
C THR B 610 28.92 -24.11 -1.92
N GLN B 611 28.24 -24.59 -0.87
CA GLN B 611 27.90 -23.92 0.39
C GLN B 611 26.80 -22.88 0.16
N ALA B 612 26.47 -22.60 -1.10
CA ALA B 612 25.29 -21.86 -1.48
C ALA B 612 24.21 -22.76 -2.03
N GLY B 613 24.43 -24.07 -2.04
CA GLY B 613 23.50 -25.07 -2.51
C GLY B 613 24.19 -26.04 -3.45
N CYS B 614 23.39 -26.93 -4.03
CA CYS B 614 23.88 -27.91 -4.99
C CYS B 614 23.85 -27.30 -6.39
N LEU B 615 25.00 -27.32 -7.05
CA LEU B 615 25.13 -26.78 -8.40
C LEU B 615 25.18 -27.92 -9.40
N ILE B 616 24.25 -27.91 -10.35
CA ILE B 616 24.13 -28.94 -11.38
C ILE B 616 24.25 -28.28 -12.74
N GLY B 617 25.16 -28.77 -13.57
CA GLY B 617 25.34 -28.28 -14.91
C GLY B 617 26.59 -27.46 -15.14
N ALA B 618 27.38 -27.22 -14.10
CA ALA B 618 28.64 -26.49 -14.21
C ALA B 618 29.75 -27.34 -13.62
N GLU B 619 30.85 -27.49 -14.36
CA GLU B 619 31.96 -28.30 -13.89
C GLU B 619 32.93 -27.45 -13.08
N HIS B 620 33.41 -28.02 -11.98
CA HIS B 620 34.33 -27.31 -11.10
C HIS B 620 35.72 -27.23 -11.74
N VAL B 621 36.32 -26.06 -11.66
CA VAL B 621 37.69 -25.85 -12.12
C VAL B 621 38.50 -25.29 -10.96
N ASN B 622 39.80 -25.59 -10.97
CA ASN B 622 40.69 -25.16 -9.90
C ASN B 622 41.22 -23.75 -10.10
N ASN B 623 41.03 -23.16 -11.27
CA ASN B 623 41.52 -21.81 -11.52
C ASN B 623 40.69 -20.79 -10.76
N SER B 624 41.31 -19.64 -10.50
CA SER B 624 40.65 -18.53 -9.82
C SER B 624 40.64 -17.32 -10.73
N TYR B 625 39.48 -16.99 -11.28
CA TYR B 625 39.29 -15.80 -12.09
C TYR B 625 38.54 -14.74 -11.30
N ASP B 626 38.37 -13.58 -11.91
CA ASP B 626 37.44 -12.60 -11.38
C ASP B 626 36.01 -13.09 -11.57
N CYS B 627 35.11 -12.58 -10.74
CA CYS B 627 33.72 -13.03 -10.78
C CYS B 627 33.04 -12.55 -12.05
N ASP B 628 32.33 -13.47 -12.71
CA ASP B 628 31.54 -13.15 -13.89
C ASP B 628 30.05 -13.27 -13.61
N ILE B 629 29.60 -14.44 -13.14
CA ILE B 629 28.23 -14.63 -12.67
C ILE B 629 28.30 -15.02 -11.21
N PRO B 630 27.86 -14.15 -10.28
CA PRO B 630 27.97 -14.48 -8.86
C PRO B 630 26.99 -15.55 -8.40
N ILE B 631 27.50 -16.75 -8.13
CA ILE B 631 26.67 -17.79 -7.52
C ILE B 631 26.37 -17.45 -6.08
N GLY B 632 27.38 -17.02 -5.33
CA GLY B 632 27.26 -16.79 -3.91
C GLY B 632 28.19 -17.69 -3.12
N ALA B 633 28.51 -17.28 -1.89
CA ALA B 633 29.41 -18.00 -0.98
C ALA B 633 30.78 -18.26 -1.62
N GLY B 634 31.30 -17.25 -2.31
CA GLY B 634 32.63 -17.32 -2.88
C GLY B 634 32.73 -18.03 -4.22
N ILE B 635 31.63 -18.52 -4.76
CA ILE B 635 31.61 -19.26 -6.02
C ILE B 635 31.08 -18.34 -7.11
N CYS B 636 31.74 -18.37 -8.27
CA CYS B 636 31.29 -17.64 -9.44
C CYS B 636 31.31 -18.58 -10.65
N ALA B 637 30.60 -18.19 -11.69
CA ALA B 637 30.50 -19.00 -12.91
C ALA B 637 30.76 -18.13 -14.13
N THR B 638 31.22 -18.79 -15.19
CA THR B 638 31.46 -18.12 -16.47
C THR B 638 31.34 -19.14 -17.59
N TYR B 639 31.17 -18.62 -18.80
CA TYR B 639 31.10 -19.45 -20.00
C TYR B 639 32.50 -19.49 -20.60
N HIS B 640 33.19 -20.61 -20.40
CA HIS B 640 34.60 -20.73 -20.70
C HIS B 640 34.86 -21.85 -21.69
N THR B 641 35.94 -21.71 -22.45
CA THR B 641 36.34 -22.73 -23.42
C THR B 641 37.11 -23.85 -22.74
N ASN B 651 35.20 -27.24 -26.70
CA ASN B 651 33.87 -26.66 -26.74
C ASN B 651 33.58 -25.83 -25.50
N LYS B 652 32.84 -24.74 -25.67
CA LYS B 652 32.50 -23.87 -24.55
C LYS B 652 31.49 -24.53 -23.63
N ARG B 653 31.66 -24.31 -22.33
CA ARG B 653 30.75 -24.86 -21.33
C ARG B 653 30.79 -23.98 -20.10
N ILE B 654 29.79 -24.16 -19.24
CA ILE B 654 29.70 -23.40 -18.00
C ILE B 654 30.61 -24.04 -16.97
N VAL B 655 31.50 -23.24 -16.39
CA VAL B 655 32.41 -23.71 -15.34
C VAL B 655 32.14 -22.90 -14.08
N ALA B 656 32.42 -23.52 -12.93
CA ALA B 656 32.25 -22.88 -11.63
C ALA B 656 33.59 -22.88 -10.91
N TYR B 657 33.87 -21.79 -10.21
CA TYR B 657 35.19 -21.59 -9.62
C TYR B 657 35.07 -20.73 -8.38
N VAL B 658 36.09 -20.80 -7.53
CA VAL B 658 36.23 -19.89 -6.41
C VAL B 658 36.80 -18.57 -6.93
N MET B 659 36.15 -17.47 -6.61
CA MET B 659 36.57 -16.17 -7.13
C MET B 659 37.87 -15.72 -6.49
N SER B 660 38.72 -15.08 -7.28
CA SER B 660 39.99 -14.58 -6.81
C SER B 660 39.79 -13.20 -6.16
N LEU B 661 40.36 -13.02 -4.98
CA LEU B 661 40.27 -11.75 -4.28
C LEU B 661 41.17 -10.68 -4.88
N GLY B 662 42.19 -11.07 -5.62
CA GLY B 662 43.10 -10.13 -6.23
C GLY B 662 44.45 -10.77 -6.46
N ALA B 663 45.38 -9.96 -6.94
CA ALA B 663 46.73 -10.44 -7.21
C ALA B 663 47.49 -10.66 -5.91
N GLU B 664 48.16 -11.81 -5.81
CA GLU B 664 48.95 -12.11 -4.63
C GLU B 664 50.23 -11.30 -4.65
N ASN B 665 50.52 -10.64 -3.52
CA ASN B 665 51.69 -9.78 -3.41
C ASN B 665 52.36 -10.02 -2.07
N SER B 666 53.65 -9.66 -2.00
CA SER B 666 54.41 -9.80 -0.76
C SER B 666 55.54 -8.77 -0.81
N VAL B 667 55.38 -7.68 -0.07
CA VAL B 667 56.42 -6.67 0.00
C VAL B 667 57.45 -7.07 1.05
N ALA B 668 58.72 -6.74 0.78
CA ALA B 668 59.82 -7.13 1.65
C ALA B 668 59.97 -6.09 2.75
N TYR B 669 59.63 -6.47 3.97
CA TYR B 669 59.75 -5.60 5.13
C TYR B 669 61.11 -5.81 5.81
N SER B 670 61.75 -4.71 6.15
CA SER B 670 62.97 -4.74 6.97
C SER B 670 63.04 -3.45 7.76
N ASN B 671 63.87 -3.47 8.79
CA ASN B 671 63.96 -2.35 9.72
C ASN B 671 64.98 -1.29 9.29
N ASN B 672 65.63 -1.46 8.14
CA ASN B 672 66.66 -0.51 7.73
C ASN B 672 66.62 -0.15 6.26
N THR B 673 65.62 -0.59 5.50
CA THR B 673 65.52 -0.27 4.08
C THR B 673 64.21 0.45 3.81
N ILE B 674 64.26 1.39 2.86
CA ILE B 674 63.10 2.16 2.44
C ILE B 674 63.05 2.15 0.92
N ALA B 675 61.86 2.34 0.38
CA ALA B 675 61.64 2.42 -1.06
C ALA B 675 61.23 3.83 -1.41
N ILE B 676 62.02 4.49 -2.26
CA ILE B 676 61.78 5.87 -2.68
C ILE B 676 61.52 5.86 -4.18
N PRO B 677 60.41 6.44 -4.65
CA PRO B 677 60.17 6.51 -6.09
C PRO B 677 61.16 7.42 -6.79
N THR B 678 61.49 7.06 -8.03
CA THR B 678 62.38 7.85 -8.86
C THR B 678 61.68 8.48 -10.06
N ASN B 679 60.44 8.11 -10.32
CA ASN B 679 59.67 8.65 -11.43
C ASN B 679 58.24 8.85 -10.95
N PHE B 680 57.35 9.20 -11.87
CA PHE B 680 55.95 9.39 -11.54
C PHE B 680 55.10 9.20 -12.78
N THR B 681 53.80 9.03 -12.55
CA THR B 681 52.83 8.90 -13.63
C THR B 681 51.70 9.89 -13.35
N ILE B 682 51.43 10.77 -14.32
CA ILE B 682 50.28 11.67 -14.24
C ILE B 682 49.08 10.90 -14.76
N SER B 683 48.12 10.62 -13.89
CA SER B 683 46.98 9.77 -14.20
C SER B 683 45.70 10.59 -14.20
N VAL B 684 44.90 10.43 -15.24
CA VAL B 684 43.58 11.04 -15.33
C VAL B 684 42.55 9.91 -15.37
N THR B 685 41.64 9.91 -14.40
CA THR B 685 40.62 8.88 -14.30
C THR B 685 39.25 9.52 -14.22
N THR B 686 38.23 8.77 -14.61
CA THR B 686 36.86 9.25 -14.63
C THR B 686 36.10 8.75 -13.41
N GLU B 687 35.17 9.57 -12.94
CA GLU B 687 34.22 9.19 -11.91
C GLU B 687 32.85 9.66 -12.33
N VAL B 688 31.93 8.72 -12.55
CA VAL B 688 30.60 9.02 -13.04
C VAL B 688 29.64 9.04 -11.85
N MET B 689 28.99 10.18 -11.64
CA MET B 689 28.08 10.37 -10.51
C MET B 689 26.73 10.81 -11.03
N PRO B 690 25.65 10.09 -10.73
CA PRO B 690 24.31 10.60 -11.05
C PRO B 690 23.98 11.82 -10.21
N VAL B 691 23.26 12.76 -10.81
CA VAL B 691 22.91 14.03 -10.18
C VAL B 691 21.39 14.20 -10.08
N SER B 692 20.69 14.00 -11.18
CA SER B 692 19.24 14.14 -11.22
C SER B 692 18.64 12.95 -11.96
N MET B 693 17.37 12.69 -11.68
CA MET B 693 16.62 11.68 -12.41
C MET B 693 15.44 12.35 -13.12
N THR B 694 14.59 11.53 -13.72
CA THR B 694 13.50 12.05 -14.55
C THR B 694 12.41 12.66 -13.67
N LYS B 695 12.01 13.88 -14.00
CA LYS B 695 10.88 14.52 -13.33
C LYS B 695 9.59 14.04 -13.96
N THR B 696 8.68 13.54 -13.15
CA THR B 696 7.45 12.95 -13.63
C THR B 696 6.24 13.56 -12.95
N SER B 697 5.13 13.57 -13.67
CA SER B 697 3.84 14.00 -13.15
C SER B 697 2.77 13.01 -13.58
N VAL B 698 1.77 12.82 -12.72
CA VAL B 698 0.74 11.81 -12.94
C VAL B 698 -0.62 12.49 -12.90
N ASP B 699 -1.41 12.29 -13.95
CA ASP B 699 -2.82 12.66 -13.95
C ASP B 699 -3.61 11.45 -13.49
N CYS B 700 -4.19 11.55 -12.29
CA CYS B 700 -4.89 10.42 -11.69
C CYS B 700 -6.13 10.02 -12.47
N THR B 701 -6.92 10.99 -12.92
CA THR B 701 -8.18 10.68 -13.58
C THR B 701 -7.95 9.99 -14.93
N MET B 702 -6.88 10.35 -15.63
CA MET B 702 -6.59 9.68 -16.90
C MET B 702 -6.01 8.29 -16.69
N TYR B 703 -5.24 8.08 -15.62
CA TYR B 703 -4.68 6.76 -15.37
C TYR B 703 -5.74 5.80 -14.84
N ILE B 704 -6.40 6.16 -13.75
CA ILE B 704 -7.34 5.28 -13.08
C ILE B 704 -8.60 5.10 -13.91
N CYS B 705 -9.11 6.18 -14.49
CA CYS B 705 -10.44 6.18 -15.08
C CYS B 705 -10.47 6.43 -16.58
N GLY B 706 -9.41 6.97 -17.17
CA GLY B 706 -9.42 7.27 -18.58
C GLY B 706 -10.38 8.38 -18.95
N ASP B 707 -11.33 8.08 -19.85
CA ASP B 707 -12.28 9.08 -20.33
C ASP B 707 -13.71 8.74 -19.92
N SER B 708 -13.90 7.91 -18.91
CA SER B 708 -15.23 7.51 -18.46
C SER B 708 -15.66 8.38 -17.29
N VAL B 709 -16.85 8.98 -17.40
CA VAL B 709 -17.32 9.90 -16.38
C VAL B 709 -17.83 9.19 -15.13
N GLU B 710 -18.25 7.92 -15.25
CA GLU B 710 -18.70 7.19 -14.07
C GLU B 710 -17.55 6.92 -13.10
N CYS B 711 -16.40 6.49 -13.63
CA CYS B 711 -15.23 6.32 -12.78
C CYS B 711 -14.74 7.65 -12.24
N SER B 712 -14.86 8.73 -13.03
CA SER B 712 -14.46 10.05 -12.54
C SER B 712 -15.34 10.50 -11.40
N THR B 713 -16.64 10.20 -11.47
CA THR B 713 -17.54 10.50 -10.36
C THR B 713 -17.21 9.66 -9.13
N LEU B 714 -16.92 8.38 -9.33
CA LEU B 714 -16.58 7.52 -8.19
C LEU B 714 -15.21 7.83 -7.60
N LEU B 715 -14.33 8.46 -8.36
CA LEU B 715 -12.98 8.79 -7.90
C LEU B 715 -12.95 10.01 -6.99
N LEU B 716 -14.07 10.73 -6.85
CA LEU B 716 -14.10 11.93 -6.02
C LEU B 716 -13.91 11.64 -4.54
N GLN B 717 -14.11 10.38 -4.12
CA GLN B 717 -13.83 9.98 -2.75
C GLN B 717 -12.35 9.73 -2.51
N TYR B 718 -11.51 9.78 -3.54
CA TYR B 718 -10.09 9.47 -3.42
C TYR B 718 -9.21 10.64 -3.86
N GLY B 719 -9.74 11.87 -3.85
CA GLY B 719 -8.99 13.01 -4.34
C GLY B 719 -7.82 13.40 -3.45
N SER B 720 -7.95 13.21 -2.14
CA SER B 720 -6.89 13.56 -1.21
C SER B 720 -5.65 12.72 -1.42
N PHE B 721 -5.83 11.43 -1.72
CA PHE B 721 -4.70 10.54 -1.99
C PHE B 721 -3.97 10.96 -3.25
N CYS B 722 -4.70 11.40 -4.28
CA CYS B 722 -4.06 11.81 -5.52
C CYS B 722 -3.36 13.16 -5.36
N THR B 723 -3.92 14.06 -4.54
CA THR B 723 -3.22 15.29 -4.19
C THR B 723 -1.93 14.97 -3.44
N GLN B 724 -1.96 13.97 -2.56
CA GLN B 724 -0.76 13.53 -1.86
C GLN B 724 0.29 12.98 -2.82
N LEU B 725 -0.13 12.17 -3.79
CA LEU B 725 0.79 11.62 -4.77
C LEU B 725 1.43 12.72 -5.61
N ASN B 726 0.63 13.68 -6.07
CA ASN B 726 1.17 14.77 -6.87
C ASN B 726 2.06 15.69 -6.06
N ARG B 727 1.75 15.86 -4.76
CA ARG B 727 2.63 16.63 -3.89
C ARG B 727 4.00 15.97 -3.77
N ALA B 728 4.02 14.65 -3.58
CA ALA B 728 5.29 13.92 -3.48
C ALA B 728 6.07 14.00 -4.80
N LEU B 729 5.37 13.87 -5.93
CA LEU B 729 6.06 13.91 -7.23
C LEU B 729 6.60 15.30 -7.53
N THR B 730 5.85 16.36 -7.19
CA THR B 730 6.35 17.71 -7.41
C THR B 730 7.52 18.03 -6.50
N GLY B 731 7.50 17.53 -5.26
CA GLY B 731 8.66 17.65 -4.39
C GLY B 731 9.88 16.96 -4.97
N ILE B 732 9.68 15.77 -5.56
CA ILE B 732 10.78 15.06 -6.21
C ILE B 732 11.35 15.86 -7.38
N ALA B 733 10.47 16.44 -8.21
CA ALA B 733 10.93 17.21 -9.36
C ALA B 733 11.69 18.47 -8.95
N VAL B 734 11.18 19.19 -7.95
CA VAL B 734 11.87 20.36 -7.42
C VAL B 734 13.22 19.97 -6.83
N GLU B 735 13.27 18.81 -6.18
CA GLU B 735 14.53 18.30 -5.65
C GLU B 735 15.52 17.98 -6.76
N GLN B 736 15.05 17.47 -7.89
CA GLN B 736 15.93 17.19 -9.02
C GLN B 736 16.55 18.47 -9.57
N ASP B 737 15.73 19.51 -9.75
CA ASP B 737 16.26 20.79 -10.21
C ASP B 737 17.23 21.38 -9.19
N LYS B 738 16.93 21.24 -7.89
CA LYS B 738 17.83 21.71 -6.85
C LYS B 738 19.14 20.93 -6.84
N ASN B 739 19.09 19.63 -7.14
CA ASN B 739 20.30 18.81 -7.23
C ASN B 739 21.21 19.30 -8.34
N THR B 740 20.63 19.55 -9.52
CA THR B 740 21.42 20.07 -10.63
C THR B 740 22.02 21.43 -10.31
N GLN B 741 21.22 22.31 -9.66
CA GLN B 741 21.72 23.63 -9.30
C GLN B 741 22.83 23.56 -8.28
N GLU B 742 22.72 22.66 -7.30
CA GLU B 742 23.76 22.56 -6.27
C GLU B 742 25.03 21.93 -6.82
N VAL B 743 24.92 20.99 -7.76
CA VAL B 743 26.13 20.39 -8.32
C VAL B 743 26.84 21.37 -9.26
N PHE B 744 26.11 22.00 -10.17
CA PHE B 744 26.77 22.73 -11.25
C PHE B 744 26.87 24.23 -11.03
N ALA B 745 25.90 24.86 -10.37
CA ALA B 745 25.94 26.31 -10.18
C ALA B 745 26.61 26.70 -8.87
N GLN B 746 27.84 26.21 -8.66
CA GLN B 746 28.60 26.57 -7.46
C GLN B 746 29.06 28.02 -7.52
N VAL B 747 29.64 28.43 -8.65
CA VAL B 747 30.11 29.79 -8.85
C VAL B 747 29.20 30.48 -9.86
N LYS B 748 28.81 31.71 -9.54
CA LYS B 748 27.91 32.47 -10.39
C LYS B 748 28.66 33.48 -11.27
N GLN B 749 29.97 33.34 -11.38
CA GLN B 749 30.76 34.12 -12.33
C GLN B 749 31.07 33.22 -13.53
N ILE B 750 30.45 33.53 -14.67
CA ILE B 750 30.65 32.73 -15.87
C ILE B 750 31.92 33.20 -16.56
N TYR B 751 33.05 32.57 -16.23
CA TYR B 751 34.33 32.96 -16.81
C TYR B 751 34.39 32.55 -18.27
N LYS B 752 34.83 33.47 -19.11
CA LYS B 752 34.87 33.24 -20.55
C LYS B 752 35.97 32.23 -20.91
N THR B 753 35.67 31.40 -21.89
CA THR B 753 36.66 30.45 -22.39
C THR B 753 37.77 31.19 -23.11
N PRO B 754 39.04 30.94 -22.77
CA PRO B 754 40.14 31.64 -23.45
C PRO B 754 40.28 31.18 -24.89
N ASP B 755 40.87 32.07 -25.70
CA ASP B 755 41.10 31.75 -27.11
C ASP B 755 42.11 30.63 -27.28
N ILE B 756 43.14 30.61 -26.44
CA ILE B 756 44.16 29.55 -26.49
C ILE B 756 43.86 28.51 -25.42
N LYS B 757 43.91 27.25 -25.83
CA LYS B 757 43.65 26.13 -24.94
C LYS B 757 44.91 25.48 -24.40
N ASP B 758 46.07 26.09 -24.65
CA ASP B 758 47.36 25.57 -24.19
C ASP B 758 47.87 26.47 -23.08
N PHE B 759 48.00 25.91 -21.87
CA PHE B 759 48.44 26.65 -20.70
C PHE B 759 49.74 26.03 -20.22
N GLY B 760 50.86 26.58 -20.69
CA GLY B 760 52.17 26.06 -20.33
C GLY B 760 52.43 24.66 -20.85
N GLY B 761 51.92 24.33 -22.03
CA GLY B 761 52.06 23.00 -22.59
C GLY B 761 50.94 22.05 -22.24
N PHE B 762 50.05 22.44 -21.33
CA PHE B 762 48.91 21.60 -20.94
C PHE B 762 47.76 21.90 -21.88
N ASN B 763 47.31 20.88 -22.61
CA ASN B 763 46.30 21.04 -23.65
C ASN B 763 44.92 20.84 -23.04
N PHE B 764 44.12 21.92 -23.03
CA PHE B 764 42.78 21.90 -22.47
C PHE B 764 41.69 21.85 -23.54
N SER B 765 42.06 21.56 -24.80
CA SER B 765 41.10 21.69 -25.89
C SER B 765 40.02 20.61 -25.86
N GLN B 766 40.33 19.44 -25.30
CA GLN B 766 39.36 18.35 -25.30
C GLN B 766 38.29 18.54 -24.22
N ILE B 767 38.60 19.27 -23.15
CA ILE B 767 37.66 19.48 -22.06
C ILE B 767 37.02 20.87 -22.09
N LEU B 768 37.34 21.68 -23.08
CA LEU B 768 36.77 23.00 -23.27
C LEU B 768 36.01 23.03 -24.59
N PRO B 769 35.00 23.90 -24.72
CA PRO B 769 34.26 23.98 -25.99
C PRO B 769 35.12 24.48 -27.13
N ASP B 770 34.82 23.97 -28.32
CA ASP B 770 35.52 24.35 -29.54
C ASP B 770 34.74 25.44 -30.24
N PRO B 771 35.28 26.65 -30.40
CA PRO B 771 34.54 27.71 -31.11
C PRO B 771 34.33 27.42 -32.58
N SER B 772 35.09 26.51 -33.19
CA SER B 772 34.93 26.14 -34.58
C SER B 772 33.95 24.98 -34.77
N LYS B 773 33.07 24.74 -33.81
CA LYS B 773 32.09 23.67 -33.89
C LYS B 773 30.71 24.21 -33.55
N PRO B 774 29.65 23.65 -34.15
CA PRO B 774 28.29 24.11 -33.81
C PRO B 774 27.87 23.77 -32.40
N SER B 775 28.40 22.69 -31.83
CA SER B 775 28.04 22.30 -30.48
C SER B 775 28.79 23.16 -29.46
N LYS B 776 28.06 23.62 -28.45
CA LYS B 776 28.65 24.43 -27.38
C LYS B 776 29.31 23.58 -26.30
N ARG B 777 29.24 22.26 -26.41
CA ARG B 777 29.88 21.37 -25.47
C ARG B 777 31.30 21.05 -25.92
N SER B 778 32.06 20.44 -25.02
CA SER B 778 33.41 20.00 -25.36
C SER B 778 33.35 18.65 -26.09
N PHE B 779 34.51 18.20 -26.55
CA PHE B 779 34.60 16.93 -27.25
C PHE B 779 34.27 15.77 -26.32
N ILE B 780 34.81 15.79 -25.10
CA ILE B 780 34.50 14.76 -24.11
C ILE B 780 33.02 14.81 -23.74
N GLU B 781 32.46 16.01 -23.65
CA GLU B 781 31.03 16.14 -23.35
C GLU B 781 30.17 15.56 -24.47
N ASP B 782 30.56 15.78 -25.73
CA ASP B 782 29.83 15.19 -26.85
C ASP B 782 29.92 13.66 -26.82
N LEU B 783 31.11 13.14 -26.50
CA LEU B 783 31.27 11.68 -26.37
C LEU B 783 30.39 11.13 -25.24
N LEU B 784 30.34 11.83 -24.10
CA LEU B 784 29.52 11.38 -22.98
C LEU B 784 28.04 11.43 -23.32
N PHE B 785 27.61 12.49 -24.01
CA PHE B 785 26.19 12.61 -24.37
C PHE B 785 25.80 11.63 -25.46
N ASN B 786 26.75 11.13 -26.25
CA ASN B 786 26.43 10.10 -27.21
C ASN B 786 26.43 8.69 -26.60
N LYS B 787 26.93 8.52 -25.38
CA LYS B 787 27.00 7.21 -24.76
C LYS B 787 25.75 6.82 -24.00
N VAL B 788 24.82 7.74 -23.79
CA VAL B 788 23.56 7.47 -23.09
C VAL B 788 22.42 7.64 -24.10
N THR B 789 21.57 6.61 -24.20
CA THR B 789 20.52 6.61 -25.22
C THR B 789 19.49 7.70 -24.96
N LEU B 790 19.14 7.93 -23.69
CA LEU B 790 18.16 8.94 -23.26
C LEU B 790 16.81 8.66 -23.91
N ALA B 791 16.21 7.56 -23.48
CA ALA B 791 14.87 7.17 -23.89
C ALA B 791 13.80 7.69 -22.95
N ASP B 792 14.18 8.50 -21.96
CA ASP B 792 13.29 9.08 -20.95
C ASP B 792 12.49 8.02 -20.20
N VAL B 796 6.41 19.02 -27.05
CA VAL B 796 7.38 17.94 -27.15
C VAL B 796 6.90 16.91 -28.17
N LYS B 797 5.83 16.18 -27.82
CA LYS B 797 5.25 15.17 -28.70
C LYS B 797 3.76 15.48 -28.87
N GLN B 798 3.42 16.12 -29.98
CA GLN B 798 2.07 16.63 -30.19
C GLN B 798 1.08 15.51 -30.42
N TYR B 799 -0.19 15.82 -30.12
CA TYR B 799 -1.29 14.96 -30.54
C TYR B 799 -1.39 14.99 -32.06
N GLY B 800 -1.22 13.83 -32.68
CA GLY B 800 -1.09 13.76 -34.13
C GLY B 800 0.17 13.00 -34.49
N ASP B 801 1.23 13.22 -33.72
CA ASP B 801 2.39 12.33 -33.81
C ASP B 801 2.07 10.97 -33.22
N CYS B 802 1.36 10.94 -32.08
CA CYS B 802 0.88 9.68 -31.52
C CYS B 802 -0.29 9.14 -32.33
N LEU B 803 -1.15 10.02 -32.84
CA LEU B 803 -2.31 9.59 -33.61
C LEU B 803 -1.93 9.13 -35.01
N GLY B 804 -0.92 9.75 -35.62
CA GLY B 804 -0.50 9.36 -36.95
C GLY B 804 0.50 8.22 -37.00
N ASP B 805 0.95 7.73 -35.85
CA ASP B 805 1.93 6.64 -35.77
C ASP B 805 1.50 5.60 -34.75
N ILE B 806 0.22 5.18 -34.86
CA ILE B 806 -0.31 4.18 -33.96
C ILE B 806 0.36 2.83 -34.17
N GLN B 807 0.71 2.51 -35.43
CA GLN B 807 1.32 1.23 -35.76
C GLN B 807 2.70 1.06 -35.13
N ALA B 808 3.37 2.15 -34.75
CA ALA B 808 4.68 2.03 -34.13
C ALA B 808 4.60 1.50 -32.71
N ARG B 809 3.46 1.70 -32.04
CA ARG B 809 3.24 1.33 -30.64
C ARG B 809 4.31 1.93 -29.73
N ASP B 810 4.46 3.25 -29.83
CA ASP B 810 5.48 3.96 -29.06
C ASP B 810 5.15 3.93 -27.56
N LEU B 811 6.17 3.69 -26.75
CA LEU B 811 5.98 3.59 -25.30
C LEU B 811 5.65 4.93 -24.67
N ILE B 812 6.22 6.01 -25.20
CA ILE B 812 5.98 7.33 -24.63
C ILE B 812 4.53 7.76 -24.87
N CYS B 813 4.00 7.44 -26.06
CA CYS B 813 2.58 7.70 -26.33
C CYS B 813 1.68 6.89 -25.41
N ALA B 814 2.05 5.64 -25.13
CA ALA B 814 1.26 4.82 -24.22
C ALA B 814 1.31 5.36 -22.79
N GLN B 815 2.47 5.89 -22.38
CA GLN B 815 2.56 6.54 -21.07
C GLN B 815 1.70 7.80 -21.01
N LYS B 816 1.72 8.60 -22.08
CA LYS B 816 1.03 9.88 -22.07
C LYS B 816 -0.48 9.73 -22.20
N PHE B 817 -0.95 8.71 -22.92
CA PHE B 817 -2.38 8.45 -23.02
C PHE B 817 -2.97 7.92 -21.71
N ASN B 818 -2.13 7.53 -20.75
CA ASN B 818 -2.57 7.11 -19.43
C ASN B 818 -2.17 8.10 -18.35
N GLY B 819 -1.92 9.35 -18.72
CA GLY B 819 -1.72 10.41 -17.75
C GLY B 819 -0.35 10.48 -17.12
N LEU B 820 0.66 9.85 -17.70
CA LEU B 820 2.02 9.90 -17.18
C LEU B 820 2.85 10.84 -18.03
N THR B 821 3.33 11.92 -17.42
CA THR B 821 3.99 13.00 -18.12
C THR B 821 5.41 13.16 -17.58
N VAL B 822 6.37 13.26 -18.49
CA VAL B 822 7.76 13.54 -18.15
C VAL B 822 7.97 15.05 -18.28
N LEU B 823 8.42 15.69 -17.18
CA LEU B 823 8.64 17.13 -17.16
C LEU B 823 10.09 17.47 -17.54
N PRO B 824 10.30 18.59 -18.24
CA PRO B 824 11.66 18.94 -18.65
C PRO B 824 12.46 19.48 -17.47
N PRO B 825 13.77 19.27 -17.47
CA PRO B 825 14.63 19.91 -16.46
C PRO B 825 14.67 21.41 -16.64
N LEU B 826 14.86 22.12 -15.52
CA LEU B 826 14.93 23.58 -15.58
C LEU B 826 16.17 24.05 -16.32
N LEU B 827 17.31 23.43 -16.07
CA LEU B 827 18.54 23.76 -16.77
C LEU B 827 18.72 22.86 -17.97
N THR B 828 18.93 23.46 -19.14
CA THR B 828 19.21 22.69 -20.34
C THR B 828 20.62 22.12 -20.28
N ASP B 829 20.90 21.21 -21.22
CA ASP B 829 22.24 20.67 -21.34
C ASP B 829 23.24 21.74 -21.77
N GLU B 830 22.79 22.73 -22.54
CA GLU B 830 23.65 23.85 -22.91
C GLU B 830 24.03 24.68 -21.69
N MET B 831 23.09 24.92 -20.78
CA MET B 831 23.40 25.69 -19.58
C MET B 831 24.33 24.94 -18.64
N ILE B 832 24.14 23.62 -18.51
CA ILE B 832 25.04 22.82 -17.69
C ILE B 832 26.43 22.77 -18.30
N ALA B 833 26.51 22.68 -19.64
CA ALA B 833 27.80 22.71 -20.31
C ALA B 833 28.48 24.07 -20.16
N ALA B 834 27.69 25.15 -20.15
CA ALA B 834 28.24 26.48 -19.91
C ALA B 834 28.76 26.62 -18.49
N TYR B 835 28.05 26.05 -17.51
CA TYR B 835 28.53 26.04 -16.14
C TYR B 835 29.84 25.26 -16.01
N THR B 836 29.93 24.12 -16.69
CA THR B 836 31.17 23.34 -16.67
C THR B 836 32.30 24.10 -17.35
N ALA B 837 32.04 24.71 -18.50
CA ALA B 837 33.05 25.48 -19.21
C ALA B 837 33.41 26.77 -18.49
N ALA B 838 32.61 27.21 -17.52
CA ALA B 838 33.01 28.28 -16.64
C ALA B 838 33.81 27.77 -15.45
N LEU B 839 33.51 26.56 -14.96
CA LEU B 839 34.30 25.97 -13.88
C LEU B 839 35.72 25.66 -14.35
N ILE B 840 35.86 24.95 -15.46
CA ILE B 840 37.12 24.92 -16.18
C ILE B 840 37.36 26.32 -16.76
N SER B 841 38.63 26.69 -16.92
CA SER B 841 39.15 28.00 -17.32
C SER B 841 39.00 29.03 -16.21
N GLY B 842 38.32 28.71 -15.11
CA GLY B 842 38.48 29.46 -13.89
C GLY B 842 39.63 28.85 -13.13
N THR B 843 39.74 27.53 -13.20
CA THR B 843 40.89 26.81 -12.66
C THR B 843 42.11 26.90 -13.57
N ALA B 844 41.90 26.92 -14.89
CA ALA B 844 43.04 27.02 -15.81
C ALA B 844 43.66 28.40 -15.81
N THR B 845 42.92 29.43 -15.38
CA THR B 845 43.42 30.80 -15.38
C THR B 845 43.63 31.37 -13.98
N ALA B 846 42.83 30.96 -13.00
CA ALA B 846 42.97 31.47 -11.64
C ALA B 846 43.20 30.38 -10.60
N GLY B 847 42.98 29.11 -10.94
CA GLY B 847 43.30 28.04 -10.02
C GLY B 847 42.25 27.87 -8.95
N TRP B 848 42.70 27.74 -7.71
CA TRP B 848 41.85 27.49 -6.56
C TRP B 848 41.26 28.77 -5.97
N THR B 849 41.67 29.92 -6.48
CA THR B 849 41.36 31.19 -5.81
C THR B 849 39.93 31.65 -6.03
N PHE B 850 39.34 31.36 -7.19
CA PHE B 850 38.00 31.87 -7.47
C PHE B 850 36.92 31.13 -6.70
N GLY B 851 37.23 29.96 -6.15
CA GLY B 851 36.28 29.29 -5.28
C GLY B 851 36.19 29.91 -3.90
N ALA B 852 37.19 30.70 -3.51
CA ALA B 852 37.21 31.41 -2.23
C ALA B 852 37.54 32.86 -2.51
N GLY B 853 36.53 33.65 -2.82
CA GLY B 853 36.73 35.06 -3.14
C GLY B 853 36.81 35.33 -4.63
N ALA B 854 37.51 36.41 -5.00
CA ALA B 854 37.64 36.78 -6.39
C ALA B 854 38.69 35.93 -7.09
N ALA B 855 38.64 35.92 -8.42
CA ALA B 855 39.56 35.15 -9.22
C ALA B 855 40.90 35.86 -9.32
N LEU B 856 41.94 35.27 -8.74
CA LEU B 856 43.29 35.79 -8.82
C LEU B 856 44.06 35.02 -9.87
N GLN B 857 44.46 35.70 -10.95
CA GLN B 857 45.13 35.03 -12.05
C GLN B 857 46.53 34.58 -11.65
N ILE B 858 47.00 33.53 -12.32
CA ILE B 858 48.28 32.91 -12.04
C ILE B 858 48.71 32.12 -13.27
N PRO B 859 49.99 32.14 -13.64
CA PRO B 859 50.46 31.24 -14.71
C PRO B 859 50.24 29.79 -14.32
N PHE B 860 49.91 28.96 -15.31
CA PHE B 860 49.49 27.59 -15.03
C PHE B 860 50.64 26.73 -14.53
N ALA B 861 51.87 27.02 -14.96
CA ALA B 861 53.02 26.31 -14.41
C ALA B 861 53.21 26.60 -12.94
N MET B 862 53.03 27.86 -12.53
CA MET B 862 53.14 28.21 -11.11
C MET B 862 52.01 27.58 -10.31
N GLN B 863 50.82 27.50 -10.90
CA GLN B 863 49.70 26.83 -10.24
C GLN B 863 49.99 25.34 -10.04
N MET B 864 50.51 24.68 -11.08
CA MET B 864 50.88 23.27 -10.96
C MET B 864 52.02 23.07 -9.98
N ALA B 865 52.91 24.05 -9.85
CA ALA B 865 53.94 24.00 -8.82
C ALA B 865 53.33 24.05 -7.43
N TYR B 866 52.29 24.88 -7.25
CA TYR B 866 51.58 24.90 -5.97
C TYR B 866 50.89 23.57 -5.70
N ARG B 867 50.30 22.95 -6.72
CA ARG B 867 49.67 21.64 -6.52
C ARG B 867 50.70 20.58 -6.15
N PHE B 868 51.87 20.60 -6.81
CA PHE B 868 52.94 19.67 -6.48
C PHE B 868 53.44 19.89 -5.07
N ASN B 869 53.55 21.14 -4.63
CA ASN B 869 53.88 21.42 -3.25
C ASN B 869 52.79 20.94 -2.30
N GLY B 870 51.54 20.99 -2.74
CA GLY B 870 50.45 20.48 -1.93
C GLY B 870 50.50 18.98 -1.72
N ILE B 871 50.91 18.23 -2.76
CA ILE B 871 51.00 16.77 -2.61
C ILE B 871 52.30 16.32 -1.96
N GLY B 872 53.21 17.24 -1.66
CA GLY B 872 54.44 16.89 -0.97
C GLY B 872 55.67 16.80 -1.82
N VAL B 873 55.64 17.28 -3.06
CA VAL B 873 56.78 17.25 -3.97
C VAL B 873 57.25 18.68 -4.19
N THR B 874 58.57 18.88 -4.20
CA THR B 874 59.11 20.21 -4.41
C THR B 874 58.80 20.71 -5.82
N GLN B 875 58.63 22.03 -5.94
CA GLN B 875 58.19 22.63 -7.20
C GLN B 875 59.23 22.52 -8.31
N ASN B 876 60.51 22.39 -7.95
CA ASN B 876 61.55 22.21 -8.96
C ASN B 876 61.40 20.88 -9.69
N VAL B 877 60.76 19.88 -9.07
CA VAL B 877 60.48 18.63 -9.76
C VAL B 877 59.52 18.86 -10.93
N LEU B 878 58.50 19.69 -10.71
CA LEU B 878 57.62 20.06 -11.82
C LEU B 878 58.36 20.90 -12.84
N TYR B 879 59.09 21.93 -12.38
CA TYR B 879 59.72 22.87 -13.30
C TYR B 879 60.80 22.22 -14.15
N GLU B 880 61.52 21.24 -13.60
CA GLU B 880 62.53 20.53 -14.38
C GLU B 880 61.92 19.53 -15.35
N ASN B 881 60.67 19.12 -15.13
CA ASN B 881 60.01 18.13 -15.97
C ASN B 881 58.67 18.65 -16.48
N GLN B 882 58.60 19.94 -16.79
CA GLN B 882 57.33 20.55 -17.19
C GLN B 882 56.82 19.99 -18.51
N LYS B 883 57.72 19.81 -19.49
CA LYS B 883 57.32 19.24 -20.77
C LYS B 883 56.86 17.81 -20.62
N LEU B 884 57.57 17.01 -19.81
CA LEU B 884 57.18 15.62 -19.60
C LEU B 884 55.84 15.52 -18.88
N ILE B 885 55.61 16.38 -17.87
CA ILE B 885 54.35 16.35 -17.14
C ILE B 885 53.20 16.80 -18.03
N ALA B 886 53.42 17.83 -18.85
CA ALA B 886 52.39 18.27 -19.78
C ALA B 886 52.08 17.20 -20.83
N ASN B 887 53.10 16.51 -21.32
CA ASN B 887 52.89 15.43 -22.28
C ASN B 887 52.13 14.27 -21.65
N GLN B 888 52.45 13.93 -20.40
CA GLN B 888 51.73 12.87 -19.70
C GLN B 888 50.28 13.26 -19.47
N PHE B 889 50.02 14.52 -19.12
CA PHE B 889 48.66 14.99 -18.95
C PHE B 889 47.86 14.92 -20.24
N ASN B 890 48.47 15.36 -21.35
CA ASN B 890 47.80 15.31 -22.65
C ASN B 890 47.55 13.87 -23.09
N SER B 891 48.52 12.98 -22.84
CA SER B 891 48.34 11.57 -23.19
C SER B 891 47.25 10.92 -22.35
N ALA B 892 47.15 11.29 -21.08
CA ALA B 892 46.09 10.74 -20.23
C ALA B 892 44.72 11.26 -20.66
N ILE B 893 44.65 12.53 -21.07
CA ILE B 893 43.39 13.07 -21.60
C ILE B 893 43.00 12.35 -22.88
N GLY B 894 43.97 12.10 -23.76
CA GLY B 894 43.69 11.34 -24.97
C GLY B 894 43.29 9.90 -24.70
N LYS B 895 43.86 9.28 -23.67
CA LYS B 895 43.46 7.94 -23.28
C LYS B 895 42.04 7.92 -22.71
N ILE B 896 41.65 8.98 -22.00
CA ILE B 896 40.26 9.13 -21.58
C ILE B 896 39.35 9.28 -22.79
N GLN B 897 39.82 10.01 -23.80
CA GLN B 897 39.05 10.22 -25.03
C GLN B 897 38.77 8.91 -25.76
N GLU B 898 39.80 8.05 -25.90
CA GLU B 898 39.62 6.81 -26.63
C GLU B 898 38.88 5.74 -25.82
N SER B 899 38.88 5.85 -24.49
CA SER B 899 38.19 4.87 -23.66
C SER B 899 36.69 5.10 -23.60
N LEU B 900 36.21 6.27 -24.02
CA LEU B 900 34.78 6.56 -24.06
C LEU B 900 34.14 6.14 -25.38
N THR B 901 34.91 5.57 -26.29
CA THR B 901 34.38 5.04 -27.55
C THR B 901 34.40 3.53 -27.61
N SER B 902 35.45 2.89 -27.09
CA SER B 902 35.53 1.44 -27.11
C SER B 902 34.58 0.81 -26.09
N THR B 903 34.57 1.34 -24.87
CA THR B 903 33.80 0.77 -23.78
C THR B 903 32.47 1.48 -23.63
N ALA B 904 31.38 0.70 -23.56
CA ALA B 904 30.04 1.26 -23.43
C ALA B 904 29.50 1.19 -22.01
N SER B 905 30.18 0.49 -21.10
CA SER B 905 29.73 0.33 -19.73
C SER B 905 30.29 1.39 -18.79
N ALA B 906 31.01 2.38 -19.32
CA ALA B 906 31.59 3.42 -18.47
C ALA B 906 30.51 4.31 -17.86
N LEU B 907 29.46 4.61 -18.62
CA LEU B 907 28.37 5.47 -18.17
C LEU B 907 27.17 4.66 -17.71
N GLY B 908 27.42 3.53 -17.03
CA GLY B 908 26.33 2.63 -16.66
C GLY B 908 25.40 3.18 -15.61
N LYS B 909 25.85 4.11 -14.78
CA LYS B 909 25.01 4.63 -13.71
C LYS B 909 23.91 5.54 -14.25
N LEU B 910 24.25 6.44 -15.18
CA LEU B 910 23.26 7.31 -15.78
C LEU B 910 22.29 6.52 -16.64
N GLN B 911 22.80 5.52 -17.36
CA GLN B 911 21.93 4.65 -18.14
C GLN B 911 21.01 3.85 -17.23
N ASP B 912 21.49 3.45 -16.06
CA ASP B 912 20.64 2.78 -15.08
C ASP B 912 19.55 3.71 -14.56
N VAL B 913 19.86 4.99 -14.37
CA VAL B 913 18.85 5.95 -13.96
C VAL B 913 17.76 6.08 -15.02
N VAL B 914 18.18 6.22 -16.28
CA VAL B 914 17.22 6.34 -17.39
C VAL B 914 16.38 5.09 -17.52
N ASN B 915 17.02 3.91 -17.44
CA ASN B 915 16.31 2.64 -17.56
C ASN B 915 15.35 2.43 -16.39
N GLN B 916 15.74 2.84 -15.18
CA GLN B 916 14.86 2.70 -14.03
C GLN B 916 13.62 3.57 -14.18
N ASN B 917 13.78 4.81 -14.62
CA ASN B 917 12.61 5.68 -14.82
C ASN B 917 11.70 5.15 -15.92
N ALA B 918 12.29 4.71 -17.04
CA ALA B 918 11.49 4.17 -18.13
C ALA B 918 10.79 2.88 -17.74
N GLN B 919 11.46 2.01 -16.99
CA GLN B 919 10.86 0.77 -16.56
C GLN B 919 9.75 1.00 -15.54
N ALA B 920 9.91 1.99 -14.66
CA ALA B 920 8.85 2.31 -13.72
C ALA B 920 7.60 2.83 -14.43
N LEU B 921 7.79 3.72 -15.42
CA LEU B 921 6.64 4.22 -16.17
C LEU B 921 5.98 3.12 -17.00
N ASN B 922 6.78 2.25 -17.62
CA ASN B 922 6.22 1.17 -18.42
C ASN B 922 5.53 0.12 -17.55
N THR B 923 6.03 -0.12 -16.35
CA THR B 923 5.35 -1.02 -15.41
C THR B 923 4.02 -0.41 -14.95
N LEU B 924 4.00 0.90 -14.73
CA LEU B 924 2.75 1.58 -14.42
C LEU B 924 1.73 1.44 -15.55
N VAL B 925 2.19 1.56 -16.80
CA VAL B 925 1.30 1.35 -17.94
C VAL B 925 0.82 -0.10 -18.01
N LYS B 926 1.73 -1.05 -17.78
CA LYS B 926 1.40 -2.47 -17.92
C LYS B 926 0.47 -2.95 -16.81
N GLN B 927 0.51 -2.33 -15.64
CA GLN B 927 -0.31 -2.78 -14.53
C GLN B 927 -1.78 -2.39 -14.65
N LEU B 928 -2.15 -1.66 -15.70
CA LEU B 928 -3.56 -1.37 -15.96
C LEU B 928 -4.34 -2.58 -16.46
N SER B 929 -3.67 -3.67 -16.80
CA SER B 929 -4.33 -4.88 -17.25
C SER B 929 -4.70 -5.83 -16.12
N SER B 930 -4.43 -5.45 -14.87
CA SER B 930 -4.78 -6.28 -13.73
C SER B 930 -6.27 -6.16 -13.43
N ASN B 931 -6.92 -7.30 -13.19
CA ASN B 931 -8.35 -7.29 -12.89
C ASN B 931 -8.63 -6.78 -11.49
N PHE B 932 -7.69 -6.99 -10.55
CA PHE B 932 -7.82 -6.61 -9.14
C PHE B 932 -9.06 -7.24 -8.50
N GLY B 933 -9.40 -8.47 -8.90
CA GLY B 933 -10.56 -9.14 -8.38
C GLY B 933 -11.87 -8.79 -9.04
N ALA B 934 -11.85 -7.87 -10.01
CA ALA B 934 -13.06 -7.51 -10.72
C ALA B 934 -13.30 -8.49 -11.88
N ILE B 935 -14.45 -8.33 -12.53
CA ILE B 935 -14.80 -9.21 -13.64
C ILE B 935 -13.90 -8.95 -14.84
N SER B 936 -13.43 -7.71 -15.00
CA SER B 936 -12.54 -7.37 -16.10
C SER B 936 -11.65 -6.21 -15.66
N SER B 937 -10.52 -6.07 -16.35
CA SER B 937 -9.65 -4.93 -16.18
C SER B 937 -10.02 -3.77 -17.08
N VAL B 938 -10.96 -3.96 -18.00
CA VAL B 938 -11.40 -2.92 -18.91
C VAL B 938 -12.60 -2.23 -18.27
N LEU B 939 -12.56 -0.90 -18.18
CA LEU B 939 -13.70 -0.17 -17.66
C LEU B 939 -14.87 -0.20 -18.62
N ASN B 940 -14.60 -0.20 -19.93
CA ASN B 940 -15.64 -0.03 -20.95
C ASN B 940 -16.60 -1.21 -20.96
N ASP B 941 -16.09 -2.44 -20.87
CA ASP B 941 -16.99 -3.60 -20.91
C ASP B 941 -17.74 -3.76 -19.59
N ILE B 942 -17.16 -3.29 -18.48
CA ILE B 942 -17.89 -3.25 -17.21
C ILE B 942 -19.05 -2.27 -17.29
N ILE B 943 -18.82 -1.10 -17.89
CA ILE B 943 -19.91 -0.14 -18.09
C ILE B 943 -20.98 -0.71 -19.01
N SER B 944 -20.57 -1.33 -20.12
CA SER B 944 -21.54 -1.76 -21.12
C SER B 944 -22.19 -3.10 -20.83
N ARG B 945 -21.74 -3.83 -19.79
CA ARG B 945 -22.39 -5.08 -19.44
C ARG B 945 -23.22 -5.02 -18.17
N LEU B 946 -22.95 -4.06 -17.28
CA LEU B 946 -23.63 -3.98 -16.00
C LEU B 946 -24.28 -2.62 -15.82
N ASP B 947 -25.34 -2.63 -15.03
CA ASP B 947 -26.06 -1.40 -14.64
C ASP B 947 -25.21 -0.64 -13.64
N LYS B 948 -25.66 0.53 -13.20
CA LYS B 948 -24.85 1.43 -12.37
C LYS B 948 -24.45 0.72 -11.08
N VAL B 949 -25.39 0.07 -10.39
CA VAL B 949 -25.07 -0.46 -9.04
C VAL B 949 -24.08 -1.62 -9.17
N GLU B 950 -24.28 -2.51 -10.13
CA GLU B 950 -23.38 -3.68 -10.26
C GLU B 950 -22.04 -3.23 -10.83
N ALA B 951 -22.03 -2.19 -11.65
CA ALA B 951 -20.76 -1.71 -12.23
C ALA B 951 -19.92 -1.10 -11.13
N GLU B 952 -20.57 -0.53 -10.13
CA GLU B 952 -19.92 0.31 -9.13
C GLU B 952 -18.90 -0.47 -8.30
N VAL B 953 -19.22 -1.72 -7.93
CA VAL B 953 -18.28 -2.50 -7.13
C VAL B 953 -17.04 -2.87 -7.94
N GLN B 954 -17.21 -3.19 -9.23
CA GLN B 954 -16.07 -3.50 -10.07
C GLN B 954 -15.21 -2.28 -10.33
N ILE B 955 -15.84 -1.12 -10.54
CA ILE B 955 -15.09 0.11 -10.71
C ILE B 955 -14.36 0.49 -9.44
N ASP B 956 -14.98 0.24 -8.27
CA ASP B 956 -14.31 0.49 -7.00
C ASP B 956 -13.09 -0.40 -6.81
N ARG B 957 -13.21 -1.68 -7.21
CA ARG B 957 -12.06 -2.57 -7.16
C ARG B 957 -10.94 -2.09 -8.07
N LEU B 958 -11.29 -1.67 -9.30
CA LEU B 958 -10.28 -1.16 -10.23
C LEU B 958 -9.65 0.13 -9.73
N ILE B 959 -10.45 1.01 -9.11
CA ILE B 959 -9.94 2.26 -8.56
C ILE B 959 -8.96 1.99 -7.43
N THR B 960 -9.32 1.07 -6.54
CA THR B 960 -8.44 0.72 -5.42
C THR B 960 -7.12 0.13 -5.93
N GLY B 961 -7.20 -0.77 -6.92
CA GLY B 961 -5.98 -1.36 -7.46
C GLY B 961 -5.10 -0.36 -8.18
N ARG B 962 -5.69 0.53 -8.99
CA ARG B 962 -4.89 1.49 -9.73
C ARG B 962 -4.32 2.57 -8.83
N LEU B 963 -5.06 2.97 -7.79
CA LEU B 963 -4.52 3.88 -6.80
C LEU B 963 -3.37 3.24 -6.02
N GLN B 964 -3.48 1.94 -5.73
CA GLN B 964 -2.38 1.22 -5.10
C GLN B 964 -1.16 1.18 -6.01
N SER B 965 -1.37 0.98 -7.31
CA SER B 965 -0.25 0.99 -8.26
C SER B 965 0.43 2.36 -8.32
N LEU B 966 -0.37 3.43 -8.32
CA LEU B 966 0.20 4.78 -8.31
C LEU B 966 0.96 5.05 -7.02
N GLN B 967 0.43 4.58 -5.88
CA GLN B 967 1.10 4.75 -4.60
C GLN B 967 2.42 4.00 -4.55
N THR B 968 2.45 2.79 -5.12
CA THR B 968 3.69 2.01 -5.18
C THR B 968 4.72 2.71 -6.05
N TYR B 969 4.30 3.25 -7.20
CA TYR B 969 5.20 4.00 -8.06
C TYR B 969 5.76 5.22 -7.35
N VAL B 970 4.91 5.97 -6.64
CA VAL B 970 5.36 7.19 -5.97
C VAL B 970 6.31 6.86 -4.82
N THR B 971 6.03 5.77 -4.09
CA THR B 971 6.93 5.35 -3.01
C THR B 971 8.30 4.95 -3.56
N GLN B 972 8.34 4.17 -4.65
CA GLN B 972 9.61 3.79 -5.27
C GLN B 972 10.35 5.01 -5.80
N GLN B 973 9.60 5.98 -6.36
CA GLN B 973 10.22 7.23 -6.79
C GLN B 973 10.81 8.00 -5.62
N LEU B 974 10.18 7.92 -4.44
CA LEU B 974 10.75 8.57 -3.26
C LEU B 974 12.05 7.90 -2.82
N ILE B 975 12.10 6.55 -2.86
CA ILE B 975 13.35 5.84 -2.56
C ILE B 975 14.46 6.27 -3.52
N ARG B 976 14.15 6.27 -4.82
CA ARG B 976 15.14 6.62 -5.82
C ARG B 976 15.53 8.09 -5.74
N ALA B 977 14.60 8.96 -5.35
CA ALA B 977 14.92 10.37 -5.17
C ALA B 977 15.86 10.56 -3.99
N ALA B 978 15.67 9.81 -2.91
CA ALA B 978 16.59 9.89 -1.78
C ALA B 978 17.99 9.42 -2.17
N GLU B 979 18.07 8.32 -2.93
CA GLU B 979 19.38 7.83 -3.37
C GLU B 979 20.06 8.82 -4.31
N ILE B 980 19.31 9.38 -5.26
CA ILE B 980 19.84 10.38 -6.19
C ILE B 980 20.24 11.65 -5.44
N ARG B 981 19.50 12.02 -4.39
CA ARG B 981 19.86 13.17 -3.57
C ARG B 981 21.18 12.95 -2.86
N ALA B 982 21.40 11.74 -2.32
CA ALA B 982 22.69 11.43 -1.71
C ALA B 982 23.83 11.48 -2.72
N SER B 983 23.59 10.93 -3.92
CA SER B 983 24.62 10.97 -4.96
C SER B 983 24.92 12.39 -5.40
N ALA B 984 23.89 13.23 -5.51
CA ALA B 984 24.10 14.62 -5.91
C ALA B 984 24.78 15.43 -4.82
N ASN B 985 24.50 15.15 -3.56
CA ASN B 985 25.23 15.81 -2.47
C ASN B 985 26.70 15.42 -2.49
N LEU B 986 26.99 14.14 -2.75
CA LEU B 986 28.38 13.72 -2.89
C LEU B 986 29.04 14.39 -4.09
N ALA B 987 28.31 14.52 -5.21
CA ALA B 987 28.87 15.17 -6.39
C ALA B 987 29.15 16.64 -6.15
N ALA B 988 28.27 17.33 -5.42
CA ALA B 988 28.51 18.72 -5.06
C ALA B 988 29.71 18.86 -4.13
N THR B 989 29.86 17.92 -3.19
CA THR B 989 31.03 17.92 -2.32
C THR B 989 32.31 17.72 -3.11
N LYS B 990 32.30 16.82 -4.10
CA LYS B 990 33.48 16.60 -4.92
C LYS B 990 33.77 17.80 -5.80
N MET B 991 32.72 18.47 -6.29
CA MET B 991 32.90 19.70 -7.06
C MET B 991 33.54 20.79 -6.22
N SER B 992 33.11 20.91 -4.96
CA SER B 992 33.69 21.93 -4.09
C SER B 992 35.13 21.59 -3.71
N GLU B 993 35.40 20.34 -3.34
CA GLU B 993 36.68 19.98 -2.74
C GLU B 993 37.72 19.48 -3.74
N CYS B 994 37.37 19.30 -5.01
CA CYS B 994 38.33 18.74 -5.95
C CYS B 994 38.47 19.59 -7.21
N VAL B 995 37.39 20.24 -7.62
CA VAL B 995 37.45 21.16 -8.75
C VAL B 995 37.82 22.56 -8.30
N LEU B 996 37.22 23.03 -7.21
CA LEU B 996 37.48 24.35 -6.67
C LEU B 996 38.66 24.36 -5.70
N GLY B 997 39.29 23.22 -5.45
CA GLY B 997 40.43 23.15 -4.56
C GLY B 997 41.16 21.85 -4.74
N GLN B 998 42.19 21.67 -3.92
CA GLN B 998 43.01 20.46 -3.92
C GLN B 998 42.76 19.69 -2.64
N SER B 999 42.40 18.42 -2.76
CA SER B 999 41.95 17.62 -1.63
C SER B 999 43.08 16.76 -1.08
N LYS B 1000 43.23 16.78 0.24
CA LYS B 1000 44.18 15.92 0.93
C LYS B 1000 43.57 14.59 1.35
N ARG B 1001 42.27 14.41 1.17
CA ARG B 1001 41.61 13.17 1.55
C ARG B 1001 42.02 12.04 0.62
N VAL B 1002 42.36 10.89 1.20
CA VAL B 1002 42.83 9.76 0.41
C VAL B 1002 41.68 9.15 -0.36
N ASP B 1003 41.86 8.98 -1.68
CA ASP B 1003 40.95 8.32 -2.61
C ASP B 1003 39.61 9.02 -2.74
N PHE B 1004 39.48 10.26 -2.26
CA PHE B 1004 38.24 10.98 -2.44
C PHE B 1004 38.04 11.39 -3.89
N CYS B 1005 39.12 11.75 -4.57
CA CYS B 1005 39.04 12.15 -5.98
C CYS B 1005 40.17 11.46 -6.75
N GLY B 1006 39.90 10.26 -7.22
CA GLY B 1006 40.87 9.49 -7.96
C GLY B 1006 41.86 8.77 -7.07
N LYS B 1007 42.50 7.76 -7.64
CA LYS B 1007 43.54 7.03 -6.93
C LYS B 1007 44.86 7.75 -7.08
N GLY B 1008 45.57 7.92 -5.98
CA GLY B 1008 46.83 8.64 -5.96
C GLY B 1008 46.67 10.00 -5.31
N TYR B 1009 47.77 10.76 -5.35
CA TYR B 1009 47.79 12.09 -4.75
C TYR B 1009 47.09 13.06 -5.70
N HIS B 1010 46.02 13.69 -5.22
CA HIS B 1010 45.16 14.49 -6.08
C HIS B 1010 45.84 15.80 -6.45
N LEU B 1011 45.81 16.13 -7.75
CA LEU B 1011 46.30 17.40 -8.25
C LEU B 1011 45.17 18.28 -8.77
N MET B 1012 44.41 17.79 -9.74
CA MET B 1012 43.40 18.57 -10.42
C MET B 1012 42.15 17.72 -10.63
N SER B 1013 41.03 18.39 -10.80
CA SER B 1013 39.80 17.73 -11.20
C SER B 1013 39.04 18.65 -12.14
N PHE B 1014 38.49 18.07 -13.21
CA PHE B 1014 37.73 18.82 -14.19
C PHE B 1014 36.34 18.21 -14.32
N PRO B 1015 35.27 18.96 -14.12
CA PRO B 1015 33.94 18.42 -14.36
C PRO B 1015 33.66 18.30 -15.85
N GLN B 1016 32.76 17.38 -16.19
CA GLN B 1016 32.26 17.25 -17.55
C GLN B 1016 30.77 16.98 -17.47
N ALA B 1017 29.98 17.74 -18.23
CA ALA B 1017 28.54 17.58 -18.22
C ALA B 1017 28.14 16.25 -18.85
N ALA B 1018 27.22 15.57 -18.20
CA ALA B 1018 26.70 14.29 -18.67
C ALA B 1018 25.19 14.30 -18.53
N PRO B 1019 24.48 13.49 -19.31
CA PRO B 1019 23.03 13.37 -19.12
C PRO B 1019 22.71 12.75 -17.77
N HIS B 1020 21.90 13.46 -16.99
CA HIS B 1020 21.44 13.04 -15.65
C HIS B 1020 22.59 12.87 -14.66
N GLY B 1021 23.70 13.54 -14.88
CA GLY B 1021 24.82 13.38 -13.98
C GLY B 1021 26.01 14.23 -14.35
N VAL B 1022 27.15 13.91 -13.75
CA VAL B 1022 28.40 14.62 -13.95
C VAL B 1022 29.52 13.58 -14.00
N VAL B 1023 30.54 13.87 -14.80
CA VAL B 1023 31.73 13.03 -14.90
C VAL B 1023 32.93 13.88 -14.51
N PHE B 1024 33.64 13.44 -13.48
CA PHE B 1024 34.82 14.14 -12.98
C PHE B 1024 36.07 13.50 -13.55
N LEU B 1025 36.95 14.32 -14.11
CA LEU B 1025 38.25 13.87 -14.61
C LEU B 1025 39.30 14.20 -13.55
N HIS B 1026 39.70 13.20 -12.77
CA HIS B 1026 40.59 13.40 -11.64
C HIS B 1026 42.04 13.27 -12.11
N VAL B 1027 42.78 14.37 -12.08
CA VAL B 1027 44.20 14.36 -12.40
C VAL B 1027 44.95 14.09 -11.10
N THR B 1028 45.62 12.95 -11.04
CA THR B 1028 46.32 12.51 -9.84
C THR B 1028 47.78 12.23 -10.15
N TYR B 1029 48.57 12.16 -9.08
CA TYR B 1029 50.00 11.91 -9.15
C TYR B 1029 50.27 10.50 -8.65
N ILE B 1030 50.81 9.66 -9.52
CA ILE B 1030 51.12 8.28 -9.17
C ILE B 1030 52.64 8.12 -9.13
N PRO B 1031 53.25 8.06 -7.96
CA PRO B 1031 54.69 7.77 -7.89
C PRO B 1031 54.99 6.36 -8.37
N SER B 1032 56.14 6.21 -9.03
CA SER B 1032 56.48 4.94 -9.65
C SER B 1032 58.00 4.82 -9.75
N GLN B 1033 58.44 3.63 -10.17
CA GLN B 1033 59.85 3.30 -10.37
C GLN B 1033 60.65 3.48 -9.08
N GLU B 1034 60.23 2.77 -8.04
CA GLU B 1034 60.88 2.87 -6.75
C GLU B 1034 62.22 2.14 -6.75
N ARG B 1035 63.09 2.55 -5.83
CA ARG B 1035 64.40 1.94 -5.66
C ARG B 1035 64.64 1.67 -4.18
N ASN B 1036 65.36 0.59 -3.91
CA ASN B 1036 65.71 0.23 -2.55
C ASN B 1036 66.85 1.11 -2.03
N PHE B 1037 66.69 1.64 -0.83
CA PHE B 1037 67.73 2.44 -0.19
C PHE B 1037 67.86 2.03 1.27
N THR B 1038 69.09 1.90 1.73
CA THR B 1038 69.33 1.72 3.16
C THR B 1038 69.05 3.03 3.88
N THR B 1039 68.21 2.98 4.91
CA THR B 1039 67.72 4.18 5.56
C THR B 1039 68.01 4.12 7.06
N ALA B 1040 67.98 5.30 7.68
CA ALA B 1040 68.19 5.45 9.11
C ALA B 1040 67.18 6.45 9.66
N PRO B 1041 66.77 6.29 10.91
CA PRO B 1041 65.88 7.29 11.51
C PRO B 1041 66.56 8.62 11.81
N ALA B 1042 67.84 8.61 12.15
CA ALA B 1042 68.55 9.82 12.52
C ALA B 1042 70.03 9.62 12.30
N ILE B 1043 70.78 10.71 12.41
CA ILE B 1043 72.22 10.72 12.19
C ILE B 1043 72.90 11.14 13.49
N CYS B 1044 73.83 10.31 13.97
CA CYS B 1044 74.63 10.64 15.15
C CYS B 1044 75.96 11.23 14.66
N HIS B 1045 75.91 12.51 14.31
CA HIS B 1045 77.10 13.20 13.82
C HIS B 1045 78.08 13.50 14.93
N GLU B 1046 77.58 13.75 16.13
CA GLU B 1046 78.37 14.07 17.31
C GLU B 1046 77.62 13.52 18.51
N GLY B 1047 77.89 14.06 19.70
CA GLY B 1047 77.08 13.74 20.86
C GLY B 1047 75.61 14.07 20.68
N LYS B 1048 75.30 15.03 19.80
CA LYS B 1048 73.93 15.36 19.44
C LYS B 1048 73.42 14.41 18.36
N ALA B 1049 72.12 14.49 18.08
CA ALA B 1049 71.47 13.68 17.07
C ALA B 1049 70.72 14.59 16.09
N HIS B 1050 70.78 14.24 14.81
CA HIS B 1050 70.15 15.03 13.76
C HIS B 1050 68.99 14.26 13.15
N PHE B 1051 67.82 14.88 13.13
CA PHE B 1051 66.60 14.34 12.55
C PHE B 1051 66.22 15.11 11.30
N PRO B 1052 65.66 14.46 10.28
CA PRO B 1052 65.35 15.18 9.04
C PRO B 1052 64.15 16.09 9.21
N ARG B 1053 64.26 17.29 8.64
CA ARG B 1053 63.15 18.24 8.68
C ARG B 1053 62.02 17.78 7.76
N GLU B 1054 62.31 17.67 6.46
CA GLU B 1054 61.38 17.11 5.48
C GLU B 1054 62.08 15.97 4.76
N GLY B 1055 61.50 14.79 4.81
CA GLY B 1055 62.03 13.65 4.10
C GLY B 1055 62.70 12.63 5.01
N VAL B 1056 63.51 11.79 4.38
CA VAL B 1056 64.17 10.68 5.05
C VAL B 1056 65.66 10.67 4.71
N PHE B 1057 66.42 9.98 5.55
CA PHE B 1057 67.84 9.75 5.29
C PHE B 1057 67.99 8.48 4.45
N VAL B 1058 68.73 8.59 3.36
CA VAL B 1058 68.95 7.46 2.47
C VAL B 1058 70.45 7.27 2.26
N SER B 1059 70.85 6.03 2.03
CA SER B 1059 72.22 5.69 1.70
C SER B 1059 72.23 4.85 0.43
N ASN B 1060 73.07 5.23 -0.53
CA ASN B 1060 73.19 4.49 -1.78
C ASN B 1060 74.32 3.47 -1.75
N GLY B 1061 74.89 3.21 -0.57
CA GLY B 1061 75.89 2.19 -0.40
C GLY B 1061 77.12 2.67 0.32
N THR B 1062 77.56 3.90 0.02
CA THR B 1062 78.73 4.49 0.67
C THR B 1062 78.42 5.80 1.39
N HIS B 1063 77.61 6.67 0.78
CA HIS B 1063 77.35 8.00 1.32
C HIS B 1063 75.89 8.12 1.75
N TRP B 1064 75.64 8.99 2.72
CA TRP B 1064 74.31 9.23 3.25
C TRP B 1064 73.78 10.56 2.74
N PHE B 1065 72.55 10.53 2.23
CA PHE B 1065 71.90 11.72 1.71
C PHE B 1065 70.53 11.87 2.37
N ILE B 1066 69.89 13.01 2.10
CA ILE B 1066 68.53 13.28 2.54
C ILE B 1066 67.70 13.62 1.30
N THR B 1067 66.54 12.98 1.17
CA THR B 1067 65.69 13.18 0.01
C THR B 1067 64.24 13.28 0.47
N GLN B 1068 63.41 13.89 -0.38
CA GLN B 1068 61.98 13.89 -0.15
C GLN B 1068 61.41 12.49 -0.36
N ARG B 1069 60.26 12.24 0.26
CA ARG B 1069 59.73 10.87 0.30
C ARG B 1069 59.16 10.43 -1.04
N ASN B 1070 58.49 11.32 -1.76
CA ASN B 1070 57.75 10.96 -2.96
C ASN B 1070 58.57 11.07 -4.23
N PHE B 1071 59.82 11.50 -4.15
CA PHE B 1071 60.68 11.62 -5.31
C PHE B 1071 62.13 11.55 -4.86
N TYR B 1072 62.93 10.75 -5.56
CA TYR B 1072 64.33 10.58 -5.18
C TYR B 1072 65.12 11.78 -5.67
N GLU B 1073 65.40 12.71 -4.76
CA GLU B 1073 66.24 13.88 -5.03
C GLU B 1073 67.28 13.99 -3.91
N PRO B 1074 68.36 13.21 -3.98
CA PRO B 1074 69.34 13.22 -2.89
C PRO B 1074 70.14 14.51 -2.87
N GLN B 1075 70.55 14.89 -1.66
CA GLN B 1075 71.37 16.08 -1.48
C GLN B 1075 72.20 15.91 -0.20
N ILE B 1076 73.12 16.85 0.00
CA ILE B 1076 74.06 16.76 1.12
C ILE B 1076 73.33 17.03 2.42
N ILE B 1077 73.56 16.18 3.41
CA ILE B 1077 72.96 16.36 4.74
C ILE B 1077 73.66 17.54 5.42
N THR B 1078 72.96 18.67 5.51
CA THR B 1078 73.49 19.88 6.12
C THR B 1078 72.71 20.20 7.39
N THR B 1079 73.12 21.27 8.06
CA THR B 1079 72.42 21.74 9.25
C THR B 1079 71.10 22.42 8.91
N ASP B 1080 70.95 22.91 7.69
CA ASP B 1080 69.66 23.46 7.26
C ASP B 1080 68.66 22.36 6.93
N ASN B 1081 69.15 21.21 6.45
CA ASN B 1081 68.25 20.12 6.08
C ASN B 1081 67.71 19.40 7.31
N THR B 1082 68.45 19.39 8.42
CA THR B 1082 68.10 18.64 9.61
C THR B 1082 67.89 19.57 10.79
N PHE B 1083 67.53 18.99 11.93
CA PHE B 1083 67.47 19.71 13.19
C PHE B 1083 68.01 18.83 14.30
N VAL B 1084 68.50 19.47 15.36
CA VAL B 1084 69.17 18.79 16.46
C VAL B 1084 68.19 18.66 17.62
N SER B 1085 68.09 17.46 18.18
CA SER B 1085 67.24 17.22 19.35
C SER B 1085 67.85 16.10 20.18
N GLY B 1086 68.46 16.46 21.30
CA GLY B 1086 68.92 15.49 22.27
C GLY B 1086 70.17 14.73 21.86
N THR B 1087 70.53 13.76 22.68
CA THR B 1087 71.68 12.92 22.43
C THR B 1087 71.31 11.80 21.46
N CYS B 1088 72.35 11.12 20.95
CA CYS B 1088 72.19 10.12 19.91
C CYS B 1088 72.14 8.70 20.46
N ASP B 1089 72.25 8.51 21.77
CA ASP B 1089 72.23 7.18 22.36
C ASP B 1089 70.82 6.66 22.68
N VAL B 1090 69.78 7.44 22.40
CA VAL B 1090 68.41 7.03 22.68
C VAL B 1090 67.69 6.49 21.45
N VAL B 1091 67.98 7.02 20.27
CA VAL B 1091 67.29 6.66 19.04
C VAL B 1091 67.75 5.28 18.61
N ILE B 1092 66.79 4.37 18.40
CA ILE B 1092 67.09 3.02 17.95
C ILE B 1092 67.31 3.03 16.44
N GLY B 1093 68.46 2.54 16.00
CA GLY B 1093 68.79 2.50 14.59
C GLY B 1093 69.59 3.67 14.08
N ILE B 1094 70.11 4.53 14.97
CA ILE B 1094 70.87 5.68 14.53
C ILE B 1094 72.22 5.23 13.96
N VAL B 1095 72.74 6.01 13.01
CA VAL B 1095 74.02 5.73 12.37
C VAL B 1095 74.90 6.96 12.46
N ASN B 1096 76.20 6.75 12.30
CA ASN B 1096 77.19 7.81 12.40
C ASN B 1096 77.55 8.30 10.99
N ASN B 1097 77.36 9.60 10.77
CA ASN B 1097 77.73 10.23 9.50
C ASN B 1097 77.94 11.72 9.75
N THR B 1098 78.73 12.34 8.88
CA THR B 1098 79.02 13.76 9.05
C THR B 1098 77.83 14.60 8.58
N VAL B 1099 77.72 15.79 9.15
CA VAL B 1099 76.70 16.77 8.77
C VAL B 1099 77.43 18.05 8.35
N TYR B 1100 77.16 18.50 7.13
CA TYR B 1100 77.83 19.67 6.59
C TYR B 1100 77.34 20.94 7.28
N ASP B 1101 78.27 21.86 7.52
CA ASP B 1101 77.95 23.15 8.10
C ASP B 1101 78.74 24.24 7.38
N PRO B 1102 78.07 25.16 6.65
CA PRO B 1102 78.76 26.24 5.95
C PRO B 1102 79.39 27.26 6.90
N ASN C 17 -55.64 37.56 -26.79
CA ASN C 17 -55.41 38.07 -25.44
C ASN C 17 -54.27 39.07 -25.42
N ILE C 18 -53.05 38.58 -25.65
CA ILE C 18 -51.84 39.40 -25.66
C ILE C 18 -51.21 39.34 -27.03
N THR C 19 -50.95 40.50 -27.62
CA THR C 19 -50.38 40.58 -28.97
C THR C 19 -49.20 41.55 -29.01
N TYR C 20 -48.46 41.65 -27.92
CA TYR C 20 -47.33 42.58 -27.83
C TYR C 20 -46.03 41.84 -28.10
N GLY C 21 -44.99 42.62 -28.40
CA GLY C 21 -43.71 42.08 -28.80
C GLY C 21 -42.91 41.49 -27.65
N SER C 22 -41.79 40.89 -27.99
CA SER C 22 -40.88 40.26 -27.04
C SER C 22 -39.50 40.87 -27.17
N HIS C 23 -38.89 41.24 -26.05
CA HIS C 23 -37.56 41.82 -26.01
C HIS C 23 -36.69 40.98 -25.08
N HIS C 24 -35.62 40.43 -25.63
CA HIS C 24 -34.74 39.57 -24.84
C HIS C 24 -33.28 39.90 -25.14
N LEU C 25 -32.44 39.75 -24.12
CA LEU C 25 -31.02 40.03 -24.20
C LEU C 25 -30.23 38.78 -23.83
N TYR C 26 -28.90 38.91 -23.88
CA TYR C 26 -27.99 37.86 -23.45
C TYR C 26 -26.97 38.48 -22.50
N VAL C 27 -26.87 37.92 -21.30
CA VAL C 27 -25.99 38.42 -20.27
C VAL C 27 -25.17 37.26 -19.71
N SER C 28 -24.39 37.56 -18.68
CA SER C 28 -23.49 36.59 -18.07
C SER C 28 -23.92 36.29 -16.64
N SER C 29 -23.71 35.04 -16.22
CA SER C 29 -23.96 34.62 -14.85
C SER C 29 -22.79 35.09 -14.00
N ARG C 30 -22.94 36.26 -13.38
CA ARG C 30 -21.87 36.85 -12.58
C ARG C 30 -21.83 36.12 -11.24
N THR C 31 -21.21 34.93 -11.27
CA THR C 31 -21.16 33.91 -10.21
C THR C 31 -22.46 33.83 -9.40
N ARG C 32 -23.56 33.58 -10.12
CA ARG C 32 -24.86 33.38 -9.52
C ARG C 32 -25.28 31.92 -9.64
N GLY C 33 -26.32 31.56 -8.89
CA GLY C 33 -26.87 30.22 -8.95
C GLY C 33 -26.26 29.24 -7.97
N VAL C 34 -25.44 29.69 -7.04
CA VAL C 34 -24.85 28.80 -6.05
C VAL C 34 -25.91 28.42 -5.03
N TYR C 35 -26.05 27.12 -4.77
CA TYR C 35 -26.99 26.62 -3.77
C TYR C 35 -26.28 25.65 -2.84
N TYR C 36 -26.94 25.32 -1.74
CA TYR C 36 -26.39 24.36 -0.79
C TYR C 36 -26.47 22.97 -1.38
N PRO C 37 -25.34 22.27 -1.56
CA PRO C 37 -25.38 20.97 -2.23
C PRO C 37 -25.92 19.83 -1.39
N ASP C 38 -25.90 19.95 -0.06
CA ASP C 38 -26.46 18.92 0.81
C ASP C 38 -26.99 19.59 2.07
N ASP C 39 -27.57 18.77 2.95
CA ASP C 39 -28.22 19.26 4.16
C ASP C 39 -27.32 19.23 5.38
N ALA C 40 -26.04 18.92 5.21
CA ALA C 40 -25.12 18.85 6.35
C ALA C 40 -24.58 20.23 6.68
N PHE C 41 -24.44 20.50 7.98
CA PHE C 41 -23.86 21.75 8.44
C PHE C 41 -22.34 21.66 8.37
N ARG C 42 -21.71 22.64 7.74
CA ARG C 42 -20.26 22.75 7.67
C ARG C 42 -19.85 24.17 8.01
N SER C 43 -18.69 24.32 8.62
CA SER C 43 -18.21 25.62 9.06
C SER C 43 -16.71 25.70 8.90
N SER C 44 -16.25 26.83 8.34
CA SER C 44 -14.82 27.16 8.21
C SER C 44 -14.06 26.10 7.42
N THR C 45 -14.56 25.79 6.22
CA THR C 45 -13.96 24.73 5.42
C THR C 45 -14.27 24.96 3.95
N ASN C 46 -13.52 24.27 3.10
CA ASN C 46 -13.76 24.24 1.66
C ASN C 46 -14.02 22.80 1.24
N VAL C 47 -15.10 22.57 0.52
CA VAL C 47 -15.51 21.23 0.13
C VAL C 47 -15.75 21.18 -1.37
N LEU C 48 -15.59 19.99 -1.94
CA LEU C 48 -15.86 19.72 -3.35
C LEU C 48 -17.13 18.91 -3.45
N HIS C 49 -18.13 19.44 -4.16
CA HIS C 49 -19.49 18.93 -4.11
C HIS C 49 -20.11 18.84 -5.51
N GLU C 50 -19.42 18.15 -6.41
CA GLU C 50 -19.82 18.03 -7.82
C GLU C 50 -21.27 17.58 -7.99
N GLY C 51 -21.99 18.28 -8.87
CA GLY C 51 -23.38 18.05 -9.14
C GLY C 51 -23.85 18.89 -10.32
N PHE C 52 -25.12 19.25 -10.37
CA PHE C 52 -25.67 20.06 -11.45
C PHE C 52 -25.71 21.51 -10.98
N PHE C 53 -24.86 22.35 -11.58
CA PHE C 53 -24.73 23.74 -11.20
C PHE C 53 -24.74 24.63 -12.43
N LEU C 54 -25.14 25.87 -12.23
CA LEU C 54 -25.02 26.86 -13.29
C LEU C 54 -23.55 27.26 -13.42
N PRO C 55 -22.93 27.11 -14.59
CA PRO C 55 -21.52 27.49 -14.74
C PRO C 55 -21.33 28.99 -14.62
N PHE C 56 -20.14 29.37 -14.16
CA PHE C 56 -19.82 30.78 -13.98
C PHE C 56 -19.65 31.45 -15.33
N ASP C 57 -20.16 32.69 -15.43
CA ASP C 57 -20.09 33.50 -16.65
C ASP C 57 -20.71 32.79 -17.85
N SER C 58 -21.85 32.14 -17.62
CA SER C 58 -22.49 31.36 -18.66
C SER C 58 -23.46 32.21 -19.47
N ASN C 59 -23.83 31.68 -20.64
CA ASN C 59 -24.82 32.32 -21.51
C ASN C 59 -26.20 32.20 -20.90
N VAL C 60 -26.73 33.29 -20.35
CA VAL C 60 -28.08 33.30 -19.79
C VAL C 60 -28.89 34.35 -20.53
N THR C 61 -30.19 34.10 -20.61
CA THR C 61 -31.10 34.94 -21.38
C THR C 61 -31.91 35.83 -20.44
N TRP C 62 -31.87 37.13 -20.68
CA TRP C 62 -32.62 38.12 -19.92
C TRP C 62 -33.90 38.44 -20.67
N TYR C 63 -35.03 38.42 -19.97
CA TYR C 63 -36.32 38.74 -20.54
C TYR C 63 -36.89 39.96 -19.83
N SER C 64 -37.30 40.97 -20.60
CA SER C 64 -37.71 42.26 -20.05
C SER C 64 -39.21 42.47 -20.18
N PHE C 65 -39.76 43.28 -19.28
CA PHE C 65 -41.17 43.63 -19.27
C PHE C 65 -41.31 45.13 -19.04
N TRP C 66 -41.89 45.85 -20.01
CA TRP C 66 -42.31 47.21 -19.79
C TRP C 66 -43.73 47.27 -20.34
N ASN C 67 -44.30 48.47 -20.50
CA ASN C 67 -45.66 48.66 -21.00
C ASN C 67 -45.80 48.43 -22.50
N GLN C 68 -44.72 48.09 -23.19
CA GLN C 68 -44.79 47.86 -24.63
C GLN C 68 -44.40 46.46 -25.07
N LYS C 69 -43.67 45.69 -24.26
CA LYS C 69 -43.29 44.34 -24.66
C LYS C 69 -43.52 43.35 -23.54
N TYR C 70 -43.55 42.08 -23.93
CA TYR C 70 -43.99 40.98 -23.07
C TYR C 70 -43.39 39.68 -23.61
N SER C 71 -42.54 39.02 -22.82
CA SER C 71 -41.79 37.86 -23.28
C SER C 71 -41.86 36.73 -22.25
N VAL C 72 -42.64 35.70 -22.55
CA VAL C 72 -42.80 34.55 -21.66
C VAL C 72 -42.52 33.25 -22.39
N ALA C 73 -41.60 33.30 -23.36
CA ALA C 73 -41.37 32.17 -24.26
C ALA C 73 -40.90 30.93 -23.49
N THR C 74 -41.36 29.77 -23.96
CA THR C 74 -41.15 28.51 -23.25
C THR C 74 -39.68 28.10 -23.34
N SER C 75 -38.97 28.23 -22.23
CA SER C 75 -37.57 27.83 -22.20
C SER C 75 -37.46 26.32 -22.00
N PRO C 76 -36.45 25.69 -22.60
CA PRO C 76 -36.24 24.25 -22.36
C PRO C 76 -35.78 23.99 -20.93
N PHE C 77 -36.14 22.81 -20.43
CA PHE C 77 -35.75 22.36 -19.10
C PHE C 77 -34.77 21.21 -19.31
N GLY C 78 -33.49 21.55 -19.47
CA GLY C 78 -32.48 20.54 -19.69
C GLY C 78 -31.56 20.36 -18.51
N ASP C 79 -31.70 19.23 -17.81
CA ASP C 79 -30.91 18.88 -16.62
C ASP C 79 -31.02 19.93 -15.52
N GLY C 80 -32.15 20.60 -15.43
CA GLY C 80 -32.33 21.63 -14.43
C GLY C 80 -32.07 23.01 -14.98
N VAL C 81 -32.76 24.00 -14.41
CA VAL C 81 -32.65 25.38 -14.85
C VAL C 81 -32.36 26.28 -13.66
N TYR C 82 -31.79 27.44 -13.96
CA TYR C 82 -31.63 28.53 -13.01
C TYR C 82 -32.61 29.63 -13.37
N PHE C 83 -33.38 30.10 -12.39
CA PHE C 83 -34.36 31.14 -12.60
C PHE C 83 -34.09 32.28 -11.62
N SER C 84 -34.18 33.50 -12.10
CA SER C 84 -33.97 34.67 -11.25
C SER C 84 -34.79 35.82 -11.78
N THR C 85 -35.65 36.38 -10.94
CA THR C 85 -36.49 37.51 -11.31
C THR C 85 -36.04 38.75 -10.56
N ILE C 86 -35.78 39.82 -11.31
CA ILE C 86 -35.45 41.13 -10.76
C ILE C 86 -36.70 41.97 -10.85
N ASP C 87 -37.21 42.41 -9.69
CA ASP C 87 -38.58 42.90 -9.67
C ASP C 87 -38.74 43.87 -8.51
N LYS C 88 -39.53 44.92 -8.73
CA LYS C 88 -39.87 45.88 -7.69
C LYS C 88 -41.17 45.56 -6.98
N SER C 89 -41.94 44.60 -7.49
CA SER C 89 -43.23 44.23 -6.94
C SER C 89 -43.35 42.70 -7.01
N ASN C 90 -44.57 42.19 -6.88
CA ASN C 90 -44.79 40.75 -7.00
C ASN C 90 -45.38 40.41 -8.37
N VAL C 91 -44.55 40.46 -9.41
CA VAL C 91 -45.02 40.25 -10.78
C VAL C 91 -45.00 38.78 -11.17
N VAL C 92 -43.81 38.15 -11.12
CA VAL C 92 -43.66 36.78 -11.57
C VAL C 92 -44.32 35.85 -10.56
N ARG C 93 -45.53 35.38 -10.88
CA ARG C 93 -46.29 34.62 -9.91
C ARG C 93 -45.81 33.18 -9.79
N GLY C 94 -45.42 32.57 -10.90
CA GLY C 94 -45.02 31.18 -10.86
C GLY C 94 -44.64 30.67 -12.23
N TRP C 95 -44.68 29.34 -12.37
CA TRP C 95 -44.19 28.68 -13.56
C TRP C 95 -45.11 27.52 -13.93
N VAL C 96 -45.01 27.09 -15.18
CA VAL C 96 -45.68 25.90 -15.68
C VAL C 96 -44.59 24.96 -16.21
N PHE C 97 -44.54 23.74 -15.67
CA PHE C 97 -43.56 22.74 -16.10
C PHE C 97 -44.28 21.62 -16.83
N GLY C 98 -43.66 21.11 -17.87
CA GLY C 98 -44.27 20.03 -18.64
C GLY C 98 -43.42 19.66 -19.83
N THR C 99 -44.05 18.99 -20.80
CA THR C 99 -43.39 18.63 -22.05
C THR C 99 -44.02 19.33 -23.24
N THR C 100 -45.32 19.17 -23.46
CA THR C 100 -46.02 19.82 -24.56
C THR C 100 -46.91 20.96 -24.12
N LEU C 101 -47.27 21.02 -22.83
CA LEU C 101 -48.13 22.03 -22.22
C LEU C 101 -49.52 22.08 -22.85
N ASP C 102 -49.93 20.98 -23.50
CA ASP C 102 -51.27 20.82 -24.02
C ASP C 102 -52.03 19.87 -23.10
N ASN C 103 -53.24 19.47 -23.51
CA ASN C 103 -54.04 18.56 -22.71
C ASN C 103 -53.80 17.10 -23.04
N ASP C 104 -52.85 16.80 -23.94
CA ASP C 104 -52.51 15.41 -24.20
C ASP C 104 -51.66 14.81 -23.07
N THR C 105 -50.80 15.62 -22.45
CA THR C 105 -50.03 15.22 -21.30
C THR C 105 -50.36 16.13 -20.14
N GLN C 106 -49.92 15.74 -18.95
CA GLN C 106 -50.17 16.57 -17.78
C GLN C 106 -48.97 17.48 -17.51
N SER C 107 -49.22 18.50 -16.69
CA SER C 107 -48.23 19.55 -16.45
C SER C 107 -48.25 19.92 -14.97
N VAL C 108 -47.18 20.60 -14.55
CA VAL C 108 -47.07 21.13 -13.19
C VAL C 108 -47.43 22.60 -13.23
N LEU C 109 -48.30 23.02 -12.31
CA LEU C 109 -48.69 24.41 -12.16
C LEU C 109 -48.27 24.86 -10.76
N LEU C 110 -47.10 25.49 -10.67
CA LEU C 110 -46.57 25.99 -9.41
C LEU C 110 -46.60 27.52 -9.46
N TYR C 111 -47.32 28.13 -8.53
CA TYR C 111 -47.55 29.56 -8.57
C TYR C 111 -47.98 30.06 -7.20
N ASN C 112 -48.00 31.38 -7.07
CA ASN C 112 -48.52 32.07 -5.89
C ASN C 112 -49.83 32.74 -6.28
N ASP C 113 -50.91 32.40 -5.60
CA ASP C 113 -52.22 32.98 -5.90
C ASP C 113 -52.46 34.30 -5.18
N GLY C 114 -51.54 34.73 -4.32
CA GLY C 114 -51.73 35.95 -3.56
C GLY C 114 -51.50 35.75 -2.08
N THR C 115 -51.88 34.58 -1.57
CA THR C 115 -51.71 34.26 -0.16
C THR C 115 -51.10 32.89 0.10
N HIS C 116 -51.01 32.02 -0.90
CA HIS C 116 -50.45 30.69 -0.74
C HIS C 116 -49.63 30.33 -1.97
N VAL C 117 -48.70 29.40 -1.78
CA VAL C 117 -47.95 28.83 -2.89
C VAL C 117 -48.54 27.47 -3.18
N ARG C 118 -49.24 27.36 -4.31
CA ARG C 118 -49.92 26.13 -4.67
C ARG C 118 -49.18 25.42 -5.80
N VAL C 119 -49.16 24.09 -5.73
CA VAL C 119 -48.64 23.25 -6.80
C VAL C 119 -49.75 22.31 -7.25
N GLU C 120 -49.99 22.27 -8.55
CA GLU C 120 -51.00 21.39 -9.12
C GLU C 120 -50.39 20.61 -10.27
N VAL C 121 -50.34 19.29 -10.13
CA VAL C 121 -49.93 18.41 -11.20
C VAL C 121 -51.23 17.86 -11.77
N CYS C 122 -51.72 18.54 -12.78
CA CYS C 122 -53.01 18.23 -13.38
C CYS C 122 -52.75 18.15 -14.87
N THR C 123 -53.71 17.65 -15.65
CA THR C 123 -53.61 17.82 -17.09
C THR C 123 -54.50 18.97 -17.52
N PHE C 124 -53.88 20.06 -17.96
CA PHE C 124 -54.56 21.31 -18.23
C PHE C 124 -54.84 21.50 -19.70
N HIS C 125 -55.97 22.14 -20.01
CA HIS C 125 -56.15 22.78 -21.31
C HIS C 125 -55.77 24.25 -21.12
N PHE C 126 -54.47 24.52 -21.29
CA PHE C 126 -53.94 25.84 -21.03
C PHE C 126 -54.39 26.86 -22.07
N CYS C 127 -54.75 28.04 -21.59
CA CYS C 127 -54.99 29.17 -22.48
C CYS C 127 -53.67 29.59 -23.13
N PRO C 128 -53.72 30.10 -24.37
CA PRO C 128 -52.51 30.67 -24.96
C PRO C 128 -52.07 31.91 -24.19
N THR C 129 -50.77 31.93 -23.84
CA THR C 129 -50.15 32.90 -22.94
C THR C 129 -50.91 32.96 -21.61
N PRO C 130 -50.77 31.96 -20.74
CA PRO C 130 -51.48 31.98 -19.46
C PRO C 130 -50.93 33.05 -18.55
N VAL C 131 -51.84 33.84 -17.96
CA VAL C 131 -51.49 35.03 -17.19
C VAL C 131 -52.46 35.17 -16.03
N PHE C 132 -52.25 36.21 -15.24
CA PHE C 132 -53.18 36.65 -14.21
C PHE C 132 -53.71 38.03 -14.61
N SER C 133 -55.03 38.15 -14.71
CA SER C 133 -55.66 39.46 -14.89
C SER C 133 -55.83 40.05 -13.49
N ALA C 134 -54.85 40.87 -13.08
CA ALA C 134 -54.64 41.29 -11.70
C ALA C 134 -54.61 40.06 -10.78
N SER C 135 -55.56 39.96 -9.86
CA SER C 135 -55.61 38.85 -8.93
C SER C 135 -56.41 37.66 -9.46
N SER C 136 -57.01 37.77 -10.64
CA SER C 136 -57.85 36.70 -11.18
C SER C 136 -57.00 35.76 -12.03
N PRO C 137 -56.98 34.46 -11.74
CA PRO C 137 -56.14 33.52 -12.50
C PRO C 137 -56.77 33.17 -13.84
N HIS C 138 -56.17 33.68 -14.92
CA HIS C 138 -56.53 33.28 -16.27
C HIS C 138 -55.51 32.27 -16.81
N LEU C 139 -55.47 31.11 -16.15
CA LEU C 139 -54.43 30.12 -16.42
C LEU C 139 -54.90 29.01 -17.36
N TYR C 140 -55.98 28.33 -17.01
CA TYR C 140 -56.44 27.19 -17.78
C TYR C 140 -57.94 27.24 -17.96
N SER C 141 -58.42 26.60 -19.03
CA SER C 141 -59.86 26.50 -19.25
C SER C 141 -60.45 25.29 -18.54
N SER C 142 -59.74 24.15 -18.56
CA SER C 142 -60.19 22.94 -17.89
C SER C 142 -59.01 22.21 -17.27
N ALA C 143 -59.28 21.48 -16.19
CA ALA C 143 -58.26 20.70 -15.49
C ALA C 143 -58.90 19.44 -14.93
N PHE C 144 -58.38 18.28 -15.34
CA PHE C 144 -58.89 16.97 -14.96
C PHE C 144 -57.73 16.04 -14.67
N ASN C 145 -58.05 14.79 -14.28
CA ASN C 145 -57.11 13.68 -14.07
C ASN C 145 -55.90 14.09 -13.24
N CYS C 146 -56.15 14.79 -12.16
CA CYS C 146 -55.11 15.64 -11.61
C CYS C 146 -54.58 15.02 -10.32
N THR C 147 -53.29 14.64 -10.33
CA THR C 147 -52.73 13.75 -9.34
C THR C 147 -52.10 14.45 -8.13
N LEU C 148 -51.95 15.77 -8.16
CA LEU C 148 -51.34 16.45 -7.01
C LEU C 148 -51.94 17.84 -6.88
N ASN C 149 -52.40 18.17 -5.67
CA ASN C 149 -53.00 19.49 -5.43
C ASN C 149 -52.88 19.78 -3.92
N TYR C 150 -51.89 20.59 -3.57
CA TYR C 150 -51.71 21.02 -2.18
C TYR C 150 -50.90 22.30 -2.17
N THR C 151 -50.90 22.97 -1.01
CA THR C 151 -50.18 24.21 -0.84
C THR C 151 -48.85 23.94 -0.14
N LEU C 152 -47.80 24.62 -0.60
CA LEU C 152 -46.46 24.42 -0.05
C LEU C 152 -46.15 25.41 1.08
N ALA C 153 -46.56 26.66 0.94
CA ALA C 153 -46.30 27.66 1.96
C ALA C 153 -47.38 28.74 1.92
N SER C 154 -47.55 29.41 3.05
CA SER C 154 -48.50 30.52 3.16
C SER C 154 -47.70 31.82 3.05
N VAL C 155 -47.59 32.33 1.84
CA VAL C 155 -46.82 33.53 1.55
C VAL C 155 -47.78 34.58 0.99
N ARG C 156 -47.95 35.68 1.72
CA ARG C 156 -48.81 36.76 1.27
C ARG C 156 -48.02 37.64 0.30
N ALA C 157 -48.46 37.67 -0.95
CA ALA C 157 -47.83 38.48 -1.99
C ALA C 157 -48.93 39.21 -2.75
N ASP C 158 -49.01 40.52 -2.56
CA ASP C 158 -50.06 41.30 -3.18
C ASP C 158 -49.78 41.51 -4.66
N PHE C 159 -50.82 41.90 -5.39
CA PHE C 159 -50.73 42.15 -6.82
C PHE C 159 -50.62 43.64 -7.14
N THR C 160 -50.38 44.48 -6.13
CA THR C 160 -50.34 45.92 -6.35
C THR C 160 -49.03 46.33 -7.02
N GLU C 161 -49.14 47.29 -7.94
CA GLU C 161 -47.97 47.83 -8.61
C GLU C 161 -47.20 48.75 -7.66
N VAL C 162 -45.88 48.59 -7.64
CA VAL C 162 -44.99 49.40 -6.82
C VAL C 162 -44.17 50.28 -7.74
N ASP C 163 -44.23 51.59 -7.50
CA ASP C 163 -43.50 52.54 -8.33
C ASP C 163 -42.06 52.69 -7.87
N GLY C 164 -41.21 53.20 -8.76
CA GLY C 164 -39.82 53.41 -8.45
C GLY C 164 -38.88 52.56 -9.27
N SER C 165 -37.83 52.04 -8.63
CA SER C 165 -36.87 51.16 -9.26
C SER C 165 -36.98 49.76 -8.68
N PHE C 166 -36.27 48.83 -9.31
CA PHE C 166 -36.27 47.44 -8.84
C PHE C 166 -35.60 47.35 -7.47
N LYS C 167 -36.12 46.47 -6.62
CA LYS C 167 -35.68 46.38 -5.24
C LYS C 167 -34.98 45.07 -4.91
N THR C 168 -35.58 43.93 -5.24
CA THR C 168 -35.05 42.63 -4.85
C THR C 168 -34.87 41.74 -6.06
N ILE C 169 -33.99 40.76 -5.91
CA ILE C 169 -33.83 39.68 -6.87
C ILE C 169 -34.20 38.37 -6.16
N ARG C 170 -35.04 37.57 -6.80
CA ARG C 170 -35.47 36.28 -6.26
C ARG C 170 -34.90 35.20 -7.17
N GLU C 171 -33.97 34.41 -6.64
CA GLU C 171 -33.24 33.43 -7.43
C GLU C 171 -33.75 32.03 -7.12
N PHE C 172 -33.95 31.24 -8.17
CA PHE C 172 -34.48 29.89 -8.04
C PHE C 172 -33.59 28.92 -8.79
N VAL C 173 -33.51 27.70 -8.28
CA VAL C 173 -32.90 26.58 -8.99
C VAL C 173 -33.92 25.44 -8.98
N PHE C 174 -34.37 25.04 -10.16
CA PHE C 174 -35.29 23.92 -10.32
C PHE C 174 -34.52 22.78 -10.96
N LYS C 175 -34.53 21.61 -10.33
CA LYS C 175 -33.91 20.44 -10.93
C LYS C 175 -34.75 19.22 -10.59
N LEU C 176 -34.67 18.22 -11.46
CA LEU C 176 -35.44 16.99 -11.32
C LEU C 176 -34.52 15.89 -10.81
N GLN C 177 -34.89 15.28 -9.68
CA GLN C 177 -34.11 14.21 -9.09
C GLN C 177 -35.07 13.11 -8.67
N ASP C 178 -35.04 11.99 -9.41
CA ASP C 178 -35.85 10.80 -9.14
C ASP C 178 -37.34 11.12 -9.10
N GLY C 179 -37.79 11.87 -10.11
CA GLY C 179 -39.20 12.18 -10.25
C GLY C 179 -39.71 13.27 -9.32
N SER C 180 -38.83 13.98 -8.63
CA SER C 180 -39.23 15.04 -7.72
C SER C 180 -38.60 16.35 -8.16
N LEU C 181 -39.37 17.42 -8.10
CA LEU C 181 -38.90 18.75 -8.48
C LEU C 181 -38.34 19.43 -7.24
N ASN C 182 -37.01 19.56 -7.18
CA ASN C 182 -36.34 20.21 -6.07
C ASN C 182 -36.24 21.70 -6.35
N VAL C 183 -36.64 22.51 -5.37
CA VAL C 183 -36.65 23.97 -5.50
C VAL C 183 -35.67 24.55 -4.50
N TYR C 184 -34.73 25.35 -4.98
CA TYR C 184 -33.78 26.07 -4.15
C TYR C 184 -34.06 27.56 -4.28
N TYR C 185 -34.07 28.27 -3.16
CA TYR C 185 -34.55 29.64 -3.15
C TYR C 185 -33.63 30.55 -2.34
N ALA C 186 -33.45 31.77 -2.82
CA ALA C 186 -32.79 32.83 -2.06
C ALA C 186 -33.30 34.17 -2.56
N SER C 187 -33.45 35.12 -1.65
CA SER C 187 -33.91 36.46 -1.97
C SER C 187 -32.89 37.47 -1.45
N THR C 188 -32.47 38.39 -2.33
CA THR C 188 -31.48 39.39 -1.99
C THR C 188 -31.95 40.76 -2.47
N SER C 189 -31.69 41.78 -1.66
CA SER C 189 -31.99 43.14 -2.07
C SER C 189 -31.00 43.58 -3.15
N TYR C 190 -31.52 44.10 -4.25
CA TYR C 190 -30.68 44.43 -5.41
C TYR C 190 -31.36 45.59 -6.14
N VAL C 191 -30.81 46.79 -5.96
CA VAL C 191 -31.39 47.99 -6.56
C VAL C 191 -30.92 48.10 -8.01
N LEU C 192 -31.88 48.04 -8.93
CA LEU C 192 -31.59 48.16 -10.35
C LEU C 192 -32.46 49.27 -10.94
N ALA C 193 -31.86 50.10 -11.78
CA ALA C 193 -32.56 51.22 -12.40
C ALA C 193 -33.43 50.71 -13.55
N ILE C 194 -34.03 51.63 -14.29
CA ILE C 194 -34.98 51.27 -15.35
C ILE C 194 -34.30 51.62 -16.68
N GLY C 195 -32.97 51.57 -16.70
CA GLY C 195 -32.25 51.80 -17.94
C GLY C 195 -30.77 51.66 -17.74
N ALA C 196 -30.06 51.58 -18.88
CA ALA C 196 -28.61 51.64 -19.04
C ALA C 196 -27.86 50.45 -18.45
N THR C 197 -28.53 49.52 -17.79
CA THR C 197 -27.85 48.35 -17.22
C THR C 197 -28.87 47.24 -17.02
N SER C 198 -28.52 46.03 -17.47
CA SER C 198 -29.37 44.85 -17.31
C SER C 198 -28.52 43.67 -16.88
N GLN C 199 -27.69 43.86 -15.87
CA GLN C 199 -26.75 42.83 -15.42
C GLN C 199 -27.20 42.22 -14.11
N LEU C 200 -26.62 41.05 -13.80
CA LEU C 200 -26.86 40.33 -12.57
C LEU C 200 -25.95 40.87 -11.46
N PRO C 201 -26.36 40.74 -10.19
CA PRO C 201 -25.52 41.25 -9.10
C PRO C 201 -24.21 40.48 -8.95
N SER C 202 -23.24 41.17 -8.35
CA SER C 202 -21.94 40.59 -8.08
C SER C 202 -21.98 39.71 -6.84
N GLY C 203 -20.90 38.95 -6.64
CA GLY C 203 -20.81 38.09 -5.49
C GLY C 203 -21.65 36.83 -5.63
N VAL C 204 -21.75 36.11 -4.52
CA VAL C 204 -22.57 34.90 -4.47
C VAL C 204 -23.66 35.10 -3.43
N THR C 205 -24.72 34.33 -3.60
CA THR C 205 -25.78 34.23 -2.61
C THR C 205 -26.26 32.79 -2.58
N PRO C 206 -26.02 32.06 -1.49
CA PRO C 206 -26.37 30.64 -1.48
C PRO C 206 -27.88 30.43 -1.39
N LEU C 207 -28.39 29.60 -2.30
CA LEU C 207 -29.81 29.28 -2.35
C LEU C 207 -30.07 28.11 -1.42
N VAL C 208 -31.02 28.27 -0.49
CA VAL C 208 -31.32 27.20 0.47
C VAL C 208 -32.34 26.25 -0.15
N PRO C 209 -32.29 24.95 0.16
CA PRO C 209 -33.29 24.02 -0.37
C PRO C 209 -34.64 24.24 0.27
N LEU C 210 -35.65 24.53 -0.55
CA LEU C 210 -36.98 24.86 -0.06
C LEU C 210 -37.90 23.64 -0.05
N TRP C 211 -38.17 23.05 -1.21
CA TRP C 211 -39.18 22.02 -1.32
C TRP C 211 -38.69 20.87 -2.18
N LYS C 212 -39.27 19.70 -1.95
CA LYS C 212 -39.14 18.54 -2.82
C LYS C 212 -40.56 18.12 -3.19
N ILE C 213 -40.99 18.47 -4.40
CA ILE C 213 -42.36 18.25 -4.85
C ILE C 213 -42.39 16.97 -5.67
N PRO C 214 -43.11 15.93 -5.23
CA PRO C 214 -43.16 14.66 -5.98
C PRO C 214 -44.11 14.75 -7.17
N ILE C 215 -43.68 15.46 -8.21
CA ILE C 215 -44.51 15.63 -9.40
C ILE C 215 -44.58 14.32 -10.19
N GLY C 216 -43.49 13.57 -10.22
CA GLY C 216 -43.48 12.25 -10.82
C GLY C 216 -43.75 12.19 -12.31
N LEU C 217 -43.19 13.11 -13.08
CA LEU C 217 -43.47 13.12 -14.50
C LEU C 217 -42.32 13.76 -15.28
N ASN C 218 -42.36 13.52 -16.58
CA ASN C 218 -41.32 13.96 -17.51
C ASN C 218 -41.43 15.46 -17.77
N ILE C 219 -40.31 16.18 -17.60
CA ILE C 219 -40.27 17.62 -17.78
C ILE C 219 -39.18 17.95 -18.79
N THR C 220 -39.55 18.63 -19.87
CA THR C 220 -38.58 19.05 -20.88
C THR C 220 -38.65 20.54 -21.15
N ASN C 221 -39.82 21.14 -20.94
CA ASN C 221 -40.02 22.56 -21.19
C ASN C 221 -40.64 23.21 -19.95
N PHE C 222 -40.47 24.53 -19.85
CA PHE C 222 -41.10 25.26 -18.77
C PHE C 222 -41.45 26.66 -19.25
N LYS C 223 -42.51 27.23 -18.69
CA LYS C 223 -43.06 28.52 -19.12
C LYS C 223 -43.37 29.37 -17.91
N THR C 224 -42.94 30.63 -17.96
CA THR C 224 -43.17 31.57 -16.87
C THR C 224 -44.52 32.26 -17.06
N LEU C 225 -45.20 32.53 -15.94
CA LEU C 225 -46.46 33.27 -15.95
C LEU C 225 -46.36 34.48 -15.02
N VAL C 226 -46.89 35.61 -15.49
CA VAL C 226 -46.86 36.87 -14.74
C VAL C 226 -48.30 37.37 -14.59
N TYR C 227 -48.48 38.49 -13.90
CA TYR C 227 -49.81 39.09 -13.77
C TYR C 227 -49.87 40.30 -14.71
N LEU C 228 -51.05 40.50 -15.29
CA LEU C 228 -51.21 41.40 -16.43
C LEU C 228 -51.77 42.77 -16.05
N ARG C 229 -51.90 43.05 -14.75
CA ARG C 229 -52.58 44.26 -14.21
C ARG C 229 -54.01 44.23 -14.74
N SER C 230 -54.51 45.30 -15.36
CA SER C 230 -55.86 45.31 -15.91
C SER C 230 -55.83 44.97 -17.41
N ASP C 231 -55.32 43.77 -17.69
CA ASP C 231 -55.27 43.16 -19.03
C ASP C 231 -54.44 43.96 -20.02
N ASN C 232 -53.58 44.86 -19.55
CA ASN C 232 -52.66 45.57 -20.41
C ASN C 232 -51.30 44.88 -20.38
N THR C 233 -50.34 45.46 -21.09
CA THR C 233 -48.98 44.94 -21.07
C THR C 233 -48.41 45.14 -19.67
N PRO C 234 -47.77 44.14 -19.08
CA PRO C 234 -47.43 44.20 -17.65
C PRO C 234 -46.39 45.27 -17.33
N LEU C 235 -46.22 45.49 -16.03
CA LEU C 235 -45.39 46.57 -15.54
C LEU C 235 -43.92 46.18 -15.58
N GLN C 236 -43.07 46.96 -14.90
CA GLN C 236 -41.63 46.75 -14.97
C GLN C 236 -41.24 45.49 -14.21
N ALA C 237 -40.71 44.51 -14.94
CA ALA C 237 -40.22 43.27 -14.36
C ALA C 237 -39.20 42.67 -15.31
N ALA C 238 -38.42 41.73 -14.78
CA ALA C 238 -37.42 41.03 -15.59
C ALA C 238 -37.17 39.67 -14.98
N TYR C 239 -36.90 38.68 -15.82
CA TYR C 239 -36.49 37.37 -15.32
C TYR C 239 -35.39 36.80 -16.21
N VAL C 240 -34.50 36.03 -15.59
CA VAL C 240 -33.35 35.42 -16.25
C VAL C 240 -33.50 33.91 -16.17
N VAL C 241 -33.18 33.22 -17.26
CA VAL C 241 -33.24 31.77 -17.34
C VAL C 241 -31.86 31.24 -17.67
N GLY C 242 -31.33 30.38 -16.80
CA GLY C 242 -30.08 29.69 -17.03
C GLY C 242 -30.29 28.20 -17.08
N HIS C 243 -29.23 27.48 -17.43
CA HIS C 243 -29.28 26.02 -17.53
C HIS C 243 -28.11 25.41 -16.76
N LEU C 244 -28.42 24.46 -15.90
CA LEU C 244 -27.40 23.79 -15.10
C LEU C 244 -26.65 22.77 -15.94
N LYS C 245 -25.40 22.52 -15.55
CA LYS C 245 -24.57 21.50 -16.17
C LYS C 245 -23.86 20.72 -15.07
N ARG C 246 -23.44 19.51 -15.40
CA ARG C 246 -22.74 18.66 -14.44
C ARG C 246 -21.32 19.19 -14.28
N ARG C 247 -21.07 19.88 -13.18
CA ARG C 247 -19.77 20.47 -12.88
C ARG C 247 -19.37 20.15 -11.45
N THR C 248 -18.07 20.17 -11.20
CA THR C 248 -17.54 20.24 -9.86
C THR C 248 -17.45 21.71 -9.45
N MET C 249 -17.67 21.97 -8.16
CA MET C 249 -17.55 23.32 -7.64
C MET C 249 -17.05 23.25 -6.20
N MET C 250 -16.30 24.27 -5.80
CA MET C 250 -15.79 24.36 -4.44
C MET C 250 -16.57 25.43 -3.69
N PHE C 251 -17.06 25.08 -2.51
CA PHE C 251 -17.82 25.99 -1.66
C PHE C 251 -17.02 26.32 -0.42
N LYS C 252 -16.99 27.59 -0.04
CA LYS C 252 -16.36 28.03 1.19
C LYS C 252 -17.43 28.36 2.21
N TYR C 253 -17.39 27.70 3.35
CA TYR C 253 -18.28 27.98 4.46
C TYR C 253 -17.56 28.89 5.44
N ASP C 254 -18.27 29.90 5.94
CA ASP C 254 -17.68 30.81 6.92
C ASP C 254 -17.79 30.19 8.32
N GLU C 255 -17.44 30.96 9.35
CA GLU C 255 -17.53 30.46 10.71
C GLU C 255 -18.97 30.27 11.17
N ASN C 256 -19.91 30.96 10.55
CA ASN C 256 -21.32 30.84 10.90
C ASN C 256 -22.04 29.76 10.12
N GLY C 257 -21.36 29.08 9.20
CA GLY C 257 -21.95 27.99 8.44
C GLY C 257 -22.56 28.37 7.12
N THR C 258 -22.47 29.63 6.70
CA THR C 258 -23.07 30.06 5.45
C THR C 258 -22.05 30.01 4.32
N ILE C 259 -22.53 29.68 3.13
CA ILE C 259 -21.67 29.59 1.95
C ILE C 259 -21.37 31.01 1.46
N VAL C 260 -20.08 31.33 1.35
CA VAL C 260 -19.62 32.58 0.77
C VAL C 260 -18.48 32.28 -0.19
N ASP C 261 -18.48 32.94 -1.35
CA ASP C 261 -17.40 32.90 -2.33
C ASP C 261 -17.11 31.48 -2.82
N ALA C 262 -18.08 30.93 -3.55
CA ALA C 262 -17.84 29.67 -4.23
C ALA C 262 -16.98 29.90 -5.48
N ILE C 263 -16.42 28.81 -6.01
CA ILE C 263 -15.63 28.87 -7.24
C ILE C 263 -16.05 27.71 -8.13
N ASP C 264 -15.96 27.94 -9.45
CA ASP C 264 -16.38 26.95 -10.44
C ASP C 264 -15.16 26.15 -10.86
N CYS C 265 -15.06 24.92 -10.35
CA CYS C 265 -14.01 24.00 -10.77
C CYS C 265 -14.14 23.69 -12.26
N ALA C 266 -12.99 23.58 -12.92
CA ALA C 266 -12.88 23.33 -14.37
C ALA C 266 -13.59 24.40 -15.19
N LEU C 267 -13.38 25.66 -14.81
CA LEU C 267 -13.76 26.81 -15.64
C LEU C 267 -12.55 27.39 -16.37
N ASP C 268 -11.46 27.61 -15.65
CA ASP C 268 -10.16 27.95 -16.20
C ASP C 268 -9.12 27.19 -15.37
N PRO C 269 -7.89 27.03 -15.89
CA PRO C 269 -6.87 26.29 -15.11
C PRO C 269 -6.56 26.89 -13.74
N LEU C 270 -6.72 28.20 -13.57
CA LEU C 270 -6.56 28.80 -12.24
C LEU C 270 -7.62 28.27 -11.27
N SER C 271 -8.87 28.16 -11.74
CA SER C 271 -9.92 27.61 -10.89
C SER C 271 -9.69 26.14 -10.59
N GLU C 272 -9.14 25.38 -11.55
CA GLU C 272 -8.80 23.99 -11.29
C GLU C 272 -7.66 23.86 -10.29
N THR C 273 -6.71 24.81 -10.31
CA THR C 273 -5.66 24.83 -9.30
C THR C 273 -6.23 25.15 -7.93
N LYS C 274 -7.16 26.11 -7.86
CA LYS C 274 -7.85 26.38 -6.59
C LYS C 274 -8.62 25.17 -6.11
N CYS C 275 -9.20 24.42 -7.04
CA CYS C 275 -9.90 23.17 -6.75
C CYS C 275 -8.95 22.15 -6.14
N THR C 276 -7.80 21.93 -6.79
CA THR C 276 -6.85 20.93 -6.31
C THR C 276 -6.24 21.33 -4.98
N LEU C 277 -5.91 22.61 -4.80
CA LEU C 277 -5.31 23.08 -3.56
C LEU C 277 -6.31 23.15 -2.40
N ARG C 278 -7.62 23.01 -2.70
CA ARG C 278 -8.70 23.15 -1.71
C ARG C 278 -8.63 24.51 -1.01
N SER C 279 -8.28 25.53 -1.76
CA SER C 279 -8.05 26.85 -1.21
C SER C 279 -8.42 27.90 -2.24
N PHE C 280 -8.67 29.12 -1.77
CA PHE C 280 -9.02 30.23 -2.64
C PHE C 280 -7.87 31.21 -2.80
N ILE C 281 -6.77 31.01 -2.10
CA ILE C 281 -5.54 31.77 -2.28
C ILE C 281 -4.51 30.85 -2.92
N VAL C 282 -3.93 31.28 -4.03
CA VAL C 282 -2.92 30.51 -4.73
C VAL C 282 -1.62 31.30 -4.69
N GLU C 283 -0.57 30.69 -4.15
CA GLU C 283 0.73 31.33 -4.10
C GLU C 283 1.35 31.37 -5.49
N LYS C 284 2.36 32.23 -5.64
CA LYS C 284 3.05 32.38 -6.91
C LYS C 284 3.85 31.12 -7.23
N GLY C 285 3.70 30.62 -8.45
CA GLY C 285 4.49 29.49 -8.88
C GLY C 285 3.83 28.76 -10.05
N ILE C 286 4.44 27.63 -10.40
CA ILE C 286 3.96 26.74 -11.45
C ILE C 286 3.14 25.62 -10.82
N TYR C 287 2.01 25.29 -11.44
CA TYR C 287 1.11 24.27 -10.91
C TYR C 287 0.67 23.37 -12.05
N GLN C 288 0.86 22.06 -11.87
CA GLN C 288 0.33 21.10 -12.82
C GLN C 288 -1.18 20.98 -12.66
N THR C 289 -1.88 20.97 -13.78
CA THR C 289 -3.32 20.80 -13.80
C THR C 289 -3.65 19.51 -14.53
N SER C 290 -4.94 19.29 -14.79
CA SER C 290 -5.37 18.12 -15.54
C SER C 290 -4.86 18.20 -16.98
N ASN C 291 -4.65 17.02 -17.56
CA ASN C 291 -4.27 16.96 -18.97
C ASN C 291 -5.42 17.45 -19.84
N PHE C 292 -5.07 17.89 -21.06
CA PHE C 292 -6.04 18.54 -21.93
C PHE C 292 -7.12 17.56 -22.36
N ARG C 293 -8.36 17.83 -21.95
CA ARG C 293 -9.50 16.96 -22.23
C ARG C 293 -10.25 17.45 -23.45
N VAL C 294 -10.70 16.51 -24.27
CA VAL C 294 -11.55 16.80 -25.43
C VAL C 294 -12.86 16.05 -25.22
N GLN C 295 -13.96 16.78 -25.16
CA GLN C 295 -15.25 16.16 -24.94
C GLN C 295 -15.78 15.56 -26.23
N PRO C 296 -16.44 14.40 -26.17
CA PRO C 296 -17.09 13.85 -27.37
C PRO C 296 -18.29 14.69 -27.78
N GLN C 297 -18.47 14.79 -29.09
CA GLN C 297 -19.55 15.58 -29.68
C GLN C 297 -20.59 14.74 -30.36
N ASP C 298 -20.19 13.74 -31.14
CA ASP C 298 -21.11 12.87 -31.85
C ASP C 298 -21.15 11.49 -31.20
N THR C 299 -22.10 10.68 -31.65
CA THR C 299 -22.27 9.31 -31.19
C THR C 299 -22.26 8.38 -32.39
N VAL C 300 -21.41 7.36 -32.34
CA VAL C 300 -21.27 6.39 -33.43
C VAL C 300 -21.74 5.04 -32.90
N VAL C 301 -22.77 4.48 -33.53
CA VAL C 301 -23.24 3.14 -33.20
C VAL C 301 -23.03 2.27 -34.43
N ARG C 302 -22.31 1.17 -34.25
CA ARG C 302 -22.00 0.25 -35.35
C ARG C 302 -22.34 -1.18 -34.90
N PHE C 303 -23.44 -1.69 -35.40
CA PHE C 303 -23.91 -3.06 -35.23
C PHE C 303 -23.89 -3.77 -36.57
N PRO C 304 -23.72 -5.09 -36.60
CA PRO C 304 -23.88 -5.81 -37.87
C PRO C 304 -25.32 -5.70 -38.36
N ASN C 305 -25.48 -5.62 -39.68
CA ASN C 305 -26.79 -5.35 -40.25
C ASN C 305 -27.60 -6.64 -40.23
N ILE C 306 -28.66 -6.65 -39.41
CA ILE C 306 -29.53 -7.81 -39.25
C ILE C 306 -30.94 -7.39 -39.60
N THR C 307 -31.62 -8.22 -40.39
CA THR C 307 -32.97 -7.91 -40.85
C THR C 307 -34.04 -8.80 -40.24
N ASN C 308 -33.68 -9.75 -39.38
CA ASN C 308 -34.61 -10.75 -38.86
C ASN C 308 -34.76 -10.61 -37.36
N LEU C 309 -35.97 -10.84 -36.88
CA LEU C 309 -36.22 -10.95 -35.45
C LEU C 309 -35.87 -12.36 -34.96
N CYS C 310 -35.50 -12.44 -33.69
CA CYS C 310 -35.16 -13.74 -33.12
C CYS C 310 -36.42 -14.58 -32.93
N PRO C 311 -36.32 -15.90 -33.11
CA PRO C 311 -37.51 -16.75 -33.02
C PRO C 311 -38.04 -16.88 -31.60
N PHE C 312 -38.63 -15.81 -31.08
CA PHE C 312 -39.22 -15.84 -29.75
C PHE C 312 -40.43 -16.76 -29.71
N SER C 313 -41.24 -16.75 -30.77
CA SER C 313 -42.41 -17.63 -30.81
C SER C 313 -42.02 -19.08 -31.01
N GLU C 314 -40.86 -19.34 -31.62
CA GLU C 314 -40.45 -20.72 -31.83
C GLU C 314 -39.91 -21.37 -30.56
N VAL C 315 -39.28 -20.59 -29.68
CA VAL C 315 -38.68 -21.15 -28.47
C VAL C 315 -39.51 -20.90 -27.22
N PHE C 316 -40.45 -19.96 -27.24
CA PHE C 316 -41.31 -19.68 -26.11
C PHE C 316 -42.74 -20.15 -26.30
N ASN C 317 -43.20 -20.27 -27.54
CA ASN C 317 -44.55 -20.70 -27.86
C ASN C 317 -44.54 -22.00 -28.66
N ALA C 318 -43.53 -22.84 -28.43
CA ALA C 318 -43.49 -24.14 -29.08
C ALA C 318 -44.59 -25.05 -28.53
N THR C 319 -45.10 -25.92 -29.40
CA THR C 319 -46.18 -26.82 -28.99
C THR C 319 -45.70 -27.84 -27.96
N THR C 320 -44.51 -28.39 -28.15
CA THR C 320 -43.95 -29.39 -27.25
C THR C 320 -42.61 -28.91 -26.70
N PHE C 321 -42.36 -29.24 -25.43
CA PHE C 321 -41.09 -28.98 -24.79
C PHE C 321 -40.42 -30.31 -24.43
N ALA C 322 -39.09 -30.31 -24.46
CA ALA C 322 -38.36 -31.52 -24.16
C ALA C 322 -38.38 -31.84 -22.67
N SER C 323 -38.13 -33.10 -22.35
CA SER C 323 -37.91 -33.48 -20.97
C SER C 323 -36.57 -32.93 -20.48
N VAL C 324 -36.46 -32.77 -19.16
CA VAL C 324 -35.27 -32.12 -18.60
C VAL C 324 -34.03 -33.00 -18.76
N TYR C 325 -34.18 -34.32 -18.71
CA TYR C 325 -33.03 -35.19 -18.94
C TYR C 325 -32.60 -35.19 -20.40
N ALA C 326 -33.50 -34.85 -21.32
CA ALA C 326 -33.20 -34.81 -22.74
C ALA C 326 -33.42 -33.39 -23.26
N TRP C 327 -32.87 -32.41 -22.54
CA TRP C 327 -33.14 -31.00 -22.82
C TRP C 327 -32.64 -30.61 -24.20
N ASN C 328 -33.47 -29.85 -24.92
CA ASN C 328 -33.17 -29.46 -26.29
C ASN C 328 -32.36 -28.16 -26.30
N ARG C 329 -31.34 -28.12 -27.15
CA ARG C 329 -30.53 -26.93 -27.35
C ARG C 329 -30.72 -26.43 -28.77
N LYS C 330 -31.04 -25.15 -28.91
CA LYS C 330 -31.29 -24.54 -30.20
C LYS C 330 -30.26 -23.45 -30.46
N ARG C 331 -29.64 -23.48 -31.64
CA ARG C 331 -28.67 -22.47 -32.02
C ARG C 331 -29.38 -21.21 -32.48
N ILE C 332 -28.95 -20.07 -31.96
CA ILE C 332 -29.55 -18.78 -32.24
C ILE C 332 -28.51 -17.91 -32.92
N SER C 333 -28.80 -17.46 -34.14
CA SER C 333 -27.83 -16.66 -34.89
C SER C 333 -28.56 -15.80 -35.91
N ASN C 334 -27.94 -14.66 -36.24
CA ASN C 334 -28.38 -13.74 -37.29
C ASN C 334 -29.80 -13.23 -37.04
N CYS C 335 -30.01 -12.66 -35.86
CA CYS C 335 -31.34 -12.20 -35.48
C CYS C 335 -31.24 -11.05 -34.50
N VAL C 336 -32.33 -10.30 -34.40
CA VAL C 336 -32.41 -9.12 -33.54
C VAL C 336 -33.17 -9.49 -32.27
N ALA C 337 -32.53 -9.32 -31.12
CA ALA C 337 -33.11 -9.71 -29.84
C ALA C 337 -33.86 -8.52 -29.26
N ASP C 338 -35.07 -8.30 -29.79
CA ASP C 338 -35.89 -7.17 -29.33
C ASP C 338 -36.47 -7.45 -27.96
N TYR C 339 -37.13 -8.60 -27.80
CA TYR C 339 -37.69 -9.15 -26.55
C TYR C 339 -38.84 -8.31 -25.99
N SER C 340 -39.12 -7.15 -26.58
CA SER C 340 -40.29 -6.36 -26.21
C SER C 340 -41.53 -6.78 -26.97
N VAL C 341 -41.39 -7.67 -27.96
CA VAL C 341 -42.54 -8.29 -28.61
C VAL C 341 -43.19 -9.34 -27.72
N LEU C 342 -42.51 -9.77 -26.66
CA LEU C 342 -43.06 -10.73 -25.71
C LEU C 342 -43.90 -10.05 -24.63
N TYR C 343 -43.89 -8.71 -24.57
CA TYR C 343 -44.66 -8.01 -23.55
C TYR C 343 -46.16 -8.17 -23.77
N ASN C 344 -46.59 -8.32 -25.03
CA ASN C 344 -48.02 -8.39 -25.33
C ASN C 344 -48.64 -9.69 -24.85
N SER C 345 -47.93 -10.80 -24.93
CA SER C 345 -48.52 -12.12 -24.77
C SER C 345 -48.04 -12.84 -23.52
N THR C 346 -46.75 -13.04 -23.36
CA THR C 346 -46.23 -13.92 -22.32
C THR C 346 -45.66 -13.12 -21.16
N SER C 347 -45.60 -13.79 -20.00
CA SER C 347 -44.99 -13.25 -18.80
C SER C 347 -44.23 -14.36 -18.11
N PHE C 348 -43.17 -13.99 -17.38
CA PHE C 348 -42.23 -14.95 -16.82
C PHE C 348 -42.19 -14.81 -15.31
N SER C 349 -42.24 -15.94 -14.61
CA SER C 349 -42.08 -15.95 -13.16
C SER C 349 -40.64 -15.76 -12.74
N THR C 350 -39.68 -16.21 -13.55
CA THR C 350 -38.26 -16.12 -13.23
C THR C 350 -37.54 -15.51 -14.42
N PHE C 351 -36.81 -14.42 -14.19
CA PHE C 351 -35.97 -13.82 -15.22
C PHE C 351 -34.61 -13.43 -14.62
N GLN C 352 -33.96 -14.36 -13.94
CA GLN C 352 -32.62 -14.11 -13.43
C GLN C 352 -31.60 -14.13 -14.57
N CYS C 353 -30.74 -13.12 -14.59
CA CYS C 353 -29.67 -13.03 -15.57
C CYS C 353 -28.31 -13.09 -14.87
N TYR C 354 -27.33 -13.67 -15.54
CA TYR C 354 -26.02 -13.90 -14.96
C TYR C 354 -24.94 -13.34 -15.88
N GLY C 355 -24.00 -12.62 -15.31
CA GLY C 355 -22.91 -12.03 -16.06
C GLY C 355 -23.27 -10.80 -16.85
N VAL C 356 -24.51 -10.32 -16.75
CA VAL C 356 -24.99 -9.19 -17.53
C VAL C 356 -26.23 -8.65 -16.83
N SER C 357 -26.38 -7.33 -16.84
CA SER C 357 -27.58 -6.71 -16.30
C SER C 357 -28.73 -6.83 -17.29
N SER C 358 -29.95 -6.94 -16.75
CA SER C 358 -31.14 -7.04 -17.59
C SER C 358 -31.37 -5.76 -18.38
N THR C 359 -31.11 -4.60 -17.77
CA THR C 359 -31.34 -3.33 -18.43
C THR C 359 -30.33 -3.03 -19.52
N LYS C 360 -29.21 -3.76 -19.57
CA LYS C 360 -28.19 -3.54 -20.58
C LYS C 360 -28.34 -4.45 -21.80
N LEU C 361 -29.37 -5.31 -21.81
CA LEU C 361 -29.50 -6.28 -22.90
C LEU C 361 -29.86 -5.63 -24.22
N ASN C 362 -30.52 -4.47 -24.19
CA ASN C 362 -30.95 -3.84 -25.44
C ASN C 362 -29.80 -3.18 -26.19
N ASP C 363 -28.69 -2.88 -25.52
CA ASP C 363 -27.58 -2.18 -26.14
C ASP C 363 -26.38 -3.07 -26.38
N LEU C 364 -26.58 -4.39 -26.46
CA LEU C 364 -25.48 -5.34 -26.55
C LEU C 364 -25.66 -6.26 -27.74
N CYS C 365 -24.54 -6.84 -28.17
CA CYS C 365 -24.52 -7.91 -29.15
C CYS C 365 -23.99 -9.17 -28.50
N PHE C 366 -24.53 -10.31 -28.90
CA PHE C 366 -24.33 -11.57 -28.20
C PHE C 366 -23.66 -12.60 -29.10
N THR C 367 -22.67 -13.29 -28.56
CA THR C 367 -21.87 -14.27 -29.29
C THR C 367 -22.21 -15.67 -28.82
N ASN C 368 -22.42 -16.58 -29.78
CA ASN C 368 -22.64 -18.01 -29.54
C ASN C 368 -23.87 -18.25 -28.66
N VAL C 369 -25.01 -17.82 -29.17
CA VAL C 369 -26.26 -17.84 -28.43
C VAL C 369 -26.90 -19.21 -28.56
N TYR C 370 -27.28 -19.79 -27.42
CA TYR C 370 -28.01 -21.05 -27.38
C TYR C 370 -29.26 -20.86 -26.54
N ALA C 371 -30.32 -21.60 -26.88
CA ALA C 371 -31.57 -21.58 -26.13
C ALA C 371 -31.87 -23.01 -25.68
N ASP C 372 -31.80 -23.25 -24.38
CA ASP C 372 -32.07 -24.57 -23.82
C ASP C 372 -33.48 -24.59 -23.23
N SER C 373 -34.29 -25.54 -23.67
CA SER C 373 -35.70 -25.60 -23.31
C SER C 373 -36.02 -26.96 -22.70
N PHE C 374 -36.73 -26.96 -21.58
CA PHE C 374 -37.17 -28.19 -20.94
C PHE C 374 -38.33 -27.86 -20.00
N VAL C 375 -38.96 -28.92 -19.50
CA VAL C 375 -40.07 -28.81 -18.54
C VAL C 375 -39.60 -29.39 -17.22
N VAL C 376 -39.77 -28.63 -16.15
CA VAL C 376 -39.36 -29.04 -14.82
C VAL C 376 -40.49 -28.69 -13.84
N ARG C 377 -40.46 -29.33 -12.67
CA ARG C 377 -41.48 -29.08 -11.66
C ARG C 377 -41.31 -27.69 -11.07
N GLY C 378 -42.38 -27.19 -10.42
CA GLY C 378 -42.38 -25.83 -9.91
C GLY C 378 -41.35 -25.59 -8.83
N ASP C 379 -41.12 -26.58 -7.97
CA ASP C 379 -40.13 -26.43 -6.91
C ASP C 379 -38.71 -26.70 -7.38
N GLU C 380 -38.51 -27.14 -8.62
CA GLU C 380 -37.19 -27.40 -9.16
C GLU C 380 -36.71 -26.29 -10.09
N VAL C 381 -37.48 -25.20 -10.21
CA VAL C 381 -37.06 -24.07 -11.03
C VAL C 381 -35.85 -23.38 -10.42
N ARG C 382 -35.83 -23.27 -9.08
CA ARG C 382 -34.70 -22.65 -8.38
C ARG C 382 -33.41 -23.46 -8.52
N GLN C 383 -33.50 -24.73 -8.91
CA GLN C 383 -32.30 -25.52 -9.19
C GLN C 383 -31.65 -25.14 -10.51
N ILE C 384 -32.32 -24.38 -11.36
CA ILE C 384 -31.72 -23.93 -12.64
C ILE C 384 -31.00 -22.63 -12.32
N ALA C 385 -29.80 -22.77 -11.77
CA ALA C 385 -28.95 -21.65 -11.38
C ALA C 385 -27.54 -22.18 -11.17
N PRO C 386 -26.51 -21.35 -11.31
CA PRO C 386 -25.15 -21.80 -11.01
C PRO C 386 -24.99 -22.15 -9.54
N GLY C 387 -24.17 -23.16 -9.30
CA GLY C 387 -23.87 -23.60 -7.94
C GLY C 387 -25.04 -24.16 -7.16
N GLN C 388 -25.91 -24.92 -7.81
CA GLN C 388 -27.07 -25.51 -7.17
C GLN C 388 -26.91 -27.02 -7.08
N THR C 389 -27.54 -27.60 -6.07
CA THR C 389 -27.65 -29.04 -5.92
C THR C 389 -29.12 -29.43 -5.89
N GLY C 390 -29.37 -30.73 -6.02
CA GLY C 390 -30.72 -31.23 -6.15
C GLY C 390 -30.76 -32.24 -7.27
N VAL C 391 -31.93 -32.85 -7.52
CA VAL C 391 -31.98 -33.93 -8.50
C VAL C 391 -31.76 -33.40 -9.92
N ILE C 392 -32.34 -32.23 -10.24
CA ILE C 392 -32.21 -31.68 -11.58
C ILE C 392 -30.80 -31.18 -11.84
N ALA C 393 -30.21 -30.47 -10.86
CA ALA C 393 -28.88 -29.92 -11.05
C ALA C 393 -27.80 -30.99 -11.06
N ASP C 394 -28.02 -32.09 -10.33
CA ASP C 394 -27.01 -33.16 -10.32
C ASP C 394 -27.15 -34.07 -11.53
N TYR C 395 -28.36 -34.49 -11.88
CA TYR C 395 -28.51 -35.58 -12.83
C TYR C 395 -29.21 -35.20 -14.13
N ASN C 396 -29.77 -34.01 -14.25
CA ASN C 396 -30.52 -33.66 -15.44
C ASN C 396 -29.93 -32.48 -16.21
N TYR C 397 -29.71 -31.34 -15.55
CA TYR C 397 -29.26 -30.14 -16.25
C TYR C 397 -28.46 -29.28 -15.29
N LYS C 398 -27.18 -29.09 -15.59
CA LYS C 398 -26.27 -28.31 -14.75
C LYS C 398 -25.79 -27.09 -15.53
N LEU C 399 -25.86 -25.92 -14.89
CA LEU C 399 -25.30 -24.67 -15.40
C LEU C 399 -23.85 -24.53 -14.97
N PRO C 400 -23.02 -23.84 -15.75
CA PRO C 400 -21.64 -23.58 -15.33
C PRO C 400 -21.58 -22.66 -14.13
N ASP C 401 -20.48 -22.78 -13.39
CA ASP C 401 -20.25 -21.89 -12.24
C ASP C 401 -20.00 -20.45 -12.70
N ASP C 402 -19.41 -20.27 -13.88
CA ASP C 402 -19.18 -18.96 -14.46
C ASP C 402 -20.17 -18.67 -15.58
N PHE C 403 -21.43 -19.05 -15.38
CA PHE C 403 -22.45 -18.94 -16.40
C PHE C 403 -22.72 -17.50 -16.79
N THR C 404 -22.76 -17.25 -18.09
CA THR C 404 -23.13 -15.94 -18.65
C THR C 404 -24.40 -16.13 -19.46
N GLY C 405 -25.48 -15.50 -19.03
CA GLY C 405 -26.74 -15.62 -19.73
C GLY C 405 -27.90 -15.32 -18.80
N CYS C 406 -29.09 -15.73 -19.24
CA CYS C 406 -30.32 -15.49 -18.51
C CYS C 406 -31.14 -16.75 -18.45
N VAL C 407 -31.83 -16.95 -17.32
CA VAL C 407 -32.70 -18.10 -17.11
C VAL C 407 -34.13 -17.60 -17.06
N LEU C 408 -34.98 -18.12 -17.94
CA LEU C 408 -36.39 -17.75 -18.00
C LEU C 408 -37.25 -18.95 -17.69
N ALA C 409 -38.33 -18.72 -16.93
CA ALA C 409 -39.25 -19.78 -16.58
C ALA C 409 -40.64 -19.20 -16.38
N TRP C 410 -41.65 -20.00 -16.69
CA TRP C 410 -43.03 -19.60 -16.49
C TRP C 410 -43.88 -20.84 -16.24
N ASN C 411 -45.00 -20.64 -15.55
CA ASN C 411 -45.89 -21.75 -15.24
C ASN C 411 -46.56 -22.26 -16.50
N SER C 412 -46.52 -23.58 -16.69
CA SER C 412 -47.02 -24.22 -17.90
C SER C 412 -48.16 -25.17 -17.58
N ARG C 413 -48.98 -24.82 -16.60
CA ARG C 413 -50.22 -25.56 -16.38
C ARG C 413 -51.19 -25.25 -17.52
N ASN C 414 -52.19 -26.13 -17.66
CA ASN C 414 -53.18 -26.20 -18.76
C ASN C 414 -52.51 -26.21 -20.15
N GLN C 415 -51.23 -26.57 -20.21
CA GLN C 415 -50.53 -26.86 -21.45
C GLN C 415 -49.78 -28.17 -21.29
N ASP C 416 -49.33 -28.44 -20.06
CA ASP C 416 -48.58 -29.65 -19.75
C ASP C 416 -49.18 -30.41 -18.58
N ALA C 417 -50.39 -30.07 -18.14
CA ALA C 417 -51.06 -30.78 -17.06
C ALA C 417 -52.49 -31.10 -17.48
N SER C 418 -53.00 -32.22 -16.96
CA SER C 418 -54.34 -32.68 -17.28
C SER C 418 -55.06 -33.08 -15.99
N THR C 419 -56.38 -33.18 -16.09
CA THR C 419 -57.17 -33.64 -14.96
C THR C 419 -56.86 -35.10 -14.62
N SER C 420 -56.68 -35.93 -15.64
CA SER C 420 -56.28 -37.31 -15.43
C SER C 420 -54.78 -37.48 -15.23
N GLY C 421 -53.99 -36.43 -15.51
CA GLY C 421 -52.56 -36.50 -15.33
C GLY C 421 -51.78 -36.62 -16.62
N ASN C 422 -50.76 -35.79 -16.78
CA ASN C 422 -49.87 -35.84 -17.94
C ASN C 422 -48.59 -36.57 -17.53
N PHE C 423 -48.26 -37.62 -18.26
CA PHE C 423 -47.10 -38.46 -17.95
C PHE C 423 -46.11 -38.52 -19.10
N ASN C 424 -46.01 -37.44 -19.87
CA ASN C 424 -45.12 -37.38 -21.02
C ASN C 424 -43.76 -36.80 -20.70
N TYR C 425 -43.52 -36.38 -19.46
CA TYR C 425 -42.27 -35.73 -19.08
C TYR C 425 -41.52 -36.59 -18.08
N TYR C 426 -40.21 -36.69 -18.27
CA TYR C 426 -39.37 -37.55 -17.44
C TYR C 426 -38.20 -36.75 -16.88
N TYR C 427 -37.65 -37.26 -15.78
CA TYR C 427 -36.44 -36.69 -15.21
C TYR C 427 -35.57 -37.82 -14.69
N ARG C 428 -34.26 -37.60 -14.71
CA ARG C 428 -33.33 -38.59 -14.19
C ARG C 428 -33.38 -38.60 -12.67
N ILE C 429 -33.16 -39.78 -12.10
CA ILE C 429 -33.13 -39.92 -10.65
C ILE C 429 -31.76 -40.34 -10.12
N TRP C 430 -30.86 -40.83 -10.97
CA TRP C 430 -29.59 -41.37 -10.53
C TRP C 430 -28.68 -41.49 -11.75
N ARG C 431 -27.39 -41.21 -11.57
CA ARG C 431 -26.46 -41.24 -12.69
C ARG C 431 -25.11 -41.89 -12.42
N SER C 432 -24.77 -42.22 -11.17
CA SER C 432 -23.46 -42.65 -10.66
C SER C 432 -22.41 -41.57 -10.71
N GLU C 433 -22.72 -40.39 -11.25
CA GLU C 433 -21.78 -39.29 -11.41
C GLU C 433 -22.58 -38.03 -11.71
N LYS C 434 -22.27 -36.94 -11.01
CA LYS C 434 -22.96 -35.68 -11.26
C LYS C 434 -22.61 -35.16 -12.65
N LEU C 435 -23.59 -34.57 -13.32
CA LEU C 435 -23.38 -34.06 -14.66
C LEU C 435 -22.44 -32.87 -14.65
N ARG C 436 -21.58 -32.79 -15.67
CA ARG C 436 -20.80 -31.60 -15.92
C ARG C 436 -21.71 -30.53 -16.53
N PRO C 437 -21.30 -29.26 -16.48
CA PRO C 437 -22.14 -28.20 -17.05
C PRO C 437 -22.42 -28.38 -18.53
N PHE C 438 -23.68 -28.16 -18.89
CA PHE C 438 -24.20 -28.28 -20.27
C PHE C 438 -23.97 -29.66 -20.86
N GLU C 439 -24.04 -30.70 -20.01
CA GLU C 439 -23.90 -32.08 -20.45
C GLU C 439 -25.25 -32.77 -20.44
N ARG C 440 -25.48 -33.65 -21.41
CA ARG C 440 -26.77 -34.29 -21.59
C ARG C 440 -26.59 -35.81 -21.58
N ASP C 441 -27.49 -36.50 -20.89
CA ASP C 441 -27.48 -37.96 -20.80
C ASP C 441 -28.88 -38.45 -21.12
N ILE C 442 -29.05 -39.06 -22.30
CA ILE C 442 -30.34 -39.55 -22.74
C ILE C 442 -30.38 -41.07 -22.82
N ALA C 443 -29.35 -41.74 -22.31
CA ALA C 443 -29.30 -43.19 -22.36
C ALA C 443 -30.31 -43.80 -21.38
N HIS C 444 -30.83 -44.96 -21.75
CA HIS C 444 -31.79 -45.69 -20.92
C HIS C 444 -31.04 -46.80 -20.19
N TYR C 445 -31.02 -46.74 -18.86
CA TYR C 445 -30.37 -47.77 -18.07
C TYR C 445 -31.06 -47.87 -16.73
N ASP C 446 -30.86 -49.01 -16.07
CA ASP C 446 -31.42 -49.27 -14.75
C ASP C 446 -30.37 -49.08 -13.68
N TYR C 447 -30.81 -49.09 -12.42
CA TYR C 447 -29.89 -48.99 -11.30
C TYR C 447 -30.48 -49.75 -10.12
N GLN C 448 -29.59 -50.11 -9.19
CA GLN C 448 -29.94 -51.02 -8.11
C GLN C 448 -30.49 -50.22 -6.93
N VAL C 449 -31.73 -50.53 -6.55
CA VAL C 449 -32.37 -49.98 -5.36
C VAL C 449 -32.54 -51.15 -4.39
N GLY C 450 -31.68 -51.23 -3.40
CA GLY C 450 -31.67 -52.38 -2.52
C GLY C 450 -31.15 -53.61 -3.23
N THR C 451 -32.04 -54.55 -3.54
CA THR C 451 -31.68 -55.74 -4.29
C THR C 451 -32.34 -55.82 -5.65
N GLN C 452 -33.29 -54.95 -5.96
CA GLN C 452 -33.97 -54.93 -7.25
C GLN C 452 -33.32 -53.89 -8.16
N PHE C 453 -33.78 -53.87 -9.41
CA PHE C 453 -33.29 -52.92 -10.40
C PHE C 453 -34.47 -52.11 -10.93
N LYS C 454 -34.40 -50.80 -10.77
CA LYS C 454 -35.43 -49.88 -11.24
C LYS C 454 -34.83 -48.94 -12.28
N SER C 455 -35.71 -48.40 -13.12
CA SER C 455 -35.29 -47.45 -14.15
C SER C 455 -34.79 -46.16 -13.51
N SER C 456 -33.73 -45.61 -14.09
CA SER C 456 -33.18 -44.35 -13.62
C SER C 456 -33.98 -43.14 -14.09
N LEU C 457 -34.96 -43.35 -14.96
CA LEU C 457 -35.84 -42.28 -15.43
C LEU C 457 -37.16 -42.38 -14.69
N LYS C 458 -37.58 -41.30 -14.04
CA LYS C 458 -38.83 -41.26 -13.31
C LYS C 458 -39.81 -40.35 -14.04
N ASN C 459 -41.08 -40.76 -14.04
CA ASN C 459 -42.11 -40.04 -14.75
C ASN C 459 -42.64 -38.88 -13.90
N TYR C 460 -42.79 -37.72 -14.52
CA TYR C 460 -43.47 -36.60 -13.88
C TYR C 460 -44.97 -36.84 -13.87
N GLY C 461 -45.59 -36.67 -12.71
CA GLY C 461 -47.03 -36.71 -12.63
C GLY C 461 -47.60 -35.31 -12.55
N PHE C 462 -48.10 -34.81 -13.67
CA PHE C 462 -48.57 -33.43 -13.76
C PHE C 462 -50.10 -33.45 -13.80
N TYR C 463 -50.71 -33.14 -12.66
CA TYR C 463 -52.16 -33.10 -12.52
C TYR C 463 -52.62 -31.65 -12.45
N SER C 464 -53.77 -31.37 -13.03
CA SER C 464 -54.41 -30.07 -12.85
C SER C 464 -54.87 -29.93 -11.41
N SER C 465 -54.68 -28.74 -10.85
CA SER C 465 -54.96 -28.42 -9.44
C SER C 465 -54.19 -29.35 -8.51
N ALA C 466 -52.86 -29.28 -8.61
CA ALA C 466 -51.97 -30.09 -7.79
C ALA C 466 -51.10 -29.23 -6.89
N GLY C 467 -51.28 -27.91 -6.89
CA GLY C 467 -50.40 -27.03 -6.15
C GLY C 467 -49.31 -26.46 -7.05
N ASP C 468 -48.92 -25.22 -6.81
CA ASP C 468 -47.99 -24.54 -7.71
C ASP C 468 -46.60 -25.15 -7.66
N SER C 469 -46.20 -25.71 -6.53
CA SER C 469 -44.90 -26.35 -6.43
C SER C 469 -44.82 -27.65 -7.22
N HIS C 470 -45.95 -28.30 -7.45
CA HIS C 470 -45.99 -29.54 -8.22
C HIS C 470 -46.53 -29.35 -9.63
N GLN C 471 -46.77 -28.11 -10.05
CA GLN C 471 -47.25 -27.84 -11.39
C GLN C 471 -46.09 -27.78 -12.37
N PRO C 472 -46.32 -28.12 -13.64
CA PRO C 472 -45.24 -28.05 -14.63
C PRO C 472 -44.83 -26.61 -14.93
N TYR C 473 -43.53 -26.43 -15.15
CA TYR C 473 -42.96 -25.13 -15.50
C TYR C 473 -42.07 -25.30 -16.73
N ARG C 474 -42.24 -24.43 -17.70
CA ARG C 474 -41.40 -24.43 -18.88
C ARG C 474 -40.23 -23.47 -18.67
N VAL C 475 -39.01 -23.97 -18.88
CA VAL C 475 -37.80 -23.24 -18.59
C VAL C 475 -37.03 -23.02 -19.89
N VAL C 476 -36.63 -21.78 -20.14
CA VAL C 476 -35.77 -21.43 -21.28
C VAL C 476 -34.50 -20.83 -20.72
N VAL C 477 -33.36 -21.42 -21.07
CA VAL C 477 -32.05 -20.94 -20.64
C VAL C 477 -31.32 -20.39 -21.85
N LEU C 478 -30.99 -19.11 -21.81
CA LEU C 478 -30.22 -18.46 -22.87
C LEU C 478 -28.78 -18.29 -22.40
N SER C 479 -27.83 -18.80 -23.19
CA SER C 479 -26.42 -18.72 -22.86
C SER C 479 -25.66 -18.07 -24.00
N PHE C 480 -24.73 -17.18 -23.66
CA PHE C 480 -23.96 -16.44 -24.66
C PHE C 480 -22.68 -15.94 -24.00
N GLU C 481 -21.85 -15.30 -24.81
CA GLU C 481 -20.67 -14.58 -24.33
C GLU C 481 -20.68 -13.19 -24.94
N LEU C 482 -20.00 -12.26 -24.26
CA LEU C 482 -20.16 -10.83 -24.54
C LEU C 482 -18.82 -10.16 -24.78
N LEU C 483 -18.77 -9.36 -25.86
CA LEU C 483 -17.72 -8.35 -26.09
C LEU C 483 -16.32 -8.95 -26.19
N ASN C 484 -16.23 -10.14 -26.78
CA ASN C 484 -14.93 -10.78 -26.96
C ASN C 484 -14.75 -11.42 -28.33
N ALA C 485 -15.77 -11.48 -29.17
CA ALA C 485 -15.73 -12.25 -30.40
C ALA C 485 -16.76 -11.64 -31.36
N PRO C 486 -16.66 -11.96 -32.66
CA PRO C 486 -17.72 -11.52 -33.58
C PRO C 486 -19.07 -12.09 -33.20
N ALA C 487 -20.11 -11.27 -33.39
CA ALA C 487 -21.45 -11.61 -32.95
C ALA C 487 -22.45 -11.39 -34.08
N THR C 488 -23.50 -12.19 -34.07
CA THR C 488 -24.58 -12.08 -35.06
C THR C 488 -25.95 -11.83 -34.43
N VAL C 489 -26.08 -11.91 -33.11
CA VAL C 489 -27.32 -11.63 -32.41
C VAL C 489 -27.13 -10.33 -31.65
N CYS C 490 -27.99 -9.35 -31.91
CA CYS C 490 -27.83 -8.02 -31.36
C CYS C 490 -29.18 -7.48 -30.92
N GLY C 491 -29.15 -6.48 -30.05
CA GLY C 491 -30.34 -5.76 -29.68
C GLY C 491 -30.70 -4.71 -30.71
N PRO C 492 -31.91 -4.18 -30.60
CA PRO C 492 -32.35 -3.11 -31.52
C PRO C 492 -31.75 -1.77 -31.11
N LYS C 493 -30.82 -1.26 -31.93
CA LYS C 493 -30.06 -0.08 -31.55
C LYS C 493 -30.01 1.01 -32.61
N GLN C 494 -30.37 0.73 -33.87
CA GLN C 494 -30.40 1.72 -34.95
C GLN C 494 -29.01 2.34 -35.17
N SER C 495 -28.11 1.49 -35.66
CA SER C 495 -26.72 1.87 -35.86
C SER C 495 -26.58 3.04 -36.83
N THR C 496 -25.64 3.93 -36.52
CA THR C 496 -25.44 5.18 -37.24
C THR C 496 -24.25 5.07 -38.20
N GLU C 497 -23.88 6.20 -38.80
CA GLU C 497 -22.77 6.27 -39.73
C GLU C 497 -21.44 6.34 -38.98
N LEU C 498 -20.36 6.14 -39.71
CA LEU C 498 -19.02 6.16 -39.15
C LEU C 498 -18.45 7.58 -39.22
N ILE C 499 -18.00 8.08 -38.07
CA ILE C 499 -17.37 9.39 -37.98
C ILE C 499 -15.93 9.18 -37.52
N LYS C 500 -14.98 9.62 -38.35
CA LYS C 500 -13.57 9.40 -38.11
C LYS C 500 -12.85 10.71 -37.84
N ASN C 501 -11.67 10.59 -37.22
CA ASN C 501 -10.79 11.71 -36.89
C ASN C 501 -11.47 12.73 -35.98
N LYS C 502 -12.38 12.27 -35.12
CA LYS C 502 -13.09 13.13 -34.18
C LYS C 502 -13.33 12.35 -32.90
N CYS C 503 -13.43 13.08 -31.79
CA CYS C 503 -13.75 12.47 -30.51
C CYS C 503 -15.24 12.19 -30.45
N VAL C 504 -15.61 10.90 -30.42
CA VAL C 504 -17.00 10.48 -30.44
C VAL C 504 -17.22 9.45 -29.34
N ASN C 505 -18.49 9.27 -28.98
CA ASN C 505 -18.91 8.16 -28.13
C ASN C 505 -19.27 6.99 -29.04
N PHE C 506 -18.46 5.94 -29.01
CA PHE C 506 -18.69 4.83 -29.92
C PHE C 506 -19.43 3.70 -29.22
N ASN C 507 -19.98 2.80 -30.04
CA ASN C 507 -20.66 1.60 -29.55
C ASN C 507 -20.51 0.54 -30.64
N PHE C 508 -19.52 -0.34 -30.47
CA PHE C 508 -19.19 -1.37 -31.45
C PHE C 508 -19.58 -2.72 -30.89
N ASN C 509 -20.66 -3.29 -31.44
CA ASN C 509 -21.18 -4.61 -31.05
C ASN C 509 -21.47 -4.69 -29.55
N GLY C 510 -21.96 -3.59 -28.99
CA GLY C 510 -22.27 -3.51 -27.59
C GLY C 510 -21.18 -2.89 -26.73
N LEU C 511 -19.95 -2.81 -27.24
CA LEU C 511 -18.83 -2.26 -26.47
C LEU C 511 -18.83 -0.75 -26.62
N THR C 512 -19.20 -0.05 -25.56
CA THR C 512 -19.28 1.41 -25.57
C THR C 512 -17.97 2.02 -25.08
N GLY C 513 -17.77 3.28 -25.43
CA GLY C 513 -16.59 4.00 -24.98
C GLY C 513 -16.49 5.34 -25.66
N THR C 514 -15.38 6.03 -25.38
CA THR C 514 -15.11 7.35 -25.93
C THR C 514 -13.71 7.33 -26.53
N GLY C 515 -13.59 7.80 -27.76
CA GLY C 515 -12.29 7.82 -28.41
C GLY C 515 -12.38 8.41 -29.80
N VAL C 516 -11.25 8.38 -30.49
CA VAL C 516 -11.13 8.87 -31.85
C VAL C 516 -10.88 7.69 -32.77
N LEU C 517 -11.69 7.56 -33.82
CA LEU C 517 -11.61 6.45 -34.75
C LEU C 517 -10.77 6.87 -35.96
N THR C 518 -9.79 6.05 -36.30
CA THR C 518 -8.93 6.30 -37.46
C THR C 518 -8.72 4.99 -38.20
N ASP C 519 -8.37 5.11 -39.48
CA ASP C 519 -8.08 3.93 -40.29
C ASP C 519 -6.82 3.24 -39.80
N SER C 520 -6.85 1.92 -39.80
CA SER C 520 -5.77 1.10 -39.22
C SER C 520 -5.19 0.18 -40.27
N ASN C 521 -3.87 0.02 -40.24
CA ASN C 521 -3.20 -1.01 -41.03
C ASN C 521 -3.02 -2.31 -40.24
N LYS C 522 -4.10 -2.73 -39.58
CA LYS C 522 -4.16 -3.97 -38.83
C LYS C 522 -5.04 -4.95 -39.59
N LYS C 523 -4.63 -6.21 -39.62
CA LYS C 523 -5.37 -7.26 -40.32
C LYS C 523 -5.91 -8.24 -39.30
N PHE C 524 -7.21 -8.15 -39.02
CA PHE C 524 -7.85 -9.08 -38.10
C PHE C 524 -8.08 -10.42 -38.80
N GLN C 525 -7.99 -11.50 -38.01
CA GLN C 525 -7.87 -12.85 -38.54
C GLN C 525 -9.20 -13.57 -38.65
N SER C 526 -10.30 -12.83 -38.81
CA SER C 526 -11.66 -13.28 -39.08
C SER C 526 -12.34 -13.97 -37.89
N PHE C 527 -11.62 -14.25 -36.82
CA PHE C 527 -12.23 -14.66 -35.56
C PHE C 527 -12.05 -13.59 -34.48
N GLN C 528 -11.48 -12.46 -34.83
CA GLN C 528 -11.19 -11.38 -33.88
C GLN C 528 -12.07 -10.18 -34.21
N GLN C 529 -12.66 -9.60 -33.17
CA GLN C 529 -13.45 -8.38 -33.31
C GLN C 529 -12.79 -7.16 -32.68
N PHE C 530 -12.01 -7.36 -31.62
CA PHE C 530 -11.38 -6.26 -30.90
C PHE C 530 -9.90 -6.54 -30.73
N GLY C 531 -9.12 -5.47 -30.58
CA GLY C 531 -7.70 -5.57 -30.35
C GLY C 531 -7.31 -4.87 -29.06
N ARG C 532 -6.27 -5.39 -28.42
CA ARG C 532 -5.82 -4.87 -27.13
C ARG C 532 -4.35 -4.51 -27.20
N ASP C 533 -3.97 -3.46 -26.48
CA ASP C 533 -2.57 -3.05 -26.37
C ASP C 533 -1.95 -3.74 -25.15
N VAL C 534 -0.78 -3.27 -24.70
CA VAL C 534 -0.06 -3.94 -23.62
C VAL C 534 -0.84 -3.87 -22.31
N SER C 535 -1.68 -2.85 -22.13
CA SER C 535 -2.70 -2.89 -21.10
C SER C 535 -4.00 -3.37 -21.70
N ASP C 536 -4.88 -3.92 -20.86
CA ASP C 536 -6.16 -4.42 -21.35
C ASP C 536 -7.05 -3.22 -21.67
N PHE C 537 -6.86 -2.69 -22.87
CA PHE C 537 -7.62 -1.55 -23.38
C PHE C 537 -7.89 -1.80 -24.85
N THR C 538 -9.14 -1.60 -25.26
CA THR C 538 -9.53 -1.83 -26.65
C THR C 538 -9.03 -0.66 -27.49
N ASP C 539 -7.92 -0.88 -28.20
CA ASP C 539 -7.32 0.16 -29.03
C ASP C 539 -7.63 -0.01 -30.51
N SER C 540 -8.33 -1.08 -30.89
CA SER C 540 -8.74 -1.27 -32.26
C SER C 540 -10.00 -2.12 -32.28
N VAL C 541 -10.76 -1.99 -33.37
CA VAL C 541 -12.04 -2.69 -33.50
C VAL C 541 -12.30 -2.94 -34.98
N LYS C 542 -12.86 -4.11 -35.28
CA LYS C 542 -13.34 -4.42 -36.61
C LYS C 542 -14.77 -3.89 -36.76
N ASP C 543 -14.98 -3.02 -37.75
CA ASP C 543 -16.31 -2.48 -37.97
C ASP C 543 -17.24 -3.57 -38.50
N PRO C 544 -18.40 -3.77 -37.89
CA PRO C 544 -19.22 -4.94 -38.26
C PRO C 544 -19.91 -4.83 -39.60
N LYS C 545 -20.03 -3.63 -40.17
CA LYS C 545 -20.67 -3.50 -41.48
C LYS C 545 -19.64 -3.57 -42.61
N THR C 546 -18.71 -2.63 -42.63
CA THR C 546 -17.57 -2.67 -43.54
C THR C 546 -16.42 -3.29 -42.76
N LEU C 547 -16.00 -4.49 -43.18
CA LEU C 547 -15.08 -5.29 -42.37
C LEU C 547 -13.66 -4.75 -42.41
N GLU C 548 -13.47 -3.52 -41.93
CA GLU C 548 -12.17 -2.89 -41.83
C GLU C 548 -11.88 -2.56 -40.38
N VAL C 549 -10.60 -2.53 -40.04
CA VAL C 549 -10.16 -2.30 -38.67
C VAL C 549 -9.98 -0.82 -38.45
N LEU C 550 -10.57 -0.30 -37.38
CA LEU C 550 -10.43 1.10 -36.99
C LEU C 550 -9.66 1.19 -35.69
N ASP C 551 -8.63 2.04 -35.66
CA ASP C 551 -7.90 2.29 -34.44
C ASP C 551 -8.71 3.17 -33.50
N ILE C 552 -8.63 2.87 -32.21
CA ILE C 552 -9.30 3.66 -31.17
C ILE C 552 -8.22 4.38 -30.38
N THR C 553 -8.33 5.70 -30.33
CA THR C 553 -7.34 6.56 -29.68
C THR C 553 -8.03 7.43 -28.65
N PRO C 554 -7.47 7.56 -27.43
CA PRO C 554 -8.11 8.40 -26.42
C PRO C 554 -8.14 9.86 -26.81
N CYS C 555 -9.20 10.55 -26.37
CA CYS C 555 -9.38 11.95 -26.71
C CYS C 555 -8.48 12.87 -25.89
N SER C 556 -8.28 12.56 -24.61
CA SER C 556 -7.54 13.43 -23.71
C SER C 556 -6.05 13.11 -23.78
N TYR C 557 -5.23 14.15 -23.93
CA TYR C 557 -3.80 13.99 -24.14
C TYR C 557 -3.13 15.35 -23.94
N GLY C 558 -1.91 15.32 -23.41
CA GLY C 558 -1.09 16.50 -23.33
C GLY C 558 -1.04 17.14 -21.95
N GLY C 559 0.16 17.37 -21.44
CA GLY C 559 0.30 17.99 -20.13
C GLY C 559 0.01 19.47 -20.18
N VAL C 560 -0.69 19.96 -19.15
CA VAL C 560 -1.09 21.35 -19.04
C VAL C 560 -0.68 21.85 -17.66
N SER C 561 0.03 22.97 -17.62
CA SER C 561 0.39 23.63 -16.38
C SER C 561 0.05 25.11 -16.47
N VAL C 562 -0.27 25.70 -15.32
CA VAL C 562 -0.66 27.11 -15.24
C VAL C 562 0.41 27.87 -14.46
N ILE C 563 0.69 29.08 -14.90
CA ILE C 563 1.66 29.97 -14.25
C ILE C 563 0.88 31.15 -13.70
N THR C 564 1.07 31.43 -12.41
CA THR C 564 0.37 32.54 -11.79
C THR C 564 1.31 33.27 -10.84
N PRO C 565 1.13 34.57 -10.68
CA PRO C 565 1.65 35.22 -9.46
C PRO C 565 0.73 34.92 -8.29
N GLY C 566 0.98 35.53 -7.14
CA GLY C 566 0.12 35.30 -6.01
C GLY C 566 -1.30 35.82 -6.22
N THR C 567 -2.25 35.13 -5.60
CA THR C 567 -3.57 35.71 -5.42
C THR C 567 -3.44 36.92 -4.50
N ASN C 568 -4.21 37.97 -4.82
CA ASN C 568 -4.07 39.34 -4.30
C ASN C 568 -2.76 39.99 -4.75
N ALA C 569 -2.18 39.48 -5.83
CA ALA C 569 -1.18 40.21 -6.60
C ALA C 569 -1.60 40.37 -8.05
N SER C 570 -2.23 39.36 -8.63
CA SER C 570 -2.80 39.44 -9.97
C SER C 570 -3.83 38.34 -10.13
N THR C 571 -4.72 38.54 -11.10
CA THR C 571 -5.63 37.51 -11.55
C THR C 571 -5.28 36.93 -12.91
N GLN C 572 -4.35 37.56 -13.62
CA GLN C 572 -3.90 37.03 -14.91
C GLN C 572 -3.04 35.80 -14.70
N VAL C 573 -3.16 34.84 -15.62
CA VAL C 573 -2.37 33.62 -15.57
C VAL C 573 -1.77 33.36 -16.94
N ALA C 574 -0.74 32.54 -16.95
CA ALA C 574 -0.14 32.02 -18.17
C ALA C 574 -0.23 30.50 -18.15
N VAL C 575 -0.63 29.91 -19.27
CA VAL C 575 -0.82 28.47 -19.36
C VAL C 575 0.26 27.91 -20.27
N LEU C 576 1.00 26.92 -19.77
CA LEU C 576 2.03 26.23 -20.54
C LEU C 576 1.43 24.92 -21.04
N TYR C 577 1.20 24.85 -22.36
CA TYR C 577 0.67 23.64 -22.99
C TYR C 577 1.85 22.81 -23.47
N GLN C 578 2.25 21.84 -22.65
CA GLN C 578 3.19 20.84 -23.12
C GLN C 578 2.53 20.01 -24.22
N ASP C 579 3.37 19.47 -25.11
CA ASP C 579 2.93 18.67 -26.26
C ASP C 579 2.04 19.46 -27.21
N VAL C 580 2.22 20.78 -27.26
CA VAL C 580 1.57 21.64 -28.25
C VAL C 580 2.66 22.51 -28.88
N ASN C 581 2.72 22.50 -30.20
CA ASN C 581 3.75 23.24 -30.95
C ASN C 581 3.07 24.42 -31.64
N CYS C 582 3.13 25.58 -31.01
CA CYS C 582 2.60 26.81 -31.59
C CYS C 582 3.72 27.62 -32.26
N THR C 583 4.38 26.99 -33.23
CA THR C 583 5.49 27.65 -33.92
C THR C 583 4.98 28.64 -34.96
N ASP C 584 3.89 28.29 -35.66
CA ASP C 584 3.29 29.07 -36.76
C ASP C 584 4.30 29.33 -37.87
N TRP C 598 -5.90 23.95 -32.69
CA TRP C 598 -4.96 23.90 -31.57
C TRP C 598 -5.62 23.33 -30.33
N ARG C 599 -4.90 22.47 -29.62
CA ARG C 599 -5.40 21.86 -28.39
C ARG C 599 -5.08 22.77 -27.20
N VAL C 600 -5.73 23.92 -27.19
CA VAL C 600 -5.57 24.92 -26.14
C VAL C 600 -6.94 25.38 -25.67
N TYR C 601 -6.98 25.89 -24.45
CA TYR C 601 -8.22 26.46 -23.93
C TYR C 601 -8.51 27.81 -24.57
N SER C 602 -7.49 28.64 -24.76
CA SER C 602 -7.62 29.92 -25.42
C SER C 602 -6.30 30.27 -26.09
N THR C 603 -6.38 30.88 -27.26
CA THR C 603 -5.19 31.18 -28.04
C THR C 603 -4.43 32.41 -27.56
N GLY C 604 -5.13 33.42 -27.04
CA GLY C 604 -4.47 34.59 -26.50
C GLY C 604 -3.78 35.44 -27.57
N THR C 605 -2.98 36.39 -27.09
CA THR C 605 -2.18 37.25 -27.95
C THR C 605 -0.69 36.99 -27.83
N ASN C 606 -0.19 36.71 -26.63
CA ASN C 606 1.19 36.30 -26.44
C ASN C 606 1.24 34.78 -26.48
N MET C 607 1.95 34.24 -27.48
CA MET C 607 1.88 32.80 -27.74
C MET C 607 3.15 32.40 -28.50
N PHE C 608 4.02 31.65 -27.84
CA PHE C 608 5.29 31.26 -28.45
C PHE C 608 5.77 29.96 -27.83
N GLN C 609 6.69 29.30 -28.55
CA GLN C 609 7.18 27.98 -28.17
C GLN C 609 8.44 28.13 -27.33
N THR C 610 8.50 27.40 -26.21
CA THR C 610 9.59 27.53 -25.25
C THR C 610 10.41 26.25 -25.11
N GLN C 611 10.13 25.22 -25.93
CA GLN C 611 10.75 23.89 -25.96
C GLN C 611 10.33 23.05 -24.75
N ALA C 612 9.69 23.67 -23.77
CA ALA C 612 8.98 22.98 -22.70
C ALA C 612 7.48 22.92 -22.98
N GLY C 613 7.05 23.39 -24.14
CA GLY C 613 5.66 23.45 -24.53
C GLY C 613 5.29 24.81 -25.07
N CYS C 614 4.02 24.94 -25.42
CA CYS C 614 3.48 26.21 -25.89
C CYS C 614 3.06 27.06 -24.71
N LEU C 615 3.57 28.28 -24.64
CA LEU C 615 3.28 29.21 -23.55
C LEU C 615 2.34 30.29 -24.06
N ILE C 616 1.19 30.43 -23.40
CA ILE C 616 0.17 31.40 -23.77
C ILE C 616 -0.10 32.30 -22.57
N GLY C 617 -0.01 33.61 -22.78
CA GLY C 617 -0.28 34.58 -21.74
C GLY C 617 0.94 35.22 -21.12
N ALA C 618 2.14 34.90 -21.61
CA ALA C 618 3.37 35.48 -21.11
C ALA C 618 4.09 36.17 -22.26
N GLU C 619 4.50 37.42 -22.05
CA GLU C 619 5.17 38.21 -23.07
C GLU C 619 6.67 37.93 -23.02
N HIS C 620 7.22 37.48 -24.16
CA HIS C 620 8.64 37.17 -24.21
C HIS C 620 9.47 38.44 -24.17
N VAL C 621 10.50 38.45 -23.34
CA VAL C 621 11.41 39.58 -23.21
C VAL C 621 12.84 39.08 -23.44
N ASN C 622 13.70 40.00 -23.89
CA ASN C 622 15.08 39.66 -24.21
C ASN C 622 16.01 39.74 -23.01
N ASN C 623 15.58 40.32 -21.90
CA ASN C 623 16.43 40.43 -20.73
C ASN C 623 16.60 39.08 -20.05
N SER C 624 17.71 38.92 -19.35
CA SER C 624 18.01 37.70 -18.60
C SER C 624 18.05 38.06 -17.12
N TYR C 625 17.05 37.61 -16.38
CA TYR C 625 16.97 37.80 -14.95
C TYR C 625 17.28 36.49 -14.25
N ASP C 626 17.35 36.55 -12.92
CA ASP C 626 17.34 35.32 -12.14
C ASP C 626 15.96 34.68 -12.21
N CYS C 627 15.92 33.37 -12.03
CA CYS C 627 14.67 32.63 -12.14
C CYS C 627 13.74 32.97 -10.98
N ASP C 628 12.49 33.28 -11.30
CA ASP C 628 11.46 33.55 -10.31
C ASP C 628 10.42 32.45 -10.27
N ILE C 629 9.78 32.15 -11.40
CA ILE C 629 8.90 31.01 -11.54
C ILE C 629 9.51 30.07 -12.57
N PRO C 630 9.99 28.89 -12.17
CA PRO C 630 10.62 27.98 -13.14
C PRO C 630 9.57 27.36 -14.06
N ILE C 631 9.75 27.54 -15.37
CA ILE C 631 8.89 26.90 -16.36
C ILE C 631 9.50 25.60 -16.85
N GLY C 632 10.80 25.61 -17.15
CA GLY C 632 11.48 24.46 -17.68
C GLY C 632 12.21 24.77 -18.96
N ALA C 633 13.25 23.97 -19.26
CA ALA C 633 14.09 24.13 -20.45
C ALA C 633 14.69 25.53 -20.56
N GLY C 634 15.15 26.06 -19.43
CA GLY C 634 15.84 27.33 -19.42
C GLY C 634 14.94 28.56 -19.40
N ILE C 635 13.62 28.38 -19.36
CA ILE C 635 12.68 29.49 -19.41
C ILE C 635 12.12 29.70 -18.01
N CYS C 636 12.06 30.96 -17.57
CA CYS C 636 11.46 31.32 -16.31
C CYS C 636 10.48 32.47 -16.53
N ALA C 637 9.58 32.65 -15.57
CA ALA C 637 8.57 33.69 -15.64
C ALA C 637 8.57 34.53 -14.38
N THR C 638 8.11 35.77 -14.50
CA THR C 638 7.98 36.67 -13.36
C THR C 638 6.89 37.69 -13.65
N TYR C 639 6.41 38.32 -12.60
CA TYR C 639 5.42 39.39 -12.68
C TYR C 639 6.19 40.71 -12.62
N HIS C 640 6.31 41.38 -13.75
CA HIS C 640 7.24 42.50 -13.89
C HIS C 640 6.59 43.61 -14.70
N THR C 641 6.82 44.85 -14.28
CA THR C 641 6.23 46.01 -14.93
C THR C 641 6.82 46.26 -16.31
N ASN C 651 2.45 48.91 -17.09
CA ASN C 651 1.48 48.02 -16.45
C ASN C 651 2.10 46.67 -16.12
N LYS C 652 1.76 46.12 -14.97
CA LYS C 652 2.29 44.84 -14.54
C LYS C 652 1.73 43.72 -15.40
N ARG C 653 2.60 42.77 -15.76
CA ARG C 653 2.21 41.67 -16.62
C ARG C 653 3.17 40.51 -16.39
N ILE C 654 2.77 39.33 -16.86
CA ILE C 654 3.59 38.13 -16.78
C ILE C 654 4.52 38.11 -17.99
N VAL C 655 5.82 38.01 -17.74
CA VAL C 655 6.82 38.00 -18.80
C VAL C 655 7.64 36.73 -18.68
N ALA C 656 8.00 36.16 -19.83
CA ALA C 656 8.82 34.96 -19.90
C ALA C 656 10.18 35.31 -20.48
N TYR C 657 11.22 34.65 -19.98
CA TYR C 657 12.59 34.99 -20.34
C TYR C 657 13.49 33.78 -20.17
N VAL C 658 14.64 33.84 -20.81
CA VAL C 658 15.70 32.86 -20.58
C VAL C 658 16.44 33.23 -19.30
N MET C 659 16.58 32.28 -18.39
CA MET C 659 17.18 32.56 -17.09
C MET C 659 18.67 32.83 -17.23
N SER C 660 19.17 33.72 -16.38
CA SER C 660 20.57 34.08 -16.35
C SER C 660 21.35 33.08 -15.51
N LEU C 661 22.44 32.55 -16.06
CA LEU C 661 23.28 31.62 -15.32
C LEU C 661 24.16 32.32 -14.30
N GLY C 662 24.39 33.61 -14.45
CA GLY C 662 25.22 34.36 -13.53
C GLY C 662 25.85 35.53 -14.23
N ALA C 663 26.70 36.24 -13.47
CA ALA C 663 27.37 37.41 -14.00
C ALA C 663 28.48 36.98 -14.97
N GLU C 664 28.53 37.65 -16.12
CA GLU C 664 29.57 37.37 -17.10
C GLU C 664 30.90 37.95 -16.62
N ASN C 665 31.95 37.14 -16.64
CA ASN C 665 33.26 37.56 -16.17
C ASN C 665 34.32 37.04 -17.13
N SER C 666 35.48 37.70 -17.12
CA SER C 666 36.60 37.30 -17.96
C SER C 666 37.88 37.77 -17.26
N VAL C 667 38.56 36.84 -16.60
CA VAL C 667 39.82 37.17 -15.94
C VAL C 667 40.94 37.17 -16.98
N ALA C 668 41.93 38.04 -16.77
CA ALA C 668 43.03 38.22 -17.72
C ALA C 668 44.13 37.22 -17.39
N TYR C 669 44.32 36.24 -18.26
CA TYR C 669 45.36 35.24 -18.09
C TYR C 669 46.62 35.67 -18.84
N SER C 670 47.76 35.53 -18.17
CA SER C 670 49.05 35.73 -18.81
C SER C 670 50.05 34.81 -18.13
N ASN C 671 51.16 34.55 -18.82
CA ASN C 671 52.16 33.61 -18.35
C ASN C 671 53.19 34.25 -17.43
N ASN C 672 53.08 35.55 -17.14
CA ASN C 672 54.06 36.22 -16.31
C ASN C 672 53.46 37.18 -15.29
N THR C 673 52.14 37.20 -15.13
CA THR C 673 51.49 38.09 -14.17
C THR C 673 50.68 37.28 -13.16
N ILE C 674 50.70 37.72 -11.91
CA ILE C 674 49.95 37.11 -10.83
C ILE C 674 49.20 38.21 -10.08
N ALA C 675 48.10 37.82 -9.46
CA ALA C 675 47.28 38.72 -8.67
C ALA C 675 47.40 38.33 -7.20
N ILE C 676 47.88 39.25 -6.38
CA ILE C 676 48.08 39.04 -4.95
C ILE C 676 47.13 39.95 -4.20
N PRO C 677 46.28 39.43 -3.32
CA PRO C 677 45.41 40.31 -2.53
C PRO C 677 46.19 41.15 -1.53
N THR C 678 45.75 42.38 -1.35
CA THR C 678 46.39 43.31 -0.43
C THR C 678 45.55 43.58 0.82
N ASN C 679 44.34 43.04 0.88
CA ASN C 679 43.46 43.23 2.02
C ASN C 679 42.66 41.95 2.22
N PHE C 680 41.71 41.98 3.14
CA PHE C 680 40.89 40.82 3.42
C PHE C 680 39.56 41.25 4.02
N THR C 681 38.59 40.34 4.00
CA THR C 681 37.31 40.53 4.65
C THR C 681 37.05 39.34 5.56
N ILE C 682 36.67 39.62 6.81
CA ILE C 682 36.25 38.57 7.73
C ILE C 682 34.74 38.41 7.56
N SER C 683 34.33 37.28 6.99
CA SER C 683 32.95 37.04 6.63
C SER C 683 32.33 36.01 7.57
N VAL C 684 31.15 36.31 8.08
CA VAL C 684 30.36 35.39 8.88
C VAL C 684 29.08 35.10 8.13
N THR C 685 28.86 33.84 7.79
CA THR C 685 27.68 33.42 7.05
C THR C 685 26.97 32.30 7.81
N THR C 686 25.66 32.20 7.59
CA THR C 686 24.85 31.20 8.26
C THR C 686 24.66 29.97 7.39
N GLU C 687 24.55 28.81 8.03
CA GLU C 687 24.19 27.57 7.37
C GLU C 687 23.14 26.89 8.22
N VAL C 688 21.93 26.75 7.69
CA VAL C 688 20.80 26.19 8.43
C VAL C 688 20.67 24.73 8.05
N MET C 689 20.75 23.85 9.06
CA MET C 689 20.68 22.41 8.86
C MET C 689 19.57 21.85 9.73
N PRO C 690 18.58 21.16 9.17
CA PRO C 690 17.62 20.43 10.01
C PRO C 690 18.29 19.23 10.65
N VAL C 691 17.92 18.97 11.91
CA VAL C 691 18.52 17.90 12.70
C VAL C 691 17.49 16.85 13.10
N SER C 692 16.35 17.29 13.62
CA SER C 692 15.31 16.38 14.07
C SER C 692 13.96 16.84 13.54
N MET C 693 13.06 15.89 13.34
CA MET C 693 11.68 16.15 12.98
C MET C 693 10.78 15.69 14.12
N THR C 694 9.49 15.99 13.98
CA THR C 694 8.57 15.76 15.09
C THR C 694 8.32 14.27 15.30
N LYS C 695 8.46 13.83 16.55
CA LYS C 695 8.16 12.46 16.92
C LYS C 695 6.65 12.28 17.05
N THR C 696 6.15 11.15 16.58
CA THR C 696 4.72 10.92 16.53
C THR C 696 4.40 9.46 16.82
N SER C 697 3.20 9.23 17.34
CA SER C 697 2.68 7.89 17.57
C SER C 697 1.22 7.87 17.16
N VAL C 698 0.74 6.69 16.76
CA VAL C 698 -0.60 6.53 16.21
C VAL C 698 -1.32 5.44 16.99
N ASP C 699 -2.51 5.76 17.51
CA ASP C 699 -3.43 4.77 18.03
C ASP C 699 -4.33 4.34 16.87
N CYS C 700 -4.11 3.11 16.37
CA CYS C 700 -4.90 2.59 15.26
C CYS C 700 -6.37 2.46 15.62
N THR C 701 -6.65 1.89 16.79
CA THR C 701 -8.01 1.66 17.24
C THR C 701 -8.78 2.97 17.39
N MET C 702 -8.08 4.07 17.67
CA MET C 702 -8.68 5.39 17.69
C MET C 702 -8.82 6.01 16.31
N TYR C 703 -7.89 5.74 15.39
CA TYR C 703 -7.96 6.32 14.05
C TYR C 703 -8.95 5.58 13.17
N ILE C 704 -8.85 4.25 13.13
CA ILE C 704 -9.69 3.46 12.23
C ILE C 704 -11.13 3.46 12.73
N CYS C 705 -11.33 3.38 14.03
CA CYS C 705 -12.65 3.42 14.63
C CYS C 705 -12.73 4.59 15.60
N GLY C 706 -13.85 5.29 15.61
CA GLY C 706 -13.97 6.40 16.54
C GLY C 706 -14.07 5.91 17.97
N ASP C 707 -15.20 5.30 18.31
CA ASP C 707 -15.35 4.57 19.56
C ASP C 707 -16.19 3.31 19.35
N SER C 708 -16.33 2.86 18.10
CA SER C 708 -17.23 1.77 17.78
C SER C 708 -16.66 0.44 18.29
N VAL C 709 -17.43 -0.23 19.16
CA VAL C 709 -17.07 -1.57 19.59
C VAL C 709 -17.17 -2.54 18.42
N GLU C 710 -18.14 -2.33 17.53
CA GLU C 710 -18.28 -3.17 16.34
C GLU C 710 -17.10 -3.04 15.40
N CYS C 711 -16.38 -1.92 15.44
CA CYS C 711 -15.17 -1.75 14.65
C CYS C 711 -13.93 -2.17 15.41
N SER C 712 -13.96 -2.12 16.75
CA SER C 712 -12.83 -2.61 17.54
C SER C 712 -12.62 -4.11 17.33
N THR C 713 -13.69 -4.90 17.41
CA THR C 713 -13.65 -6.23 16.85
C THR C 713 -13.73 -6.12 15.32
N LEU C 714 -13.20 -7.14 14.64
CA LEU C 714 -12.81 -7.20 13.22
C LEU C 714 -11.58 -6.36 12.92
N LEU C 715 -11.07 -5.58 13.89
CA LEU C 715 -9.75 -4.98 13.79
C LEU C 715 -8.68 -5.86 14.44
N LEU C 716 -9.10 -6.91 15.15
CA LEU C 716 -8.15 -7.85 15.73
C LEU C 716 -7.41 -8.66 14.67
N GLN C 717 -8.00 -8.80 13.48
CA GLN C 717 -7.32 -9.47 12.38
C GLN C 717 -6.22 -8.60 11.75
N TYR C 718 -6.15 -7.33 12.12
CA TYR C 718 -5.16 -6.40 11.56
C TYR C 718 -4.21 -5.86 12.62
N GLY C 719 -4.09 -6.54 13.76
CA GLY C 719 -3.26 -6.01 14.84
C GLY C 719 -1.78 -6.09 14.57
N SER C 720 -1.35 -7.09 13.78
CA SER C 720 0.07 -7.22 13.44
C SER C 720 0.55 -6.05 12.61
N PHE C 721 -0.29 -5.58 11.67
CA PHE C 721 0.05 -4.43 10.85
C PHE C 721 0.19 -3.17 11.69
N CYS C 722 -0.67 -3.01 12.70
CA CYS C 722 -0.59 -1.81 13.53
C CYS C 722 0.59 -1.86 14.49
N THR C 723 0.94 -3.05 14.98
CA THR C 723 2.19 -3.17 15.73
C THR C 723 3.39 -2.86 14.86
N GLN C 724 3.34 -3.25 13.58
CA GLN C 724 4.39 -2.90 12.64
C GLN C 724 4.49 -1.40 12.42
N LEU C 725 3.35 -0.73 12.26
CA LEU C 725 3.33 0.72 12.07
C LEU C 725 3.87 1.44 13.29
N ASN C 726 3.45 1.02 14.48
CA ASN C 726 3.94 1.66 15.70
C ASN C 726 5.40 1.35 15.95
N ARG C 727 5.88 0.18 15.51
CA ARG C 727 7.31 -0.12 15.61
C ARG C 727 8.12 0.81 14.73
N ALA C 728 7.66 1.05 13.50
CA ALA C 728 8.35 1.98 12.61
C ALA C 728 8.33 3.40 13.17
N LEU C 729 7.18 3.83 13.69
CA LEU C 729 7.09 5.17 14.27
C LEU C 729 7.95 5.32 15.52
N THR C 730 8.03 4.27 16.34
CA THR C 730 8.90 4.29 17.51
C THR C 730 10.37 4.36 17.11
N GLY C 731 10.75 3.63 16.06
CA GLY C 731 12.11 3.74 15.55
C GLY C 731 12.44 5.13 15.06
N ILE C 732 11.50 5.77 14.37
CA ILE C 732 11.69 7.16 13.94
C ILE C 732 11.83 8.09 15.14
N ALA C 733 10.98 7.91 16.15
CA ALA C 733 10.99 8.77 17.33
C ALA C 733 12.29 8.63 18.12
N VAL C 734 12.80 7.41 18.23
CA VAL C 734 14.09 7.19 18.89
C VAL C 734 15.23 7.78 18.07
N GLU C 735 15.16 7.64 16.75
CA GLU C 735 16.19 8.19 15.87
C GLU C 735 16.22 9.71 15.91
N GLN C 736 15.09 10.37 16.19
CA GLN C 736 15.09 11.83 16.31
C GLN C 736 15.92 12.28 17.51
N ASP C 737 15.75 11.64 18.66
CA ASP C 737 16.56 11.96 19.83
C ASP C 737 18.01 11.57 19.62
N LYS C 738 18.26 10.48 18.89
CA LYS C 738 19.64 10.12 18.54
C LYS C 738 20.28 11.17 17.64
N ASN C 739 19.50 11.73 16.71
CA ASN C 739 19.98 12.79 15.84
C ASN C 739 20.33 14.04 16.63
N THR C 740 19.47 14.41 17.59
CA THR C 740 19.76 15.57 18.42
C THR C 740 20.98 15.34 19.31
N GLN C 741 21.12 14.13 19.84
CA GLN C 741 22.26 13.82 20.72
C GLN C 741 23.58 13.83 19.96
N GLU C 742 23.59 13.33 18.72
CA GLU C 742 24.84 13.21 17.99
C GLU C 742 25.35 14.55 17.46
N VAL C 743 24.48 15.56 17.38
CA VAL C 743 24.91 16.86 16.88
C VAL C 743 25.39 17.75 18.03
N PHE C 744 24.60 17.87 19.09
CA PHE C 744 24.88 18.86 20.13
C PHE C 744 25.69 18.30 21.28
N ALA C 745 25.46 17.04 21.65
CA ALA C 745 26.17 16.44 22.77
C ALA C 745 27.46 15.73 22.34
N GLN C 746 28.29 16.44 21.58
CA GLN C 746 29.57 15.87 21.17
C GLN C 746 30.56 15.86 22.33
N VAL C 747 30.61 16.94 23.10
CA VAL C 747 31.46 17.05 24.27
C VAL C 747 30.58 17.02 25.52
N LYS C 748 31.03 16.28 26.53
CA LYS C 748 30.28 16.12 27.77
C LYS C 748 30.83 16.97 28.90
N GLN C 749 31.72 17.91 28.60
CA GLN C 749 32.20 18.88 29.57
C GLN C 749 31.45 20.19 29.35
N ILE C 750 30.54 20.51 30.26
CA ILE C 750 29.74 21.73 30.14
C ILE C 750 30.56 22.90 30.67
N TYR C 751 31.31 23.54 29.79
CA TYR C 751 32.16 24.67 30.20
C TYR C 751 31.30 25.88 30.52
N LYS C 752 31.66 26.56 31.61
CA LYS C 752 30.90 27.72 32.05
C LYS C 752 31.09 28.90 31.11
N THR C 753 30.04 29.67 30.92
CA THR C 753 30.14 30.90 30.17
C THR C 753 30.96 31.92 30.96
N PRO C 754 31.99 32.53 30.37
CA PRO C 754 32.78 33.51 31.11
C PRO C 754 32.00 34.79 31.38
N ASP C 755 32.43 35.49 32.43
CA ASP C 755 31.78 36.74 32.81
C ASP C 755 31.97 37.81 31.76
N ILE C 756 33.16 37.87 31.15
CA ILE C 756 33.46 38.83 30.10
C ILE C 756 33.33 38.13 28.75
N LYS C 757 32.57 38.74 27.84
CA LYS C 757 32.35 38.19 26.51
C LYS C 757 33.31 38.77 25.48
N ASP C 758 34.27 39.59 25.91
CA ASP C 758 35.25 40.18 25.01
C ASP C 758 36.56 39.42 25.13
N PHE C 759 37.01 38.85 24.02
CA PHE C 759 38.22 38.02 23.99
C PHE C 759 39.19 38.66 23.00
N GLY C 760 40.02 39.55 23.49
CA GLY C 760 40.97 40.26 22.65
C GLY C 760 40.33 41.19 21.64
N GLY C 761 39.23 41.83 22.01
CA GLY C 761 38.49 42.70 21.12
C GLY C 761 37.40 42.02 20.35
N PHE C 762 37.31 40.69 20.39
CA PHE C 762 36.27 39.95 19.70
C PHE C 762 35.06 39.83 20.61
N ASN C 763 33.93 40.37 20.17
CA ASN C 763 32.72 40.45 20.99
C ASN C 763 31.90 39.19 20.78
N PHE C 764 31.79 38.37 21.82
CA PHE C 764 31.06 37.12 21.79
C PHE C 764 29.68 37.22 22.44
N SER C 765 29.22 38.43 22.74
CA SER C 765 28.01 38.60 23.55
C SER C 765 26.75 38.18 22.82
N GLN C 766 26.70 38.36 21.50
CA GLN C 766 25.50 38.04 20.76
C GLN C 766 25.30 36.54 20.56
N ILE C 767 26.37 35.75 20.65
CA ILE C 767 26.28 34.31 20.46
C ILE C 767 26.39 33.54 21.76
N LEU C 768 26.57 34.22 22.88
CA LEU C 768 26.59 33.64 24.20
C LEU C 768 25.38 34.12 25.01
N PRO C 769 24.90 33.35 25.98
CA PRO C 769 23.75 33.80 26.77
C PRO C 769 24.07 35.02 27.62
N ASP C 770 23.06 35.87 27.79
CA ASP C 770 23.20 37.08 28.59
C ASP C 770 22.68 36.82 30.00
N PRO C 771 23.51 36.93 31.03
CA PRO C 771 23.03 36.68 32.40
C PRO C 771 22.01 37.69 32.89
N SER C 772 21.92 38.87 32.27
CA SER C 772 20.93 39.87 32.65
C SER C 772 19.54 39.59 32.11
N LYS C 773 19.41 38.62 31.19
CA LYS C 773 18.14 38.27 30.57
C LYS C 773 17.56 37.03 31.24
N PRO C 774 16.23 36.90 31.29
CA PRO C 774 15.63 35.71 31.92
C PRO C 774 15.83 34.45 31.10
N SER C 775 15.84 34.55 29.78
CA SER C 775 16.05 33.38 28.93
C SER C 775 17.53 33.01 28.90
N LYS C 776 17.81 31.71 29.03
CA LYS C 776 19.18 31.21 29.00
C LYS C 776 19.60 30.85 27.59
N ARG C 777 19.40 31.78 26.66
CA ARG C 777 19.76 31.60 25.26
C ARG C 777 20.47 32.86 24.77
N SER C 778 21.20 32.71 23.67
CA SER C 778 21.84 33.84 23.05
C SER C 778 20.80 34.72 22.35
N PHE C 779 21.21 35.95 22.04
CA PHE C 779 20.35 36.86 21.29
C PHE C 779 20.05 36.32 19.90
N ILE C 780 21.07 35.76 19.23
CA ILE C 780 20.89 35.13 17.93
C ILE C 780 19.96 33.92 18.05
N GLU C 781 20.10 33.15 19.14
CA GLU C 781 19.24 32.00 19.34
C GLU C 781 17.79 32.41 19.58
N ASP C 782 17.58 33.51 20.30
CA ASP C 782 16.23 34.03 20.48
C ASP C 782 15.62 34.49 19.16
N LEU C 783 16.43 35.15 18.32
CA LEU C 783 15.96 35.55 17.01
C LEU C 783 15.62 34.35 16.13
N LEU C 784 16.43 33.28 16.22
CA LEU C 784 16.16 32.07 15.46
C LEU C 784 14.88 31.39 15.94
N PHE C 785 14.68 31.32 17.27
CA PHE C 785 13.49 30.67 17.80
C PHE C 785 12.23 31.48 17.56
N ASN C 786 12.35 32.79 17.38
CA ASN C 786 11.18 33.60 17.03
C ASN C 786 10.81 33.51 15.55
N LYS C 787 11.69 32.96 14.71
CA LYS C 787 11.46 32.93 13.26
C LYS C 787 10.80 31.65 12.77
N VAL C 788 10.53 30.70 13.65
CA VAL C 788 9.82 29.48 13.30
C VAL C 788 8.54 29.42 14.11
N THR C 789 7.40 29.21 13.44
CA THR C 789 6.11 29.27 14.10
C THR C 789 5.93 28.13 15.10
N LEU C 790 6.44 26.94 14.77
CA LEU C 790 6.37 25.74 15.62
C LEU C 790 4.90 25.39 15.92
N ALA C 791 4.23 25.00 14.85
CA ALA C 791 2.83 24.55 14.91
C ALA C 791 2.72 23.04 14.83
N ASP C 792 3.66 22.33 15.45
CA ASP C 792 3.74 20.86 15.47
C ASP C 792 3.78 20.24 14.07
N VAL C 796 0.84 18.71 27.97
CA VAL C 796 0.63 19.64 26.86
C VAL C 796 -0.84 20.08 26.81
N LYS C 797 -1.59 19.56 25.85
CA LYS C 797 -3.00 19.88 25.73
C LYS C 797 -3.80 19.18 26.83
N GLN C 798 -5.06 19.58 26.98
CA GLN C 798 -5.95 18.98 27.96
C GLN C 798 -7.30 18.70 27.30
N TYR C 799 -8.02 17.73 27.88
CA TYR C 799 -9.34 17.37 27.36
C TYR C 799 -10.32 18.53 27.53
N GLY C 800 -10.25 19.24 28.66
CA GLY C 800 -11.11 20.39 28.86
C GLY C 800 -10.80 21.54 27.91
N ASP C 801 -9.54 21.65 27.48
CA ASP C 801 -9.17 22.69 26.52
C ASP C 801 -9.81 22.44 25.16
N CYS C 802 -9.82 21.18 24.71
CA CYS C 802 -10.48 20.85 23.46
C CYS C 802 -12.00 20.86 23.61
N LEU C 803 -12.49 20.57 24.82
CA LEU C 803 -13.94 20.54 25.05
C LEU C 803 -14.53 21.94 25.10
N GLY C 804 -13.80 22.89 25.67
CA GLY C 804 -14.28 24.26 25.78
C GLY C 804 -13.97 25.16 24.61
N ASP C 805 -13.32 24.65 23.56
CA ASP C 805 -12.94 25.43 22.40
C ASP C 805 -13.29 24.68 21.12
N ILE C 806 -14.53 24.17 21.06
CA ILE C 806 -14.99 23.45 19.87
C ILE C 806 -15.11 24.40 18.68
N GLN C 807 -15.62 25.61 18.92
CA GLN C 807 -15.83 26.57 17.84
C GLN C 807 -14.53 27.07 17.21
N ALA C 808 -13.40 26.90 17.90
CA ALA C 808 -12.12 27.30 17.31
C ALA C 808 -11.70 26.35 16.20
N ARG C 809 -12.16 25.09 16.26
CA ARG C 809 -11.82 24.03 15.30
C ARG C 809 -10.31 23.86 15.19
N ASP C 810 -9.67 23.63 16.34
CA ASP C 810 -8.23 23.48 16.40
C ASP C 810 -7.78 22.21 15.69
N LEU C 811 -6.70 22.33 14.92
CA LEU C 811 -6.18 21.19 14.17
C LEU C 811 -5.56 20.15 15.09
N ILE C 812 -4.95 20.58 16.20
CA ILE C 812 -4.33 19.65 17.13
C ILE C 812 -5.40 18.82 17.83
N CYS C 813 -6.53 19.44 18.19
CA CYS C 813 -7.62 18.69 18.79
C CYS C 813 -8.18 17.65 17.83
N ALA C 814 -8.31 18.00 16.55
CA ALA C 814 -8.78 17.05 15.56
C ALA C 814 -7.79 15.92 15.33
N GLN C 815 -6.49 16.22 15.40
CA GLN C 815 -5.48 15.17 15.30
C GLN C 815 -5.55 14.22 16.49
N LYS C 816 -5.68 14.78 17.70
CA LYS C 816 -5.62 13.94 18.90
C LYS C 816 -6.91 13.18 19.15
N PHE C 817 -8.05 13.69 18.67
CA PHE C 817 -9.30 12.92 18.77
C PHE C 817 -9.31 11.72 17.85
N ASN C 818 -8.42 11.69 16.85
CA ASN C 818 -8.28 10.54 15.95
C ASN C 818 -7.02 9.74 16.24
N GLY C 819 -6.45 9.87 17.44
CA GLY C 819 -5.35 9.04 17.85
C GLY C 819 -4.00 9.40 17.30
N LEU C 820 -3.80 10.63 16.86
CA LEU C 820 -2.51 11.10 16.35
C LEU C 820 -1.89 12.02 17.38
N THR C 821 -0.86 11.53 18.07
CA THR C 821 -0.19 12.30 19.12
C THR C 821 1.22 12.66 18.68
N VAL C 822 1.70 13.79 19.20
CA VAL C 822 3.05 14.28 18.95
C VAL C 822 3.85 14.12 20.24
N LEU C 823 4.93 13.36 20.18
CA LEU C 823 5.73 13.14 21.38
C LEU C 823 6.78 14.22 21.53
N PRO C 824 7.04 14.68 22.75
CA PRO C 824 8.04 15.73 22.94
C PRO C 824 9.45 15.18 22.77
N PRO C 825 10.38 16.00 22.30
CA PRO C 825 11.78 15.56 22.23
C PRO C 825 12.37 15.38 23.62
N LEU C 826 13.34 14.48 23.71
CA LEU C 826 14.00 14.20 24.99
C LEU C 826 14.78 15.40 25.49
N LEU C 827 15.49 16.09 24.60
CA LEU C 827 16.23 17.29 24.96
C LEU C 827 15.35 18.51 24.74
N THR C 828 15.13 19.29 25.79
CA THR C 828 14.44 20.55 25.65
C THR C 828 15.34 21.57 24.97
N ASP C 829 14.74 22.69 24.55
CA ASP C 829 15.50 23.75 23.91
C ASP C 829 16.49 24.39 24.86
N GLU C 830 16.21 24.38 26.16
CA GLU C 830 17.15 24.90 27.15
C GLU C 830 18.42 24.05 27.21
N MET C 831 18.28 22.72 27.15
CA MET C 831 19.45 21.85 27.19
C MET C 831 20.26 21.95 25.90
N ILE C 832 19.59 22.07 24.76
CA ILE C 832 20.30 22.26 23.50
C ILE C 832 21.03 23.61 23.49
N ALA C 833 20.40 24.65 24.04
CA ALA C 833 21.07 25.94 24.16
C ALA C 833 22.25 25.87 25.13
N ALA C 834 22.13 25.08 26.18
CA ALA C 834 23.24 24.89 27.10
C ALA C 834 24.40 24.15 26.43
N TYR C 835 24.09 23.15 25.61
CA TYR C 835 25.12 22.46 24.84
C TYR C 835 25.82 23.41 23.87
N THR C 836 25.04 24.27 23.21
CA THR C 836 25.63 25.26 22.31
C THR C 836 26.51 26.25 23.07
N ALA C 837 26.02 26.74 24.22
CA ALA C 837 26.78 27.69 25.03
C ALA C 837 27.96 27.04 25.72
N ALA C 838 28.03 25.70 25.76
CA ALA C 838 29.23 25.01 26.20
C ALA C 838 30.19 24.76 25.06
N LEU C 839 29.69 24.55 23.84
CA LEU C 839 30.57 24.42 22.68
C LEU C 839 31.28 25.73 22.38
N ILE C 840 30.52 26.82 22.28
CA ILE C 840 31.12 28.14 22.38
C ILE C 840 31.60 28.33 23.82
N SER C 841 32.64 29.15 23.99
CA SER C 841 33.38 29.43 25.23
C SER C 841 34.24 28.25 25.68
N GLY C 842 34.13 27.09 25.02
CA GLY C 842 35.15 26.08 25.11
C GLY C 842 36.11 26.30 23.96
N THR C 843 35.58 26.86 22.87
CA THR C 843 36.39 27.27 21.74
C THR C 843 36.84 28.72 21.83
N ALA C 844 36.23 29.52 22.71
CA ALA C 844 36.69 30.89 22.91
C ALA C 844 37.80 30.96 23.94
N THR C 845 37.85 30.02 24.87
CA THR C 845 38.87 29.99 25.91
C THR C 845 39.93 28.93 25.69
N ALA C 846 39.58 27.78 25.10
CA ALA C 846 40.54 26.72 24.84
C ALA C 846 40.70 26.40 23.37
N GLY C 847 39.90 27.00 22.50
CA GLY C 847 40.06 26.81 21.07
C GLY C 847 39.71 25.44 20.54
N TRP C 848 40.60 24.87 19.74
CA TRP C 848 40.40 23.60 19.07
C TRP C 848 40.82 22.41 19.93
N THR C 849 41.34 22.66 21.13
CA THR C 849 42.03 21.62 21.89
C THR C 849 41.16 20.98 22.96
N PHE C 850 39.83 21.05 22.81
CA PHE C 850 38.98 20.36 23.78
C PHE C 850 38.13 19.28 23.14
N GLY C 851 38.05 19.20 21.81
CA GLY C 851 37.50 18.02 21.17
C GLY C 851 38.47 16.87 21.05
N ALA C 852 39.75 17.11 21.37
CA ALA C 852 40.80 16.09 21.35
C ALA C 852 41.54 16.19 22.68
N GLY C 853 41.03 15.50 23.69
CA GLY C 853 41.64 15.53 25.00
C GLY C 853 41.07 16.63 25.89
N ALA C 854 41.80 16.91 26.98
CA ALA C 854 41.38 17.92 27.92
C ALA C 854 41.61 19.32 27.36
N ALA C 855 40.80 20.26 27.82
CA ALA C 855 40.84 21.63 27.30
C ALA C 855 42.11 22.34 27.75
N LEU C 856 42.82 22.92 26.81
CA LEU C 856 44.04 23.68 27.07
C LEU C 856 43.78 25.15 26.78
N GLN C 857 43.85 25.98 27.80
CA GLN C 857 43.54 27.40 27.65
C GLN C 857 44.62 28.09 26.81
N ILE C 858 44.19 29.14 26.11
CA ILE C 858 45.07 29.89 25.21
C ILE C 858 44.45 31.27 25.04
N PRO C 859 45.24 32.34 25.00
CA PRO C 859 44.68 33.66 24.67
C PRO C 859 44.07 33.65 23.28
N PHE C 860 42.95 34.37 23.14
CA PHE C 860 42.18 34.30 21.90
C PHE C 860 42.92 34.92 20.73
N ALA C 861 43.78 35.91 20.99
CA ALA C 861 44.61 36.46 19.92
C ALA C 861 45.60 35.43 19.39
N MET C 862 46.22 34.66 20.28
CA MET C 862 47.17 33.64 19.83
C MET C 862 46.47 32.51 19.10
N GLN C 863 45.28 32.12 19.57
CA GLN C 863 44.53 31.10 18.84
C GLN C 863 44.05 31.62 17.49
N MET C 864 43.72 32.92 17.39
CA MET C 864 43.34 33.48 16.10
C MET C 864 44.54 33.55 15.16
N ALA C 865 45.73 33.79 15.72
CA ALA C 865 46.95 33.73 14.93
C ALA C 865 47.21 32.31 14.42
N TYR C 866 46.90 31.31 15.25
CA TYR C 866 47.00 29.92 14.80
C TYR C 866 46.03 29.62 13.67
N ARG C 867 44.80 30.13 13.77
CA ARG C 867 43.82 29.94 12.69
C ARG C 867 44.27 30.63 11.41
N PHE C 868 44.87 31.82 11.54
CA PHE C 868 45.42 32.52 10.39
C PHE C 868 46.57 31.73 9.76
N ASN C 869 47.41 31.13 10.60
CA ASN C 869 48.48 30.27 10.10
C ASN C 869 47.92 29.02 9.42
N GLY C 870 46.73 28.57 9.85
CA GLY C 870 46.13 27.40 9.24
C GLY C 870 45.68 27.61 7.80
N ILE C 871 45.36 28.85 7.43
CA ILE C 871 44.89 29.14 6.07
C ILE C 871 46.00 29.64 5.15
N GLY C 872 47.23 29.73 5.64
CA GLY C 872 48.34 30.17 4.81
C GLY C 872 48.75 31.61 4.97
N VAL C 873 48.17 32.33 5.93
CA VAL C 873 48.55 33.71 6.20
C VAL C 873 49.46 33.72 7.43
N THR C 874 50.55 34.46 7.34
CA THR C 874 51.49 34.53 8.46
C THR C 874 50.84 35.22 9.64
N GLN C 875 51.20 34.76 10.85
CA GLN C 875 50.50 35.20 12.05
C GLN C 875 50.78 36.65 12.41
N ASN C 876 51.81 37.27 11.83
CA ASN C 876 52.07 38.68 12.09
C ASN C 876 50.99 39.58 11.48
N VAL C 877 50.29 39.11 10.45
CA VAL C 877 49.19 39.88 9.88
C VAL C 877 48.07 40.03 10.90
N LEU C 878 47.74 38.94 11.61
CA LEU C 878 46.72 38.98 12.64
C LEU C 878 47.11 39.93 13.77
N TYR C 879 48.37 39.87 14.22
CA TYR C 879 48.78 40.73 15.32
C TYR C 879 48.87 42.19 14.90
N GLU C 880 49.22 42.44 13.64
CA GLU C 880 49.29 43.82 13.15
C GLU C 880 47.92 44.41 12.87
N ASN C 881 46.92 43.58 12.55
CA ASN C 881 45.58 44.07 12.24
C ASN C 881 44.52 43.47 13.17
N GLN C 882 44.89 43.22 14.43
CA GLN C 882 43.96 42.65 15.41
C GLN C 882 42.73 43.50 15.61
N LYS C 883 42.90 44.82 15.73
CA LYS C 883 41.75 45.70 15.95
C LYS C 883 40.82 45.70 14.74
N LEU C 884 41.39 45.76 13.54
CA LEU C 884 40.58 45.72 12.32
C LEU C 884 39.86 44.40 12.16
N ILE C 885 40.53 43.28 12.48
CA ILE C 885 39.93 41.96 12.33
C ILE C 885 38.81 41.77 13.35
N ALA C 886 39.02 42.22 14.58
CA ALA C 886 37.97 42.15 15.60
C ALA C 886 36.78 43.03 15.23
N ASN C 887 37.04 44.22 14.69
CA ASN C 887 35.95 45.09 14.25
C ASN C 887 35.17 44.49 13.10
N GLN C 888 35.87 43.85 12.15
CA GLN C 888 35.19 43.18 11.05
C GLN C 888 34.37 42.00 11.53
N PHE C 889 34.88 41.24 12.51
CA PHE C 889 34.14 40.13 13.08
C PHE C 889 32.88 40.61 13.79
N ASN C 890 32.99 41.68 14.57
CA ASN C 890 31.82 42.23 15.27
C ASN C 890 30.80 42.79 14.29
N SER C 891 31.28 43.46 13.22
CA SER C 891 30.37 43.98 12.20
C SER C 891 29.67 42.86 11.46
N ALA C 892 30.36 41.75 11.19
CA ALA C 892 29.73 40.62 10.51
C ALA C 892 28.70 39.95 11.42
N ILE C 893 28.99 39.85 12.72
CA ILE C 893 28.02 39.32 13.67
C ILE C 893 26.78 40.22 13.72
N GLY C 894 26.99 41.55 13.72
CA GLY C 894 25.86 42.46 13.69
C GLY C 894 25.06 42.38 12.40
N LYS C 895 25.74 42.15 11.27
CA LYS C 895 25.05 41.94 10.00
C LYS C 895 24.21 40.68 10.01
N ILE C 896 24.72 39.61 10.62
CA ILE C 896 23.93 38.39 10.79
C ILE C 896 22.72 38.66 11.68
N GLN C 897 22.89 39.43 12.73
CA GLN C 897 21.76 39.68 13.67
C GLN C 897 20.63 40.42 12.95
N GLU C 898 20.97 41.30 12.01
CA GLU C 898 19.99 42.24 11.43
C GLU C 898 19.26 41.56 10.27
N SER C 899 19.95 40.65 9.58
CA SER C 899 19.36 39.88 8.47
C SER C 899 18.37 38.85 9.03
N LEU C 900 18.36 38.64 10.34
CA LEU C 900 17.37 37.66 10.84
C LEU C 900 16.50 38.37 11.91
N THR C 901 16.55 39.69 11.93
CA THR C 901 15.46 40.51 12.48
C THR C 901 14.71 41.11 11.31
N SER C 902 15.06 40.73 10.08
CA SER C 902 14.42 41.29 8.87
C SER C 902 13.76 40.19 8.05
N THR C 903 14.49 39.56 7.13
CA THR C 903 13.92 38.49 6.28
C THR C 903 13.69 37.24 7.12
N ALA C 904 12.63 36.51 6.79
CA ALA C 904 12.25 35.28 7.48
C ALA C 904 12.45 34.03 6.64
N SER C 905 12.97 34.15 5.42
CA SER C 905 13.17 33.00 4.54
C SER C 905 14.46 32.25 4.82
N ALA C 906 15.28 32.72 5.76
CA ALA C 906 16.53 32.04 6.07
C ALA C 906 16.30 30.70 6.75
N LEU C 907 15.28 30.59 7.60
CA LEU C 907 14.96 29.36 8.32
C LEU C 907 13.93 28.51 7.57
N GLY C 908 13.93 28.59 6.24
CA GLY C 908 12.94 27.90 5.45
C GLY C 908 13.03 26.39 5.53
N LYS C 909 14.23 25.86 5.79
CA LYS C 909 14.37 24.41 5.91
C LYS C 909 13.68 23.87 7.17
N LEU C 910 13.91 24.55 8.30
CA LEU C 910 13.23 24.17 9.54
C LEU C 910 11.72 24.41 9.44
N GLN C 911 11.32 25.51 8.79
CA GLN C 911 9.90 25.76 8.60
C GLN C 911 9.26 24.71 7.69
N ASP C 912 10.00 24.23 6.69
CA ASP C 912 9.50 23.16 5.84
C ASP C 912 9.38 21.85 6.59
N VAL C 913 10.30 21.59 7.53
CA VAL C 913 10.18 20.39 8.37
C VAL C 913 8.90 20.46 9.20
N VAL C 914 8.66 21.61 9.84
CA VAL C 914 7.45 21.79 10.65
C VAL C 914 6.20 21.69 9.78
N ASN C 915 6.22 22.32 8.60
CA ASN C 915 5.05 22.32 7.73
C ASN C 915 4.74 20.94 7.18
N GLN C 916 5.77 20.17 6.80
CA GLN C 916 5.54 18.81 6.34
C GLN C 916 4.97 17.93 7.44
N ASN C 917 5.52 18.05 8.66
CA ASN C 917 5.02 17.23 9.75
C ASN C 917 3.59 17.61 10.15
N ALA C 918 3.22 18.88 10.01
CA ALA C 918 1.82 19.26 10.25
C ALA C 918 0.91 18.83 9.13
N GLN C 919 1.37 18.97 7.88
CA GLN C 919 0.53 18.68 6.71
C GLN C 919 0.25 17.19 6.59
N ALA C 920 1.22 16.34 6.95
CA ALA C 920 0.98 14.90 6.90
C ALA C 920 -0.11 14.47 7.89
N LEU C 921 -0.07 15.03 9.11
CA LEU C 921 -1.10 14.71 10.09
C LEU C 921 -2.45 15.27 9.70
N ASN C 922 -2.48 16.47 9.12
CA ASN C 922 -3.75 17.04 8.68
C ASN C 922 -4.33 16.26 7.51
N THR C 923 -3.48 15.76 6.62
CA THR C 923 -3.92 14.90 5.54
C THR C 923 -4.47 13.58 6.07
N LEU C 924 -3.82 13.04 7.11
CA LEU C 924 -4.33 11.83 7.75
C LEU C 924 -5.71 12.06 8.36
N VAL C 925 -5.92 13.23 8.98
CA VAL C 925 -7.23 13.56 9.52
C VAL C 925 -8.26 13.72 8.40
N LYS C 926 -7.88 14.40 7.31
CA LYS C 926 -8.80 14.65 6.21
C LYS C 926 -9.17 13.39 5.45
N GLN C 927 -8.28 12.39 5.44
CA GLN C 927 -8.53 11.18 4.67
C GLN C 927 -9.53 10.24 5.32
N LEU C 928 -10.03 10.57 6.52
CA LEU C 928 -11.09 9.79 7.15
C LEU C 928 -12.44 10.00 6.48
N SER C 929 -12.58 10.97 5.59
CA SER C 929 -13.83 11.23 4.88
C SER C 929 -13.97 10.39 3.61
N SER C 930 -12.98 9.56 3.29
CA SER C 930 -13.04 8.73 2.10
C SER C 930 -13.95 7.54 2.33
N ASN C 931 -14.85 7.28 1.38
CA ASN C 931 -15.77 6.16 1.52
C ASN C 931 -15.09 4.83 1.32
N PHE C 932 -14.01 4.80 0.52
CA PHE C 932 -13.26 3.59 0.18
C PHE C 932 -14.14 2.52 -0.46
N GLY C 933 -15.15 2.95 -1.23
CA GLY C 933 -16.07 2.03 -1.84
C GLY C 933 -17.24 1.61 -0.98
N ALA C 934 -17.29 2.03 0.28
CA ALA C 934 -18.40 1.70 1.15
C ALA C 934 -19.57 2.65 0.89
N ILE C 935 -20.71 2.33 1.51
CA ILE C 935 -21.90 3.17 1.34
C ILE C 935 -21.71 4.51 2.04
N SER C 936 -20.86 4.59 3.06
CA SER C 936 -20.58 5.82 3.75
C SER C 936 -19.19 5.74 4.35
N SER C 937 -18.61 6.91 4.59
CA SER C 937 -17.35 6.99 5.31
C SER C 937 -17.53 7.14 6.81
N VAL C 938 -18.78 7.13 7.28
CA VAL C 938 -19.10 7.28 8.69
C VAL C 938 -19.45 5.90 9.24
N LEU C 939 -18.75 5.48 10.29
CA LEU C 939 -19.05 4.21 10.91
C LEU C 939 -20.42 4.22 11.59
N ASN C 940 -20.80 5.36 12.18
CA ASN C 940 -22.07 5.46 12.88
C ASN C 940 -23.24 5.31 11.92
N ASP C 941 -23.15 5.92 10.73
CA ASP C 941 -24.22 5.81 9.74
C ASP C 941 -24.39 4.36 9.28
N ILE C 942 -23.28 3.68 9.01
CA ILE C 942 -23.33 2.29 8.57
C ILE C 942 -23.89 1.39 9.66
N ILE C 943 -23.47 1.60 10.91
CA ILE C 943 -23.93 0.77 12.01
C ILE C 943 -25.40 1.00 12.29
N SER C 944 -25.85 2.25 12.21
CA SER C 944 -27.24 2.57 12.49
C SER C 944 -28.18 2.17 11.35
N ARG C 945 -27.72 2.12 10.11
CA ARG C 945 -28.62 1.74 9.02
C ARG C 945 -28.59 0.25 8.70
N LEU C 946 -27.51 -0.46 9.02
CA LEU C 946 -27.36 -1.85 8.62
C LEU C 946 -27.22 -2.75 9.84
N ASP C 947 -27.64 -4.00 9.68
CA ASP C 947 -27.47 -5.01 10.72
C ASP C 947 -26.08 -5.62 10.61
N LYS C 948 -25.79 -6.58 11.48
CA LYS C 948 -24.44 -7.14 11.56
C LYS C 948 -24.29 -8.37 10.64
N VAL C 949 -24.74 -8.21 9.40
CA VAL C 949 -24.34 -9.10 8.31
C VAL C 949 -23.84 -8.23 7.17
N GLU C 950 -24.40 -7.02 7.08
CA GLU C 950 -24.09 -6.11 5.98
C GLU C 950 -23.26 -4.92 6.41
N ALA C 951 -23.28 -4.56 7.70
CA ALA C 951 -22.37 -3.54 8.19
C ALA C 951 -20.93 -4.02 8.18
N GLU C 952 -20.72 -5.34 8.27
CA GLU C 952 -19.36 -5.88 8.34
C GLU C 952 -18.60 -5.63 7.04
N VAL C 953 -19.29 -5.70 5.90
CA VAL C 953 -18.63 -5.48 4.61
C VAL C 953 -18.13 -4.04 4.48
N GLN C 954 -19.01 -3.08 4.78
CA GLN C 954 -18.63 -1.66 4.70
C GLN C 954 -17.59 -1.30 5.75
N ILE C 955 -17.71 -1.88 6.95
CA ILE C 955 -16.73 -1.66 8.00
C ILE C 955 -15.37 -2.21 7.61
N ASP C 956 -15.34 -3.39 6.97
CA ASP C 956 -14.08 -3.96 6.50
C ASP C 956 -13.46 -3.10 5.40
N ARG C 957 -14.29 -2.56 4.50
CA ARG C 957 -13.79 -1.65 3.48
C ARG C 957 -13.17 -0.40 4.10
N LEU C 958 -13.84 0.17 5.10
CA LEU C 958 -13.31 1.34 5.79
C LEU C 958 -12.03 1.02 6.55
N ILE C 959 -11.96 -0.17 7.16
CA ILE C 959 -10.77 -0.59 7.90
C ILE C 959 -9.59 -0.74 6.96
N THR C 960 -9.82 -1.37 5.79
CA THR C 960 -8.76 -1.53 4.80
C THR C 960 -8.27 -0.18 4.29
N GLY C 961 -9.20 0.74 3.99
CA GLY C 961 -8.80 2.05 3.52
C GLY C 961 -8.03 2.86 4.54
N ARG C 962 -8.50 2.86 5.80
CA ARG C 962 -7.83 3.65 6.84
C ARG C 962 -6.48 3.05 7.22
N LEU C 963 -6.36 1.71 7.20
CA LEU C 963 -5.07 1.07 7.41
C LEU C 963 -4.11 1.40 6.28
N GLN C 964 -4.62 1.46 5.04
CA GLN C 964 -3.79 1.89 3.91
C GLN C 964 -3.30 3.33 4.09
N SER C 965 -4.19 4.21 4.57
CA SER C 965 -3.79 5.60 4.83
C SER C 965 -2.72 5.69 5.90
N LEU C 966 -2.86 4.92 6.98
CA LEU C 966 -1.84 4.90 8.03
C LEU C 966 -0.52 4.35 7.52
N GLN C 967 -0.57 3.30 6.68
CA GLN C 967 0.64 2.73 6.11
C GLN C 967 1.36 3.71 5.20
N THR C 968 0.59 4.45 4.39
CA THR C 968 1.17 5.48 3.53
C THR C 968 1.82 6.58 4.36
N TYR C 969 1.15 7.01 5.43
CA TYR C 969 1.73 8.01 6.32
C TYR C 969 3.03 7.53 6.95
N VAL C 970 3.06 6.27 7.41
CA VAL C 970 4.24 5.73 8.06
C VAL C 970 5.40 5.59 7.07
N THR C 971 5.09 5.17 5.84
CA THR C 971 6.12 5.04 4.81
C THR C 971 6.73 6.39 4.47
N GLN C 972 5.90 7.41 4.28
CA GLN C 972 6.45 8.74 3.99
C GLN C 972 7.19 9.32 5.18
N GLN C 973 6.76 9.01 6.40
CA GLN C 973 7.52 9.42 7.59
C GLN C 973 8.88 8.74 7.63
N LEU C 974 8.96 7.48 7.20
CA LEU C 974 10.25 6.79 7.13
C LEU C 974 11.17 7.45 6.11
N ILE C 975 10.62 7.86 4.96
CA ILE C 975 11.44 8.55 3.95
C ILE C 975 11.96 9.87 4.49
N ARG C 976 11.07 10.66 5.11
CA ARG C 976 11.48 11.94 5.68
C ARG C 976 12.46 11.75 6.83
N ALA C 977 12.33 10.67 7.60
CA ALA C 977 13.27 10.38 8.67
C ALA C 977 14.64 10.02 8.12
N ALA C 978 14.68 9.30 7.00
CA ALA C 978 15.98 9.00 6.37
C ALA C 978 16.66 10.28 5.87
N GLU C 979 15.88 11.18 5.24
CA GLU C 979 16.45 12.45 4.79
C GLU C 979 16.92 13.29 5.97
N ILE C 980 16.13 13.34 7.04
CA ILE C 980 16.48 14.10 8.24
C ILE C 980 17.72 13.51 8.91
N ARG C 981 17.85 12.18 8.90
CA ARG C 981 19.03 11.54 9.47
C ARG C 981 20.28 11.83 8.66
N ALA C 982 20.16 11.89 7.33
CA ALA C 982 21.29 12.29 6.51
C ALA C 982 21.71 13.72 6.81
N SER C 983 20.72 14.62 6.95
CA SER C 983 21.02 16.01 7.30
C SER C 983 21.66 16.12 8.68
N ALA C 984 21.20 15.30 9.64
CA ALA C 984 21.75 15.35 10.99
C ALA C 984 23.16 14.77 11.03
N ASN C 985 23.44 13.74 10.24
CA ASN C 985 24.79 13.22 10.14
C ASN C 985 25.73 14.26 9.55
N LEU C 986 25.28 14.98 8.51
CA LEU C 986 26.08 16.07 7.97
C LEU C 986 26.29 17.17 9.00
N ALA C 987 25.25 17.49 9.77
CA ALA C 987 25.38 18.53 10.81
C ALA C 987 26.34 18.11 11.91
N ALA C 988 26.35 16.83 12.27
CA ALA C 988 27.31 16.34 13.26
C ALA C 988 28.73 16.38 12.72
N THR C 989 28.89 16.08 11.42
CA THR C 989 30.21 16.21 10.80
C THR C 989 30.68 17.66 10.78
N LYS C 990 29.77 18.59 10.53
CA LYS C 990 30.12 20.01 10.57
C LYS C 990 30.43 20.46 11.99
N MET C 991 29.73 19.89 12.98
CA MET C 991 30.03 20.18 14.38
C MET C 991 31.42 19.72 14.75
N SER C 992 31.81 18.53 14.28
CA SER C 992 33.14 18.00 14.60
C SER C 992 34.23 18.76 13.85
N GLU C 993 34.00 19.09 12.58
CA GLU C 993 35.08 19.56 11.72
C GLU C 993 35.14 21.08 11.59
N CYS C 994 34.03 21.79 11.75
CA CYS C 994 34.05 23.25 11.65
C CYS C 994 34.05 23.93 13.01
N VAL C 995 33.36 23.38 14.00
CA VAL C 995 33.28 24.01 15.32
C VAL C 995 34.41 23.55 16.22
N LEU C 996 34.66 22.23 16.28
CA LEU C 996 35.69 21.68 17.14
C LEU C 996 37.08 21.71 16.49
N GLY C 997 37.18 22.17 15.25
CA GLY C 997 38.47 22.27 14.60
C GLY C 997 38.38 23.18 13.40
N GLN C 998 39.52 23.36 12.73
CA GLN C 998 39.62 24.16 11.52
C GLN C 998 39.78 23.22 10.34
N SER C 999 38.91 23.36 9.35
CA SER C 999 38.84 22.42 8.23
C SER C 999 39.50 23.02 6.99
N LYS C 1000 40.30 22.20 6.32
CA LYS C 1000 40.92 22.56 5.06
C LYS C 1000 40.03 22.27 3.85
N ARG C 1001 38.89 21.62 4.07
CA ARG C 1001 37.98 21.28 2.97
C ARG C 1001 37.35 22.54 2.40
N VAL C 1002 37.33 22.65 1.08
CA VAL C 1002 36.81 23.84 0.42
C VAL C 1002 35.28 23.84 0.50
N ASP C 1003 34.72 24.95 0.96
CA ASP C 1003 33.28 25.23 1.02
C ASP C 1003 32.53 24.28 1.96
N PHE C 1004 33.24 23.50 2.77
CA PHE C 1004 32.56 22.67 3.76
C PHE C 1004 32.10 23.48 4.96
N CYS C 1005 32.87 24.48 5.36
CA CYS C 1005 32.52 25.31 6.51
C CYS C 1005 32.35 26.76 6.09
N GLY C 1006 31.60 26.98 5.01
CA GLY C 1006 31.36 28.32 4.52
C GLY C 1006 32.23 28.66 3.33
N LYS C 1007 31.85 29.73 2.64
CA LYS C 1007 32.60 30.18 1.47
C LYS C 1007 33.81 30.99 1.92
N GLY C 1008 34.99 30.62 1.44
CA GLY C 1008 36.23 31.26 1.82
C GLY C 1008 37.11 30.31 2.62
N TYR C 1009 38.22 30.86 3.09
CA TYR C 1009 39.14 30.10 3.93
C TYR C 1009 38.60 30.07 5.35
N HIS C 1010 38.30 28.87 5.84
CA HIS C 1010 37.60 28.73 7.11
C HIS C 1010 38.50 29.10 8.29
N LEU C 1011 37.98 29.90 9.20
CA LEU C 1011 38.66 30.24 10.45
C LEU C 1011 37.98 29.61 11.65
N MET C 1012 36.69 29.88 11.85
CA MET C 1012 35.98 29.40 13.02
C MET C 1012 34.52 29.18 12.65
N SER C 1013 33.85 28.39 13.48
CA SER C 1013 32.41 28.20 13.33
C SER C 1013 31.78 28.13 14.71
N PHE C 1014 30.62 28.77 14.85
CA PHE C 1014 29.89 28.81 16.10
C PHE C 1014 28.51 28.23 15.90
N PRO C 1015 28.13 27.18 16.61
CA PRO C 1015 26.76 26.66 16.49
C PRO C 1015 25.77 27.58 17.19
N GLN C 1016 24.52 27.51 16.73
CA GLN C 1016 23.43 28.22 17.38
C GLN C 1016 22.22 27.30 17.39
N ALA C 1017 21.60 27.14 18.55
CA ALA C 1017 20.45 26.27 18.67
C ALA C 1017 19.25 26.88 17.94
N ALA C 1018 18.59 26.07 17.13
CA ALA C 1018 17.42 26.45 16.38
C ALA C 1018 16.34 25.38 16.57
N PRO C 1019 15.07 25.73 16.41
CA PRO C 1019 14.02 24.70 16.49
C PRO C 1019 14.16 23.69 15.36
N HIS C 1020 14.19 22.41 15.74
CA HIS C 1020 14.28 21.27 14.82
C HIS C 1020 15.57 21.28 13.99
N GLY C 1021 16.62 21.92 14.48
CA GLY C 1021 17.84 21.98 13.70
C GLY C 1021 18.94 22.76 14.39
N VAL C 1022 19.93 23.15 13.59
CA VAL C 1022 21.09 23.90 14.05
C VAL C 1022 21.44 24.93 12.99
N VAL C 1023 21.98 26.07 13.43
CA VAL C 1023 22.45 27.12 12.55
C VAL C 1023 23.93 27.36 12.85
N PHE C 1024 24.78 27.20 11.84
CA PHE C 1024 26.22 27.36 11.98
C PHE C 1024 26.62 28.75 11.50
N LEU C 1025 27.34 29.48 12.35
CA LEU C 1025 27.89 30.78 11.99
C LEU C 1025 29.34 30.57 11.58
N HIS C 1026 29.57 30.47 10.27
CA HIS C 1026 30.89 30.15 9.73
C HIS C 1026 31.70 31.43 9.55
N VAL C 1027 32.78 31.57 10.31
CA VAL C 1027 33.69 32.69 10.18
C VAL C 1027 34.77 32.32 9.17
N THR C 1028 34.85 33.08 8.08
CA THR C 1028 35.75 32.76 6.99
C THR C 1028 36.62 33.96 6.65
N TYR C 1029 37.70 33.68 5.93
CA TYR C 1029 38.66 34.68 5.48
C TYR C 1029 38.51 34.83 3.98
N ILE C 1030 38.12 36.02 3.54
CA ILE C 1030 37.93 36.33 2.12
C ILE C 1030 39.03 37.30 1.71
N PRO C 1031 40.02 36.88 0.93
CA PRO C 1031 41.00 37.84 0.41
C PRO C 1031 40.36 38.79 -0.59
N SER C 1032 40.86 40.03 -0.60
CA SER C 1032 40.25 41.08 -1.40
C SER C 1032 41.30 42.11 -1.76
N GLN C 1033 40.91 43.01 -2.69
CA GLN C 1033 41.73 44.12 -3.16
C GLN C 1033 43.05 43.62 -3.76
N GLU C 1034 42.92 42.80 -4.79
CA GLU C 1034 44.09 42.23 -5.44
C GLU C 1034 44.81 43.27 -6.29
N ARG C 1035 46.11 43.05 -6.49
CA ARG C 1035 46.95 43.92 -7.28
C ARG C 1035 47.75 43.08 -8.27
N ASN C 1036 47.86 43.56 -9.50
CA ASN C 1036 48.67 42.88 -10.51
C ASN C 1036 50.14 42.99 -10.18
N PHE C 1037 50.86 41.88 -10.34
CA PHE C 1037 52.31 41.86 -10.17
C PHE C 1037 52.93 40.99 -11.26
N THR C 1038 54.05 41.44 -11.81
CA THR C 1038 54.83 40.58 -12.67
C THR C 1038 55.51 39.51 -11.84
N THR C 1039 55.40 38.26 -12.26
CA THR C 1039 55.86 37.12 -11.46
C THR C 1039 56.81 36.27 -12.28
N ALA C 1040 57.61 35.48 -11.56
CA ALA C 1040 58.54 34.53 -12.14
C ALA C 1040 58.48 33.23 -11.35
N PRO C 1041 58.66 32.09 -12.01
CA PRO C 1041 58.71 30.83 -11.27
C PRO C 1041 59.95 30.67 -10.41
N ALA C 1042 61.08 31.21 -10.84
CA ALA C 1042 62.33 31.04 -10.11
C ALA C 1042 63.27 32.18 -10.47
N ILE C 1043 64.38 32.26 -9.74
CA ILE C 1043 65.36 33.33 -9.88
C ILE C 1043 66.71 32.73 -10.18
N CYS C 1044 67.36 33.20 -11.25
CA CYS C 1044 68.70 32.76 -11.63
C CYS C 1044 69.70 33.79 -11.10
N HIS C 1045 70.10 33.63 -9.84
CA HIS C 1045 71.07 34.52 -9.22
C HIS C 1045 72.49 34.24 -9.71
N GLU C 1046 72.80 32.98 -9.97
CA GLU C 1046 74.11 32.52 -10.41
C GLU C 1046 73.87 31.30 -11.31
N GLY C 1047 74.90 30.47 -11.45
CA GLY C 1047 74.73 29.21 -12.19
C GLY C 1047 73.66 28.30 -11.62
N LYS C 1048 73.30 28.47 -10.35
CA LYS C 1048 72.20 27.75 -9.73
C LYS C 1048 70.90 28.55 -9.83
N ALA C 1049 69.80 27.91 -9.47
CA ALA C 1049 68.48 28.50 -9.53
C ALA C 1049 67.82 28.49 -8.15
N HIS C 1050 67.10 29.55 -7.84
CA HIS C 1050 66.45 29.71 -6.54
C HIS C 1050 64.94 29.64 -6.70
N PHE C 1051 64.30 28.77 -5.91
CA PHE C 1051 62.87 28.59 -5.87
C PHE C 1051 62.31 29.05 -4.53
N PRO C 1052 61.13 29.64 -4.48
CA PRO C 1052 60.62 30.15 -3.20
C PRO C 1052 60.17 29.03 -2.27
N ARG C 1053 60.47 29.18 -0.99
CA ARG C 1053 60.05 28.20 0.00
C ARG C 1053 58.54 28.25 0.21
N GLU C 1054 58.04 29.38 0.70
CA GLU C 1054 56.61 29.61 0.86
C GLU C 1054 56.27 30.94 0.22
N GLY C 1055 55.54 30.89 -0.89
CA GLY C 1055 55.09 32.10 -1.55
C GLY C 1055 55.51 32.14 -3.01
N VAL C 1056 55.45 33.36 -3.56
CA VAL C 1056 55.72 33.60 -4.97
C VAL C 1056 56.69 34.76 -5.11
N PHE C 1057 57.37 34.79 -6.25
CA PHE C 1057 58.23 35.91 -6.61
C PHE C 1057 57.39 36.97 -7.33
N VAL C 1058 57.47 38.21 -6.86
CA VAL C 1058 56.74 39.31 -7.47
C VAL C 1058 57.70 40.46 -7.72
N SER C 1059 57.33 41.32 -8.66
CA SER C 1059 58.10 42.51 -8.99
C SER C 1059 57.16 43.70 -9.10
N ASN C 1060 57.54 44.82 -8.50
CA ASN C 1060 56.77 46.05 -8.58
C ASN C 1060 57.22 46.95 -9.73
N GLY C 1061 57.90 46.38 -10.72
CA GLY C 1061 58.37 47.16 -11.86
C GLY C 1061 59.87 47.25 -11.93
N THR C 1062 60.53 47.46 -10.80
CA THR C 1062 61.98 47.60 -10.74
C THR C 1062 62.66 46.49 -9.98
N HIS C 1063 62.26 46.23 -8.75
CA HIS C 1063 62.91 45.24 -7.89
C HIS C 1063 62.02 44.01 -7.73
N TRP C 1064 62.65 42.90 -7.40
CA TRP C 1064 61.95 41.63 -7.22
C TRP C 1064 61.86 41.29 -5.74
N PHE C 1065 60.66 40.93 -5.29
CA PHE C 1065 60.41 40.57 -3.90
C PHE C 1065 59.75 39.20 -3.85
N ILE C 1066 59.66 38.65 -2.65
CA ILE C 1066 58.96 37.41 -2.38
C ILE C 1066 57.90 37.67 -1.31
N THR C 1067 56.67 37.25 -1.59
CA THR C 1067 55.56 37.47 -0.68
C THR C 1067 54.74 36.20 -0.56
N GLN C 1068 53.99 36.10 0.53
CA GLN C 1068 53.04 35.00 0.67
C GLN C 1068 51.86 35.21 -0.26
N ARG C 1069 51.16 34.12 -0.57
CA ARG C 1069 50.19 34.13 -1.66
C ARG C 1069 48.93 34.89 -1.31
N ASN C 1070 48.46 34.77 -0.07
CA ASN C 1070 47.15 35.29 0.31
C ASN C 1070 47.21 36.71 0.88
N PHE C 1071 48.38 37.32 0.96
CA PHE C 1071 48.51 38.68 1.47
C PHE C 1071 49.80 39.27 0.92
N TYR C 1072 49.73 40.49 0.41
CA TYR C 1072 50.90 41.12 -0.18
C TYR C 1072 51.81 41.63 0.93
N GLU C 1073 52.88 40.88 1.20
CA GLU C 1073 53.91 41.27 2.16
C GLU C 1073 55.25 41.10 1.47
N PRO C 1074 55.70 42.11 0.71
CA PRO C 1074 56.94 41.97 -0.04
C PRO C 1074 58.16 41.92 0.88
N GLN C 1075 59.02 40.94 0.64
CA GLN C 1075 60.22 40.72 1.43
C GLN C 1075 61.43 40.67 0.51
N ILE C 1076 62.60 40.95 1.09
CA ILE C 1076 63.85 40.84 0.35
C ILE C 1076 64.15 39.37 0.10
N ILE C 1077 64.47 39.05 -1.15
CA ILE C 1077 64.78 37.67 -1.54
C ILE C 1077 66.14 37.28 -1.00
N THR C 1078 66.14 36.49 0.07
CA THR C 1078 67.37 36.02 0.72
C THR C 1078 67.52 34.52 0.53
N THR C 1079 68.63 33.98 1.06
CA THR C 1079 68.86 32.55 1.01
C THR C 1079 67.98 31.79 1.99
N ASP C 1080 67.48 32.46 3.03
CA ASP C 1080 66.53 31.83 3.93
C ASP C 1080 65.13 31.78 3.32
N ASN C 1081 64.79 32.75 2.47
CA ASN C 1081 63.48 32.78 1.85
C ASN C 1081 63.34 31.72 0.76
N THR C 1082 64.44 31.34 0.12
CA THR C 1082 64.42 30.48 -1.05
C THR C 1082 65.24 29.21 -0.77
N PHE C 1083 65.25 28.32 -1.75
CA PHE C 1083 66.13 27.15 -1.73
C PHE C 1083 66.68 26.92 -3.13
N VAL C 1084 67.82 26.25 -3.19
CA VAL C 1084 68.58 26.05 -4.42
C VAL C 1084 68.31 24.64 -4.94
N SER C 1085 67.96 24.53 -6.22
CA SER C 1085 67.72 23.23 -6.84
C SER C 1085 68.11 23.32 -8.31
N GLY C 1086 69.27 22.77 -8.65
CA GLY C 1086 69.68 22.67 -10.04
C GLY C 1086 70.14 23.99 -10.62
N THR C 1087 70.35 23.97 -11.93
CA THR C 1087 70.76 25.14 -12.68
C THR C 1087 69.55 25.90 -13.20
N CYS C 1088 69.79 27.11 -13.71
CA CYS C 1088 68.73 28.02 -14.11
C CYS C 1088 68.46 27.98 -15.62
N ASP C 1089 69.04 27.03 -16.35
CA ASP C 1089 68.83 26.93 -17.78
C ASP C 1089 67.69 26.01 -18.18
N VAL C 1090 67.01 25.39 -17.21
CA VAL C 1090 65.96 24.43 -17.49
C VAL C 1090 64.57 24.92 -17.08
N VAL C 1091 64.49 25.97 -16.27
CA VAL C 1091 63.21 26.51 -15.82
C VAL C 1091 62.69 27.48 -16.86
N ILE C 1092 61.48 27.23 -17.36
CA ILE C 1092 60.85 28.12 -18.32
C ILE C 1092 60.31 29.35 -17.60
N GLY C 1093 60.68 30.53 -18.07
CA GLY C 1093 60.29 31.76 -17.40
C GLY C 1093 61.25 32.24 -16.34
N ILE C 1094 62.47 31.71 -16.32
CA ILE C 1094 63.45 32.07 -15.30
C ILE C 1094 63.87 33.54 -15.48
N VAL C 1095 64.09 34.23 -14.37
CA VAL C 1095 64.37 35.67 -14.37
C VAL C 1095 65.63 35.91 -13.56
N ASN C 1096 66.59 36.64 -14.14
CA ASN C 1096 67.83 36.96 -13.49
C ASN C 1096 67.62 38.06 -12.45
N ASN C 1097 67.99 37.79 -11.20
CA ASN C 1097 67.94 38.78 -10.13
C ASN C 1097 68.88 38.34 -9.03
N THR C 1098 69.32 39.31 -8.23
CA THR C 1098 70.24 39.02 -7.13
C THR C 1098 69.49 38.43 -5.94
N VAL C 1099 70.20 37.62 -5.17
CA VAL C 1099 69.68 37.02 -3.94
C VAL C 1099 70.60 37.42 -2.79
N TYR C 1100 70.01 38.00 -1.75
CA TYR C 1100 70.78 38.48 -0.61
C TYR C 1100 71.31 37.29 0.19
N ASP C 1101 72.53 37.42 0.71
CA ASP C 1101 73.12 36.42 1.58
C ASP C 1101 73.76 37.11 2.78
N PRO C 1102 73.17 36.98 3.98
CA PRO C 1102 73.74 37.60 5.19
C PRO C 1102 75.00 36.90 5.67
C1 NAG D . -41.60 18.67 22.26
C2 NAG D . -41.60 20.20 22.05
C3 NAG D . -40.97 20.89 23.27
C4 NAG D . -41.62 20.42 24.57
C5 NAG D . -41.60 18.89 24.63
C6 NAG D . -42.25 18.29 25.86
C7 NAG D . -41.48 20.76 19.67
C8 NAG D . -40.55 21.11 18.52
N2 NAG D . -40.88 20.54 20.85
O3 NAG D . -41.11 22.27 23.08
O4 NAG D . -40.89 21.00 25.62
O5 NAG D . -42.23 18.37 23.48
O6 NAG D . -43.60 18.71 25.92
O7 NAG D . -42.68 20.69 19.49
C1 NAG D . -41.73 21.91 26.35
C2 NAG D . -41.05 22.23 27.69
C3 NAG D . -41.85 23.29 28.45
C4 NAG D . -42.13 24.50 27.58
C5 NAG D . -42.79 24.03 26.27
C6 NAG D . -43.11 25.16 25.31
C7 NAG D . -39.76 20.31 28.53
C8 NAG D . -39.83 19.08 29.40
N2 NAG D . -40.89 21.03 28.47
O3 NAG D . -41.11 23.62 29.60
O4 NAG D . -42.98 25.36 28.32
O5 NAG D . -41.94 23.12 25.63
O6 NAG D . -41.92 25.81 24.93
O7 NAG D . -38.74 20.59 27.92
C1 NAG E . -59.77 -3.91 6.54
C2 NAG E . -59.93 -4.18 8.04
C3 NAG E . -61.03 -5.21 8.26
C4 NAG E . -62.31 -4.77 7.57
C5 NAG E . -62.05 -4.48 6.11
C6 NAG E . -63.25 -3.90 5.39
C7 NAG E . -57.82 -5.51 8.48
C8 NAG E . -58.23 -6.62 7.56
N2 NAG E . -58.65 -4.48 8.65
O3 NAG E . -61.22 -5.39 9.65
O4 NAG E . -63.26 -5.83 7.67
O5 NAG E . -61.01 -3.49 5.99
O6 NAG E . -64.33 -4.84 5.33
O7 NAG E . -56.73 -5.53 9.06
C1 NAG E . -64.40 -5.61 8.44
C2 NAG E . -65.24 -6.87 8.27
C3 NAG E . -66.43 -6.84 9.23
C4 NAG E . -65.99 -6.49 10.64
C5 NAG E . -65.22 -5.18 10.63
C6 NAG E . -64.72 -4.77 11.99
C7 NAG E . -65.15 -7.87 6.06
C8 NAG E . -64.22 -8.88 6.66
N2 NAG E . -65.66 -6.98 6.89
O3 NAG E . -67.07 -8.11 9.19
O4 NAG E . -67.15 -6.33 11.46
O5 NAG E . -64.06 -5.36 9.80
O6 NAG E . -63.82 -5.72 12.52
O7 NAG E . -65.42 -7.87 4.86
C1 NAG F . -54.58 -6.12 16.16
C2 NAG F . -55.90 -6.03 16.94
C3 NAG F . -56.35 -4.57 16.94
C4 NAG F . -55.26 -3.64 17.47
C5 NAG F . -53.93 -3.92 16.74
C6 NAG F . -52.76 -3.12 17.25
C7 NAG F . -57.36 -8.00 16.95
C8 NAG F . -58.40 -8.75 16.16
N2 NAG F . -56.90 -6.89 16.36
O3 NAG F . -57.53 -4.52 17.70
O4 NAG F . -55.68 -2.32 17.29
O5 NAG F . -53.63 -5.30 16.81
O6 NAG F . -52.62 -3.29 18.64
O7 NAG F . -56.98 -8.41 18.03
C1 NAG F . -56.05 -1.74 18.55
C2 NAG F . -55.90 -0.21 18.45
C3 NAG F . -56.40 0.44 19.74
C4 NAG F . -57.80 -0.03 20.10
C5 NAG F . -57.83 -1.57 20.14
C6 NAG F . -59.18 -2.16 20.41
C7 NAG F . -54.04 0.39 16.96
C8 NAG F . -52.59 0.79 16.94
N2 NAG F . -54.55 0.17 18.19
O3 NAG F . -56.35 1.83 19.57
O4 NAG F . -58.13 0.52 21.35
O5 NAG F . -57.38 -2.06 18.89
O6 NAG F . -60.08 -1.76 19.41
O7 NAG F . -54.70 0.30 15.94
C1 NAG G . -35.46 -12.45 29.43
C2 NAG G . -36.15 -11.47 28.48
C3 NAG G . -36.27 -10.09 29.10
C4 NAG G . -36.89 -10.16 30.51
C5 NAG G . -36.12 -11.19 31.33
C6 NAG G . -36.68 -11.37 32.72
C7 NAG G . -35.88 -12.03 26.09
C8 NAG G . -35.01 -11.81 24.88
N2 NAG G . -35.47 -11.40 27.22
O3 NAG G . -37.04 -9.32 28.21
O4 NAG G . -36.77 -8.90 31.10
O5 NAG G . -36.12 -12.44 30.67
O6 NAG G . -37.98 -11.92 32.64
O7 NAG G . -36.88 -12.72 26.05
C1 NAG G . -38.03 -8.22 31.11
C2 NAG G . -38.11 -7.33 32.36
C3 NAG G . -39.35 -6.45 32.30
C4 NAG G . -39.47 -5.71 30.97
C5 NAG G . -39.36 -6.71 29.81
C6 NAG G . -39.35 -6.11 28.43
C7 NAG G . -37.08 -8.23 34.40
C8 NAG G . -37.32 -9.11 35.60
N2 NAG G . -38.11 -8.12 33.56
O3 NAG G . -39.31 -5.57 33.39
O4 NAG G . -40.74 -5.10 31.03
O5 NAG G . -38.16 -7.43 29.96
O6 NAG G . -40.60 -5.55 28.12
O7 NAG G . -36.00 -7.67 34.23
C1 BMA G . -40.65 -3.68 30.83
C2 BMA G . -42.01 -3.26 30.30
C3 BMA G . -42.06 -1.73 30.03
C4 BMA G . -41.13 -0.87 30.92
C5 BMA G . -40.56 -1.58 32.16
C6 BMA G . -41.34 -1.31 33.45
O2 BMA G . -42.98 -3.67 31.21
O3 BMA G . -43.42 -1.38 30.10
O4 BMA G . -40.08 -0.46 30.07
O5 BMA G . -40.35 -2.98 32.04
O6 BMA G . -42.64 -1.83 33.29
C1 MAN G . -43.95 -1.23 28.76
C2 MAN G . -45.13 -0.25 28.82
C3 MAN G . -46.24 -0.87 29.65
C4 MAN G . -46.68 -2.21 29.07
C5 MAN G . -45.46 -3.12 28.93
C6 MAN G . -45.77 -4.38 28.15
O2 MAN G . -45.54 -0.08 27.48
O3 MAN G . -47.31 0.06 29.68
O4 MAN G . -47.65 -2.75 29.94
O5 MAN G . -44.41 -2.46 28.24
O6 MAN G . -44.59 -5.12 27.98
C1 MAN G . -45.09 1.20 26.99
C2 MAN G . -46.11 1.68 25.96
C3 MAN G . -46.10 0.73 24.77
C4 MAN G . -44.69 0.59 24.18
C5 MAN G . -43.71 0.20 25.30
C6 MAN G . -42.27 0.26 24.82
O2 MAN G . -45.74 2.99 25.60
O3 MAN G . -47.01 1.23 23.82
O4 MAN G . -44.75 -0.40 23.18
O5 MAN G . -43.82 1.10 26.39
O6 MAN G . -42.00 1.55 24.33
C1 NAG H . -36.53 -37.43 32.25
C2 NAG H . -37.69 -37.21 33.24
C3 NAG H . -37.54 -38.16 34.42
C4 NAG H . -37.34 -39.61 34.00
C5 NAG H . -36.23 -39.69 32.93
C6 NAG H . -36.03 -41.06 32.32
C7 NAG H . -38.81 -35.01 33.62
C8 NAG H . -40.06 -35.57 32.99
N2 NAG H . -37.74 -35.85 33.69
O3 NAG H . -38.66 -38.01 35.25
O4 NAG H . -37.00 -40.33 35.15
O5 NAG H . -36.53 -38.78 31.88
O6 NAG H . -35.20 -40.96 31.19
O7 NAG H . -38.77 -33.87 34.03
C1 NAG H . -37.97 -41.37 35.42
C2 NAG H . -37.29 -42.44 36.27
C3 NAG H . -38.29 -43.55 36.59
C4 NAG H . -39.56 -42.97 37.21
C5 NAG H . -40.11 -41.85 36.32
C6 NAG H . -41.33 -41.17 36.89
C7 NAG H . -34.86 -42.66 35.95
C8 NAG H . -33.79 -43.32 35.11
N2 NAG H . -36.12 -42.96 35.60
O3 NAG H . -37.66 -44.47 37.44
O4 NAG H . -40.48 -44.03 37.35
O5 NAG H . -39.10 -40.88 36.11
O6 NAG H . -41.71 -40.10 36.05
O7 NAG H . -34.58 -41.91 36.86
C1 NAG I . -43.58 -40.81 4.13
C2 NAG I . -43.11 -42.04 3.35
C3 NAG I . -44.28 -42.61 2.54
C4 NAG I . -45.47 -42.89 3.45
C5 NAG I . -45.82 -41.61 4.23
C6 NAG I . -46.96 -41.76 5.21
C7 NAG I . -40.72 -42.03 2.81
C8 NAG I . -39.70 -41.61 1.78
N2 NAG I . -42.00 -41.72 2.50
O3 NAG I . -43.83 -43.77 1.89
O4 NAG I . -46.54 -43.31 2.62
O5 NAG I . -44.67 -41.17 4.94
O6 NAG I . -46.72 -42.89 6.03
O7 NAG I . -40.40 -42.60 3.84
C1 NAG I . -46.89 -44.68 2.95
C2 NAG I . -48.24 -44.99 2.31
C3 NAG I . -48.61 -46.46 2.57
C4 NAG I . -47.48 -47.40 2.17
C5 NAG I . -46.17 -46.93 2.84
C6 NAG I . -44.97 -47.77 2.49
C7 NAG I . -49.70 -43.02 2.17
C8 NAG I . -50.77 -42.23 2.90
N2 NAG I . -49.26 -44.11 2.81
O3 NAG I . -49.79 -46.73 1.86
O4 NAG I . -47.85 -48.69 2.58
O5 NAG I . -45.92 -45.58 2.47
O6 NAG I . -44.82 -47.82 1.09
O7 NAG I . -49.26 -42.65 1.09
C1 NAG J . -35.93 -44.64 -4.23
C2 NAG J . -34.56 -44.40 -3.59
C3 NAG J . -34.29 -45.50 -2.55
C4 NAG J . -35.49 -45.95 -1.71
C5 NAG J . -36.85 -45.77 -2.42
C6 NAG J . -38.04 -45.78 -1.48
C7 NAG J . -32.80 -43.35 -5.01
C8 NAG J . -33.10 -42.03 -4.37
N2 NAG J . -33.53 -44.41 -4.59
O3 NAG J . -33.22 -45.07 -1.75
O4 NAG J . -35.27 -47.33 -1.53
O5 NAG J . -36.90 -44.59 -3.20
O6 NAG J . -39.21 -45.50 -2.20
O7 NAG J . -31.93 -43.45 -5.87
C1 NAG J . -35.03 -47.70 -0.15
C2 NAG J . -34.98 -49.24 -0.12
C3 NAG J . -34.49 -49.77 1.23
C4 NAG J . -33.21 -49.05 1.67
C5 NAG J . -33.47 -47.55 1.65
C6 NAG J . -32.30 -46.72 2.11
C7 NAG J . -36.50 -50.89 -1.17
C8 NAG J . -37.95 -51.27 -1.34
N2 NAG J . -36.28 -49.78 -0.42
O3 NAG J . -34.30 -51.15 1.10
O4 NAG J . -32.91 -49.52 2.96
O5 NAG J . -33.82 -47.16 0.33
O6 NAG J . -32.67 -45.36 2.17
O7 NAG J . -35.60 -51.53 -1.68
C1 NAG K . -18.71 -39.79 -18.26
C2 NAG K . -19.90 -40.68 -18.67
C3 NAG K . -20.00 -41.68 -17.51
C4 NAG K . -18.67 -42.37 -17.15
C5 NAG K . -17.39 -41.68 -17.70
C6 NAG K . -16.49 -42.65 -18.44
C7 NAG K . -21.83 -40.22 -20.07
C8 NAG K . -23.10 -39.41 -20.26
N2 NAG K . -21.13 -39.97 -18.94
O3 NAG K . -21.01 -42.61 -17.82
O4 NAG K . -18.69 -42.42 -15.72
O5 NAG K . -17.60 -40.58 -18.58
O6 NAG K . -17.28 -43.50 -19.24
O7 NAG K . -21.48 -41.05 -20.90
C1 NAG K . -17.71 -43.30 -15.13
C2 NAG K . -17.95 -43.28 -13.61
C3 NAG K . -17.18 -44.41 -12.89
C4 NAG K . -17.12 -45.74 -13.64
C5 NAG K . -16.81 -45.47 -15.11
C6 NAG K . -16.70 -46.70 -15.98
C7 NAG K . -17.83 -41.49 -11.87
C8 NAG K . -17.23 -40.14 -11.59
N2 NAG K . -17.52 -42.01 -13.07
O3 NAG K . -17.78 -44.57 -11.63
O4 NAG K . -16.06 -46.46 -13.05
O5 NAG K . -17.82 -44.61 -15.62
O6 NAG K . -15.90 -46.41 -17.10
O7 NAG K . -18.53 -42.06 -11.04
C1 BMA K . -16.50 -47.56 -12.21
C2 BMA K . -15.38 -47.76 -11.19
C3 BMA K . -15.72 -48.90 -10.19
C4 BMA K . -17.23 -49.22 -10.02
C5 BMA K . -18.17 -48.08 -10.43
C6 BMA K . -18.49 -47.15 -9.27
O2 BMA K . -15.17 -46.53 -10.54
O3 BMA K . -15.11 -48.54 -8.98
O4 BMA K . -17.47 -50.38 -10.80
O5 BMA K . -17.73 -47.31 -11.56
O6 BMA K . -19.06 -47.93 -8.24
C1 MAN K . -20.29 -47.30 -7.81
C2 MAN K . -20.38 -47.41 -6.28
C3 MAN K . -20.61 -48.86 -5.83
C4 MAN K . -21.71 -49.55 -6.62
C5 MAN K . -21.54 -49.32 -8.13
C6 MAN K . -22.76 -49.77 -8.91
O2 MAN K . -21.43 -46.56 -5.87
O3 MAN K . -20.97 -48.81 -4.46
O4 MAN K . -21.63 -50.93 -6.31
O5 MAN K . -21.40 -47.92 -8.39
O6 MAN K . -23.42 -48.63 -9.41
C1 MAN K . -19.81 -48.59 -3.62
C2 MAN K . -19.85 -49.61 -2.47
C3 MAN K . -20.98 -49.30 -1.49
C4 MAN K . -21.04 -47.82 -1.10
C5 MAN K . -20.98 -46.96 -2.36
C6 MAN K . -20.90 -45.47 -2.06
O2 MAN K . -18.59 -49.56 -1.83
O3 MAN K . -20.79 -50.11 -0.37
O4 MAN K . -22.24 -47.63 -0.39
O5 MAN K . -19.82 -47.30 -3.09
O6 MAN K . -20.54 -44.79 -3.24
C1 NAG L . -12.61 -47.44 12.83
C2 NAG L . -12.01 -47.63 14.23
C3 NAG L . -10.67 -48.36 14.13
C4 NAG L . -10.77 -49.63 13.29
C5 NAG L . -11.41 -49.28 11.93
C6 NAG L . -11.61 -50.46 10.99
C7 NAG L . -12.62 -45.85 15.87
C8 NAG L . -13.74 -46.72 16.36
N2 NAG L . -11.86 -46.36 14.87
O3 NAG L . -10.25 -48.65 15.45
O4 NAG L . -9.46 -50.10 13.12
O5 NAG L . -12.67 -48.68 12.16
O6 NAG L . -12.39 -51.44 11.63
O7 NAG L . -12.42 -44.75 16.36
C1 NAG L . -9.32 -51.39 13.77
C2 NAG L . -8.03 -52.03 13.25
C3 NAG L . -7.78 -53.35 13.98
C4 NAG L . -7.83 -53.16 15.50
C5 NAG L . -9.16 -52.49 15.86
C6 NAG L . -9.32 -52.22 17.34
C7 NAG L . -7.51 -51.51 10.86
C8 NAG L . -6.64 -50.37 11.33
N2 NAG L . -8.12 -52.23 11.82
O3 NAG L . -6.53 -53.83 13.56
O4 NAG L . -7.72 -54.43 16.09
O5 NAG L . -9.25 -51.25 15.17
O6 NAG L . -8.31 -51.36 17.79
O7 NAG L . -7.64 -51.75 9.67
C1 NAG M . -28.16 -36.03 -40.99
C2 NAG M . -28.61 -37.49 -41.09
C3 NAG M . -28.37 -38.00 -42.51
C4 NAG M . -28.96 -37.07 -43.57
C5 NAG M . -28.47 -35.64 -43.31
C6 NAG M . -29.04 -34.59 -44.24
C7 NAG M . -28.48 -39.10 -39.19
C8 NAG M . -29.99 -39.11 -39.12
N2 NAG M . -27.92 -38.31 -40.13
O3 NAG M . -28.92 -39.29 -42.60
O4 NAG M . -28.51 -37.55 -44.81
O5 NAG M . -28.82 -35.27 -41.99
O6 NAG M . -30.43 -34.52 -44.08
O7 NAG M . -27.82 -39.77 -38.42
C1 NAG M . -29.64 -37.94 -45.63
C2 NAG M . -29.21 -37.86 -47.10
C3 NAG M . -30.37 -38.35 -47.98
C4 NAG M . -30.85 -39.72 -47.55
C5 NAG M . -31.19 -39.69 -46.05
C6 NAG M . -31.65 -41.01 -45.49
C7 NAG M . -27.55 -36.13 -47.58
C8 NAG M . -27.37 -34.67 -47.94
N2 NAG M . -28.82 -36.53 -47.44
O3 NAG M . -29.91 -38.36 -49.31
O4 NAG M . -31.99 -40.03 -48.33
O5 NAG M . -30.05 -39.26 -45.34
O6 NAG M . -30.62 -41.97 -45.62
O7 NAG M . -26.59 -36.87 -47.44
C1 NAG N . -48.63 -7.19 -29.71
C2 NAG N . -47.13 -7.25 -30.04
C3 NAG N . -47.02 -7.31 -31.57
C4 NAG N . -47.95 -8.35 -32.21
C5 NAG N . -49.29 -8.54 -31.46
C6 NAG N . -50.01 -9.84 -31.79
C7 NAG N . -46.46 -4.86 -29.61
C8 NAG N . -45.45 -4.06 -28.80
N2 NAG N . -46.35 -6.20 -29.44
O3 NAG N . -45.67 -7.52 -31.90
O4 NAG N . -48.23 -7.86 -33.51
O5 NAG N . -49.16 -8.44 -30.06
O6 NAG N . -51.16 -9.94 -30.99
O7 NAG N . -47.27 -4.29 -30.32
C1 NAG N . -47.61 -8.61 -34.56
C2 NAG N . -48.30 -8.20 -35.86
C3 NAG N . -47.58 -8.75 -37.08
C4 NAG N . -46.08 -8.46 -37.02
C5 NAG N . -45.54 -9.00 -35.69
C6 NAG N . -44.05 -8.80 -35.49
C7 NAG N . -50.77 -7.90 -36.14
C8 NAG N . -50.52 -6.44 -36.45
N2 NAG N . -49.67 -8.65 -35.88
O3 NAG N . -48.16 -8.17 -38.22
O4 NAG N . -45.47 -9.09 -38.12
O5 NAG N . -46.23 -8.34 -34.64
O6 NAG N . -43.67 -9.39 -34.27
O7 NAG N . -51.90 -8.35 -36.13
C1 NAG O . -58.07 10.42 -17.63
C2 NAG O . -58.67 9.35 -16.70
C3 NAG O . -59.41 8.33 -17.54
C4 NAG O . -60.50 9.06 -18.34
C5 NAG O . -59.89 10.23 -19.14
C6 NAG O . -60.93 11.12 -19.79
C7 NAG O . -56.54 8.19 -16.00
C8 NAG O . -55.83 7.78 -14.74
N2 NAG O . -57.71 8.81 -15.77
O3 NAG O . -59.96 7.39 -16.65
O4 NAG O . -61.13 8.10 -19.17
O5 NAG O . -59.13 11.06 -18.28
O6 NAG O . -61.60 11.86 -18.78
O7 NAG O . -56.06 7.96 -17.11
C1 NAG O . -62.48 7.93 -18.68
C2 NAG O . -63.41 7.70 -19.88
C3 NAG O . -64.83 7.38 -19.40
C4 NAG O . -64.82 6.26 -18.37
C5 NAG O . -63.85 6.62 -17.24
C6 NAG O . -63.71 5.55 -16.17
C7 NAG O . -62.77 9.04 -21.89
C8 NAG O . -61.96 7.87 -22.40
N2 NAG O . -63.40 8.87 -20.71
O3 NAG O . -65.60 7.05 -20.51
O4 NAG O . -66.14 6.09 -17.89
O5 NAG O . -62.56 6.83 -17.80
O6 NAG O . -63.11 4.40 -16.72
O7 NAG O . -62.81 10.08 -22.53
C1 NAG P . -40.06 13.32 -22.29
C2 NAG P . -39.86 11.94 -22.92
C3 NAG P . -39.26 12.04 -24.32
C4 NAG P . -40.00 13.04 -25.21
C5 NAG P . -40.17 14.37 -24.45
C6 NAG P . -41.01 15.37 -25.19
C7 NAG P . -39.54 10.06 -21.35
C8 NAG P . -38.52 9.32 -20.53
N2 NAG P . -39.06 11.10 -22.07
O3 NAG P . -39.30 10.74 -24.83
O4 NAG P . -39.23 13.26 -26.37
O5 NAG P . -40.78 14.13 -23.19
O6 NAG P . -42.27 14.82 -25.47
O7 NAG P . -40.72 9.74 -21.35
C1 NAG P . -39.73 12.50 -27.49
C2 NAG P . -39.48 13.30 -28.77
C3 NAG P . -39.86 12.45 -29.99
C4 NAG P . -39.19 11.08 -29.98
C5 NAG P . -39.46 10.40 -28.61
C6 NAG P . -38.74 9.09 -28.39
C7 NAG P . -39.70 15.74 -28.52
C8 NAG P . -40.68 16.89 -28.58
N2 NAG P . -40.23 14.52 -28.77
O3 NAG P . -39.50 13.18 -31.14
O4 NAG P . -39.78 10.38 -31.04
O5 NAG P . -39.06 11.27 -27.57
O6 NAG P . -39.28 8.10 -29.23
O7 NAG P . -38.52 15.92 -28.26
C1 BMA P . -38.78 9.88 -31.96
C2 BMA P . -39.40 8.63 -32.59
C3 BMA P . -38.44 7.98 -33.61
C4 BMA P . -37.42 8.94 -34.28
C5 BMA P . -37.76 10.43 -34.14
C6 BMA P . -38.50 11.01 -35.36
O2 BMA P . -40.62 8.99 -33.16
O3 BMA P . -39.27 7.31 -34.54
O4 BMA P . -36.18 8.67 -33.65
O5 BMA P . -38.44 10.82 -32.96
O6 BMA P . -39.77 10.39 -35.43
C1 MAN P . -39.21 5.89 -34.31
C2 MAN P . -39.53 5.18 -35.64
C3 MAN P . -40.99 5.42 -36.01
C4 MAN P . -41.93 5.02 -34.88
C5 MAN P . -41.51 5.73 -33.59
C6 MAN P . -42.28 5.23 -32.39
O2 MAN P . -39.26 3.82 -35.44
O3 MAN P . -41.25 4.70 -37.19
O4 MAN P . -43.24 5.38 -35.27
O5 MAN P . -40.13 5.49 -33.33
O6 MAN P . -42.15 6.17 -31.34
C1 NAG Q . -48.99 -19.69 -29.29
C2 NAG Q . -49.59 -18.32 -29.62
C3 NAG Q . -51.09 -18.37 -29.32
C4 NAG Q . -51.74 -19.48 -30.15
C5 NAG Q . -51.00 -20.81 -29.90
C6 NAG Q . -51.49 -21.95 -30.77
C7 NAG Q . -48.00 -16.46 -29.49
C8 NAG Q . -47.39 -15.42 -28.58
N2 NAG Q . -48.91 -17.27 -28.91
O3 NAG Q . -51.61 -17.10 -29.60
O4 NAG Q . -53.10 -19.56 -29.76
O5 NAG Q . -49.61 -20.65 -30.13
O6 NAG Q . -51.30 -21.63 -32.13
O7 NAG Q . -47.70 -16.54 -30.67
C1 NAG Q . -53.92 -19.09 -30.85
C2 NAG Q . -55.33 -19.69 -30.69
C3 NAG Q . -56.27 -19.10 -31.75
C4 NAG Q . -56.21 -17.58 -31.77
C5 NAG Q . -54.75 -17.13 -31.91
C6 NAG Q . -54.56 -15.63 -31.91
C7 NAG Q . -54.93 -21.97 -31.71
C8 NAG Q . -55.06 -23.43 -31.37
N2 NAG Q . -55.32 -21.14 -30.72
O3 NAG Q . -57.57 -19.57 -31.47
O4 NAG Q . -57.00 -17.13 -32.86
O5 NAG Q . -54.01 -17.68 -30.84
O6 NAG Q . -54.96 -15.11 -30.67
O7 NAG Q . -54.49 -21.62 -32.80
CHA BLA R . -15.30 -36.53 37.29
NA BLA R . -16.73 -34.83 36.28
C1A BLA R . -15.71 -35.75 36.23
C2A BLA R . -15.19 -35.74 34.90
C3A BLA R . -15.91 -34.81 34.18
C4A BLA R . -16.88 -34.22 35.05
CMA BLA R . -15.71 -34.45 32.75
CAA BLA R . -14.07 -36.59 34.40
CBA BLA R . -14.57 -37.92 33.85
CGA BLA R . -13.47 -38.94 33.61
O1A BLA R . -12.78 -39.31 34.58
O2A BLA R . -13.29 -39.36 32.45
CHB BLA R . -17.83 -33.26 34.82
NB BLA R . -19.28 -33.96 36.62
C1B BLA R . -18.87 -33.08 35.64
C2B BLA R . -19.72 -31.93 35.67
C3B BLA R . -20.78 -32.22 36.56
C4B BLA R . -20.45 -33.52 37.19
CMB BLA R . -19.53 -30.66 34.92
OB BLA R . -21.07 -34.09 38.06
CAB BLA R . -21.92 -31.45 36.77
CBB BLA R . -22.83 -31.67 37.68
NC BLA R . -17.71 -32.96 39.56
C1C BLA R . -18.50 -31.85 39.36
C2C BLA R . -19.58 -31.87 40.32
C3C BLA R . -19.46 -33.10 41.01
C4C BLA R . -18.32 -33.79 40.51
CMC BLA R . -20.64 -30.83 40.56
OC BLA R . -18.29 -31.00 38.51
CAC BLA R . -20.31 -33.54 42.01
CBC BLA R . -21.58 -33.79 41.88
CHD BLA R . -17.91 -35.01 40.89
ND BLA R . -16.24 -35.33 39.18
C1D BLA R . -16.96 -35.75 40.25
C2D BLA R . -16.57 -37.11 40.59
C3D BLA R . -16.03 -37.62 39.45
C4D BLA R . -15.81 -36.47 38.58
CMD BLA R . -16.74 -37.80 41.90
CAD BLA R . -15.75 -39.05 39.09
CBD BLA R . -14.37 -39.56 39.49
CGD BLA R . -14.10 -40.99 39.08
O1D BLA R . -14.88 -41.87 39.51
O2D BLA R . -13.15 -41.23 38.32
C1 NAG S . -1.00 23.35 34.38
C2 NAG S . -0.38 24.17 33.24
C3 NAG S . 0.41 25.36 33.80
C4 NAG S . -0.44 26.17 34.78
C5 NAG S . -1.01 25.23 35.85
C6 NAG S . -1.90 25.92 36.85
C7 NAG S . 1.55 22.66 32.60
C8 NAG S . 2.11 21.94 31.41
N2 NAG S . 0.42 23.36 32.34
O3 NAG S . 0.84 26.14 32.71
O4 NAG S . 0.40 27.15 35.34
O5 NAG S . -1.74 24.20 35.22
O6 NAG S . -1.16 26.89 37.55
O7 NAG S . 2.10 22.58 33.69
C1 NAG T . -47.98 -22.52 39.77
C2 NAG T . -48.83 -23.62 40.43
C3 NAG T . -49.87 -22.99 41.36
C4 NAG T . -49.21 -22.02 42.34
C5 NAG T . -48.37 -21.01 41.56
C6 NAG T . -47.64 -20.01 42.43
C7 NAG T . -48.99 -25.62 39.01
C8 NAG T . -49.82 -26.31 37.95
N2 NAG T . -49.47 -24.44 39.43
O3 NAG T . -50.53 -24.03 42.03
O4 NAG T . -50.24 -21.38 43.06
O5 NAG T . -47.42 -21.72 40.78
O6 NAG T . -46.83 -20.68 43.36
O7 NAG T . -47.96 -26.13 39.43
C1 NAG U . -16.22 -6.00 46.51
C2 NAG U . -15.68 -4.64 46.06
C3 NAG U . -16.74 -3.58 46.35
C4 NAG U . -18.11 -3.98 45.79
C5 NAG U . -18.46 -5.42 46.20
C6 NAG U . -19.78 -5.92 45.63
C7 NAG U . -13.21 -4.31 46.18
C8 NAG U . -13.13 -4.58 44.70
N2 NAG U . -14.44 -4.36 46.73
O3 NAG U . -16.30 -2.36 45.85
O4 NAG U . -19.05 -3.06 46.30
O5 NAG U . -17.41 -6.29 45.80
O6 NAG U . -20.84 -5.22 46.24
O7 NAG U . -12.21 -4.05 46.82
C1 NAG V . 5.15 -32.16 28.35
C2 NAG V . 5.87 -31.52 29.54
C3 NAG V . 7.04 -32.40 30.00
C4 NAG V . 6.60 -33.85 30.20
C5 NAG V . 5.90 -34.34 28.93
C6 NAG V . 5.39 -35.77 29.01
C7 NAG V . 6.02 -29.05 29.81
C8 NAG V . 5.07 -29.14 30.98
N2 NAG V . 6.35 -30.20 29.21
O3 NAG V . 7.57 -31.84 31.16
O4 NAG V . 7.76 -34.61 30.48
O5 NAG V . 4.81 -33.50 28.66
O6 NAG V . 4.37 -35.86 29.98
O7 NAG V . 6.47 -27.97 29.46
C1 NAG W . 14.79 19.15 46.25
C2 NAG W . 14.75 19.21 47.78
C3 NAG W . 13.55 20.02 48.24
C4 NAG W . 13.52 21.39 47.57
C5 NAG W . 13.63 21.21 46.04
C6 NAG W . 13.69 22.51 45.28
C7 NAG W . 15.75 17.23 48.96
C8 NAG W . 17.06 17.99 49.06
N2 NAG W . 14.73 17.88 48.35
O3 NAG W . 13.60 20.13 49.64
O4 NAG W . 12.31 22.02 47.94
O5 NAG W . 14.80 20.47 45.74
O6 NAG W . 14.83 23.24 45.66
O7 NAG W . 15.66 16.11 49.41
C1 NAG X . 52.14 -10.17 21.24
C2 NAG X . 53.43 -10.76 21.83
C3 NAG X . 53.23 -12.24 22.16
C4 NAG X . 51.99 -12.46 23.01
C5 NAG X . 50.79 -11.84 22.30
C6 NAG X . 49.48 -11.94 23.07
C7 NAG X . 55.73 -10.03 21.20
C8 NAG X . 55.91 -9.50 22.60
N2 NAG X . 54.54 -10.60 20.92
O3 NAG X . 54.39 -12.70 22.79
O4 NAG X . 51.82 -13.85 23.19
O5 NAG X . 51.05 -10.46 22.09
O6 NAG X . 49.55 -11.15 24.23
O7 NAG X . 56.62 -9.94 20.37
C1 NAG Y . 53.72 9.76 30.89
C2 NAG Y . 54.91 9.87 31.85
C3 NAG Y . 55.53 8.49 32.08
C4 NAG Y . 54.47 7.49 32.52
C5 NAG Y . 53.31 7.49 31.51
C6 NAG Y . 52.17 6.56 31.87
C7 NAG Y . 56.16 11.99 31.87
C8 NAG Y . 57.24 12.78 31.16
N2 NAG Y . 55.90 10.79 31.33
O3 NAG Y . 56.55 8.62 33.03
O4 NAG Y . 55.09 6.23 32.61
O5 NAG Y . 52.80 8.81 31.40
O6 NAG Y . 51.63 6.95 33.12
O7 NAG Y . 55.60 12.42 32.86
C1 NAG Z . 45.75 41.00 30.32
C2 NAG Z . 46.24 42.38 29.84
C3 NAG Z . 46.54 43.27 31.05
C4 NAG Z . 45.37 43.30 32.04
C5 NAG Z . 44.99 41.85 32.40
C6 NAG Z . 43.82 41.74 33.35
C7 NAG Z . 47.47 42.38 27.67
C8 NAG Z . 46.17 42.72 26.97
N2 NAG Z . 47.41 42.23 29.01
O3 NAG Z . 46.83 44.55 30.57
O4 NAG Z . 45.79 44.02 33.17
O5 NAG Z . 44.66 41.16 31.20
O6 NAG Z . 42.70 42.40 32.82
O7 NAG Z . 48.51 42.24 27.05
C1 NAG AA . 46.53 26.53 35.99
C2 NAG AA . 46.43 25.38 36.99
C3 NAG AA . 44.97 25.15 37.36
C4 NAG AA . 44.33 26.43 37.86
C5 NAG AA . 44.54 27.56 36.84
C6 NAG AA . 44.05 28.90 37.31
C7 NAG AA . 46.83 23.41 35.45
C8 NAG AA . 47.75 22.23 35.30
N2 NAG AA . 47.09 24.17 36.54
O3 NAG AA . 44.91 24.12 38.31
O4 NAG AA . 42.96 26.17 38.09
O5 NAG AA . 45.92 27.68 36.55
O6 NAG AA . 44.82 29.34 38.40
O7 NAG AA . 45.96 23.63 34.63
C1 NAG BA . 63.69 28.15 34.00
C2 NAG BA . 64.13 27.95 35.45
C3 NAG BA . 65.59 28.34 35.62
C4 NAG BA . 66.47 27.58 34.61
C5 NAG BA . 65.93 27.83 33.20
C6 NAG BA . 66.69 27.09 32.13
C7 NAG BA . 62.38 28.17 37.17
C8 NAG BA . 61.62 29.15 38.03
N2 NAG BA . 63.30 28.71 36.35
O3 NAG BA . 65.97 28.05 36.95
O4 NAG BA . 67.79 28.07 34.76
O5 NAG BA . 64.56 27.43 33.15
O6 NAG BA . 66.63 25.70 32.36
O7 NAG BA . 62.15 26.97 37.23
C1 NAG CA . -48.10 -26.48 28.26
C2 NAG CA . -48.49 -26.86 26.82
C3 NAG CA . -49.98 -26.60 26.61
C4 NAG CA . -50.79 -27.33 27.68
C5 NAG CA . -50.29 -26.94 29.08
C6 NAG CA . -50.98 -27.67 30.21
C7 NAG CA . -46.77 -26.64 25.01
C8 NAG CA . -46.56 -28.14 25.08
N2 NAG CA . -47.69 -26.12 25.86
O3 NAG CA . -50.31 -27.03 25.32
O4 NAG CA . -52.15 -26.98 27.50
O5 NAG CA . -48.90 -27.20 29.16
O6 NAG CA . -50.28 -27.48 31.41
O7 NAG CA . -46.13 -25.96 24.23
C1 EIC DA . -40.18 -10.03 -18.55
C2 EIC DA . -39.84 -9.82 -20.02
C3 EIC DA . -38.39 -10.17 -20.34
C4 EIC DA . -38.25 -11.07 -21.55
C5 EIC DA . -36.78 -11.39 -21.85
C6 EIC DA . -36.60 -12.35 -23.02
C7 EIC DA . -35.13 -12.75 -23.19
C8 EIC DA . -34.24 -11.55 -23.52
C9 EIC DA . -32.77 -11.95 -23.65
C10 EIC DA . -32.05 -11.15 -24.72
C11 EIC DA . -30.61 -11.62 -24.92
C12 EIC DA . -30.55 -13.08 -25.36
C13 EIC DA . -29.98 -13.23 -26.76
C14 EIC DA . -31.02 -13.64 -27.80
C15 EIC DA . -31.98 -14.71 -27.30
C16 EIC DA . -33.05 -15.04 -28.34
C17 EIC DA . -34.10 -16.01 -27.81
C18 EIC DA . -35.00 -16.54 -28.92
O1 EIC DA . -39.43 -9.55 -17.66
O2 EIC DA . -41.20 -10.69 -18.23
C1 EIC EA . -43.82 -8.70 7.78
C2 EIC EA . -43.94 -7.41 8.59
C3 EIC EA . -43.31 -6.22 7.88
C4 EIC EA . -44.16 -4.97 7.95
C5 EIC EA . -43.53 -3.83 7.16
C6 EIC EA . -44.26 -2.51 7.28
C7 EIC EA . -43.43 -1.32 6.80
C8 EIC EA . -41.96 -1.39 7.24
C9 EIC EA . -41.22 -0.07 7.08
C10 EIC EA . -41.51 0.90 8.22
C11 EIC EA . -40.71 2.20 8.08
C12 EIC EA . -40.90 2.84 6.71
C13 EIC EA . -41.54 4.22 6.79
C14 EIC EA . -42.96 4.18 7.35
C15 EIC EA . -44.02 4.15 6.25
C16 EIC EA . -45.41 3.91 6.84
C17 EIC EA . -46.45 3.62 5.76
C18 EIC EA . -47.87 3.65 6.33
O1 EIC EA . -42.68 -9.16 7.50
O2 EIC EA . -44.85 -9.30 7.40
CHA BLA FA . -9.43 -26.70 -46.53
NA BLA FA . -10.23 -27.31 -44.30
C1A BLA FA . -9.89 -26.38 -45.25
C2A BLA FA . -10.09 -25.09 -44.68
C3A BLA FA . -10.55 -25.27 -43.40
C4A BLA FA . -10.64 -26.68 -43.15
CMA BLA FA . -10.91 -24.20 -42.42
CAA BLA FA . -9.85 -23.79 -45.38
CBA BLA FA . -11.09 -23.27 -46.10
CGA BLA FA . -10.85 -22.00 -46.89
O1A BLA FA . -9.71 -21.52 -46.91
O2A BLA FA . -11.83 -21.49 -47.50
CHB BLA FA . -11.04 -27.36 -42.03
NB BLA FA . -11.56 -29.42 -43.20
C1B BLA FA . -11.35 -28.67 -42.07
C2B BLA FA . -11.48 -29.51 -40.92
C3B BLA FA . -11.99 -30.76 -41.38
C4B BLA FA . -11.97 -30.69 -42.85
CMB BLA FA . -11.14 -29.18 -39.51
OB BLA FA . -12.26 -31.56 -43.65
CAB BLA FA . -12.41 -31.83 -40.60
CBB BLA FA . -12.77 -33.00 -41.03
NC BLA FA . -8.39 -30.93 -44.19
C1C BLA FA . -8.69 -31.53 -42.97
C2C BLA FA . -9.08 -32.90 -43.25
C3C BLA FA . -9.19 -33.00 -44.65
C4C BLA FA . -8.86 -31.75 -45.22
CMC BLA FA . -9.32 -34.00 -42.27
OC BLA FA . -8.62 -30.99 -41.90
CAC BLA FA . -9.56 -34.13 -45.35
CBC BLA FA . -10.68 -34.79 -45.23
CHD BLA FA . -8.97 -31.40 -46.52
ND BLA FA . -8.77 -29.01 -46.21
C1D BLA FA . -8.90 -30.11 -46.98
C2D BLA FA . -8.96 -29.71 -48.39
C3D BLA FA . -9.33 -28.40 -48.37
C4D BLA FA . -9.17 -27.97 -47.00
CMD BLA FA . -8.69 -30.57 -49.59
CAD BLA FA . -9.81 -27.55 -49.51
CBD BLA FA . -8.71 -26.75 -50.20
CGD BLA FA . -9.22 -25.90 -51.36
O1D BLA FA . -8.40 -25.17 -51.96
O2D BLA FA . -10.42 -25.99 -51.67
C1 NAG GA . -34.21 -43.28 -27.34
C2 NAG GA . -35.42 -42.38 -27.09
C3 NAG GA . -36.58 -43.20 -26.55
C4 NAG GA . -36.86 -44.40 -27.44
C5 NAG GA . -35.57 -45.20 -27.63
C6 NAG GA . -35.72 -46.40 -28.54
C7 NAG GA . -34.98 -39.99 -26.50
C8 NAG GA . -35.28 -39.61 -27.94
N2 NAG GA . -35.06 -41.30 -26.19
O3 NAG GA . -37.69 -42.36 -26.43
O4 NAG GA . -37.87 -45.17 -26.82
O5 NAG GA . -34.58 -44.35 -28.17
O6 NAG GA . -35.99 -45.98 -29.86
O7 NAG GA . -34.67 -39.14 -25.69
C1 NAG HA . -26.96 -52.71 -29.87
C2 NAG HA . -27.83 -53.38 -30.95
C3 NAG HA . -27.92 -54.88 -30.70
C4 NAG HA . -26.53 -55.50 -30.52
C5 NAG HA . -25.78 -54.72 -29.44
C6 NAG HA . -24.38 -55.23 -29.18
C7 NAG HA . -29.52 -51.81 -31.84
C8 NAG HA . -30.94 -51.34 -31.69
N2 NAG HA . -29.14 -52.78 -30.99
O3 NAG HA . -28.62 -55.45 -31.77
O4 NAG HA . -26.72 -56.85 -30.15
O5 NAG HA . -25.71 -53.36 -29.82
O6 NAG HA . -23.63 -55.21 -30.37
O7 NAG HA . -28.77 -51.33 -32.68
C1 NAG IA . 6.92 -42.81 -24.40
C2 NAG IA . 8.35 -43.20 -23.94
C3 NAG IA . 8.58 -44.69 -24.13
C4 NAG IA . 7.46 -45.52 -23.53
C5 NAG IA . 6.12 -45.04 -24.10
C6 NAG IA . 4.92 -45.77 -23.56
C7 NAG IA . 10.08 -41.47 -24.11
C8 NAG IA . 11.07 -40.81 -25.06
N2 NAG IA . 9.33 -42.44 -24.66
O3 NAG IA . 9.83 -45.00 -23.58
O4 NAG IA . 7.71 -46.87 -23.83
O5 NAG IA . 5.98 -43.66 -23.81
O6 NAG IA . 4.78 -45.49 -22.19
O7 NAG IA . 10.00 -41.13 -22.94
C1 NAG JA . 26.09 -32.44 3.43
C2 NAG JA . 26.37 -31.59 4.68
C3 NAG JA . 27.76 -31.90 5.23
C4 NAG JA . 27.94 -33.41 5.44
C5 NAG JA . 27.60 -34.14 4.12
C6 NAG JA . 27.70 -35.64 4.23
C7 NAG JA . 26.84 -29.36 3.57
C8 NAG JA . 26.37 -27.94 3.59
N2 NAG JA . 26.18 -30.17 4.44
O3 NAG JA . 27.92 -31.19 6.43
O4 NAG JA . 29.28 -33.62 5.83
O5 NAG JA . 26.29 -33.81 3.75
O6 NAG JA . 26.84 -36.11 5.23
O7 NAG JA . 27.75 -29.71 2.83
C1 NAG KA . 3.82 -9.50 -42.32
C2 NAG KA . 3.07 -8.93 -43.55
C3 NAG KA . 4.07 -8.50 -44.63
C4 NAG KA . 5.23 -7.69 -44.08
C5 NAG KA . 5.86 -8.47 -42.91
C6 NAG KA . 7.06 -7.79 -42.29
C7 NAG KA . 1.11 -9.71 -44.86
C8 NAG KA . 0.34 -10.95 -45.25
N2 NAG KA . 2.18 -9.94 -44.06
O3 NAG KA . 3.37 -7.75 -45.60
O4 NAG KA . 6.16 -7.51 -45.13
O5 NAG KA . 4.86 -8.63 -41.92
O6 NAG KA . 6.69 -6.51 -41.82
O7 NAG KA . 0.78 -8.61 -45.25
C1 NAG LA . 41.70 -29.69 -8.50
C2 NAG LA . 41.52 -30.92 -9.40
C3 NAG LA . 41.30 -32.16 -8.56
C4 NAG LA . 42.36 -32.30 -7.47
C5 NAG LA . 42.45 -31.00 -6.68
C6 NAG LA . 43.50 -31.01 -5.59
C7 NAG LA . 40.51 -30.50 -11.65
C8 NAG LA . 41.90 -30.46 -12.24
N2 NAG LA . 40.43 -30.71 -10.32
O3 NAG LA . 41.28 -33.27 -9.42
O4 NAG LA . 41.98 -33.40 -6.66
O5 NAG LA . 42.73 -29.94 -7.56
O6 NAG LA . 43.60 -29.73 -5.00
O7 NAG LA . 39.52 -30.33 -12.35
C1 NAG MA . 45.41 19.84 -28.38
C2 NAG MA . 46.38 20.42 -29.41
C3 NAG MA . 45.70 20.49 -30.79
C4 NAG MA . 45.12 19.14 -31.17
C5 NAG MA . 44.18 18.67 -30.06
C6 NAG MA . 43.55 17.31 -30.30
C7 NAG MA . 48.12 22.10 -28.97
C8 NAG MA . 48.37 23.53 -28.55
N2 NAG MA . 46.83 21.74 -29.03
O3 NAG MA . 46.66 20.93 -31.71
O4 NAG MA . 44.44 19.31 -32.39
O5 NAG MA . 44.90 18.61 -28.85
O6 NAG MA . 44.56 16.34 -30.34
O7 NAG MA . 49.05 21.34 -29.23
C1 NAG NA . 60.07 8.44 -16.35
C2 NAG NA . 61.50 8.52 -16.90
C3 NAG NA . 61.48 9.13 -18.30
C4 NAG NA . 60.50 8.39 -19.20
C5 NAG NA . 59.12 8.35 -18.53
C6 NAG NA . 58.07 7.60 -19.31
C7 NAG NA . 63.36 8.79 -15.26
C8 NAG NA . 63.60 7.31 -15.34
N2 NAG NA . 62.35 9.28 -16.01
O3 NAG NA . 62.79 9.09 -18.81
O4 NAG NA . 60.46 9.08 -20.43
O5 NAG NA . 59.26 7.75 -17.26
O6 NAG NA . 56.88 7.53 -18.56
O7 NAG NA . 64.04 9.51 -14.53
C1 NAG OA . 67.21 -4.92 12.37
C2 NAG OA . 67.86 -4.83 13.76
C3 NAG OA . 69.01 -5.83 13.87
C4 NAG OA . 68.58 -7.24 13.42
C5 NAG OA . 67.93 -7.16 12.04
C6 NAG OA . 67.45 -8.48 11.50
C7 NAG OA . 67.72 -2.61 14.81
C8 NAG OA . 68.40 -1.27 14.91
N2 NAG OA . 68.33 -3.50 14.00
O3 NAG OA . 69.47 -5.82 15.19
O4 NAG OA . 69.74 -8.04 13.42
O5 NAG OA . 66.84 -6.26 12.11
O6 NAG OA . 66.56 -9.08 12.43
O7 NAG OA . 66.69 -2.85 15.42
C1 NAG PA . 64.23 -4.50 -2.82
C2 NAG PA . 63.92 -4.84 -4.28
C3 NAG PA . 62.99 -6.05 -4.36
C4 NAG PA . 63.53 -7.22 -3.53
C5 NAG PA . 63.78 -6.73 -2.10
C6 NAG PA . 64.35 -7.80 -1.18
C7 NAG PA . 63.87 -3.08 -6.01
C8 NAG PA . 63.06 -1.94 -6.56
N2 NAG PA . 63.32 -3.72 -4.95
O3 NAG PA . 62.84 -6.40 -5.71
O4 NAG PA . 62.58 -8.25 -3.59
O5 NAG PA . 64.68 -5.65 -2.13
O6 NAG PA . 63.50 -8.92 -1.18
O7 NAG PA . 64.95 -3.40 -6.50
C1 NAG QA . 76.42 6.89 -4.70
C2 NAG QA . 76.57 8.38 -4.33
C3 NAG QA . 77.93 8.91 -4.81
C4 NAG QA . 79.08 7.99 -4.41
C5 NAG QA . 78.74 6.54 -4.80
C6 NAG QA . 79.80 5.53 -4.43
C7 NAG QA . 75.08 9.41 -6.10
C8 NAG QA . 73.89 10.32 -6.21
N2 NAG QA . 75.48 9.19 -4.82
O3 NAG QA . 78.09 10.21 -4.31
O4 NAG QA . 80.23 8.45 -5.05
O5 NAG QA . 77.51 6.17 -4.19
O6 NAG QA . 79.29 4.23 -4.60
O7 NAG QA . 75.60 8.93 -7.10
C1 EIC RA . -33.21 -30.62 -3.28
C2 EIC RA . -32.42 -31.70 -2.54
C3 EIC RA . -31.65 -31.12 -1.35
C4 EIC RA . -31.79 -31.98 -0.10
C5 EIC RA . -31.10 -31.33 1.09
C6 EIC RA . -31.15 -32.21 2.35
C7 EIC RA . -30.23 -31.69 3.45
C8 EIC RA . -28.84 -31.34 2.93
C9 EIC RA . -27.88 -30.97 4.05
C10 EIC RA . -26.93 -32.11 4.40
C11 EIC RA . -25.95 -31.71 5.51
C12 EIC RA . -26.68 -31.43 6.82
C13 EIC RA . -26.15 -32.28 7.97
C14 EIC RA . -27.02 -33.49 8.26
C15 EIC RA . -28.52 -33.19 8.27
C16 EIC RA . -29.35 -34.44 8.54
C17 EIC RA . -30.83 -34.21 8.29
C18 EIC RA . -31.69 -35.41 8.69
O1 EIC RA . -32.60 -29.62 -3.76
O2 EIC RA . -34.45 -30.74 -3.44
CHA BLA SA . -41.31 35.44 1.26
NA BLA SA . -41.13 33.51 -0.20
C1A BLA SA . -40.92 34.14 1.00
C2A BLA SA . -40.25 33.23 1.85
C3A BLA SA . -40.06 32.06 1.16
C4A BLA SA . -40.62 32.23 -0.15
CMA BLA SA . -39.39 30.82 1.66
CAA BLA SA . -39.82 33.51 3.27
CBA BLA SA . -40.89 33.13 4.27
CGA BLA SA . -40.49 33.39 5.72
O1A BLA SA . -41.30 33.10 6.62
O2A BLA SA . -39.37 33.89 5.94
CHB BLA SA . -40.69 31.35 -1.20
NB BLA SA . -42.58 32.43 -2.27
C1B BLA SA . -41.53 31.54 -2.23
C2B BLA SA . -41.47 30.84 -3.47
C3B BLA SA . -42.61 31.21 -4.22
C4B BLA SA . -43.29 32.26 -3.44
CMB BLA SA . -40.40 29.89 -3.93
OB BLA SA . -44.31 32.88 -3.74
CAB BLA SA . -43.01 30.69 -5.46
CBB BLA SA . -43.99 31.13 -6.19
NC BLA SA . -41.29 35.54 -3.66
C1C BLA SA . -41.18 34.62 -4.69
C2C BLA SA . -42.24 34.90 -5.63
C3C BLA SA . -43.14 35.76 -4.97
C4C BLA SA . -42.54 36.16 -3.74
CMC BLA SA . -42.41 34.37 -7.03
OC BLA SA . -40.35 33.75 -4.75
CAC BLA SA . -44.39 36.14 -5.42
CBC BLA SA . -44.67 36.75 -6.54
CHD BLA SA . -43.08 36.98 -2.81
ND BLA SA . -41.67 36.30 -0.97
C1D BLA SA . -42.67 37.05 -1.51
C2D BLA SA . -43.24 37.90 -0.48
C3D BLA SA . -42.92 37.29 0.70
C4D BLA SA . -41.91 36.30 0.37
CMD BLA SA . -44.02 39.16 -0.68
CAD BLA SA . -43.52 37.52 2.05
CBD BLA SA . -42.84 38.61 2.88
CGD BLA SA . -43.48 38.84 4.23
O1D BLA SA . -44.69 39.16 4.25
O2D BLA SA . -42.79 38.69 5.25
C1 NAG TA . -24.23 -5.10 -44.54
C2 NAG TA . -23.78 -3.91 -45.39
C3 NAG TA . -22.82 -4.40 -46.48
C4 NAG TA . -21.70 -5.26 -45.90
C5 NAG TA . -22.30 -6.34 -44.98
C6 NAG TA . -21.27 -7.23 -44.31
C7 NAG TA . -25.05 -1.92 -46.09
C8 NAG TA . -26.32 -1.46 -46.77
N2 NAG TA . -24.90 -3.25 -45.99
O3 NAG TA . -22.33 -3.27 -47.16
O4 NAG TA . -21.00 -5.81 -47.00
O5 NAG TA . -23.08 -5.70 -44.00
O6 NAG TA . -20.60 -8.00 -45.28
O7 NAG TA . -24.22 -1.12 -45.68
C1 NAG UA . 7.27 22.88 -34.39
C2 NAG UA . 8.59 22.15 -34.06
C3 NAG UA . 9.72 22.68 -34.94
C4 NAG UA . 9.33 22.71 -36.42
C5 NAG UA . 8.02 23.49 -36.56
C6 NAG UA . 7.51 23.61 -37.97
C7 NAG UA . 8.98 21.38 -31.72
C8 NAG UA . 8.65 19.97 -32.15
N2 NAG UA . 8.93 22.33 -32.67
O3 NAG UA . 10.84 21.87 -34.72
O4 NAG UA . 10.38 23.33 -37.12
O5 NAG UA . 7.03 22.83 -35.78
O6 NAG UA . 7.29 22.33 -38.52
O7 NAG UA . 9.28 21.63 -30.56
C1 NAG VA . -57.08 22.23 -5.94
C2 NAG VA . -57.94 22.49 -7.18
C3 NAG VA . -58.72 23.78 -6.99
C4 NAG VA . -59.50 23.78 -5.68
C5 NAG VA . -58.54 23.46 -4.53
C6 NAG VA . -59.23 23.38 -3.18
C7 NAG VA . -57.32 21.87 -9.51
C8 NAG VA . -58.47 20.88 -9.51
N2 NAG VA . -57.15 22.57 -8.37
O3 NAG VA . -59.56 23.94 -8.10
O4 NAG VA . -60.08 25.05 -5.54
O5 NAG VA . -57.90 22.23 -4.78
O6 NAG VA . -58.35 22.81 -2.24
O7 NAG VA . -56.62 22.00 -10.49
C1 NAG WA . -57.91 19.48 -25.74
C2 NAG WA . -59.36 19.92 -25.51
C3 NAG WA . -60.06 20.10 -26.86
C4 NAG WA . -59.27 21.04 -27.76
C5 NAG WA . -57.82 20.52 -27.88
C6 NAG WA . -56.94 21.40 -28.73
C7 NAG WA . -60.27 19.13 -23.37
C8 NAG WA . -61.03 18.01 -22.70
N2 NAG WA . -60.06 18.98 -24.69
O3 NAG WA . -61.35 20.60 -26.61
O4 NAG WA . -59.92 21.07 -29.02
O5 NAG WA . -57.26 20.42 -26.58
O6 NAG WA . -55.65 20.84 -28.81
O7 NAG WA . -59.87 20.10 -22.73
C1 NAG XA . -24.47 34.84 -24.97
C2 NAG XA . -23.08 35.45 -24.74
C3 NAG XA . -22.70 36.40 -25.88
C4 NAG XA . -22.98 35.79 -27.25
C5 NAG XA . -24.43 35.32 -27.29
C6 NAG XA . -24.87 34.75 -28.62
C7 NAG XA . -22.36 35.82 -22.37
C8 NAG XA . -21.54 34.55 -22.44
N2 NAG XA . -23.05 36.16 -23.48
O3 NAG XA . -21.34 36.72 -25.71
O4 NAG XA . -22.71 36.79 -28.21
O5 NAG XA . -24.59 34.34 -26.29
O6 NAG XA . -24.04 33.67 -28.98
O7 NAG XA . -22.40 36.49 -21.34
C1 NAG YA . -21.45 35.56 12.27
C2 NAG YA . -20.70 36.69 11.55
C3 NAG YA . -20.39 37.81 12.53
C4 NAG YA . -21.64 38.26 13.29
C5 NAG YA . -22.31 37.05 13.94
C6 NAG YA . -23.59 37.36 14.67
C7 NAG YA . -19.23 36.31 9.62
C8 NAG YA . -17.90 35.75 9.19
N2 NAG YA . -19.50 36.21 10.93
O3 NAG YA . -19.80 38.86 11.81
O4 NAG YA . -21.24 39.21 14.25
O5 NAG YA . -22.58 36.09 12.93
O6 NAG YA . -24.17 36.18 15.13
O7 NAG YA . -19.99 36.82 8.81
C1 NAG ZA . 14.56 40.77 -28.92
C2 NAG ZA . 13.65 41.85 -29.52
C3 NAG ZA . 13.26 41.48 -30.95
C4 NAG ZA . 14.48 41.15 -31.79
C5 NAG ZA . 15.33 40.09 -31.06
C6 NAG ZA . 16.60 39.71 -31.79
C7 NAG ZA . 11.50 41.31 -28.32
C8 NAG ZA . 10.46 41.95 -27.43
N2 NAG ZA . 12.50 42.13 -28.68
O3 NAG ZA . 12.54 42.57 -31.49
O4 NAG ZA . 14.03 40.68 -33.03
O5 NAG ZA . 15.66 40.57 -29.77
O6 NAG ZA . 17.38 38.86 -30.97
O7 NAG ZA . 11.38 40.13 -28.65
C1 NAG AB . 29.26 43.73 22.39
C2 NAG AB . 29.79 44.87 23.27
C3 NAG AB . 28.66 45.41 24.14
C4 NAG AB . 27.45 45.80 23.30
C5 NAG AB . 27.04 44.62 22.43
C6 NAG AB . 25.91 44.95 21.47
C7 NAG AB . 32.07 45.11 24.14
C8 NAG AB . 33.09 44.51 25.08
N2 NAG AB . 30.90 44.46 24.09
O3 NAG AB . 29.17 46.48 24.88
O4 NAG AB . 26.43 46.19 24.19
O5 NAG AB . 28.15 44.19 21.66
O6 NAG AB . 25.95 44.08 20.37
O7 NAG AB . 32.32 46.11 23.49
C1 NAG BB . 41.20 47.10 4.13
C2 NAG BB . 42.00 48.40 4.17
C3 NAG BB . 41.56 49.25 5.36
C4 NAG BB . 40.04 49.45 5.36
C5 NAG BB . 39.36 48.07 5.29
C6 NAG BB . 37.86 48.13 5.24
C7 NAG BB . 44.26 48.42 3.21
C8 NAG BB . 45.70 48.06 3.48
N2 NAG BB . 43.41 48.14 4.21
O3 NAG BB . 42.24 50.47 5.30
O4 NAG BB . 39.71 50.13 6.54
O5 NAG BB . 39.82 47.39 4.14
O6 NAG BB . 37.45 48.81 4.08
O7 NAG BB . 43.92 48.91 2.15
C1 NAG CB . 54.89 34.43 -22.36
C2 NAG CB . 56.06 33.75 -23.07
C3 NAG CB . 56.61 34.67 -24.16
C4 NAG CB . 55.49 35.18 -25.07
C5 NAG CB . 54.38 35.80 -24.22
C6 NAG CB . 53.20 36.31 -25.02
C7 NAG CB . 57.33 32.15 -21.72
C8 NAG CB . 58.47 32.01 -20.73
N2 NAG CB . 57.09 33.40 -22.14
O3 NAG CB . 57.59 33.97 -24.87
O4 NAG CB . 56.07 36.13 -25.95
O5 NAG CB . 53.92 34.82 -23.30
O6 NAG CB . 52.67 35.27 -25.81
O7 NAG CB . 56.69 31.17 -22.09
C1 NAG DB . 45.35 43.47 -14.14
C2 NAG DB . 44.24 44.44 -13.70
C3 NAG DB . 42.99 44.26 -14.56
C4 NAG DB . 43.32 44.29 -16.05
C5 NAG DB . 44.40 43.24 -16.32
C6 NAG DB . 44.84 43.17 -17.76
C7 NAG DB . 44.10 45.15 -11.31
C8 NAG DB . 44.71 46.49 -11.70
N2 NAG DB . 43.92 44.27 -12.31
O3 NAG DB . 42.09 45.28 -14.21
O4 NAG DB . 42.13 44.03 -16.76
O5 NAG DB . 45.53 43.53 -15.53
O6 NAG DB . 45.46 44.38 -18.14
O7 NAG DB . 43.80 44.93 -10.15
C1 NAG EB . 59.55 48.99 -5.78
C2 NAG EB . 59.65 50.45 -6.25
C3 NAG EB . 60.98 51.05 -5.80
C4 NAG EB . 61.18 50.86 -4.29
C5 NAG EB . 61.00 49.38 -3.94
C6 NAG EB . 61.13 49.09 -2.45
C7 NAG EB . 58.43 51.05 -8.34
C8 NAG EB . 57.29 51.57 -7.49
N2 NAG EB . 59.50 50.54 -7.67
O3 NAG EB . 60.99 52.40 -6.16
O4 NAG EB . 62.48 51.31 -3.99
O5 NAG EB . 59.73 48.95 -4.38
O6 NAG EB . 62.46 49.32 -2.04
O7 NAG EB . 58.38 51.10 -9.56
#